data_9ARU
#
_entry.id   9ARU
#
_cell.length_a   1.00
_cell.length_b   1.00
_cell.length_c   1.00
_cell.angle_alpha   90.00
_cell.angle_beta   90.00
_cell.angle_gamma   90.00
#
_symmetry.space_group_name_H-M   'P 1'
#
loop_
_entity.id
_entity.type
_entity.pdbx_description
1 polymer 'Spike glycoprotein'
2 polymer 'COVA2-15 heavy chain variable region'
3 polymer 'COVA2-15 kappa chain variable region'
4 branched 2-acetamido-2-deoxy-beta-D-glucopyranose-(1-4)-2-acetamido-2-deoxy-beta-D-glucopyranose
5 non-polymer 2-acetamido-2-deoxy-beta-D-glucopyranose
#
loop_
_entity_poly.entity_id
_entity_poly.type
_entity_poly.pdbx_seq_one_letter_code
_entity_poly.pdbx_strand_id
1 'polypeptide(L)'
;MFVFLVLLPLVSSQCVNLTTRTQLPPAYTNSFTRGVYYPDKVFRSSVLHSTQDLFLPFFSNVTWFHAIHVSGTNGTKRFD
NPVLPFNDGVYFASTEKSNIIRGWIFGTTLDSKTQSLLIVNNATNVVIKVCEFQFCNDPFLGVYYHKNNKSWMESEFRVY
SSANNCTFEYVSQPFLMDLEGKQGNFKNLREFVFKNIDGYFKIYSKHTPINLVRDLPQGFSALEPLVDLPIGINITRFQT
LLALHRSYLTPGDSSSGWTAGAAAYYVGYLQPRTFLLKYNENGTITDAVDCALDPLSETKCTLKSFTVEKGIYQTSNFRV
QPTESIVRFPNITNLCPFGEVFNATRFASVYAWNRKRISNCVADYSVLYNSASFSTFKCYGVSPTKLNDLCFTNVYADSF
VIRGDEVRQIAPGQTGKIADYNYKLPDDFTGCVIAWNSNNLDSKVGGNYNYLYRLFRKSNLKPFERDISTEIYQAGSTPC
NGVEGFNCYFPLQSYGFQPTNGVGYQPYRVVVLSFELLHAPATVCGPKKSTNLVKNKCVNFNFNGLTGTGVLTESNKKFL
PFQQFGRDIADTTDAVRDPQTLEILDITPCSFGGVSVITPGTNTSNQVAVLYQDVNCTEVPVAIHADQLTPTWRVYSTGS
NVFQTRAGCLIGAEHVNNSYECDIPIGAGICASYQTQTNSPGSASSVASQSIIAYTMSLGAENSCAYSNNSIAIPTNFTI
SVTTEILPVSMTKTSVDCTMYICGDSTECSNLLLQYGSFCTQLNRALTGIAVEQDKNTQEVFAQVKQIYKTPPIKDFGGF
NFSQILPDPSKPSKRSPIEDLLFNKVTLADAGFIKQYGDCLGDIAARDLICAQKFNGLTVLPPLLTDEMIAQYTSALLAG
TICSGWTFGAGPALQIPFPMQMAYRFNGIGVTQNVLYENQKLIANQFNSAIGKIQDSLSSTPSALGKLQDVVNQNAQALN
TLVKQLSSNFGAISSVLNDILSRLDPPEAEVQIDRLITGRLQSLQTYVTQQLIRAAEIRASANLAATKMSECVLGQSKRV
DFCGKGYHLMSFPQSAPHGVVFLHVTYVPAQEKNFTTAPAICHDGKAHFPREGVFVSNGTHWFVTQRNFYEPQIITTDNT
FVSGNCDVVIGIVNNTVYDPLQPELDSFKEELDKYFKNHTSPDVDLGDISGINASVVNIQKEIDRLNEVAKNLNESLIDL
QELGKYEQGSGYIPEAPRDGQAYVRKDGEWVLLSTFLGRSLEVLFQGPGSAWSHPQFEKGGGSGGGGSGGSAWSHPQFEK
;
A,B,C
2 'polypeptide(L)'
;QVQLLESGGGLVQPGGSLRLSCAASGFTFSSYAMSWVRQAPGKGLEWASAISGSGGSTYYADSVEGRFTISRDNSKNTLY
LQMNSLRAEDTAVYYCAKDTGYCGDDCYIKLIRGGPDYWGQGTLVTVSS
;
H,D,E
3 'polypeptide(L)'
;DIVMTQSPLSLPVTLGQPASISCRSSQSLVYSDGNTFLNWFQQRPGQSPRRLIYQVSNRDSGVPDRFSGSGSGTDFTLKI
SRVEAEDVGVYYCMQGTHWPRTFGQGTKLEIK
;
L,F,G
#
# COMPACT_ATOMS: atom_id res chain seq x y z
N GLN A 14 -30.49 31.83 51.24
CA GLN A 14 -29.76 30.62 50.87
C GLN A 14 -28.30 30.97 50.58
N CYS A 15 -28.01 31.43 49.37
CA CYS A 15 -26.64 31.78 49.01
C CYS A 15 -26.15 32.95 49.84
N VAL A 16 -24.92 32.84 50.35
CA VAL A 16 -24.30 33.85 51.19
C VAL A 16 -23.04 34.32 50.51
N ASN A 17 -22.91 35.63 50.35
CA ASN A 17 -21.72 36.23 49.73
C ASN A 17 -20.65 36.46 50.81
N LEU A 18 -19.57 35.68 50.73
CA LEU A 18 -18.52 35.74 51.73
C LEU A 18 -17.77 37.07 51.65
N THR A 19 -17.57 37.70 52.82
CA THR A 19 -16.91 38.99 52.94
C THR A 19 -15.81 38.96 53.99
N THR A 20 -15.20 40.13 54.19
CA THR A 20 -14.08 40.36 55.12
C THR A 20 -13.04 39.24 55.14
N ARG A 21 -12.62 38.83 53.95
CA ARG A 21 -11.53 37.88 53.81
C ARG A 21 -10.20 38.62 53.72
N THR A 22 -9.14 37.95 54.14
CA THR A 22 -7.80 38.51 54.02
C THR A 22 -7.32 38.36 52.59
N GLN A 23 -6.65 39.40 52.08
CA GLN A 23 -6.09 39.37 50.74
C GLN A 23 -4.64 38.86 50.80
N LEU A 24 -4.38 37.74 50.14
CA LEU A 24 -3.06 37.15 50.05
C LEU A 24 -2.76 36.83 48.60
N PRO A 25 -1.49 36.87 48.17
CA PRO A 25 -1.15 36.40 46.83
C PRO A 25 -1.18 34.89 46.73
N PRO A 26 -1.28 34.34 45.51
CA PRO A 26 -1.14 32.89 45.35
C PRO A 26 0.32 32.52 45.56
N ALA A 27 0.57 31.27 45.97
CA ALA A 27 1.96 30.79 46.09
C ALA A 27 2.17 29.70 45.07
N TYR A 28 3.43 29.37 44.81
CA TYR A 28 3.75 28.35 43.83
C TYR A 28 4.65 27.29 44.44
N THR A 29 4.57 26.08 43.89
CA THR A 29 5.44 24.98 44.27
C THR A 29 5.94 24.21 43.06
N ASN A 30 6.84 23.28 43.38
CA ASN A 30 7.49 22.35 42.48
C ASN A 30 6.66 21.08 42.37
N SER A 31 6.21 20.74 41.15
CA SER A 31 5.38 19.55 40.99
C SER A 31 6.16 18.25 41.18
N PHE A 32 7.49 18.29 41.10
CA PHE A 32 8.33 17.09 41.17
C PHE A 32 7.92 16.09 40.09
N THR A 33 8.38 14.85 40.18
CA THR A 33 8.06 13.80 39.21
C THR A 33 6.67 13.24 39.53
N ARG A 34 5.65 14.07 39.30
CA ARG A 34 4.27 13.76 39.67
C ARG A 34 3.36 14.02 38.47
N GLY A 35 2.14 13.51 38.57
CA GLY A 35 1.14 13.78 37.55
C GLY A 35 1.05 12.79 36.42
N VAL A 36 1.19 11.50 36.72
CA VAL A 36 1.05 10.45 35.71
C VAL A 36 -0.02 9.45 36.16
N TYR A 37 -0.46 8.63 35.21
CA TYR A 37 -1.54 7.68 35.43
C TYR A 37 -1.37 6.52 34.45
N TYR A 38 -2.06 5.42 34.74
CA TYR A 38 -2.01 4.27 33.85
C TYR A 38 -2.82 4.58 32.61
N PRO A 39 -2.22 4.64 31.41
CA PRO A 39 -2.98 5.09 30.24
C PRO A 39 -4.07 4.12 29.82
N ASP A 40 -4.00 2.85 30.21
CA ASP A 40 -5.02 1.89 29.81
C ASP A 40 -5.20 0.86 30.92
N LYS A 41 -5.85 -0.26 30.60
CA LYS A 41 -6.18 -1.34 31.53
C LYS A 41 -5.39 -2.61 31.23
N VAL A 42 -4.18 -2.48 30.69
CA VAL A 42 -3.33 -3.63 30.37
C VAL A 42 -2.25 -3.79 31.42
N PHE A 43 -2.06 -5.03 31.86
CA PHE A 43 -1.03 -5.38 32.81
C PHE A 43 0.28 -5.64 32.07
N ARG A 44 1.36 -5.04 32.56
CA ARG A 44 2.69 -5.22 32.02
C ARG A 44 3.60 -5.52 33.20
N SER A 45 4.70 -6.25 32.97
CA SER A 45 5.63 -6.51 34.06
C SER A 45 7.08 -6.62 33.60
N SER A 46 7.95 -5.91 34.31
CA SER A 46 9.39 -5.86 34.03
C SER A 46 9.69 -5.47 32.59
N VAL A 47 8.95 -4.49 32.08
CA VAL A 47 9.13 -3.97 30.73
C VAL A 47 9.12 -2.45 30.82
N LEU A 48 9.57 -1.81 29.75
CA LEU A 48 9.42 -0.37 29.59
C LEU A 48 8.37 -0.14 28.51
N HIS A 49 7.61 0.95 28.66
CA HIS A 49 6.58 1.29 27.70
C HIS A 49 6.39 2.79 27.71
N SER A 50 6.20 3.41 26.55
CA SER A 50 6.00 4.85 26.49
C SER A 50 4.72 5.19 25.73
N THR A 51 4.10 6.30 26.14
CA THR A 51 2.90 6.77 25.45
C THR A 51 2.92 8.29 25.26
N GLN A 52 2.27 8.72 24.18
CA GLN A 52 2.06 10.12 23.82
C GLN A 52 0.73 10.62 24.38
N ASP A 53 0.65 10.70 25.70
CA ASP A 53 -0.59 11.09 26.39
C ASP A 53 -0.46 12.50 26.97
N LEU A 54 -1.55 12.94 27.60
CA LEU A 54 -1.66 14.25 28.23
C LEU A 54 -1.33 14.14 29.71
N PHE A 55 -0.21 14.72 30.13
CA PHE A 55 0.27 14.62 31.51
C PHE A 55 0.77 15.96 32.01
N LEU A 56 0.84 16.06 33.32
CA LEU A 56 1.44 17.23 33.94
C LEU A 56 2.93 17.20 33.66
N PRO A 57 3.54 18.28 33.18
CA PRO A 57 5.00 18.26 33.02
C PRO A 57 5.65 18.05 34.37
N PHE A 58 6.79 17.35 34.38
CA PHE A 58 7.48 17.15 35.65
C PHE A 58 8.14 18.46 36.08
N PHE A 59 8.14 18.69 37.39
CA PHE A 59 8.72 19.89 37.98
C PHE A 59 8.05 21.14 37.42
N SER A 60 6.73 21.04 37.21
CA SER A 60 5.94 22.14 36.71
C SER A 60 5.66 23.15 37.81
N ASN A 61 5.20 24.32 37.41
CA ASN A 61 4.85 25.40 38.32
C ASN A 61 3.39 25.20 38.73
N VAL A 62 3.17 24.75 39.97
CA VAL A 62 1.85 24.41 40.49
C VAL A 62 1.43 25.49 41.46
N THR A 63 0.20 25.99 41.34
CA THR A 63 -0.22 27.07 42.23
C THR A 63 -0.81 26.49 43.50
N TRP A 64 -0.34 27.00 44.65
CA TRP A 64 -0.79 26.67 45.99
C TRP A 64 -1.80 27.70 46.48
N PHE A 65 -2.92 27.19 47.00
CA PHE A 65 -4.03 27.92 47.56
C PHE A 65 -4.25 27.34 48.96
N HIS A 66 -4.89 28.09 49.86
CA HIS A 66 -5.11 27.54 51.19
C HIS A 66 -6.40 28.04 51.82
N ALA A 67 -6.81 27.32 52.87
CA ALA A 67 -7.94 27.66 53.73
C ALA A 67 -7.39 27.59 55.16
N ILE A 68 -7.11 28.73 55.78
CA ILE A 68 -6.54 28.76 57.13
C ILE A 68 -7.36 29.70 57.99
N HIS A 69 -7.87 29.18 59.11
CA HIS A 69 -8.66 29.96 60.06
C HIS A 69 -7.83 30.89 60.93
N VAL A 70 -6.52 30.66 61.03
CA VAL A 70 -5.63 31.45 61.88
C VAL A 70 -6.16 31.46 63.32
N THR A 76 -5.36 36.50 59.68
CA THR A 76 -5.22 36.50 58.23
C THR A 76 -6.08 35.39 57.61
N LYS A 77 -7.35 35.35 58.01
CA LYS A 77 -8.26 34.31 57.52
C LYS A 77 -8.42 34.40 56.01
N ARG A 78 -8.26 33.26 55.34
CA ARG A 78 -8.37 33.16 53.89
C ARG A 78 -9.19 31.93 53.54
N PHE A 79 -10.10 32.13 52.58
CA PHE A 79 -10.99 31.07 52.07
C PHE A 79 -10.85 31.15 50.56
N ASP A 80 -9.97 30.34 49.98
CA ASP A 80 -9.70 30.37 48.54
C ASP A 80 -10.67 29.50 47.75
N ASN A 81 -11.52 30.15 46.94
CA ASN A 81 -12.47 29.45 46.08
C ASN A 81 -12.56 30.13 44.72
N PRO A 82 -11.44 30.40 44.04
CA PRO A 82 -11.52 31.09 42.75
C PRO A 82 -12.06 30.17 41.66
N VAL A 83 -12.53 30.77 40.58
CA VAL A 83 -12.94 30.05 39.38
C VAL A 83 -11.75 30.10 38.43
N LEU A 84 -11.21 28.92 38.07
CA LEU A 84 -10.00 28.80 37.28
C LEU A 84 -10.27 28.24 35.87
N PRO A 85 -9.42 28.57 34.89
CA PRO A 85 -9.51 27.93 33.57
C PRO A 85 -9.29 26.42 33.65
N PHE A 86 -10.00 25.69 32.79
CA PHE A 86 -9.85 24.25 32.67
C PHE A 86 -8.95 23.83 31.52
N ASN A 87 -8.89 24.63 30.45
CA ASN A 87 -8.10 24.35 29.25
C ASN A 87 -8.31 22.96 28.67
N ASP A 88 -7.25 22.14 28.55
CA ASP A 88 -7.30 20.82 27.95
C ASP A 88 -7.31 19.68 28.97
N GLY A 89 -7.57 19.98 30.24
CA GLY A 89 -7.57 19.01 31.31
C GLY A 89 -6.62 19.50 32.39
N VAL A 90 -6.92 19.20 33.65
CA VAL A 90 -6.18 19.76 34.77
C VAL A 90 -5.75 18.69 35.75
N TYR A 91 -4.74 19.07 36.55
CA TYR A 91 -4.21 18.26 37.64
C TYR A 91 -4.51 18.93 38.97
N PHE A 92 -5.13 18.20 39.89
CA PHE A 92 -5.42 18.71 41.22
C PHE A 92 -4.72 17.85 42.25
N ALA A 93 -4.41 18.49 43.38
CA ALA A 93 -3.93 17.78 44.54
C ALA A 93 -4.46 18.55 45.73
N SER A 94 -4.71 17.85 46.82
CA SER A 94 -5.23 18.53 47.99
C SER A 94 -4.81 17.78 49.24
N THR A 95 -4.83 18.52 50.35
CA THR A 95 -4.57 17.93 51.64
C THR A 95 -5.26 18.78 52.68
N GLU A 96 -5.71 18.15 53.76
CA GLU A 96 -6.40 18.90 54.81
C GLU A 96 -6.32 18.14 56.12
N LYS A 97 -6.88 18.77 57.15
CA LYS A 97 -7.00 18.09 58.43
C LYS A 97 -8.21 17.16 58.46
N SER A 98 -9.29 17.50 57.76
CA SER A 98 -10.48 16.66 57.80
C SER A 98 -11.58 16.99 56.79
N ASN A 99 -11.56 16.37 55.61
CA ASN A 99 -12.65 16.49 54.63
C ASN A 99 -13.03 17.95 54.32
N ILE A 100 -12.07 18.74 53.85
CA ILE A 100 -12.29 20.15 53.58
C ILE A 100 -12.66 20.39 52.12
N ILE A 101 -12.00 19.74 51.18
CA ILE A 101 -12.33 19.92 49.76
C ILE A 101 -13.41 18.89 49.49
N ARG A 102 -14.62 19.37 49.23
CA ARG A 102 -15.79 18.51 49.09
C ARG A 102 -16.09 18.10 47.66
N GLY A 103 -15.70 18.90 46.68
CA GLY A 103 -15.97 18.53 45.31
C GLY A 103 -15.65 19.65 44.36
N TRP A 104 -16.12 19.46 43.13
CA TRP A 104 -15.83 20.41 42.05
C TRP A 104 -17.05 20.71 41.20
N ILE A 105 -17.04 21.92 40.66
CA ILE A 105 -18.04 22.42 39.73
C ILE A 105 -17.31 22.64 38.41
N PHE A 106 -17.81 22.03 37.33
CA PHE A 106 -17.22 22.16 36.00
C PHE A 106 -18.26 22.69 35.04
N GLY A 107 -17.88 23.56 34.13
CA GLY A 107 -18.86 24.07 33.16
C GLY A 107 -18.33 25.24 32.39
N THR A 108 -19.23 26.15 32.01
CA THR A 108 -18.86 27.34 31.25
C THR A 108 -19.19 28.59 32.04
N THR A 109 -20.45 29.05 31.96
CA THR A 109 -20.87 30.26 32.66
C THR A 109 -21.30 29.98 34.09
N LEU A 110 -21.76 28.77 34.38
CA LEU A 110 -22.19 28.36 35.72
C LEU A 110 -23.27 29.29 36.27
N ASP A 111 -24.19 29.74 35.39
CA ASP A 111 -25.27 30.63 35.80
C ASP A 111 -26.64 30.12 35.42
N SER A 112 -26.77 28.83 35.08
CA SER A 112 -27.98 28.13 34.67
C SER A 112 -28.32 28.30 33.20
N LYS A 113 -27.59 29.15 32.45
CA LYS A 113 -27.91 29.30 31.04
C LYS A 113 -27.65 28.00 30.29
N THR A 114 -26.62 27.27 30.71
CA THR A 114 -26.22 26.02 30.10
C THR A 114 -26.04 24.99 31.21
N GLN A 115 -25.88 23.74 30.80
CA GLN A 115 -25.67 22.64 31.74
C GLN A 115 -24.23 22.61 32.23
N SER A 116 -24.03 21.97 33.37
CA SER A 116 -22.73 21.91 34.01
C SER A 116 -22.69 20.68 34.90
N LEU A 117 -21.50 20.34 35.37
CA LEU A 117 -21.25 19.20 36.25
C LEU A 117 -20.99 19.59 37.70
N LEU A 118 -21.77 19.02 38.61
CA LEU A 118 -21.59 19.19 40.04
C LEU A 118 -21.20 17.81 40.58
N ILE A 119 -19.95 17.67 41.05
CA ILE A 119 -19.46 16.40 41.58
C ILE A 119 -19.07 16.68 43.02
N VAL A 120 -19.94 16.35 43.99
CA VAL A 120 -19.65 16.73 45.37
C VAL A 120 -19.99 15.65 46.39
N ASN A 121 -19.25 15.71 47.50
CA ASN A 121 -19.49 14.95 48.72
C ASN A 121 -20.43 15.80 49.59
N ASN A 122 -21.67 15.35 49.78
CA ASN A 122 -22.67 16.14 50.49
C ASN A 122 -22.80 15.78 51.97
N ALA A 123 -21.80 15.08 52.53
CA ALA A 123 -21.71 14.60 53.91
C ALA A 123 -22.61 13.41 54.20
N THR A 124 -23.22 12.82 53.18
CA THR A 124 -23.88 11.52 53.25
C THR A 124 -23.29 10.58 52.22
N ASN A 125 -23.27 11.02 50.97
CA ASN A 125 -22.75 10.25 49.84
C ASN A 125 -22.17 11.23 48.84
N VAL A 126 -21.70 10.71 47.71
CA VAL A 126 -21.13 11.51 46.64
C VAL A 126 -22.13 11.53 45.51
N VAL A 127 -22.49 12.73 45.05
CA VAL A 127 -23.53 12.92 44.05
C VAL A 127 -22.95 13.63 42.85
N ILE A 128 -23.22 13.07 41.66
CA ILE A 128 -22.82 13.62 40.37
C ILE A 128 -24.10 14.08 39.67
N LYS A 129 -24.15 15.36 39.30
CA LYS A 129 -25.29 15.95 38.60
C LYS A 129 -24.82 16.70 37.37
N VAL A 130 -25.67 16.75 36.34
CA VAL A 130 -25.42 17.55 35.14
C VAL A 130 -26.38 18.75 35.10
N CYS A 131 -26.99 19.07 36.24
CA CYS A 131 -28.07 20.05 36.31
C CYS A 131 -27.65 21.45 35.83
N GLU A 132 -28.60 22.15 35.23
CA GLU A 132 -28.43 23.54 34.79
C GLU A 132 -28.60 24.43 36.03
N PHE A 133 -27.63 24.31 36.93
CA PHE A 133 -27.69 25.03 38.20
C PHE A 133 -27.20 26.46 38.08
N GLN A 134 -27.85 27.34 38.85
CA GLN A 134 -27.35 28.69 39.06
C GLN A 134 -26.56 28.55 40.35
N PHE A 135 -25.25 28.73 40.27
CA PHE A 135 -24.41 28.46 41.42
C PHE A 135 -24.23 29.68 42.32
N CYS A 136 -24.07 29.38 43.60
CA CYS A 136 -23.79 30.41 44.59
C CYS A 136 -22.39 30.97 44.35
N ASN A 137 -22.26 32.28 44.50
CA ASN A 137 -20.97 32.95 44.28
C ASN A 137 -19.88 32.37 45.18
N ASP A 138 -20.22 31.95 46.39
CA ASP A 138 -19.26 31.38 47.35
C ASP A 138 -19.78 30.03 47.83
N PRO A 139 -19.72 29.00 46.99
CA PRO A 139 -20.29 27.69 47.35
C PRO A 139 -19.65 27.16 48.63
N PHE A 140 -20.47 26.57 49.49
CA PHE A 140 -19.91 25.96 50.69
C PHE A 140 -20.85 24.90 51.21
N LEU A 141 -20.30 24.01 52.02
CA LEU A 141 -21.03 23.04 52.82
C LEU A 141 -20.58 23.26 54.25
N GLY A 142 -21.50 23.60 55.13
CA GLY A 142 -21.16 23.93 56.51
C GLY A 142 -21.34 22.78 57.48
N VAL A 143 -20.50 22.80 58.51
CA VAL A 143 -20.54 21.83 59.58
C VAL A 143 -20.47 22.59 60.90
N SER A 151 -20.02 20.87 69.85
CA SER A 151 -19.22 19.90 69.12
C SER A 151 -19.32 20.20 67.61
N TRP A 152 -19.20 19.18 66.77
CA TRP A 152 -19.30 19.32 65.32
C TRP A 152 -20.56 18.63 64.82
N MET A 153 -21.24 19.26 63.88
CA MET A 153 -22.43 18.69 63.28
C MET A 153 -22.65 19.31 61.91
N GLU A 154 -23.24 18.54 61.00
CA GLU A 154 -23.61 19.06 59.69
C GLU A 154 -24.72 20.09 59.85
N SER A 155 -24.64 21.18 59.08
CA SER A 155 -25.68 22.20 59.18
C SER A 155 -26.19 22.79 57.87
N GLU A 156 -25.34 23.02 56.85
CA GLU A 156 -25.80 23.71 55.66
C GLU A 156 -25.26 23.13 54.36
N PHE A 157 -26.15 23.02 53.39
CA PHE A 157 -25.85 22.67 52.00
C PHE A 157 -26.40 23.83 51.16
N ARG A 158 -25.54 24.45 50.34
CA ARG A 158 -26.00 25.51 49.45
C ARG A 158 -25.69 25.09 48.02
N VAL A 159 -24.54 25.48 47.47
CA VAL A 159 -24.06 25.10 46.15
C VAL A 159 -24.90 25.62 44.99
N TYR A 160 -26.18 25.27 44.94
CA TYR A 160 -27.06 25.64 43.84
C TYR A 160 -28.40 26.15 44.30
N SER A 161 -29.02 26.97 43.44
CA SER A 161 -30.35 27.50 43.73
C SER A 161 -31.46 26.48 43.54
N SER A 162 -31.47 25.77 42.40
CA SER A 162 -32.55 24.82 42.14
C SER A 162 -32.18 23.81 41.06
N ALA A 163 -32.78 22.62 41.18
CA ALA A 163 -32.65 21.51 40.21
C ALA A 163 -33.67 21.68 39.08
N ASN A 164 -33.38 22.63 38.19
CA ASN A 164 -34.33 23.01 37.16
C ASN A 164 -34.61 21.92 36.13
N ASN A 165 -33.63 21.07 35.81
CA ASN A 165 -33.84 20.03 34.79
C ASN A 165 -33.18 18.70 35.11
N CYS A 166 -31.84 18.67 35.11
CA CYS A 166 -31.06 17.54 35.58
C CYS A 166 -31.27 16.27 34.75
N THR A 167 -30.66 16.22 33.57
CA THR A 167 -30.85 15.10 32.65
C THR A 167 -30.07 13.86 33.04
N PHE A 168 -29.15 13.95 33.99
CA PHE A 168 -28.36 12.82 34.47
C PHE A 168 -28.11 13.02 35.95
N GLU A 169 -28.23 11.95 36.73
CA GLU A 169 -27.90 12.02 38.14
C GLU A 169 -27.41 10.65 38.61
N TYR A 170 -26.35 10.66 39.41
CA TYR A 170 -25.82 9.47 40.06
C TYR A 170 -25.57 9.77 41.52
N VAL A 171 -26.07 8.89 42.39
CA VAL A 171 -25.91 9.00 43.83
C VAL A 171 -25.17 7.75 44.30
N SER A 172 -24.04 7.95 44.97
CA SER A 172 -23.27 6.84 45.49
C SER A 172 -23.89 6.34 46.79
N GLN A 173 -23.37 5.21 47.27
CA GLN A 173 -23.91 4.63 48.49
C GLN A 173 -23.60 5.52 49.70
N PRO A 174 -24.39 5.41 50.77
CA PRO A 174 -24.04 6.13 52.01
C PRO A 174 -22.70 5.72 52.60
N PHE A 175 -22.01 6.71 53.16
CA PHE A 175 -20.74 6.55 53.86
C PHE A 175 -20.92 7.09 55.27
N LEU A 176 -20.02 6.69 56.19
CA LEU A 176 -20.12 7.19 57.55
C LEU A 176 -19.95 8.70 57.60
N MET A 177 -19.07 9.24 56.75
CA MET A 177 -18.83 10.67 56.61
C MET A 177 -18.58 11.34 57.97
N ASP A 178 -17.53 10.90 58.65
CA ASP A 178 -17.19 11.44 59.95
C ASP A 178 -16.45 12.76 59.77
N LEU A 179 -17.07 13.86 60.18
CA LEU A 179 -16.54 15.20 60.00
C LEU A 179 -16.31 15.87 61.35
N GLU A 180 -15.05 16.19 61.64
CA GLU A 180 -14.69 16.86 62.89
C GLU A 180 -13.38 17.60 62.67
N GLY A 181 -13.11 18.56 63.54
CA GLY A 181 -11.87 19.32 63.43
C GLY A 181 -10.69 18.55 64.00
N LYS A 182 -9.52 18.82 63.42
CA LYS A 182 -8.26 18.24 63.86
C LYS A 182 -7.18 19.31 63.84
N GLN A 183 -6.16 19.13 64.67
CA GLN A 183 -5.03 20.03 64.77
C GLN A 183 -3.75 19.26 64.46
N GLY A 184 -2.72 19.99 64.04
CA GLY A 184 -1.44 19.41 63.69
C GLY A 184 -1.17 19.52 62.21
N ASN A 185 -0.23 18.69 61.74
CA ASN A 185 0.15 18.72 60.34
C ASN A 185 -0.83 17.87 59.53
N PHE A 186 -0.64 17.80 58.22
CA PHE A 186 -1.59 17.10 57.37
C PHE A 186 -1.30 15.61 57.36
N LYS A 187 -2.38 14.81 57.41
CA LYS A 187 -2.26 13.36 57.47
C LYS A 187 -2.51 12.64 56.16
N ASN A 188 -3.18 13.27 55.18
CA ASN A 188 -3.51 12.61 53.93
C ASN A 188 -3.46 13.53 52.72
N LEU A 189 -2.94 12.99 51.61
CA LEU A 189 -2.92 13.66 50.32
C LEU A 189 -3.91 12.95 49.40
N ARG A 190 -4.54 13.72 48.53
CA ARG A 190 -5.37 13.17 47.48
C ARG A 190 -4.93 13.84 46.18
N GLU A 191 -4.87 13.06 45.10
CA GLU A 191 -4.48 13.58 43.81
C GLU A 191 -5.49 13.12 42.77
N PHE A 192 -5.85 14.04 41.87
CA PHE A 192 -6.83 13.76 40.84
C PHE A 192 -6.38 14.36 39.51
N VAL A 193 -6.74 13.69 38.42
CA VAL A 193 -6.57 14.21 37.07
C VAL A 193 -7.92 14.22 36.38
N PHE A 194 -8.27 15.38 35.81
CA PHE A 194 -9.55 15.60 35.12
C PHE A 194 -9.28 15.86 33.64
N LYS A 195 -9.71 14.93 32.80
CA LYS A 195 -9.50 14.99 31.35
C LYS A 195 -10.87 14.88 30.70
N ASN A 196 -11.03 15.46 29.51
CA ASN A 196 -12.32 15.44 28.82
C ASN A 196 -12.10 15.20 27.32
N ILE A 197 -12.40 14.00 26.84
CA ILE A 197 -12.16 13.61 25.45
C ILE A 197 -13.43 13.03 24.84
N ASP A 198 -13.84 13.61 23.70
CA ASP A 198 -14.96 13.14 22.86
C ASP A 198 -16.24 12.89 23.64
N GLY A 199 -16.56 13.77 24.58
CA GLY A 199 -17.79 13.63 25.33
C GLY A 199 -17.64 12.92 26.65
N TYR A 200 -16.52 12.24 26.90
CA TYR A 200 -16.31 11.51 28.13
C TYR A 200 -15.43 12.31 29.08
N PHE A 201 -15.91 12.45 30.32
CA PHE A 201 -15.21 13.13 31.40
C PHE A 201 -14.49 12.05 32.19
N LYS A 202 -13.17 12.00 32.09
CA LYS A 202 -12.38 10.93 32.65
C LYS A 202 -11.69 11.45 33.91
N ILE A 203 -11.90 10.76 35.03
CA ILE A 203 -11.33 11.14 36.31
C ILE A 203 -10.42 10.01 36.76
N TYR A 204 -9.19 10.37 37.09
CA TYR A 204 -8.18 9.48 37.63
C TYR A 204 -7.91 9.95 39.05
N SER A 205 -7.58 9.03 39.96
CA SER A 205 -7.31 9.48 41.33
C SER A 205 -6.43 8.52 42.10
N LYS A 206 -5.88 9.03 43.20
CA LYS A 206 -5.15 8.21 44.15
C LYS A 206 -5.12 8.91 45.51
N HIS A 207 -5.09 8.11 46.57
CA HIS A 207 -4.96 8.57 47.94
C HIS A 207 -3.61 8.14 48.50
N THR A 208 -2.92 9.07 49.21
CA THR A 208 -1.63 8.75 49.83
C THR A 208 -1.53 9.19 51.29
N PRO A 209 -1.07 8.34 52.22
CA PRO A 209 -0.83 8.82 53.59
C PRO A 209 0.40 9.73 53.61
N ILE A 210 0.41 10.71 54.52
CA ILE A 210 1.54 11.64 54.57
C ILE A 210 1.61 12.32 55.94
N ASN A 211 2.80 12.86 56.27
CA ASN A 211 3.04 13.68 57.47
C ASN A 211 3.83 14.95 57.11
N LEU A 212 3.17 15.99 56.59
CA LEU A 212 3.88 17.19 56.13
C LEU A 212 3.07 18.43 56.48
N VAL A 213 3.74 19.58 56.46
CA VAL A 213 3.09 20.85 56.77
C VAL A 213 2.51 21.54 55.54
N ARG A 214 3.23 21.63 54.41
CA ARG A 214 2.70 22.34 53.24
C ARG A 214 2.94 21.64 51.89
N ASP A 215 4.14 21.83 51.32
CA ASP A 215 4.46 21.38 49.97
C ASP A 215 4.31 19.87 49.82
N LEU A 216 3.93 19.47 48.61
CA LEU A 216 3.78 18.06 48.30
C LEU A 216 5.14 17.36 48.35
N PRO A 217 5.17 16.08 48.73
CA PRO A 217 6.46 15.39 48.81
C PRO A 217 7.02 15.09 47.43
N GLN A 218 8.34 14.99 47.38
CA GLN A 218 8.99 14.55 46.16
C GLN A 218 8.94 13.03 46.12
N GLY A 219 8.60 12.50 44.96
CA GLY A 219 8.49 11.08 44.77
C GLY A 219 7.74 10.82 43.48
N PHE A 220 7.34 9.56 43.30
CA PHE A 220 6.66 9.16 42.08
C PHE A 220 5.54 8.17 42.37
N SER A 221 4.42 8.36 41.69
CA SER A 221 3.28 7.45 41.76
C SER A 221 2.45 7.67 40.50
N ALA A 222 1.49 6.78 40.27
CA ALA A 222 0.58 6.90 39.14
C ALA A 222 -0.86 6.66 39.56
N LEU A 223 -1.77 7.42 38.96
CA LEU A 223 -3.18 7.36 39.28
C LEU A 223 -3.89 6.26 38.49
N GLU A 224 -5.03 5.75 39.06
CA GLU A 224 -5.87 4.72 38.48
C GLU A 224 -7.06 5.31 37.73
N PRO A 225 -7.62 4.64 36.69
CA PRO A 225 -8.79 5.15 35.92
C PRO A 225 -10.10 5.01 36.69
N LEU A 226 -10.26 5.85 37.72
CA LEU A 226 -11.41 5.76 38.62
C LEU A 226 -12.75 5.77 37.89
N VAL A 227 -13.01 6.74 37.01
CA VAL A 227 -14.33 6.73 36.35
C VAL A 227 -14.31 7.47 35.03
N ASP A 228 -15.05 6.92 34.06
CA ASP A 228 -15.31 7.54 32.77
C ASP A 228 -16.79 7.91 32.72
N LEU A 229 -17.12 9.23 32.81
CA LEU A 229 -18.52 9.66 32.84
C LEU A 229 -19.00 10.09 31.44
N PRO A 230 -20.11 9.53 30.89
CA PRO A 230 -20.64 9.88 29.55
C PRO A 230 -21.43 11.20 29.58
N ILE A 231 -20.75 12.34 29.67
CA ILE A 231 -21.43 13.60 29.95
C ILE A 231 -21.70 14.42 28.68
N GLY A 232 -20.71 14.62 27.81
CA GLY A 232 -20.99 15.40 26.61
C GLY A 232 -21.10 16.91 26.78
N ILE A 233 -20.50 17.49 27.82
CA ILE A 233 -20.59 18.93 28.12
C ILE A 233 -19.26 19.60 27.82
N ASN A 234 -19.33 20.75 27.13
CA ASN A 234 -18.21 21.58 26.73
C ASN A 234 -17.73 22.37 27.95
N ILE A 235 -16.85 21.72 28.72
CA ILE A 235 -16.30 22.28 29.96
C ILE A 235 -15.12 23.20 29.66
N THR A 236 -15.18 24.43 30.17
CA THR A 236 -14.12 25.42 29.99
C THR A 236 -13.60 26.04 31.28
N ARG A 237 -14.39 26.04 32.36
CA ARG A 237 -14.05 26.68 33.62
C ARG A 237 -14.42 25.74 34.76
N PHE A 238 -13.77 25.92 35.91
CA PHE A 238 -14.16 25.15 37.07
C PHE A 238 -13.99 25.96 38.35
N GLN A 239 -14.68 25.50 39.39
CA GLN A 239 -14.63 26.09 40.73
C GLN A 239 -14.54 24.97 41.76
N THR A 240 -13.80 25.23 42.83
CA THR A 240 -13.67 24.27 43.92
C THR A 240 -14.78 24.48 44.95
N LEU A 241 -15.02 23.44 45.75
CA LEU A 241 -15.98 23.51 46.85
C LEU A 241 -15.22 23.28 48.16
N LEU A 242 -15.21 24.30 49.03
CA LEU A 242 -14.50 24.25 50.30
C LEU A 242 -15.47 24.12 51.45
N ALA A 243 -15.15 23.23 52.39
CA ALA A 243 -15.95 23.05 53.59
C ALA A 243 -15.87 24.27 54.50
N LEU A 244 -16.98 24.56 55.18
CA LEU A 244 -17.10 25.66 56.11
C LEU A 244 -17.30 25.14 57.54
N HIS A 245 -16.56 25.71 58.48
CA HIS A 245 -16.69 25.39 59.89
C HIS A 245 -17.53 26.46 60.58
N ARG A 246 -18.31 26.03 61.57
CA ARG A 246 -19.11 26.97 62.35
C ARG A 246 -18.22 27.82 63.25
N SER A 247 -18.69 29.00 63.58
CA SER A 247 -17.99 29.88 64.50
C SER A 247 -18.02 29.33 65.92
N SER A 254 -23.86 35.40 60.30
CA SER A 254 -23.46 36.39 59.30
C SER A 254 -22.61 35.75 58.22
N SER A 255 -22.19 36.55 57.25
CA SER A 255 -21.29 36.12 56.20
C SER A 255 -19.82 36.38 56.52
N SER A 256 -19.51 37.01 57.65
CA SER A 256 -18.15 37.34 58.05
C SER A 256 -17.60 36.39 59.11
N GLY A 257 -18.46 35.84 59.96
CA GLY A 257 -18.04 34.98 61.05
C GLY A 257 -17.83 33.55 60.62
N TRP A 258 -17.04 33.36 59.56
CA TRP A 258 -16.81 32.05 58.96
C TRP A 258 -15.41 31.57 59.35
N THR A 259 -15.31 30.28 59.67
CA THR A 259 -14.04 29.64 60.00
C THR A 259 -13.58 28.78 58.84
N ALA A 260 -12.36 29.04 58.35
CA ALA A 260 -11.79 28.35 57.20
C ALA A 260 -11.12 27.02 57.53
N GLY A 261 -11.08 26.62 58.80
CA GLY A 261 -10.45 25.36 59.18
C GLY A 261 -8.97 25.32 58.84
N ALA A 262 -8.55 24.29 58.11
CA ALA A 262 -7.16 24.14 57.75
C ALA A 262 -6.93 23.18 56.60
N ALA A 263 -6.56 23.71 55.43
CA ALA A 263 -6.31 22.87 54.27
C ALA A 263 -5.41 23.60 53.28
N ALA A 264 -4.82 22.80 52.37
CA ALA A 264 -4.03 23.28 51.26
C ALA A 264 -4.56 22.63 49.99
N TYR A 265 -4.44 23.36 48.87
CA TYR A 265 -4.92 22.89 47.58
C TYR A 265 -3.94 23.31 46.50
N TYR A 266 -3.69 22.41 45.53
CA TYR A 266 -2.74 22.62 44.46
C TYR A 266 -3.43 22.44 43.11
N VAL A 267 -3.10 23.31 42.14
CA VAL A 267 -3.60 23.19 40.77
C VAL A 267 -2.49 23.33 39.74
N GLY A 268 -2.45 22.37 38.80
CA GLY A 268 -1.55 22.41 37.66
C GLY A 268 -2.33 22.12 36.39
N TYR A 269 -1.62 22.16 35.27
CA TYR A 269 -2.22 21.93 33.96
C TYR A 269 -1.48 20.88 33.16
N LEU A 270 -2.26 20.14 32.37
CA LEU A 270 -1.77 19.05 31.53
C LEU A 270 -1.32 19.55 30.16
N GLN A 271 -0.35 18.85 29.58
CA GLN A 271 0.14 19.13 28.24
C GLN A 271 0.32 17.82 27.49
N PRO A 272 0.22 17.85 26.13
CA PRO A 272 0.53 16.66 25.34
C PRO A 272 2.01 16.36 25.33
N ARG A 273 2.45 15.41 26.17
CA ARG A 273 3.87 15.13 26.32
C ARG A 273 4.04 13.63 26.40
N THR A 274 5.08 13.12 25.74
CA THR A 274 5.32 11.68 25.77
C THR A 274 6.11 11.33 27.03
N PHE A 275 5.66 10.29 27.71
CA PHE A 275 6.34 9.75 28.88
C PHE A 275 6.68 8.28 28.70
N LEU A 276 7.90 7.93 29.15
CA LEU A 276 8.38 6.57 29.19
C LEU A 276 8.17 6.06 30.61
N LEU A 277 7.39 5.00 30.77
CA LEU A 277 7.02 4.43 32.05
C LEU A 277 7.78 3.13 32.28
N LYS A 278 8.28 2.94 33.50
CA LYS A 278 8.97 1.73 33.93
C LYS A 278 8.09 0.90 34.84
N TYR A 279 7.82 -0.33 34.44
CA TYR A 279 6.99 -1.24 35.22
C TYR A 279 7.89 -2.18 36.01
N ASN A 280 7.52 -2.47 37.25
CA ASN A 280 8.26 -3.43 38.05
C ASN A 280 7.73 -4.84 37.80
N GLU A 281 8.27 -5.81 38.52
CA GLU A 281 7.88 -7.20 38.31
C GLU A 281 6.43 -7.49 38.69
N ASN A 282 5.78 -6.60 39.46
CA ASN A 282 4.38 -6.77 39.84
C ASN A 282 3.46 -5.83 39.07
N GLY A 283 3.98 -5.16 38.05
CA GLY A 283 3.21 -4.28 37.20
C GLY A 283 2.85 -2.94 37.75
N THR A 284 3.52 -2.49 38.81
CA THR A 284 3.26 -1.17 39.38
C THR A 284 4.28 -0.27 38.72
N ILE A 285 3.85 0.92 38.29
CA ILE A 285 4.80 1.83 37.66
C ILE A 285 5.59 2.47 38.79
N THR A 286 6.93 2.34 38.74
CA THR A 286 7.79 2.87 39.78
C THR A 286 8.62 4.06 39.36
N ASP A 287 8.80 4.30 38.06
CA ASP A 287 9.54 5.47 37.61
C ASP A 287 9.03 5.88 36.23
N ALA A 288 9.56 7.00 35.75
CA ALA A 288 9.21 7.49 34.43
C ALA A 288 10.24 8.52 33.99
N VAL A 289 10.35 8.66 32.67
CA VAL A 289 11.18 9.68 32.03
C VAL A 289 10.27 10.60 31.24
N ASP A 290 10.39 11.90 31.52
CA ASP A 290 9.69 12.94 30.79
C ASP A 290 10.52 13.25 29.56
N CYS A 291 10.02 12.82 28.40
CA CYS A 291 10.81 12.81 27.18
C CYS A 291 11.14 14.21 26.65
N ALA A 292 10.60 15.28 27.23
CA ALA A 292 10.94 16.63 26.78
C ALA A 292 11.22 17.55 27.97
N LEU A 293 11.71 17.01 29.09
CA LEU A 293 12.03 17.84 30.25
C LEU A 293 13.38 18.54 30.09
N ASP A 294 14.36 17.85 29.50
CA ASP A 294 15.73 18.35 29.39
C ASP A 294 16.58 17.37 28.59
N PRO A 295 17.72 17.81 28.05
CA PRO A 295 18.59 16.89 27.26
C PRO A 295 18.90 15.56 27.92
N LEU A 296 19.04 15.51 29.25
CA LEU A 296 19.31 14.22 29.87
C LEU A 296 18.08 13.34 29.81
N SER A 297 16.92 13.92 30.09
CA SER A 297 15.71 13.12 30.05
C SER A 297 15.39 12.75 28.60
N GLU A 298 15.70 13.65 27.67
CA GLU A 298 15.46 13.38 26.26
C GLU A 298 16.30 12.20 25.80
N THR A 299 17.55 12.15 26.25
CA THR A 299 18.44 11.04 25.90
C THR A 299 17.93 9.75 26.54
N LYS A 300 17.56 9.81 27.82
CA LYS A 300 17.04 8.62 28.49
C LYS A 300 15.85 8.07 27.73
N CYS A 301 14.97 8.95 27.27
CA CYS A 301 13.80 8.51 26.50
C CYS A 301 14.22 7.89 25.17
N THR A 302 15.15 8.54 24.46
CA THR A 302 15.57 8.06 23.14
C THR A 302 16.11 6.63 23.21
N LEU A 303 16.92 6.32 24.22
CA LEU A 303 17.55 5.01 24.32
C LEU A 303 16.69 3.99 25.05
N LYS A 304 15.50 4.36 25.50
CA LYS A 304 14.63 3.48 26.27
C LYS A 304 15.38 2.92 27.47
N SER A 305 16.07 3.82 28.17
CA SER A 305 16.87 3.42 29.32
C SER A 305 16.89 4.52 30.36
N PHE A 306 17.04 4.12 31.62
CA PHE A 306 17.19 5.04 32.74
C PHE A 306 18.64 5.21 33.12
N THR A 307 19.57 4.61 32.37
CA THR A 307 21.00 4.73 32.57
C THR A 307 21.57 5.06 31.21
N VAL A 308 22.42 6.09 31.14
CA VAL A 308 23.05 6.51 29.89
C VAL A 308 24.55 6.43 30.07
N GLU A 309 25.22 5.78 29.12
CA GLU A 309 26.67 5.62 29.16
C GLU A 309 27.38 6.88 28.66
N LYS A 310 28.62 7.01 29.09
CA LYS A 310 29.50 8.10 28.70
C LYS A 310 29.60 8.23 27.19
N GLY A 311 29.42 9.45 26.68
CA GLY A 311 29.50 9.69 25.24
C GLY A 311 28.60 10.83 24.82
N ILE A 312 28.42 10.96 23.50
CA ILE A 312 27.58 11.99 22.91
C ILE A 312 26.41 11.33 22.22
N TYR A 313 25.22 11.81 22.53
CA TYR A 313 23.98 11.31 21.93
C TYR A 313 23.30 12.42 21.16
N GLN A 314 22.95 12.15 19.90
CA GLN A 314 22.22 13.10 19.09
C GLN A 314 20.74 12.94 19.40
N THR A 315 20.05 14.05 19.73
CA THR A 315 18.64 13.98 20.17
C THR A 315 17.76 15.02 19.48
N SER A 316 17.25 14.66 18.31
CA SER A 316 16.34 15.48 17.49
C SER A 316 16.97 16.85 17.22
N ASN A 317 16.16 17.91 17.22
CA ASN A 317 16.58 19.25 16.81
C ASN A 317 15.94 20.31 17.69
N PHE A 318 16.56 21.48 17.67
CA PHE A 318 15.98 22.69 18.26
C PHE A 318 15.11 23.32 17.19
N ARG A 319 13.81 23.41 17.44
CA ARG A 319 12.86 23.92 16.48
C ARG A 319 12.17 25.17 17.02
N VAL A 320 12.06 26.17 16.16
CA VAL A 320 11.39 27.42 16.48
C VAL A 320 9.92 27.24 16.11
N GLN A 321 9.02 27.61 17.02
CA GLN A 321 7.60 27.46 16.76
C GLN A 321 7.01 28.77 16.24
N PRO A 322 5.97 28.73 15.42
CA PRO A 322 5.33 29.99 15.00
C PRO A 322 4.64 30.65 16.18
N THR A 323 4.63 31.98 16.15
CA THR A 323 4.02 32.77 17.21
C THR A 323 2.66 33.36 16.82
N GLU A 324 2.35 33.42 15.53
CA GLU A 324 1.10 34.03 15.09
C GLU A 324 0.65 33.38 13.78
N SER A 325 -0.64 33.53 13.49
CA SER A 325 -1.25 33.04 12.26
C SER A 325 -1.49 34.20 11.30
N ILE A 326 -0.89 34.13 10.12
CA ILE A 326 -1.00 35.18 9.10
C ILE A 326 -1.74 34.58 7.92
N VAL A 327 -2.91 35.13 7.62
CA VAL A 327 -3.79 34.68 6.55
C VAL A 327 -3.96 35.82 5.56
N ARG A 328 -3.79 35.52 4.27
CA ARG A 328 -3.92 36.54 3.22
C ARG A 328 -4.78 36.01 2.08
N PHE A 329 -5.80 36.77 1.72
CA PHE A 329 -6.70 36.51 0.62
C PHE A 329 -6.97 37.79 -0.15
N PRO A 330 -7.39 37.70 -1.41
CA PRO A 330 -7.79 38.92 -2.12
C PRO A 330 -9.03 39.50 -1.45
N ASN A 331 -9.16 40.83 -1.52
CA ASN A 331 -10.29 41.50 -0.87
C ASN A 331 -11.53 41.42 -1.75
N ILE A 332 -12.15 40.24 -1.71
CA ILE A 332 -13.36 39.93 -2.46
C ILE A 332 -14.54 40.12 -1.52
N THR A 333 -15.47 41.02 -1.88
CA THR A 333 -16.60 41.37 -1.04
C THR A 333 -17.93 40.87 -1.57
N ASN A 334 -18.01 40.46 -2.82
CA ASN A 334 -19.27 40.03 -3.43
C ASN A 334 -19.59 38.59 -3.02
N LEU A 335 -20.86 38.31 -2.78
CA LEU A 335 -21.29 36.95 -2.53
C LEU A 335 -21.54 36.28 -3.87
N CYS A 336 -21.19 35.00 -3.95
CA CYS A 336 -21.41 34.24 -5.17
C CYS A 336 -22.89 34.11 -5.48
N PRO A 337 -23.26 34.05 -6.77
CA PRO A 337 -24.69 34.02 -7.13
C PRO A 337 -25.33 32.66 -6.86
N PHE A 338 -25.46 32.28 -5.58
CA PHE A 338 -26.09 31.00 -5.28
C PHE A 338 -27.57 31.02 -5.61
N GLY A 339 -28.21 32.19 -5.53
CA GLY A 339 -29.63 32.26 -5.86
C GLY A 339 -29.89 31.92 -7.30
N GLU A 340 -29.12 32.51 -8.21
CA GLU A 340 -29.33 32.24 -9.63
C GLU A 340 -29.09 30.78 -9.94
N VAL A 341 -28.11 30.16 -9.28
CA VAL A 341 -27.78 28.77 -9.53
C VAL A 341 -28.84 27.82 -8.97
N PHE A 342 -29.30 28.06 -7.73
CA PHE A 342 -30.24 27.17 -7.06
C PHE A 342 -31.70 27.62 -7.05
N ASN A 343 -31.99 28.90 -7.28
CA ASN A 343 -33.37 29.40 -7.28
C ASN A 343 -33.81 29.77 -8.69
N ALA A 344 -33.17 29.18 -9.70
CA ALA A 344 -33.51 29.47 -11.09
C ALA A 344 -34.94 29.05 -11.41
N THR A 345 -35.60 29.84 -12.26
CA THR A 345 -36.95 29.51 -12.68
C THR A 345 -36.96 28.22 -13.48
N ARG A 346 -36.01 28.05 -14.41
CA ARG A 346 -35.96 26.90 -15.28
C ARG A 346 -34.52 26.45 -15.48
N PHE A 347 -34.33 25.13 -15.59
CA PHE A 347 -33.06 24.51 -15.91
C PHE A 347 -33.07 24.02 -17.35
N ALA A 348 -31.92 24.14 -18.01
CA ALA A 348 -31.76 23.73 -19.39
C ALA A 348 -31.89 22.21 -19.54
N SER A 349 -32.38 21.79 -20.69
CA SER A 349 -32.46 20.37 -21.00
C SER A 349 -31.06 19.76 -20.94
N VAL A 350 -30.99 18.53 -20.44
CA VAL A 350 -29.70 17.86 -20.31
C VAL A 350 -29.01 17.68 -21.65
N TYR A 351 -29.77 17.51 -22.73
CA TYR A 351 -29.13 17.34 -24.04
C TYR A 351 -28.43 18.63 -24.47
N ALA A 352 -28.81 19.77 -23.91
CA ALA A 352 -28.27 21.07 -24.28
C ALA A 352 -28.00 21.85 -22.99
N TRP A 353 -27.10 21.30 -22.18
CA TRP A 353 -26.82 21.84 -20.86
C TRP A 353 -26.01 23.12 -20.93
N ASN A 354 -26.20 24.00 -19.95
CA ASN A 354 -25.49 25.27 -19.90
C ASN A 354 -24.35 25.25 -18.90
N ARG A 355 -23.38 26.13 -19.13
CA ARG A 355 -22.26 26.32 -18.22
C ARG A 355 -21.93 27.80 -18.15
N LYS A 356 -21.64 28.29 -16.94
CA LYS A 356 -21.18 29.66 -16.79
C LYS A 356 -20.03 29.75 -15.80
N ARG A 357 -19.19 30.76 -15.99
CA ARG A 357 -18.07 31.01 -15.09
C ARG A 357 -18.50 31.82 -13.88
N ILE A 358 -17.96 31.47 -12.72
CA ILE A 358 -18.17 32.17 -11.46
C ILE A 358 -16.82 32.76 -11.07
N SER A 359 -16.80 34.05 -10.76
CA SER A 359 -15.56 34.71 -10.40
C SER A 359 -15.84 35.91 -9.50
N ASN A 360 -14.79 36.36 -8.82
CA ASN A 360 -14.82 37.58 -8.01
C ASN A 360 -15.95 37.56 -6.98
N CYS A 361 -16.04 36.46 -6.24
CA CYS A 361 -17.10 36.32 -5.24
C CYS A 361 -16.61 35.41 -4.13
N VAL A 362 -17.36 35.42 -3.02
CA VAL A 362 -17.07 34.61 -1.85
C VAL A 362 -18.03 33.43 -1.82
N ALA A 363 -17.48 32.23 -1.65
CA ALA A 363 -18.26 31.01 -1.58
C ALA A 363 -18.61 30.71 -0.14
N ASP A 364 -19.88 30.42 0.11
CA ASP A 364 -20.37 30.09 1.45
C ASP A 364 -21.51 29.11 1.26
N TYR A 365 -21.33 27.87 1.71
CA TYR A 365 -22.31 26.82 1.44
C TYR A 365 -23.30 26.65 2.58
N SER A 366 -23.15 27.40 3.67
CA SER A 366 -24.07 27.29 4.79
C SER A 366 -25.39 27.98 4.50
N VAL A 367 -25.43 28.82 3.46
CA VAL A 367 -26.62 29.59 3.11
C VAL A 367 -27.72 28.70 2.58
N LEU A 368 -27.37 27.50 2.11
CA LEU A 368 -28.31 26.58 1.50
C LEU A 368 -28.98 25.67 2.52
N TYR A 369 -28.52 25.69 3.78
CA TYR A 369 -29.04 24.74 4.77
C TYR A 369 -30.51 24.99 5.05
N ASN A 370 -30.94 26.26 4.97
CA ASN A 370 -32.32 26.66 5.20
C ASN A 370 -32.98 27.14 3.90
N SER A 371 -32.48 26.65 2.76
CA SER A 371 -33.00 26.98 1.44
C SER A 371 -33.66 25.78 0.80
N ALA A 372 -32.93 24.67 0.70
CA ALA A 372 -33.44 23.47 0.08
C ALA A 372 -32.77 22.27 0.71
N SER A 373 -33.45 21.13 0.63
CA SER A 373 -32.90 19.84 1.05
C SER A 373 -32.31 19.19 -0.19
N PHE A 374 -31.04 18.78 -0.09
CA PHE A 374 -30.35 18.18 -1.22
C PHE A 374 -30.25 16.68 -1.02
N SER A 375 -30.47 15.92 -2.10
CA SER A 375 -30.33 14.48 -2.01
C SER A 375 -28.90 14.04 -2.21
N THR A 376 -28.14 14.80 -3.01
CA THR A 376 -26.75 14.46 -3.29
C THR A 376 -25.90 15.70 -3.13
N PHE A 377 -24.80 15.57 -2.40
CA PHE A 377 -23.77 16.61 -2.30
C PHE A 377 -22.48 15.83 -2.13
N LYS A 378 -21.83 15.50 -3.24
CA LYS A 378 -20.64 14.65 -3.21
C LYS A 378 -19.48 15.37 -3.85
N CYS A 379 -18.40 15.53 -3.08
CA CYS A 379 -17.19 16.20 -3.50
C CYS A 379 -16.08 15.17 -3.65
N TYR A 380 -15.33 15.26 -4.75
CA TYR A 380 -14.23 14.35 -5.03
C TYR A 380 -12.88 15.01 -4.90
N GLY A 381 -12.76 16.26 -5.33
CA GLY A 381 -11.47 16.92 -5.29
C GLY A 381 -11.10 17.36 -3.89
N VAL A 382 -12.09 17.74 -3.09
CA VAL A 382 -11.88 18.28 -1.76
C VAL A 382 -12.93 17.69 -0.82
N SER A 383 -12.52 17.37 0.40
CA SER A 383 -13.50 16.94 1.38
C SER A 383 -14.44 18.11 1.72
N PRO A 384 -15.74 17.87 1.90
CA PRO A 384 -16.66 18.98 2.21
C PRO A 384 -16.25 19.89 3.36
N THR A 385 -15.62 19.34 4.40
CA THR A 385 -15.29 20.14 5.58
C THR A 385 -14.17 21.12 5.34
N LYS A 386 -13.45 21.00 4.23
CA LYS A 386 -12.34 21.88 3.92
C LYS A 386 -12.71 22.89 2.84
N LEU A 387 -13.95 22.87 2.35
CA LEU A 387 -14.31 23.74 1.24
C LEU A 387 -14.15 25.20 1.61
N ASN A 388 -14.43 25.56 2.85
CA ASN A 388 -14.36 26.95 3.27
C ASN A 388 -12.93 27.45 3.47
N ASP A 389 -11.93 26.56 3.45
CA ASP A 389 -10.55 26.97 3.68
C ASP A 389 -9.75 27.20 2.41
N LEU A 390 -10.34 26.98 1.24
CA LEU A 390 -9.66 27.05 -0.04
C LEU A 390 -10.05 28.30 -0.83
N CYS A 391 -9.28 28.55 -1.88
CA CYS A 391 -9.59 29.58 -2.87
C CYS A 391 -9.30 28.96 -4.23
N PHE A 392 -10.22 29.18 -5.17
CA PHE A 392 -10.25 28.49 -6.46
C PHE A 392 -9.90 29.44 -7.60
N THR A 393 -9.31 28.90 -8.67
CA THR A 393 -8.84 29.73 -9.77
C THR A 393 -9.68 29.69 -11.03
N ASN A 394 -10.39 28.61 -11.30
CA ASN A 394 -11.23 28.49 -12.49
C ASN A 394 -12.49 27.76 -12.03
N VAL A 395 -13.57 28.48 -11.76
CA VAL A 395 -14.78 27.88 -11.22
C VAL A 395 -15.90 28.06 -12.23
N TYR A 396 -16.50 26.94 -12.62
CA TYR A 396 -17.62 26.89 -13.54
C TYR A 396 -18.76 26.15 -12.88
N ALA A 397 -19.98 26.56 -13.22
CA ALA A 397 -21.19 25.90 -12.77
C ALA A 397 -21.99 25.44 -13.97
N ASP A 398 -22.23 24.13 -14.04
CA ASP A 398 -23.04 23.52 -15.07
C ASP A 398 -24.47 23.49 -14.56
N SER A 399 -25.41 23.72 -15.48
CA SER A 399 -26.83 23.74 -15.13
C SER A 399 -27.65 22.91 -16.12
N PHE A 400 -28.30 21.88 -15.60
CA PHE A 400 -29.19 21.01 -16.37
C PHE A 400 -30.12 20.30 -15.38
N VAL A 401 -31.20 19.72 -15.91
CA VAL A 401 -32.16 18.91 -15.16
C VAL A 401 -32.23 17.48 -15.69
N ILE A 402 -32.17 16.49 -14.79
CA ILE A 402 -32.21 15.07 -15.13
C ILE A 402 -33.26 14.34 -14.29
N ARG A 403 -33.48 13.08 -14.65
CA ARG A 403 -34.35 12.18 -13.91
C ARG A 403 -33.65 11.68 -12.65
N GLY A 404 -34.44 11.45 -11.59
CA GLY A 404 -33.88 10.97 -10.33
C GLY A 404 -33.08 9.69 -10.43
N ASP A 405 -33.51 8.75 -11.27
CA ASP A 405 -32.77 7.51 -11.42
C ASP A 405 -31.42 7.73 -12.08
N GLU A 406 -31.23 8.88 -12.73
CA GLU A 406 -30.00 9.21 -13.41
C GLU A 406 -29.04 9.96 -12.50
N VAL A 407 -29.44 10.24 -11.25
CA VAL A 407 -28.55 11.01 -10.36
C VAL A 407 -27.25 10.26 -10.14
N ARG A 408 -27.30 8.94 -10.02
CA ARG A 408 -26.06 8.21 -9.81
C ARG A 408 -25.13 8.27 -11.01
N GLN A 409 -25.61 8.68 -12.18
CA GLN A 409 -24.77 8.76 -13.36
C GLN A 409 -23.96 10.04 -13.45
N ILE A 410 -24.23 11.04 -12.62
CA ILE A 410 -23.46 12.29 -12.66
C ILE A 410 -22.30 12.08 -11.70
N ALA A 411 -21.29 11.37 -12.18
CA ALA A 411 -20.12 10.99 -11.41
C ALA A 411 -19.05 10.53 -12.40
N PRO A 412 -17.78 10.58 -12.02
CA PRO A 412 -16.76 9.94 -12.87
C PRO A 412 -16.99 8.44 -12.98
N GLY A 413 -16.64 7.89 -14.14
CA GLY A 413 -16.68 6.45 -14.33
C GLY A 413 -18.05 5.81 -14.48
N GLN A 414 -19.06 6.55 -14.92
CA GLN A 414 -20.42 6.03 -15.01
C GLN A 414 -20.82 5.75 -16.46
N THR A 415 -21.85 4.90 -16.57
CA THR A 415 -22.49 4.55 -17.83
C THR A 415 -23.98 4.84 -17.72
N GLY A 416 -24.64 4.87 -18.88
CA GLY A 416 -26.07 5.10 -18.97
C GLY A 416 -26.39 6.14 -20.03
N LYS A 417 -27.68 6.41 -20.18
CA LYS A 417 -28.13 7.30 -21.24
C LYS A 417 -27.56 8.70 -21.11
N ILE A 418 -27.38 9.19 -19.89
CA ILE A 418 -26.83 10.53 -19.72
C ILE A 418 -25.32 10.48 -19.75
N ALA A 419 -24.74 9.55 -19.00
CA ALA A 419 -23.30 9.43 -18.93
C ALA A 419 -22.72 9.16 -20.31
N ASP A 420 -23.43 8.40 -21.14
CA ASP A 420 -22.93 8.07 -22.47
C ASP A 420 -23.37 9.02 -23.58
N TYR A 421 -24.59 9.58 -23.55
CA TYR A 421 -25.08 10.36 -24.69
C TYR A 421 -25.38 11.83 -24.42
N ASN A 422 -25.41 12.29 -23.17
CA ASN A 422 -25.79 13.68 -22.89
C ASN A 422 -24.74 14.47 -22.12
N TYR A 423 -24.12 13.88 -21.09
CA TYR A 423 -23.22 14.64 -20.23
C TYR A 423 -22.35 13.67 -19.45
N LYS A 424 -21.03 13.85 -19.52
CA LYS A 424 -20.09 12.97 -18.86
C LYS A 424 -19.02 13.78 -18.16
N LEU A 425 -18.53 13.25 -16.98
CA LEU A 425 -17.42 13.81 -16.23
C LEU A 425 -16.14 13.02 -16.45
N PRO A 426 -14.96 13.66 -16.45
CA PRO A 426 -13.72 12.91 -16.64
C PRO A 426 -13.40 12.11 -15.39
N ASP A 427 -12.58 11.08 -15.57
CA ASP A 427 -12.13 10.33 -14.39
C ASP A 427 -11.31 11.23 -13.49
N ASP A 428 -10.50 12.12 -14.08
CA ASP A 428 -9.70 13.07 -13.30
C ASP A 428 -10.58 14.30 -13.05
N PHE A 429 -11.55 14.12 -12.15
CA PHE A 429 -12.53 15.16 -11.85
C PHE A 429 -12.25 15.82 -10.51
N THR A 430 -12.22 17.15 -10.53
CA THR A 430 -12.09 17.98 -9.35
C THR A 430 -13.37 18.78 -9.24
N GLY A 431 -14.08 18.66 -8.13
CA GLY A 431 -15.34 19.36 -7.99
C GLY A 431 -16.31 18.67 -7.07
N CYS A 432 -17.54 19.19 -7.09
CA CYS A 432 -18.65 18.72 -6.28
C CYS A 432 -19.91 18.63 -7.14
N VAL A 433 -20.64 17.53 -6.99
CA VAL A 433 -21.90 17.29 -7.68
C VAL A 433 -23.01 17.45 -6.66
N ILE A 434 -23.93 18.38 -6.94
CA ILE A 434 -25.04 18.73 -6.05
C ILE A 434 -26.33 18.46 -6.79
N ALA A 435 -27.25 17.74 -6.16
CA ALA A 435 -28.53 17.47 -6.81
C ALA A 435 -29.63 17.44 -5.78
N TRP A 436 -30.83 17.89 -6.19
CA TRP A 436 -31.98 17.86 -5.30
C TRP A 436 -33.27 17.66 -6.08
N ASN A 437 -34.29 17.17 -5.37
CA ASN A 437 -35.60 16.89 -5.91
C ASN A 437 -36.35 18.18 -6.26
N SER A 438 -36.79 18.30 -7.50
CA SER A 438 -37.50 19.48 -8.00
C SER A 438 -38.93 19.17 -8.41
N ASN A 439 -39.48 18.04 -7.96
CA ASN A 439 -40.83 17.64 -8.37
C ASN A 439 -41.85 18.71 -8.04
N ASN A 440 -41.66 19.41 -6.92
CA ASN A 440 -42.57 20.43 -6.45
C ASN A 440 -42.23 21.81 -7.01
N LEU A 441 -41.23 21.90 -7.88
CA LEU A 441 -40.80 23.15 -8.49
C LEU A 441 -41.19 23.31 -9.95
N ASP A 442 -41.12 22.25 -10.77
CA ASP A 442 -41.39 22.40 -12.20
C ASP A 442 -42.14 21.24 -12.86
N SER A 443 -42.75 20.33 -12.12
CA SER A 443 -43.53 19.31 -12.78
C SER A 443 -44.86 19.90 -13.26
N LYS A 444 -45.50 19.20 -14.19
CA LYS A 444 -46.79 19.60 -14.74
C LYS A 444 -47.71 18.41 -14.79
N VAL A 445 -49.02 18.68 -14.66
CA VAL A 445 -50.00 17.61 -14.59
C VAL A 445 -49.95 16.76 -15.86
N GLY A 446 -49.83 17.39 -17.01
CA GLY A 446 -49.76 16.68 -18.27
C GLY A 446 -48.37 16.26 -18.66
N GLY A 447 -47.38 16.57 -17.83
CA GLY A 447 -45.98 16.29 -18.13
C GLY A 447 -45.28 17.54 -18.60
N ASN A 448 -44.10 17.82 -18.05
CA ASN A 448 -43.31 18.97 -18.45
C ASN A 448 -42.44 18.50 -19.60
N TYR A 449 -42.76 18.95 -20.82
CA TYR A 449 -42.10 18.46 -22.02
C TYR A 449 -41.01 19.39 -22.53
N ASN A 450 -40.58 20.36 -21.73
CA ASN A 450 -39.49 21.24 -22.12
C ASN A 450 -38.15 20.69 -21.68
N TYR A 451 -38.12 19.51 -21.04
CA TYR A 451 -36.89 18.87 -20.59
C TYR A 451 -36.65 17.65 -21.46
N LEU A 452 -35.59 17.69 -22.25
CA LEU A 452 -35.28 16.67 -23.23
C LEU A 452 -33.91 16.06 -22.99
N TYR A 453 -33.76 14.83 -23.46
CA TYR A 453 -32.49 14.10 -23.40
C TYR A 453 -32.29 13.39 -24.72
N ARG A 454 -31.03 13.11 -25.04
CA ARG A 454 -30.70 12.37 -26.25
C ARG A 454 -30.73 10.88 -25.92
N LEU A 455 -31.46 10.12 -26.73
CA LEU A 455 -31.60 8.68 -26.57
C LEU A 455 -30.72 7.86 -27.51
N PHE A 456 -30.55 8.28 -28.75
CA PHE A 456 -29.79 7.54 -29.75
C PHE A 456 -28.64 8.36 -30.32
N ARG A 457 -27.45 7.78 -30.28
CA ARG A 457 -26.24 8.30 -30.86
C ARG A 457 -25.37 7.10 -31.21
N LYS A 458 -24.45 7.26 -32.15
CA LYS A 458 -23.55 6.16 -32.49
C LYS A 458 -22.25 6.20 -31.71
N SER A 459 -21.73 7.39 -31.40
CA SER A 459 -20.49 7.55 -30.67
C SER A 459 -20.81 7.90 -29.23
N ASN A 460 -19.83 7.67 -28.35
CA ASN A 460 -20.01 8.06 -26.96
C ASN A 460 -19.47 9.47 -26.78
N LEU A 461 -19.99 10.17 -25.77
CA LEU A 461 -19.52 11.51 -25.52
C LEU A 461 -18.22 11.51 -24.74
N LYS A 462 -17.49 12.60 -24.89
CA LYS A 462 -16.28 12.89 -24.16
C LYS A 462 -16.63 13.79 -22.99
N PRO A 463 -15.77 13.91 -21.99
CA PRO A 463 -16.07 14.79 -20.85
C PRO A 463 -16.40 16.21 -21.27
N PHE A 464 -17.47 16.76 -20.68
CA PHE A 464 -17.92 18.12 -20.96
C PHE A 464 -18.25 18.36 -22.44
N GLU A 465 -18.59 17.31 -23.18
CA GLU A 465 -19.00 17.47 -24.57
C GLU A 465 -20.45 17.91 -24.62
N ARG A 466 -20.75 18.84 -25.55
CA ARG A 466 -22.10 19.36 -25.77
C ARG A 466 -22.63 18.92 -27.14
N ASP A 467 -23.46 17.88 -27.14
CA ASP A 467 -24.06 17.36 -28.37
C ASP A 467 -25.43 17.99 -28.57
N ILE A 468 -25.52 18.94 -29.51
CA ILE A 468 -26.74 19.68 -29.78
C ILE A 468 -27.21 19.47 -31.22
N SER A 469 -26.75 18.41 -31.88
CA SER A 469 -27.22 18.13 -33.22
C SER A 469 -28.70 17.82 -33.24
N THR A 470 -29.38 18.29 -34.28
CA THR A 470 -30.82 18.09 -34.47
C THR A 470 -31.11 17.15 -35.64
N GLU A 471 -30.09 16.49 -36.17
CA GLU A 471 -30.26 15.61 -37.32
C GLU A 471 -30.86 14.27 -36.91
N ILE A 472 -31.49 13.62 -37.87
CA ILE A 472 -32.07 12.30 -37.69
C ILE A 472 -30.94 11.29 -37.75
N TYR A 473 -30.90 10.38 -36.79
CA TYR A 473 -29.85 9.37 -36.73
C TYR A 473 -30.43 8.05 -37.20
N GLN A 474 -29.60 7.28 -37.89
CA GLN A 474 -30.00 6.00 -38.48
C GLN A 474 -29.56 4.84 -37.59
N ALA A 475 -30.52 4.01 -37.18
CA ALA A 475 -30.18 2.87 -36.33
C ALA A 475 -29.73 1.71 -37.20
N GLY A 476 -30.35 1.55 -38.37
CA GLY A 476 -30.01 0.50 -39.29
C GLY A 476 -29.10 1.03 -40.39
N SER A 477 -28.92 0.21 -41.41
CA SER A 477 -28.08 0.58 -42.54
C SER A 477 -28.83 1.46 -43.54
N THR A 478 -30.14 1.54 -43.44
CA THR A 478 -30.97 2.28 -44.37
C THR A 478 -30.64 3.78 -44.37
N PRO A 479 -30.25 4.38 -45.49
CA PRO A 479 -30.09 5.83 -45.51
C PRO A 479 -31.44 6.51 -45.34
N CYS A 480 -31.42 7.67 -44.68
CA CYS A 480 -32.64 8.45 -44.50
C CYS A 480 -32.39 9.94 -44.72
N ASN A 481 -33.44 10.57 -45.21
CA ASN A 481 -33.56 12.02 -45.37
C ASN A 481 -34.96 12.32 -44.88
N GLY A 482 -35.08 12.89 -43.68
CA GLY A 482 -36.37 12.96 -43.05
C GLY A 482 -36.72 11.55 -42.66
N VAL A 483 -37.87 11.03 -43.10
CA VAL A 483 -38.34 9.66 -42.79
C VAL A 483 -38.78 9.60 -41.33
N GLU A 484 -37.83 9.86 -40.42
CA GLU A 484 -38.11 9.94 -38.99
C GLU A 484 -38.85 8.70 -38.47
N GLY A 485 -38.39 7.54 -38.88
CA GLY A 485 -39.03 6.31 -38.44
C GLY A 485 -38.35 5.09 -39.05
N PHE A 486 -38.97 3.94 -38.80
CA PHE A 486 -38.49 2.65 -39.28
C PHE A 486 -37.07 2.40 -38.73
N ASN A 487 -36.01 2.59 -39.51
CA ASN A 487 -34.64 2.36 -39.07
C ASN A 487 -33.90 3.64 -38.73
N CYS A 488 -34.58 4.78 -38.67
CA CYS A 488 -33.95 6.04 -38.35
C CYS A 488 -34.96 6.87 -37.56
N TYR A 489 -34.45 7.57 -36.55
CA TYR A 489 -35.28 8.30 -35.59
C TYR A 489 -34.68 9.65 -35.24
N PHE A 490 -35.56 10.55 -34.80
CA PHE A 490 -35.14 11.81 -34.22
C PHE A 490 -34.47 11.48 -32.89
N PRO A 491 -33.22 11.90 -32.65
CA PRO A 491 -32.51 11.41 -31.45
C PRO A 491 -32.98 11.92 -30.10
N LEU A 492 -33.84 12.94 -30.01
CA LEU A 492 -34.21 13.50 -28.71
C LEU A 492 -35.60 13.04 -28.26
N GLN A 493 -35.75 12.90 -26.95
CA GLN A 493 -37.00 12.53 -26.30
C GLN A 493 -37.25 13.46 -25.12
N SER A 494 -38.51 13.67 -24.79
CA SER A 494 -38.91 14.42 -23.60
C SER A 494 -39.28 13.50 -22.46
N TYR A 495 -38.99 13.94 -21.24
CA TYR A 495 -39.33 13.17 -20.04
C TYR A 495 -40.79 13.37 -19.65
N GLY A 496 -41.41 12.30 -19.17
CA GLY A 496 -42.75 12.39 -18.64
C GLY A 496 -42.75 12.88 -17.20
N PHE A 497 -42.32 14.11 -16.92
CA PHE A 497 -42.21 14.57 -15.53
C PHE A 497 -43.57 15.05 -15.04
N GLN A 498 -44.27 14.14 -14.35
CA GLN A 498 -45.59 14.42 -13.81
C GLN A 498 -45.54 14.43 -12.28
N PRO A 499 -46.33 15.27 -11.61
CA PRO A 499 -46.28 15.30 -10.14
C PRO A 499 -46.72 14.01 -9.48
N THR A 500 -47.43 13.15 -10.21
CA THR A 500 -47.97 11.91 -9.67
C THR A 500 -47.15 10.66 -10.02
N ASN A 501 -45.99 10.82 -10.65
CA ASN A 501 -45.21 9.64 -11.01
C ASN A 501 -44.41 9.16 -9.81
N GLY A 502 -43.68 8.06 -9.99
CA GLY A 502 -42.89 7.52 -8.90
C GLY A 502 -41.66 8.34 -8.67
N VAL A 503 -40.97 8.02 -7.56
CA VAL A 503 -39.80 8.82 -7.15
C VAL A 503 -38.73 8.77 -8.23
N GLY A 504 -38.51 7.59 -8.82
CA GLY A 504 -37.46 7.45 -9.81
C GLY A 504 -37.68 8.23 -11.09
N TYR A 505 -38.91 8.70 -11.34
CA TYR A 505 -39.25 9.45 -12.55
C TYR A 505 -39.46 10.92 -12.29
N GLN A 506 -39.20 11.41 -11.08
CA GLN A 506 -39.39 12.82 -10.80
C GLN A 506 -38.19 13.61 -11.32
N PRO A 507 -38.37 14.87 -11.69
CA PRO A 507 -37.21 15.66 -12.11
C PRO A 507 -36.34 16.02 -10.91
N TYR A 508 -35.03 16.10 -11.17
CA TYR A 508 -34.05 16.58 -10.22
C TYR A 508 -33.19 17.65 -10.85
N ARG A 509 -32.91 18.68 -10.07
CA ARG A 509 -32.05 19.77 -10.50
C ARG A 509 -30.64 19.46 -10.04
N VAL A 510 -29.70 19.46 -11.01
CA VAL A 510 -28.31 19.10 -10.77
C VAL A 510 -27.42 20.28 -11.11
N VAL A 511 -26.54 20.64 -10.18
CA VAL A 511 -25.53 21.66 -10.34
C VAL A 511 -24.20 20.96 -10.13
N VAL A 512 -23.30 21.06 -11.10
CA VAL A 512 -21.97 20.46 -10.98
C VAL A 512 -20.96 21.59 -10.97
N LEU A 513 -20.19 21.67 -9.89
CA LEU A 513 -19.15 22.69 -9.71
C LEU A 513 -17.78 22.06 -9.93
N SER A 514 -17.12 22.46 -11.01
CA SER A 514 -15.82 21.91 -11.37
C SER A 514 -14.81 23.03 -11.19
N PHE A 515 -13.57 22.70 -10.84
CA PHE A 515 -12.60 23.76 -10.66
C PHE A 515 -11.14 23.32 -10.62
N GLU A 516 -10.28 24.31 -10.86
CA GLU A 516 -8.84 24.23 -10.65
C GLU A 516 -8.54 24.82 -9.27
N LEU A 517 -7.82 24.03 -8.46
CA LEU A 517 -7.52 24.37 -7.07
C LEU A 517 -6.04 24.57 -6.78
N LEU A 518 -5.69 25.78 -6.32
CA LEU A 518 -4.34 26.18 -5.90
C LEU A 518 -3.24 26.06 -6.97
N HIS A 519 -3.53 26.24 -8.27
CA HIS A 519 -2.50 26.14 -9.30
C HIS A 519 -2.41 27.40 -10.16
N ALA A 520 -3.01 28.51 -9.73
CA ALA A 520 -3.06 29.70 -10.59
C ALA A 520 -3.52 30.89 -9.74
N PRO A 521 -3.44 32.12 -10.25
CA PRO A 521 -4.06 33.24 -9.52
C PRO A 521 -5.53 32.90 -9.32
N ALA A 522 -6.05 33.21 -8.13
CA ALA A 522 -7.42 32.81 -7.81
C ALA A 522 -8.38 33.99 -7.85
N THR A 523 -9.65 33.64 -8.09
CA THR A 523 -10.75 34.59 -8.14
C THR A 523 -11.90 34.31 -7.17
N VAL A 524 -12.05 33.09 -6.68
CA VAL A 524 -13.14 32.73 -5.76
C VAL A 524 -12.55 32.11 -4.51
N CYS A 525 -12.79 32.72 -3.36
CA CYS A 525 -12.25 32.32 -2.07
C CYS A 525 -13.36 32.00 -1.09
N GLY A 526 -13.02 31.20 -0.08
CA GLY A 526 -13.92 30.92 0.99
C GLY A 526 -14.08 32.10 1.94
N PRO A 527 -14.86 31.90 3.00
CA PRO A 527 -15.20 32.98 3.94
C PRO A 527 -14.08 33.33 4.91
N LYS A 528 -13.00 33.88 4.36
CA LYS A 528 -11.81 34.25 5.12
C LYS A 528 -11.56 35.74 5.01
N LYS A 529 -10.89 36.29 6.01
CA LYS A 529 -10.52 37.71 6.04
C LYS A 529 -9.00 37.83 6.07
N SER A 530 -8.50 38.88 5.42
CA SER A 530 -7.07 39.16 5.43
C SER A 530 -6.67 39.88 6.72
N THR A 531 -5.42 39.65 7.13
CA THR A 531 -4.78 40.35 8.23
C THR A 531 -3.48 40.97 7.74
N ASN A 532 -2.79 41.63 8.65
CA ASN A 532 -1.51 42.24 8.33
C ASN A 532 -0.46 41.14 8.16
N LEU A 533 0.46 41.35 7.24
CA LEU A 533 1.52 40.37 7.00
C LEU A 533 2.74 40.69 7.84
N VAL A 534 3.36 39.65 8.39
CA VAL A 534 4.53 39.75 9.25
C VAL A 534 5.71 39.11 8.56
N LYS A 535 6.83 39.83 8.51
CA LYS A 535 8.08 39.40 7.89
C LYS A 535 9.16 39.17 8.93
N ASN A 536 10.13 38.33 8.56
CA ASN A 536 11.33 38.06 9.37
C ASN A 536 11.04 37.41 10.71
N LYS A 537 9.90 36.72 10.86
CA LYS A 537 9.56 35.99 12.06
C LYS A 537 9.07 34.61 11.65
N CYS A 538 9.11 33.65 12.58
CA CYS A 538 8.58 32.34 12.26
C CYS A 538 7.07 32.44 12.35
N VAL A 539 6.39 32.20 11.24
CA VAL A 539 4.96 32.40 11.07
C VAL A 539 4.29 31.15 10.53
N ASN A 540 3.12 30.84 11.08
CA ASN A 540 2.25 29.80 10.57
C ASN A 540 1.36 30.53 9.58
N PHE A 541 1.52 30.25 8.29
CA PHE A 541 0.87 31.03 7.25
C PHE A 541 -0.12 30.22 6.43
N ASN A 542 -1.04 30.96 5.80
CA ASN A 542 -2.01 30.46 4.82
C ASN A 542 -2.15 31.53 3.74
N PHE A 543 -1.53 31.30 2.58
CA PHE A 543 -1.60 32.22 1.43
C PHE A 543 -2.53 31.64 0.37
N ASN A 544 -3.74 32.19 0.30
CA ASN A 544 -4.73 31.79 -0.70
C ASN A 544 -5.00 30.28 -0.69
N GLY A 545 -5.01 29.68 0.50
CA GLY A 545 -5.24 28.25 0.62
C GLY A 545 -3.99 27.39 0.70
N LEU A 546 -2.80 27.98 0.56
CA LEU A 546 -1.54 27.25 0.60
C LEU A 546 -0.93 27.52 1.98
N THR A 547 -0.90 26.49 2.81
CA THR A 547 -0.51 26.65 4.20
C THR A 547 0.91 26.15 4.43
N GLY A 548 1.44 26.50 5.60
CA GLY A 548 2.75 26.01 5.98
C GLY A 548 3.29 26.82 7.14
N THR A 549 4.54 26.49 7.50
CA THR A 549 5.25 27.17 8.57
C THR A 549 6.59 27.65 8.03
N GLY A 550 6.94 28.89 8.30
CA GLY A 550 8.23 29.39 7.85
C GLY A 550 8.36 30.88 8.13
N VAL A 551 9.43 31.45 7.59
CA VAL A 551 9.75 32.86 7.75
C VAL A 551 9.60 33.53 6.39
N LEU A 552 8.81 34.60 6.36
CA LEU A 552 8.57 35.36 5.14
C LEU A 552 9.59 36.47 5.01
N THR A 553 10.11 36.65 3.80
CA THR A 553 11.02 37.75 3.52
C THR A 553 10.68 38.34 2.16
N GLU A 554 11.16 39.57 1.90
CA GLU A 554 10.98 40.12 0.57
C GLU A 554 11.81 39.31 -0.41
N SER A 555 11.24 39.03 -1.57
CA SER A 555 11.93 38.26 -2.60
C SER A 555 12.60 39.15 -3.63
N ASN A 556 13.68 38.64 -4.20
CA ASN A 556 14.38 39.27 -5.31
C ASN A 556 13.97 38.70 -6.66
N LYS A 557 13.00 37.80 -6.67
CA LYS A 557 12.51 37.16 -7.88
C LYS A 557 11.35 37.96 -8.48
N LYS A 558 11.19 37.85 -9.79
CA LYS A 558 10.09 38.48 -10.50
C LYS A 558 9.31 37.40 -11.23
N PHE A 559 8.02 37.31 -10.94
CA PHE A 559 7.14 36.33 -11.58
C PHE A 559 6.59 36.89 -12.88
N LEU A 560 6.31 35.99 -13.82
CA LEU A 560 5.69 36.41 -15.05
C LEU A 560 4.27 36.85 -14.72
N PRO A 561 3.64 37.68 -15.57
CA PRO A 561 2.29 38.18 -15.26
C PRO A 561 1.28 37.10 -14.90
N PHE A 562 1.45 35.87 -15.39
CA PHE A 562 0.52 34.78 -15.11
C PHE A 562 0.98 33.82 -14.02
N GLN A 563 2.22 33.95 -13.51
CA GLN A 563 2.74 33.00 -12.55
C GLN A 563 2.45 33.46 -11.12
N GLN A 564 1.85 32.58 -10.32
CA GLN A 564 1.46 32.89 -8.96
C GLN A 564 2.39 32.33 -7.89
N PHE A 565 3.03 31.18 -8.12
CA PHE A 565 3.83 30.52 -7.11
C PHE A 565 5.19 30.12 -7.64
N GLY A 566 6.18 30.12 -6.75
CA GLY A 566 7.50 29.59 -7.05
C GLY A 566 7.71 28.31 -6.26
N ARG A 567 8.44 27.37 -6.84
CA ARG A 567 8.68 26.09 -6.21
C ARG A 567 10.15 25.72 -6.34
N ASP A 568 10.64 25.00 -5.33
CA ASP A 568 12.03 24.60 -5.23
C ASP A 568 12.30 23.31 -5.99
N ILE A 569 13.55 22.86 -5.96
CA ILE A 569 13.94 21.62 -6.64
C ILE A 569 13.28 20.42 -6.00
N ALA A 570 12.84 20.55 -4.75
CA ALA A 570 12.17 19.50 -3.99
C ALA A 570 10.67 19.50 -4.26
N ASP A 571 10.21 20.40 -5.14
CA ASP A 571 8.78 20.58 -5.42
C ASP A 571 8.03 21.03 -4.17
N THR A 572 8.60 22.00 -3.48
CA THR A 572 8.00 22.63 -2.31
C THR A 572 7.97 24.12 -2.62
N THR A 573 7.14 24.87 -1.92
CA THR A 573 7.06 26.29 -2.20
C THR A 573 8.31 27.01 -1.72
N ASP A 574 8.91 27.82 -2.61
CA ASP A 574 10.04 28.65 -2.23
C ASP A 574 9.65 30.12 -2.14
N ALA A 575 8.63 30.52 -2.89
CA ALA A 575 8.18 31.90 -2.92
C ALA A 575 6.72 31.91 -3.33
N VAL A 576 6.03 32.98 -2.93
CA VAL A 576 4.63 33.19 -3.23
C VAL A 576 4.41 34.66 -3.62
N ARG A 577 3.50 34.88 -4.57
CA ARG A 577 3.02 36.22 -4.87
C ARG A 577 1.83 36.45 -3.95
N ASP A 578 1.96 37.40 -3.03
CA ASP A 578 0.92 37.61 -2.03
C ASP A 578 -0.42 37.95 -2.69
N PRO A 579 -1.52 37.27 -2.33
CA PRO A 579 -2.82 37.52 -2.98
C PRO A 579 -3.45 38.86 -2.66
N GLN A 580 -3.02 39.57 -1.62
CA GLN A 580 -3.63 40.84 -1.22
C GLN A 580 -2.91 42.03 -1.84
N THR A 581 -1.58 41.99 -1.88
CA THR A 581 -0.76 43.02 -2.50
C THR A 581 0.18 42.22 -3.38
N LEU A 582 0.37 42.63 -4.63
CA LEU A 582 1.12 41.77 -5.54
C LEU A 582 2.64 41.94 -5.38
N GLU A 583 3.11 41.52 -4.22
CA GLU A 583 4.51 41.51 -3.85
C GLU A 583 4.99 40.07 -4.01
N ILE A 584 6.28 39.88 -4.30
CA ILE A 584 6.85 38.54 -4.35
C ILE A 584 7.58 38.35 -3.03
N LEU A 585 7.20 37.30 -2.29
CA LEU A 585 7.79 36.97 -1.00
C LEU A 585 8.46 35.61 -1.05
N ASP A 586 9.58 35.47 -0.35
CA ASP A 586 10.26 34.19 -0.20
C ASP A 586 9.78 33.59 1.12
N ILE A 587 9.80 32.26 1.21
CA ILE A 587 9.45 31.55 2.43
C ILE A 587 10.54 30.52 2.74
N THR A 588 11.10 30.59 3.95
CA THR A 588 12.19 29.71 4.39
C THR A 588 11.83 28.97 5.68
N PRO A 589 12.17 27.68 5.83
CA PRO A 589 11.91 27.01 7.11
C PRO A 589 12.58 27.71 8.28
N CYS A 590 11.93 27.62 9.45
CA CYS A 590 12.36 28.36 10.64
C CYS A 590 13.66 27.88 11.31
N SER A 591 14.12 26.64 11.10
CA SER A 591 15.33 26.23 11.83
C SER A 591 16.07 25.08 11.16
N PHE A 592 17.39 25.04 11.41
CA PHE A 592 18.25 23.94 10.97
C PHE A 592 18.54 22.91 12.06
N GLY A 593 18.13 23.15 13.30
CA GLY A 593 18.43 22.20 14.36
C GLY A 593 19.93 22.03 14.58
N GLY A 594 20.38 20.78 14.60
CA GLY A 594 21.78 20.46 14.79
C GLY A 594 22.20 20.44 16.25
N VAL A 595 21.52 19.66 17.08
CA VAL A 595 21.76 19.63 18.52
C VAL A 595 22.16 18.22 18.95
N SER A 596 23.23 18.14 19.73
CA SER A 596 23.73 16.89 20.29
C SER A 596 24.06 17.17 21.74
N VAL A 597 24.00 16.15 22.62
CA VAL A 597 24.28 16.35 24.03
C VAL A 597 25.47 15.51 24.44
N ILE A 598 26.40 16.15 25.15
CA ILE A 598 27.60 15.52 25.68
C ILE A 598 27.22 15.09 27.08
N THR A 599 27.24 13.77 27.33
CA THR A 599 26.77 13.24 28.58
C THR A 599 27.79 12.32 29.26
N PRO A 600 28.18 12.58 30.51
CA PRO A 600 29.02 11.63 31.24
C PRO A 600 28.10 10.51 31.70
N GLY A 601 28.68 9.39 32.12
CA GLY A 601 27.84 8.31 32.57
C GLY A 601 27.01 8.72 33.78
N THR A 602 25.79 8.19 33.82
CA THR A 602 24.83 8.53 34.86
C THR A 602 25.15 7.90 36.21
N ASN A 603 26.14 7.02 36.29
CA ASN A 603 26.53 6.43 37.55
C ASN A 603 27.55 7.29 38.27
N THR A 604 27.91 8.44 37.72
CA THR A 604 28.86 9.38 38.30
C THR A 604 28.24 10.75 38.53
N SER A 605 27.63 11.35 37.51
CA SER A 605 27.10 12.70 37.62
C SER A 605 25.98 12.88 36.61
N ASN A 606 25.02 13.73 36.97
CA ASN A 606 23.90 14.05 36.09
C ASN A 606 24.09 15.35 35.32
N GLN A 607 25.29 15.94 35.37
CA GLN A 607 25.55 17.16 34.62
C GLN A 607 25.75 16.81 33.16
N VAL A 608 25.18 17.64 32.28
CA VAL A 608 25.34 17.48 30.84
C VAL A 608 25.69 18.81 30.20
N ALA A 609 26.20 18.74 28.98
CA ALA A 609 26.50 19.91 28.16
C ALA A 609 25.86 19.69 26.80
N VAL A 610 25.44 20.76 26.13
CA VAL A 610 24.76 20.64 24.85
C VAL A 610 25.53 21.37 23.78
N LEU A 611 25.80 20.68 22.67
CA LEU A 611 26.47 21.22 21.49
C LEU A 611 25.42 21.62 20.46
N TYR A 612 25.53 22.86 19.97
CA TYR A 612 24.68 23.38 18.90
C TYR A 612 25.57 23.53 17.68
N GLN A 613 25.37 22.62 16.73
CA GLN A 613 26.24 22.47 15.57
C GLN A 613 26.26 23.69 14.66
N ASP A 614 25.11 24.36 14.51
CA ASP A 614 24.99 25.52 13.63
C ASP A 614 24.77 26.85 14.34
N VAL A 615 25.16 26.97 15.60
CA VAL A 615 25.01 28.21 16.34
C VAL A 615 26.39 28.81 16.51
N ASN A 616 26.53 30.08 16.10
CA ASN A 616 27.76 30.83 16.26
C ASN A 616 27.56 31.70 17.50
N CYS A 617 28.12 31.27 18.61
CA CYS A 617 27.93 31.96 19.88
C CYS A 617 28.86 33.15 20.06
N THR A 618 29.71 33.47 19.08
CA THR A 618 30.62 34.62 19.15
C THR A 618 30.38 35.64 18.05
N GLU A 619 30.02 35.19 16.85
CA GLU A 619 29.80 36.08 15.70
C GLU A 619 30.98 37.01 15.47
N THR A 632 17.69 33.54 22.33
CA THR A 632 18.22 33.81 21.00
C THR A 632 19.20 32.71 20.58
N TRP A 633 19.89 32.94 19.46
CA TRP A 633 20.93 32.03 18.96
C TRP A 633 20.44 30.59 18.76
N ARG A 634 19.12 30.35 18.73
CA ARG A 634 18.58 29.00 18.65
C ARG A 634 19.11 28.13 19.79
N VAL A 635 19.17 28.69 21.00
CA VAL A 635 19.67 28.00 22.16
C VAL A 635 18.54 27.72 23.15
N TYR A 636 18.44 26.47 23.58
CA TYR A 636 17.42 26.05 24.54
C TYR A 636 17.56 26.80 25.86
N SER A 637 18.77 26.75 26.44
CA SER A 637 19.11 27.46 27.67
C SER A 637 20.60 27.75 27.61
N THR A 638 21.05 28.71 28.42
CA THR A 638 22.48 29.03 28.45
C THR A 638 23.16 28.75 29.78
N GLY A 639 23.20 29.72 30.69
CA GLY A 639 23.90 29.52 31.95
C GLY A 639 25.40 29.72 31.85
N SER A 640 25.87 30.55 30.92
CA SER A 640 27.29 30.82 30.71
C SER A 640 28.00 29.53 30.26
N ASN A 641 29.32 29.46 30.44
CA ASN A 641 30.10 28.32 29.96
C ASN A 641 29.89 28.08 28.47
N VAL A 642 29.99 29.15 27.68
CA VAL A 642 29.77 29.08 26.23
C VAL A 642 31.12 29.01 25.54
N PHE A 643 31.38 27.90 24.83
CA PHE A 643 32.64 27.66 24.13
C PHE A 643 32.36 27.38 22.66
N GLN A 644 32.73 28.31 21.78
CA GLN A 644 32.52 28.14 20.34
C GLN A 644 33.64 27.30 19.76
N THR A 645 33.29 26.37 18.85
CA THR A 645 34.28 25.57 18.14
C THR A 645 33.93 25.53 16.65
N ARG A 646 34.81 24.93 15.85
CA ARG A 646 34.51 24.79 14.43
C ARG A 646 33.35 23.83 14.21
N ALA A 647 33.00 23.03 15.21
CA ALA A 647 31.90 22.09 15.19
C ALA A 647 30.61 22.74 15.67
N GLY A 648 30.65 24.02 16.02
CA GLY A 648 29.53 24.74 16.59
C GLY A 648 29.83 25.09 18.04
N CYS A 649 28.98 25.93 18.60
CA CYS A 649 29.19 26.27 20.01
C CYS A 649 28.50 25.29 20.94
N LEU A 650 29.13 25.05 22.07
CA LEU A 650 28.57 24.19 23.12
C LEU A 650 28.42 25.00 24.39
N ILE A 651 27.42 24.62 25.18
CA ILE A 651 27.13 25.30 26.43
C ILE A 651 27.04 24.29 27.56
N GLY A 652 27.75 24.59 28.64
CA GLY A 652 27.75 23.83 29.88
C GLY A 652 29.10 23.31 30.30
N ALA A 653 30.02 23.13 29.36
CA ALA A 653 31.37 22.68 29.67
C ALA A 653 32.30 23.87 29.85
N GLU A 654 33.32 23.70 30.68
CA GLU A 654 34.31 24.74 30.86
C GLU A 654 35.27 24.69 29.68
N HIS A 655 35.84 25.83 29.33
CA HIS A 655 36.88 25.87 28.29
C HIS A 655 38.23 25.95 28.97
N VAL A 656 39.04 24.92 28.79
CA VAL A 656 40.38 24.81 29.39
C VAL A 656 41.36 24.74 28.22
N ASN A 657 42.40 25.57 28.27
CA ASN A 657 43.39 25.63 27.19
C ASN A 657 44.61 24.74 27.43
N ASN A 658 44.55 23.87 28.43
CA ASN A 658 45.61 22.91 28.71
C ASN A 658 45.27 21.62 27.97
N SER A 659 46.03 21.32 26.92
CA SER A 659 45.69 20.18 26.10
C SER A 659 45.82 18.90 26.91
N TYR A 660 45.08 17.88 26.51
CA TYR A 660 45.03 16.66 27.30
C TYR A 660 44.62 15.50 26.39
N GLU A 661 44.58 14.30 26.96
CA GLU A 661 44.16 13.11 26.24
C GLU A 661 42.66 13.15 26.00
N CYS A 662 42.24 12.73 24.82
CA CYS A 662 40.82 12.75 24.49
C CYS A 662 40.10 11.57 25.12
N ASP A 663 38.88 11.85 25.56
CA ASP A 663 37.97 10.90 26.18
C ASP A 663 36.68 10.81 25.37
N ILE A 664 35.85 11.85 25.44
CA ILE A 664 34.61 11.91 24.68
C ILE A 664 34.86 12.85 23.50
N PRO A 665 34.98 12.34 22.27
CA PRO A 665 35.34 13.23 21.16
C PRO A 665 34.16 14.14 20.85
N ILE A 666 34.44 15.39 20.48
CA ILE A 666 33.41 16.32 20.05
C ILE A 666 33.49 16.55 18.55
N GLY A 667 34.68 16.86 18.06
CA GLY A 667 34.87 17.11 16.64
C GLY A 667 35.74 18.32 16.37
N ALA A 668 36.33 18.33 15.17
CA ALA A 668 37.15 19.44 14.69
C ALA A 668 38.24 19.82 15.68
N GLY A 669 38.89 18.82 16.25
CA GLY A 669 40.00 19.07 17.14
C GLY A 669 39.62 19.26 18.58
N ILE A 670 38.34 19.28 18.92
CA ILE A 670 37.88 19.51 20.29
C ILE A 670 37.33 18.20 20.84
N CYS A 671 37.55 18.00 22.15
CA CYS A 671 37.11 16.82 22.86
C CYS A 671 36.69 17.25 24.26
N ALA A 672 36.15 16.32 25.03
CA ALA A 672 35.73 16.64 26.40
C ALA A 672 35.85 15.42 27.30
N SER A 673 35.93 15.72 28.59
CA SER A 673 36.00 14.70 29.63
C SER A 673 35.38 15.28 30.89
N TYR A 674 35.15 14.42 31.88
CA TYR A 674 34.58 14.82 33.16
C TYR A 674 35.70 14.82 34.18
N GLN A 675 35.92 15.96 34.85
CA GLN A 675 37.04 16.13 35.76
C GLN A 675 36.59 16.71 37.09
N THR A 676 37.35 16.39 38.12
CA THR A 676 37.13 16.92 39.46
C THR A 676 37.81 18.28 39.58
N SER A 689 34.56 19.77 43.37
CA SER A 689 34.40 20.74 42.28
C SER A 689 34.46 20.02 40.93
N GLN A 690 33.46 19.19 40.67
CA GLN A 690 33.41 18.41 39.44
C GLN A 690 32.68 19.17 38.34
N SER A 691 33.14 19.00 37.11
CA SER A 691 32.47 19.59 35.96
C SER A 691 32.91 18.89 34.69
N ILE A 692 32.20 19.17 33.61
CA ILE A 692 32.58 18.71 32.28
C ILE A 692 33.55 19.73 31.71
N ILE A 693 34.69 19.25 31.23
CA ILE A 693 35.76 20.08 30.68
C ILE A 693 35.86 19.84 29.20
N ALA A 694 35.88 20.93 28.42
CA ALA A 694 36.08 20.89 26.98
C ALA A 694 37.51 21.38 26.72
N TYR A 695 38.19 20.72 25.79
CA TYR A 695 39.59 21.09 25.53
C TYR A 695 40.02 20.67 24.14
N THR A 696 41.14 21.26 23.71
CA THR A 696 41.79 20.89 22.47
C THR A 696 42.54 19.59 22.71
N MET A 697 42.45 18.66 21.76
CA MET A 697 43.11 17.39 21.95
C MET A 697 44.62 17.50 21.80
N SER A 698 45.32 16.71 22.63
CA SER A 698 46.76 16.54 22.53
C SER A 698 47.00 15.35 21.63
N LEU A 699 47.74 15.56 20.53
CA LEU A 699 47.93 14.47 19.59
C LEU A 699 48.94 13.47 20.13
N GLY A 700 49.89 13.93 20.92
CA GLY A 700 50.93 13.07 21.45
C GLY A 700 51.96 13.91 22.17
N ALA A 701 52.92 13.22 22.77
CA ALA A 701 53.98 13.95 23.45
C ALA A 701 54.91 14.52 22.39
N GLU A 702 55.45 15.70 22.65
CA GLU A 702 56.45 16.24 21.75
C GLU A 702 57.81 15.65 22.08
N ASN A 703 58.60 15.45 21.03
CA ASN A 703 59.94 14.91 21.17
C ASN A 703 60.77 15.47 20.03
N SER A 704 62.04 15.09 20.01
CA SER A 704 62.91 15.53 18.94
C SER A 704 64.03 14.50 18.83
N CYS A 705 64.72 14.54 17.70
CA CYS A 705 65.88 13.70 17.49
C CYS A 705 66.91 14.51 16.73
N ALA A 706 68.12 14.61 17.29
CA ALA A 706 69.13 15.42 16.63
C ALA A 706 69.54 14.78 15.32
N TYR A 707 69.83 15.61 14.33
CA TYR A 707 70.40 15.14 13.07
C TYR A 707 71.87 15.50 13.12
N SER A 708 72.72 14.49 13.19
CA SER A 708 74.16 14.67 13.27
C SER A 708 74.79 13.75 12.25
N ASN A 709 75.49 14.34 11.29
CA ASN A 709 76.06 13.56 10.20
C ASN A 709 77.25 12.72 10.63
N ASN A 710 77.76 12.92 11.86
CA ASN A 710 78.88 12.16 12.39
C ASN A 710 78.53 11.42 13.68
N SER A 711 77.24 11.20 13.96
CA SER A 711 76.85 10.52 15.20
C SER A 711 75.65 9.61 15.00
N ILE A 712 75.71 8.45 15.65
CA ILE A 712 74.68 7.42 15.65
C ILE A 712 74.39 7.04 17.09
N ALA A 713 73.21 6.47 17.31
CA ALA A 713 72.86 5.86 18.58
C ALA A 713 72.83 4.35 18.36
N ILE A 714 73.29 3.61 19.35
CA ILE A 714 73.28 2.14 19.29
C ILE A 714 72.70 1.54 20.56
N PRO A 715 71.75 0.60 20.48
CA PRO A 715 71.25 -0.04 21.69
C PRO A 715 72.36 -0.79 22.40
N THR A 716 72.35 -0.68 23.73
CA THR A 716 73.27 -1.40 24.60
C THR A 716 72.59 -2.48 25.41
N ASN A 717 71.27 -2.43 25.52
CA ASN A 717 70.48 -3.37 26.27
C ASN A 717 69.19 -3.57 25.48
N PHE A 718 68.39 -4.55 25.90
CA PHE A 718 67.16 -4.84 25.18
C PHE A 718 66.17 -5.45 26.14
N THR A 719 64.91 -5.48 25.70
CA THR A 719 63.86 -6.12 26.48
C THR A 719 62.95 -6.96 25.60
N ILE A 720 62.39 -7.98 26.22
CA ILE A 720 61.36 -8.81 25.59
C ILE A 720 60.03 -8.19 25.96
N SER A 721 59.21 -7.91 24.95
CA SER A 721 57.91 -7.29 25.16
C SER A 721 56.85 -8.22 24.63
N VAL A 722 55.77 -8.36 25.39
CA VAL A 722 54.64 -9.19 25.01
C VAL A 722 53.41 -8.31 24.91
N THR A 723 52.76 -8.36 23.76
CA THR A 723 51.57 -7.57 23.46
C THR A 723 50.48 -8.51 22.99
N THR A 724 49.25 -8.02 22.93
CA THR A 724 48.14 -8.84 22.48
C THR A 724 47.47 -8.22 21.27
N GLU A 725 46.82 -9.08 20.49
CA GLU A 725 46.02 -8.69 19.34
C GLU A 725 44.73 -9.48 19.39
N ILE A 726 43.59 -8.82 19.19
CA ILE A 726 42.28 -9.46 19.29
C ILE A 726 41.59 -9.37 17.94
N LEU A 727 41.10 -10.51 17.43
CA LEU A 727 40.34 -10.50 16.18
C LEU A 727 39.06 -11.33 16.31
N PRO A 728 37.92 -10.82 15.83
CA PRO A 728 36.75 -11.68 15.68
C PRO A 728 37.03 -12.77 14.64
N VAL A 729 36.49 -13.96 14.88
CA VAL A 729 36.57 -15.07 13.92
C VAL A 729 35.19 -15.47 13.43
N SER A 730 34.20 -15.48 14.31
CA SER A 730 32.87 -15.94 13.95
C SER A 730 31.86 -15.11 14.72
N MET A 731 30.60 -15.24 14.31
CA MET A 731 29.49 -14.61 14.99
C MET A 731 28.37 -15.64 15.10
N THR A 732 27.44 -15.37 16.01
CA THR A 732 26.32 -16.28 16.22
C THR A 732 25.57 -16.52 14.92
N LYS A 733 25.34 -17.79 14.62
CA LYS A 733 24.61 -18.18 13.42
C LYS A 733 23.13 -18.11 13.72
N THR A 734 22.38 -17.38 12.89
CA THR A 734 20.96 -17.22 13.11
C THR A 734 20.20 -17.63 11.86
N SER A 735 19.12 -18.38 12.09
CA SER A 735 18.18 -18.81 11.08
C SER A 735 16.83 -18.23 11.46
N VAL A 736 16.04 -17.83 10.47
CA VAL A 736 14.75 -17.23 10.73
C VAL A 736 13.69 -17.96 9.91
N ASP A 737 12.61 -18.36 10.58
CA ASP A 737 11.48 -18.95 9.89
C ASP A 737 10.59 -17.76 9.54
N CYS A 738 10.65 -17.33 8.29
CA CYS A 738 9.93 -16.15 7.89
C CYS A 738 8.42 -16.34 7.91
N THR A 739 7.94 -17.60 7.84
CA THR A 739 6.49 -17.82 7.89
C THR A 739 5.97 -17.69 9.32
N MET A 740 6.66 -18.30 10.29
CA MET A 740 6.21 -18.17 11.67
C MET A 740 6.29 -16.73 12.13
N TYR A 741 7.32 -16.01 11.68
CA TYR A 741 7.47 -14.61 12.07
C TYR A 741 6.34 -13.77 11.50
N ILE A 742 6.05 -13.93 10.21
CA ILE A 742 5.07 -13.06 9.58
C ILE A 742 3.66 -13.42 10.06
N CYS A 743 3.33 -14.71 10.07
CA CYS A 743 1.98 -15.17 10.38
C CYS A 743 1.94 -15.93 11.69
N GLY A 744 1.02 -15.54 12.56
CA GLY A 744 0.82 -16.20 13.84
C GLY A 744 -0.03 -17.45 13.72
N ASP A 745 0.43 -18.41 12.91
CA ASP A 745 -0.31 -19.64 12.64
C ASP A 745 -1.72 -19.36 12.14
N SER A 746 -1.84 -18.34 11.28
CA SER A 746 -3.12 -17.96 10.69
C SER A 746 -3.18 -18.49 9.26
N THR A 747 -4.19 -19.29 8.96
CA THR A 747 -4.30 -19.84 7.61
C THR A 747 -4.46 -18.73 6.59
N GLU A 748 -5.28 -17.72 6.91
CA GLU A 748 -5.53 -16.63 5.97
C GLU A 748 -4.25 -15.86 5.71
N CYS A 749 -3.48 -15.62 6.77
CA CYS A 749 -2.20 -14.93 6.64
C CYS A 749 -1.26 -15.75 5.78
N SER A 750 -1.21 -17.06 6.01
CA SER A 750 -0.34 -17.92 5.23
C SER A 750 -0.72 -17.88 3.75
N ASN A 751 -2.03 -17.94 3.46
CA ASN A 751 -2.48 -17.92 2.08
C ASN A 751 -2.10 -16.61 1.41
N LEU A 752 -2.14 -15.52 2.16
CA LEU A 752 -1.70 -14.25 1.61
C LEU A 752 -0.18 -14.25 1.43
N LEU A 753 0.53 -14.86 2.36
CA LEU A 753 1.99 -14.91 2.31
C LEU A 753 2.46 -15.66 1.07
N LEU A 754 1.70 -16.67 0.64
CA LEU A 754 2.14 -17.43 -0.52
C LEU A 754 2.22 -16.54 -1.75
N GLN A 755 1.55 -15.39 -1.76
CA GLN A 755 1.63 -14.50 -2.90
C GLN A 755 3.00 -13.85 -2.98
N TYR A 756 3.76 -13.87 -1.87
CA TYR A 756 5.11 -13.30 -1.79
C TYR A 756 6.12 -14.37 -1.34
N GLY A 757 5.74 -15.64 -1.46
CA GLY A 757 6.50 -16.73 -0.86
C GLY A 757 7.96 -16.79 -1.27
N SER A 758 8.27 -16.42 -2.51
CA SER A 758 9.66 -16.50 -2.95
C SER A 758 10.55 -15.51 -2.23
N PHE A 759 9.99 -14.45 -1.64
CA PHE A 759 10.82 -13.51 -0.91
C PHE A 759 11.19 -14.11 0.43
N CYS A 760 10.24 -14.89 0.98
CA CYS A 760 10.42 -15.53 2.26
C CYS A 760 11.49 -16.61 2.11
N THR A 761 11.40 -17.38 1.03
CA THR A 761 12.39 -18.42 0.75
C THR A 761 13.76 -17.78 0.50
N GLN A 762 13.82 -16.71 -0.29
CA GLN A 762 15.10 -16.08 -0.58
C GLN A 762 15.79 -15.57 0.69
N LEU A 763 15.01 -14.97 1.60
CA LEU A 763 15.64 -14.49 2.84
C LEU A 763 16.17 -15.67 3.63
N ASN A 764 15.42 -16.78 3.64
CA ASN A 764 15.90 -17.96 4.36
C ASN A 764 17.22 -18.44 3.76
N ARG A 765 17.32 -18.43 2.42
CA ARG A 765 18.54 -18.88 1.77
C ARG A 765 19.72 -17.98 2.12
N ALA A 766 19.50 -16.67 2.15
CA ALA A 766 20.60 -15.77 2.48
C ALA A 766 21.11 -16.04 3.89
N LEU A 767 20.19 -16.25 4.83
CA LEU A 767 20.64 -16.50 6.19
C LEU A 767 21.37 -17.83 6.29
N THR A 768 20.93 -18.83 5.51
CA THR A 768 21.63 -20.10 5.54
C THR A 768 23.06 -19.93 5.03
N GLY A 769 23.22 -19.17 3.93
CA GLY A 769 24.55 -18.95 3.40
C GLY A 769 25.46 -18.29 4.42
N ILE A 770 24.91 -17.37 5.21
CA ILE A 770 25.72 -16.71 6.24
C ILE A 770 26.15 -17.74 7.27
N ALA A 771 25.20 -18.58 7.71
CA ALA A 771 25.52 -19.58 8.72
C ALA A 771 26.63 -20.50 8.24
N VAL A 772 26.61 -20.86 6.95
CA VAL A 772 27.65 -21.73 6.40
C VAL A 772 28.99 -21.02 6.43
N GLU A 773 29.00 -19.74 6.07
CA GLU A 773 30.25 -18.99 6.07
C GLU A 773 30.86 -18.91 7.45
N GLN A 774 30.04 -18.85 8.50
CA GLN A 774 30.66 -18.77 9.83
C GLN A 774 31.49 -19.99 10.16
N ASP A 775 31.07 -21.17 9.70
CA ASP A 775 31.88 -22.35 9.99
C ASP A 775 33.07 -22.41 9.05
N LYS A 776 32.90 -21.94 7.83
CA LYS A 776 34.06 -21.93 6.93
C LYS A 776 35.14 -21.03 7.49
N ASN A 777 34.75 -19.86 8.01
CA ASN A 777 35.72 -18.91 8.55
C ASN A 777 36.40 -19.49 9.77
N THR A 778 35.62 -20.17 10.62
CA THR A 778 36.21 -20.74 11.82
C THR A 778 37.25 -21.78 11.46
N GLN A 779 36.94 -22.66 10.51
CA GLN A 779 37.95 -23.65 10.15
C GLN A 779 39.16 -23.01 9.50
N GLU A 780 38.97 -22.00 8.63
CA GLU A 780 40.16 -21.41 7.99
C GLU A 780 41.08 -20.80 9.02
N VAL A 781 40.53 -20.17 10.06
CA VAL A 781 41.42 -19.62 11.07
C VAL A 781 42.06 -20.75 11.87
N PHE A 782 41.27 -21.77 12.23
CA PHE A 782 41.72 -22.88 13.08
C PHE A 782 41.79 -24.25 12.39
N ALA A 783 42.21 -24.35 11.14
CA ALA A 783 42.36 -25.68 10.52
C ALA A 783 43.50 -25.66 9.51
N GLN A 784 44.67 -25.17 9.93
CA GLN A 784 45.83 -25.12 9.07
C GLN A 784 46.76 -26.32 9.28
N VAL A 785 46.63 -27.01 10.42
CA VAL A 785 47.47 -28.14 10.77
C VAL A 785 46.57 -29.34 10.99
N LYS A 786 46.84 -30.44 10.30
CA LYS A 786 46.03 -31.65 10.38
C LYS A 786 46.64 -32.72 11.28
N GLN A 787 47.64 -32.36 12.07
CA GLN A 787 48.26 -33.24 13.05
C GLN A 787 48.05 -32.61 14.41
N ILE A 788 47.66 -33.43 15.38
CA ILE A 788 47.38 -32.97 16.74
C ILE A 788 48.55 -33.43 17.60
N TYR A 789 49.37 -32.47 18.02
CA TYR A 789 50.57 -32.77 18.78
C TYR A 789 50.24 -32.83 20.26
N LYS A 790 50.81 -33.80 20.96
CA LYS A 790 50.59 -33.92 22.39
C LYS A 790 51.36 -32.83 23.13
N THR A 791 50.77 -32.35 24.21
CA THR A 791 51.48 -31.38 25.02
C THR A 791 52.56 -32.11 25.82
N PRO A 792 53.81 -31.69 25.78
CA PRO A 792 54.83 -32.38 26.58
C PRO A 792 54.51 -32.30 28.05
N PRO A 793 54.98 -33.27 28.85
CA PRO A 793 54.79 -33.16 30.31
C PRO A 793 55.61 -32.03 30.92
N ILE A 794 56.62 -31.54 30.22
CA ILE A 794 57.46 -30.45 30.70
C ILE A 794 56.77 -29.15 30.34
N LYS A 795 56.69 -28.24 31.30
CA LYS A 795 56.08 -26.93 31.12
C LYS A 795 57.11 -25.79 31.15
N ASP A 796 58.37 -26.09 31.43
CA ASP A 796 59.43 -25.09 31.56
C ASP A 796 60.61 -25.55 30.70
N PHE A 797 60.90 -24.80 29.63
CA PHE A 797 61.89 -25.21 28.65
C PHE A 797 63.03 -24.19 28.61
N GLY A 798 64.17 -24.55 29.19
CA GLY A 798 65.28 -23.63 29.16
C GLY A 798 65.05 -22.37 29.94
N GLY A 799 64.20 -22.42 30.96
CA GLY A 799 63.85 -21.24 31.71
C GLY A 799 62.59 -20.56 31.26
N PHE A 800 62.03 -20.94 30.12
CA PHE A 800 60.82 -20.32 29.58
C PHE A 800 59.61 -21.05 30.14
N ASN A 801 58.82 -20.34 30.95
CA ASN A 801 57.67 -20.90 31.66
C ASN A 801 56.41 -20.76 30.83
N PHE A 802 55.84 -21.89 30.40
CA PHE A 802 54.62 -21.93 29.59
C PHE A 802 53.41 -22.42 30.37
N SER A 803 53.49 -22.48 31.71
CA SER A 803 52.38 -23.03 32.48
C SER A 803 51.11 -22.21 32.34
N GLN A 804 51.21 -20.92 32.00
CA GLN A 804 50.02 -20.10 31.81
C GLN A 804 49.52 -20.11 30.37
N ILE A 805 50.25 -20.75 29.46
CA ILE A 805 49.92 -20.79 28.05
C ILE A 805 49.32 -22.13 27.66
N LEU A 806 49.94 -23.20 28.11
CA LEU A 806 49.50 -24.55 27.78
C LEU A 806 48.28 -24.92 28.60
N PRO A 807 47.43 -25.82 28.09
CA PRO A 807 46.20 -26.16 28.83
C PRO A 807 46.49 -26.86 30.14
N ASP A 808 45.61 -26.60 31.11
CA ASP A 808 45.68 -27.23 32.41
C ASP A 808 44.84 -28.50 32.35
N PRO A 809 45.46 -29.70 32.39
CA PRO A 809 44.67 -30.93 32.21
C PRO A 809 43.73 -31.24 33.37
N SER A 810 43.87 -30.56 34.51
CA SER A 810 43.06 -30.84 35.69
C SER A 810 41.71 -30.15 35.69
N LYS A 811 41.44 -29.22 34.74
CA LYS A 811 40.18 -28.49 34.72
C LYS A 811 39.22 -29.16 33.74
N PRO A 812 37.89 -29.15 34.01
CA PRO A 812 36.93 -29.69 33.02
C PRO A 812 37.11 -29.10 31.63
N SER A 813 37.44 -27.82 31.57
CA SER A 813 37.70 -27.12 30.32
C SER A 813 39.20 -27.11 30.10
N LYS A 814 39.65 -27.70 29.00
CA LYS A 814 41.09 -27.83 28.76
C LYS A 814 41.60 -26.51 28.21
N ARG A 815 41.62 -25.52 29.09
CA ARG A 815 41.97 -24.15 28.77
C ARG A 815 43.11 -23.72 29.68
N SER A 816 43.92 -22.79 29.20
CA SER A 816 44.96 -22.22 30.04
C SER A 816 44.30 -21.22 30.98
N PRO A 817 44.97 -20.85 32.08
CA PRO A 817 44.42 -19.76 32.92
C PRO A 817 44.11 -18.51 32.12
N ILE A 818 44.95 -18.18 31.14
CA ILE A 818 44.68 -17.00 30.33
C ILE A 818 43.46 -17.25 29.45
N GLU A 819 43.36 -18.43 28.84
CA GLU A 819 42.20 -18.73 28.03
C GLU A 819 40.94 -18.71 28.89
N ASP A 820 41.05 -19.22 30.11
CA ASP A 820 39.91 -19.25 31.01
C ASP A 820 39.47 -17.83 31.33
N LEU A 821 40.43 -16.92 31.52
CA LEU A 821 40.07 -15.54 31.75
C LEU A 821 39.40 -14.96 30.52
N LEU A 822 39.87 -15.33 29.32
CA LEU A 822 39.26 -14.78 28.12
C LEU A 822 37.79 -15.19 28.05
N PHE A 823 37.51 -16.45 28.39
CA PHE A 823 36.14 -16.94 28.37
C PHE A 823 35.30 -16.33 29.48
N ASN A 824 35.92 -15.88 30.57
CA ASN A 824 35.18 -15.28 31.68
C ASN A 824 34.95 -13.78 31.54
N LYS A 825 35.34 -13.16 30.42
CA LYS A 825 35.08 -11.73 30.18
C LYS A 825 33.95 -11.48 29.20
N VAL A 826 33.78 -12.32 28.18
CA VAL A 826 32.71 -12.13 27.21
C VAL A 826 31.45 -12.77 27.79
N THR A 827 30.37 -11.99 27.81
CA THR A 827 29.09 -12.44 28.35
C THR A 827 28.18 -12.86 27.21
N LEU A 828 27.69 -14.10 27.28
CA LEU A 828 26.81 -14.67 26.26
C LEU A 828 25.46 -14.93 26.91
N ALA A 829 24.41 -14.35 26.33
CA ALA A 829 23.07 -14.50 26.88
C ALA A 829 22.54 -15.93 26.75
N ASP A 830 22.93 -16.65 25.71
CA ASP A 830 22.41 -17.98 25.44
C ASP A 830 23.23 -19.03 26.17
N ALA A 831 22.62 -19.66 27.17
CA ALA A 831 23.29 -20.67 27.99
C ALA A 831 23.21 -22.00 27.25
N GLY A 832 23.93 -22.06 26.16
CA GLY A 832 23.93 -23.20 25.26
C GLY A 832 22.86 -23.02 24.20
N PHE A 833 22.62 -24.09 23.44
CA PHE A 833 21.75 -24.04 22.28
C PHE A 833 20.46 -24.84 22.41
N ILE A 834 20.31 -25.66 23.44
CA ILE A 834 19.10 -26.46 23.65
C ILE A 834 18.34 -25.83 24.80
N LYS A 835 17.12 -25.39 24.51
CA LYS A 835 16.25 -24.75 25.48
C LYS A 835 15.09 -25.66 25.86
N GLN A 836 14.66 -26.51 24.93
CA GLN A 836 13.51 -27.41 25.07
C GLN A 836 12.23 -26.61 25.10
N TYR A 837 11.10 -27.30 25.22
CA TYR A 837 9.81 -26.66 25.27
C TYR A 837 9.40 -26.32 26.69
N GLY A 838 9.97 -27.01 27.68
CA GLY A 838 9.64 -26.74 29.06
C GLY A 838 10.32 -25.45 29.45
N ASP A 839 10.07 -25.03 30.69
CA ASP A 839 10.52 -23.74 31.22
C ASP A 839 9.81 -22.61 30.47
N CYS A 840 10.07 -22.49 29.16
CA CYS A 840 9.43 -21.46 28.35
C CYS A 840 7.91 -21.68 28.26
N LEU A 841 7.39 -22.84 28.66
CA LEU A 841 5.95 -23.07 28.64
C LEU A 841 5.24 -22.16 29.62
N GLY A 842 5.82 -21.90 30.79
CA GLY A 842 5.20 -21.07 31.78
C GLY A 842 5.66 -19.64 31.64
N ASP A 843 5.24 -18.79 32.56
CA ASP A 843 5.67 -17.41 32.53
C ASP A 843 7.07 -17.29 33.12
N ILE A 844 7.95 -16.63 32.38
CA ILE A 844 9.31 -16.37 32.82
C ILE A 844 9.30 -14.99 33.44
N ALA A 845 9.57 -14.90 34.74
CA ALA A 845 9.51 -13.61 35.42
C ALA A 845 10.49 -12.62 34.80
N ALA A 846 11.63 -13.12 34.34
CA ALA A 846 12.64 -12.29 33.72
C ALA A 846 12.37 -12.02 32.25
N ARG A 847 11.31 -12.61 31.68
CA ARG A 847 11.00 -12.48 30.26
C ARG A 847 12.22 -12.83 29.40
N ASP A 848 12.79 -14.00 29.67
CA ASP A 848 14.01 -14.47 29.02
C ASP A 848 13.84 -14.34 27.51
N LEU A 849 14.70 -13.53 26.90
CA LEU A 849 14.56 -13.18 25.49
C LEU A 849 14.65 -14.39 24.57
N ILE A 850 15.44 -15.42 24.92
CA ILE A 850 15.55 -16.55 24.00
C ILE A 850 14.20 -17.23 23.79
N CYS A 851 13.34 -17.22 24.81
CA CYS A 851 12.04 -17.88 24.64
C CYS A 851 11.21 -17.10 23.62
N ALA A 852 11.15 -15.78 23.78
CA ALA A 852 10.36 -14.94 22.89
C ALA A 852 10.90 -15.03 21.48
N GLN A 853 12.22 -15.03 21.34
CA GLN A 853 12.83 -15.06 20.02
C GLN A 853 12.53 -16.37 19.31
N LYS A 854 12.60 -17.50 20.05
CA LYS A 854 12.31 -18.77 19.42
C LYS A 854 10.83 -18.87 19.07
N PHE A 855 9.95 -18.30 19.90
CA PHE A 855 8.52 -18.38 19.61
C PHE A 855 8.16 -17.63 18.33
N ASN A 856 8.93 -16.61 17.98
CA ASN A 856 8.69 -15.84 16.77
C ASN A 856 9.46 -16.35 15.56
N GLY A 857 10.08 -17.53 15.67
CA GLY A 857 10.79 -18.12 14.55
C GLY A 857 12.24 -17.75 14.42
N LEU A 858 12.87 -17.19 15.46
CA LEU A 858 14.29 -16.82 15.41
C LEU A 858 15.04 -17.93 16.11
N THR A 859 15.85 -18.67 15.36
CA THR A 859 16.57 -19.84 15.84
C THR A 859 18.06 -19.55 15.88
N VAL A 860 18.66 -19.79 17.04
CA VAL A 860 20.10 -19.67 17.24
C VAL A 860 20.69 -21.04 16.95
N LEU A 861 21.69 -21.11 15.99
CA LEU A 861 22.22 -22.41 15.62
C LEU A 861 23.53 -22.68 16.35
N PRO A 862 23.85 -23.94 16.67
CA PRO A 862 25.13 -24.24 17.29
C PRO A 862 26.28 -24.10 16.30
N PRO A 863 27.49 -23.80 16.76
CA PRO A 863 28.64 -23.82 15.86
C PRO A 863 28.98 -25.25 15.51
N LEU A 864 29.66 -25.42 14.37
CA LEU A 864 30.12 -26.76 14.03
C LEU A 864 31.25 -27.23 14.93
N LEU A 865 32.17 -26.35 15.29
CA LEU A 865 33.28 -26.74 16.17
C LEU A 865 32.94 -26.30 17.58
N THR A 866 33.17 -27.19 18.53
CA THR A 866 32.88 -26.93 19.93
C THR A 866 34.04 -26.20 20.56
N ASP A 867 33.82 -25.70 21.78
CA ASP A 867 34.91 -25.04 22.48
C ASP A 867 36.03 -26.02 22.78
N GLU A 868 35.70 -27.27 23.09
CA GLU A 868 36.74 -28.24 23.39
C GLU A 868 37.58 -28.51 22.15
N MET A 869 36.93 -28.60 20.99
CA MET A 869 37.67 -28.84 19.76
C MET A 869 38.59 -27.68 19.43
N ILE A 870 38.14 -26.45 19.64
CA ILE A 870 38.99 -25.30 19.34
C ILE A 870 40.15 -25.26 20.31
N ALA A 871 39.90 -25.48 21.60
CA ALA A 871 40.99 -25.45 22.57
C ALA A 871 42.00 -26.55 22.25
N GLN A 872 41.52 -27.72 21.84
CA GLN A 872 42.40 -28.83 21.51
C GLN A 872 43.26 -28.49 20.31
N TYR A 873 42.64 -27.91 19.27
CA TYR A 873 43.39 -27.52 18.08
C TYR A 873 44.47 -26.51 18.45
N THR A 874 44.09 -25.47 19.20
CA THR A 874 45.05 -24.43 19.54
C THR A 874 46.19 -25.02 20.37
N SER A 875 45.85 -25.91 21.31
CA SER A 875 46.87 -26.54 22.12
C SER A 875 47.84 -27.29 21.22
N ALA A 876 47.29 -27.98 20.22
CA ALA A 876 48.15 -28.70 19.28
C ALA A 876 49.09 -27.73 18.57
N LEU A 877 48.60 -26.53 18.22
CA LEU A 877 49.49 -25.58 17.56
C LEU A 877 50.59 -25.12 18.51
N LEU A 878 50.26 -24.93 19.78
CA LEU A 878 51.27 -24.48 20.72
C LEU A 878 52.32 -25.56 20.92
N ALA A 879 51.89 -26.81 21.02
CA ALA A 879 52.85 -27.90 21.17
C ALA A 879 53.71 -28.00 19.93
N GLY A 880 53.10 -27.78 18.76
CA GLY A 880 53.83 -27.83 17.52
C GLY A 880 54.95 -26.81 17.48
N THR A 881 54.62 -25.55 17.73
CA THR A 881 55.65 -24.52 17.69
C THR A 881 56.70 -24.73 18.76
N ILE A 882 56.29 -25.06 19.98
CA ILE A 882 57.26 -25.21 21.06
C ILE A 882 58.22 -26.36 20.78
N CYS A 883 57.72 -27.50 20.29
CA CYS A 883 58.60 -28.63 20.04
C CYS A 883 59.42 -28.50 18.74
N SER A 884 58.86 -27.91 17.69
CA SER A 884 59.52 -27.90 16.38
C SER A 884 59.67 -26.53 15.73
N GLY A 885 59.39 -25.44 16.43
CA GLY A 885 59.54 -24.13 15.82
C GLY A 885 58.58 -23.98 14.65
N TRP A 886 59.08 -23.51 13.51
CA TRP A 886 58.21 -23.32 12.34
C TRP A 886 58.24 -24.50 11.38
N THR A 887 59.00 -25.55 11.66
CA THR A 887 59.13 -26.63 10.68
C THR A 887 57.82 -27.37 10.49
N PHE A 888 56.99 -27.46 11.53
CA PHE A 888 55.73 -28.19 11.38
C PHE A 888 54.75 -27.45 10.49
N GLY A 889 54.92 -26.15 10.31
CA GLY A 889 54.03 -25.42 9.43
C GLY A 889 54.31 -25.78 7.99
N ALA A 890 55.58 -25.69 7.59
CA ALA A 890 55.98 -26.02 6.23
C ALA A 890 55.71 -27.48 5.89
N GLY A 891 55.86 -28.37 6.87
CA GLY A 891 55.68 -29.78 6.64
C GLY A 891 55.94 -30.62 7.88
N PRO A 892 56.85 -31.60 7.84
CA PRO A 892 57.12 -32.38 9.05
C PRO A 892 57.66 -31.52 10.17
N ALA A 893 57.29 -31.89 11.40
CA ALA A 893 57.73 -31.22 12.60
C ALA A 893 59.08 -31.79 13.04
N LEU A 894 60.11 -30.97 12.99
CA LEU A 894 61.46 -31.38 13.34
C LEU A 894 61.77 -30.84 14.72
N GLN A 895 62.14 -31.72 15.66
CA GLN A 895 62.39 -31.24 17.01
C GLN A 895 63.64 -30.36 17.02
N ILE A 896 63.56 -29.26 17.76
CA ILE A 896 64.69 -28.36 17.94
C ILE A 896 64.69 -27.91 19.40
N PRO A 897 65.80 -27.96 20.14
CA PRO A 897 65.79 -27.41 21.51
C PRO A 897 65.29 -25.97 21.46
N PHE A 898 64.45 -25.60 22.41
CA PHE A 898 63.84 -24.27 22.39
C PHE A 898 64.87 -23.15 22.31
N PRO A 899 65.96 -23.13 23.09
CA PRO A 899 66.92 -22.03 22.97
C PRO A 899 67.49 -21.91 21.57
N MET A 900 67.48 -22.97 20.77
CA MET A 900 68.01 -22.83 19.42
C MET A 900 66.94 -22.23 18.54
N GLN A 901 65.66 -22.46 18.85
CA GLN A 901 64.64 -21.82 18.06
C GLN A 901 64.71 -20.33 18.30
N MET A 902 64.95 -19.95 19.55
CA MET A 902 65.08 -18.54 19.85
C MET A 902 66.33 -17.98 19.18
N ALA A 903 67.42 -18.76 19.14
CA ALA A 903 68.63 -18.27 18.50
C ALA A 903 68.38 -18.01 17.03
N TYR A 904 67.59 -18.87 16.39
CA TYR A 904 67.32 -18.67 14.97
C TYR A 904 66.46 -17.43 14.79
N ARG A 905 65.51 -17.24 15.72
CA ARG A 905 64.63 -16.09 15.64
C ARG A 905 65.44 -14.80 15.82
N PHE A 906 66.42 -14.81 16.73
CA PHE A 906 67.28 -13.65 16.92
C PHE A 906 68.06 -13.39 15.65
N ASN A 907 68.57 -14.46 15.02
CA ASN A 907 69.30 -14.27 13.78
C ASN A 907 68.40 -13.63 12.75
N GLY A 908 67.12 -14.00 12.78
CA GLY A 908 66.15 -13.38 11.89
C GLY A 908 65.97 -11.90 12.17
N ILE A 909 66.06 -11.52 13.46
CA ILE A 909 65.93 -10.11 13.82
C ILE A 909 67.10 -9.33 13.24
N GLY A 910 68.28 -9.91 13.33
CA GLY A 910 69.53 -9.32 12.90
C GLY A 910 70.45 -9.13 14.09
N VAL A 911 70.37 -10.06 15.04
CA VAL A 911 71.19 -10.06 16.24
C VAL A 911 71.84 -11.43 16.33
N THR A 912 73.14 -11.44 16.62
CA THR A 912 73.91 -12.67 16.72
C THR A 912 73.36 -13.60 17.80
N GLN A 913 73.57 -14.89 17.58
CA GLN A 913 73.12 -15.91 18.55
C GLN A 913 73.80 -15.70 19.90
N ASN A 914 74.96 -15.05 19.90
CA ASN A 914 75.68 -14.80 21.14
C ASN A 914 74.86 -14.00 22.12
N VAL A 915 74.01 -13.09 21.65
CA VAL A 915 73.29 -12.28 22.62
C VAL A 915 72.34 -13.18 23.41
N LEU A 916 71.64 -14.07 22.70
CA LEU A 916 70.71 -14.97 23.37
C LEU A 916 71.43 -15.92 24.31
N TYR A 917 72.55 -16.50 23.87
CA TYR A 917 73.21 -17.48 24.73
C TYR A 917 73.90 -16.80 25.91
N GLU A 918 74.39 -15.58 25.72
CA GLU A 918 75.08 -14.88 26.80
C GLU A 918 74.11 -14.46 27.89
N ASN A 919 72.91 -14.03 27.51
CA ASN A 919 71.89 -13.52 28.42
C ASN A 919 70.64 -14.40 28.49
N GLN A 920 70.78 -15.70 28.24
CA GLN A 920 69.61 -16.60 28.19
C GLN A 920 68.76 -16.51 29.45
N LYS A 921 69.37 -16.46 30.63
CA LYS A 921 68.57 -16.46 31.86
C LYS A 921 67.80 -15.16 31.99
N LEU A 922 68.43 -14.03 31.65
CA LEU A 922 67.76 -12.74 31.74
C LEU A 922 66.57 -12.72 30.79
N ILE A 923 66.77 -13.24 29.57
CA ILE A 923 65.72 -13.24 28.57
C ILE A 923 64.55 -14.08 29.06
N ALA A 924 64.85 -15.27 29.60
CA ALA A 924 63.78 -16.12 30.11
C ALA A 924 63.03 -15.43 31.25
N ASN A 925 63.75 -14.70 32.10
CA ASN A 925 63.07 -14.04 33.21
C ASN A 925 62.16 -12.93 32.70
N GLN A 926 62.62 -12.18 31.71
CA GLN A 926 61.77 -11.12 31.16
C GLN A 926 60.55 -11.72 30.49
N PHE A 927 60.74 -12.83 29.77
CA PHE A 927 59.62 -13.48 29.12
C PHE A 927 58.57 -13.89 30.14
N ASN A 928 59.01 -14.56 31.22
CA ASN A 928 58.07 -15.03 32.22
C ASN A 928 57.35 -13.88 32.90
N SER A 929 58.07 -12.78 33.15
CA SER A 929 57.44 -11.63 33.78
C SER A 929 56.43 -11.00 32.81
N ALA A 930 56.78 -10.92 31.53
CA ALA A 930 55.85 -10.34 30.57
C ALA A 930 54.58 -11.15 30.50
N ILE A 931 54.68 -12.48 30.59
CA ILE A 931 53.47 -13.30 30.54
C ILE A 931 52.64 -13.03 31.79
N GLY A 932 53.28 -12.95 32.96
CA GLY A 932 52.52 -12.65 34.16
C GLY A 932 51.81 -11.32 34.03
N LYS A 933 52.47 -10.35 33.39
CA LYS A 933 51.85 -9.06 33.17
C LYS A 933 50.64 -9.19 32.25
N ILE A 934 50.71 -10.09 31.26
CA ILE A 934 49.56 -10.26 30.37
C ILE A 934 48.40 -10.82 31.17
N GLN A 935 48.66 -11.80 32.03
CA GLN A 935 47.57 -12.38 32.81
C GLN A 935 46.94 -11.33 33.72
N ASP A 936 47.76 -10.47 34.33
CA ASP A 936 47.18 -9.45 35.19
C ASP A 936 46.44 -8.40 34.38
N SER A 937 46.98 -8.03 33.22
CA SER A 937 46.34 -7.03 32.39
C SER A 937 44.98 -7.50 31.93
N LEU A 938 44.89 -8.75 31.48
CA LEU A 938 43.62 -9.29 31.03
C LEU A 938 42.63 -9.41 32.18
N SER A 939 43.07 -9.94 33.33
CA SER A 939 42.17 -10.09 34.46
C SER A 939 41.65 -8.75 34.98
N SER A 940 42.54 -7.77 35.07
CA SER A 940 42.20 -6.46 35.61
C SER A 940 41.24 -5.66 34.74
N THR A 941 41.43 -5.63 33.43
CA THR A 941 40.64 -4.73 32.58
C THR A 941 39.34 -5.35 32.07
N PRO A 942 38.16 -4.86 32.49
CA PRO A 942 36.90 -5.45 32.01
C PRO A 942 36.64 -5.28 30.52
N SER A 943 37.31 -4.33 29.87
CA SER A 943 37.10 -4.00 28.46
C SER A 943 38.16 -4.60 27.54
N ALA A 944 39.02 -5.47 28.05
CA ALA A 944 40.12 -6.01 27.27
C ALA A 944 39.64 -6.68 25.99
N LEU A 945 38.47 -7.31 26.02
CA LEU A 945 37.89 -8.01 24.87
C LEU A 945 36.65 -7.29 24.31
N GLY A 946 36.61 -5.97 24.44
CA GLY A 946 35.45 -5.20 24.00
C GLY A 946 34.99 -5.46 22.58
N LYS A 947 35.92 -5.73 21.65
CA LYS A 947 35.50 -5.98 20.27
C LYS A 947 34.56 -7.19 20.15
N LEU A 948 34.80 -8.20 20.97
CA LEU A 948 34.00 -9.41 20.84
C LEU A 948 32.64 -9.18 21.50
N GLN A 949 32.65 -8.39 22.58
CA GLN A 949 31.40 -8.09 23.24
C GLN A 949 30.55 -7.26 22.31
N ASP A 950 31.19 -6.38 21.54
CA ASP A 950 30.46 -5.54 20.60
C ASP A 950 29.82 -6.39 19.52
N VAL A 951 30.52 -7.42 19.04
CA VAL A 951 29.90 -8.27 18.01
C VAL A 951 28.66 -8.97 18.59
N VAL A 952 28.80 -9.50 19.81
CA VAL A 952 27.67 -10.19 20.44
C VAL A 952 26.53 -9.21 20.65
N ASN A 953 26.83 -7.99 21.11
CA ASN A 953 25.80 -7.02 21.38
C ASN A 953 25.10 -6.59 20.10
N GLN A 954 25.84 -6.48 19.00
CA GLN A 954 25.19 -6.08 17.77
C GLN A 954 24.18 -7.13 17.33
N ASN A 955 24.54 -8.41 17.45
CA ASN A 955 23.56 -9.41 17.02
C ASN A 955 22.39 -9.48 17.99
N ALA A 956 22.64 -9.31 19.29
CA ALA A 956 21.54 -9.33 20.24
C ALA A 956 20.59 -8.17 19.99
N GLN A 957 21.14 -6.99 19.68
CA GLN A 957 20.27 -5.84 19.42
C GLN A 957 19.48 -6.05 18.14
N ALA A 958 20.10 -6.65 17.11
CA ALA A 958 19.37 -6.86 15.88
C ALA A 958 18.17 -7.79 16.11
N LEU A 959 18.35 -8.81 16.96
CA LEU A 959 17.22 -9.70 17.17
C LEU A 959 16.17 -9.08 18.09
N ASN A 960 16.60 -8.27 19.05
CA ASN A 960 15.60 -7.62 19.89
C ASN A 960 14.86 -6.57 19.07
N THR A 961 15.54 -6.00 18.08
CA THR A 961 14.90 -5.06 17.18
C THR A 961 13.81 -5.76 16.38
N LEU A 962 14.09 -6.96 15.87
CA LEU A 962 13.02 -7.65 15.15
C LEU A 962 11.85 -7.96 16.07
N VAL A 963 12.13 -8.34 17.32
CA VAL A 963 11.04 -8.66 18.23
C VAL A 963 10.20 -7.41 18.50
N LYS A 964 10.86 -6.27 18.71
CA LYS A 964 10.11 -5.05 18.97
C LYS A 964 9.37 -4.56 17.72
N GLN A 965 9.98 -4.70 16.55
CA GLN A 965 9.33 -4.27 15.32
C GLN A 965 8.09 -5.10 15.03
N LEU A 966 8.05 -6.34 15.52
CA LEU A 966 6.86 -7.16 15.33
C LEU A 966 5.61 -6.46 15.87
N SER A 967 5.76 -5.64 16.92
CA SER A 967 4.65 -4.98 17.58
C SER A 967 4.14 -3.72 16.86
N SER A 968 4.83 -3.24 15.84
CA SER A 968 4.37 -2.02 15.18
C SER A 968 3.05 -2.25 14.46
N ASN A 969 2.28 -1.17 14.31
CA ASN A 969 1.00 -1.24 13.64
C ASN A 969 1.13 -1.20 12.12
N PHE A 970 2.15 -0.51 11.61
CA PHE A 970 2.40 -0.38 10.19
C PHE A 970 1.22 0.24 9.43
N GLY A 971 0.36 1.00 10.10
CA GLY A 971 -0.78 1.61 9.48
C GLY A 971 -2.05 0.81 9.63
N ALA A 972 -1.97 -0.39 10.17
CA ALA A 972 -3.12 -1.23 10.38
C ALA A 972 -3.87 -0.79 11.63
N ILE A 973 -5.14 -1.21 11.71
CA ILE A 973 -5.95 -0.91 12.88
C ILE A 973 -5.41 -1.57 14.14
N SER A 974 -4.65 -2.66 14.02
CA SER A 974 -4.10 -3.30 15.20
C SER A 974 -2.85 -4.08 14.84
N SER A 975 -1.90 -4.07 15.77
CA SER A 975 -0.67 -4.84 15.63
C SER A 975 -0.88 -6.34 15.81
N VAL A 976 -2.02 -6.78 16.34
CA VAL A 976 -2.27 -8.20 16.61
C VAL A 976 -3.17 -8.78 15.54
N LEU A 977 -2.66 -9.81 14.89
CA LEU A 977 -3.33 -10.47 13.78
C LEU A 977 -4.68 -11.05 14.20
N ASN A 978 -4.75 -11.58 15.43
CA ASN A 978 -6.00 -12.18 15.87
C ASN A 978 -7.10 -11.15 16.09
N ASP A 979 -6.75 -9.90 16.37
CA ASP A 979 -7.82 -8.92 16.56
C ASP A 979 -8.43 -8.59 15.22
N ILE A 980 -7.58 -8.51 14.19
CA ILE A 980 -8.05 -8.21 12.85
C ILE A 980 -8.95 -9.34 12.36
N LEU A 981 -8.52 -10.57 12.56
CA LEU A 981 -9.35 -11.69 12.11
C LEU A 981 -10.65 -11.79 12.90
N SER A 982 -10.60 -11.51 14.20
CA SER A 982 -11.80 -11.61 15.02
C SER A 982 -12.83 -10.54 14.69
N ARG A 983 -12.42 -9.28 14.53
CA ARG A 983 -13.40 -8.23 14.31
C ARG A 983 -13.78 -7.95 12.86
N LEU A 984 -12.91 -8.25 11.89
CA LEU A 984 -13.20 -7.94 10.49
C LEU A 984 -13.58 -9.17 9.69
N ASP A 985 -14.34 -8.93 8.63
CA ASP A 985 -14.77 -9.95 7.70
C ASP A 985 -13.60 -10.27 6.77
N PRO A 986 -13.73 -11.27 5.89
CA PRO A 986 -12.62 -11.65 4.99
C PRO A 986 -12.01 -10.47 4.24
N PRO A 987 -12.73 -9.75 3.38
CA PRO A 987 -12.02 -8.73 2.57
C PRO A 987 -11.37 -7.60 3.38
N GLU A 988 -11.94 -7.26 4.53
CA GLU A 988 -11.33 -6.19 5.31
C GLU A 988 -10.15 -6.75 6.08
N ALA A 989 -10.28 -7.99 6.52
CA ALA A 989 -9.17 -8.60 7.21
C ALA A 989 -8.03 -8.75 6.24
N GLU A 990 -8.32 -9.11 5.00
CA GLU A 990 -7.25 -9.27 4.02
C GLU A 990 -6.53 -7.96 3.77
N VAL A 991 -7.27 -6.84 3.75
CA VAL A 991 -6.57 -5.56 3.58
C VAL A 991 -5.65 -5.26 4.75
N GLN A 992 -6.15 -5.46 5.98
CA GLN A 992 -5.30 -5.13 7.13
C GLN A 992 -4.15 -6.13 7.26
N ILE A 993 -4.40 -7.37 6.89
CA ILE A 993 -3.36 -8.39 6.95
C ILE A 993 -2.29 -8.07 5.92
N ASP A 994 -2.70 -7.68 4.72
CA ASP A 994 -1.71 -7.35 3.70
C ASP A 994 -0.82 -6.22 4.20
N ARG A 995 -1.41 -5.25 4.89
CA ARG A 995 -0.59 -4.17 5.44
C ARG A 995 0.42 -4.72 6.45
N LEU A 996 -0.02 -5.65 7.30
CA LEU A 996 0.91 -6.22 8.27
C LEU A 996 1.97 -7.09 7.60
N ILE A 997 1.59 -7.82 6.55
CA ILE A 997 2.56 -8.66 5.87
C ILE A 997 3.63 -7.78 5.25
N THR A 998 3.24 -6.67 4.62
CA THR A 998 4.23 -5.79 4.03
C THR A 998 5.16 -5.29 5.13
N GLY A 999 4.58 -4.90 6.27
CA GLY A 999 5.40 -4.40 7.37
C GLY A 999 6.43 -5.41 7.85
N ARG A 1000 5.97 -6.63 8.14
CA ARG A 1000 6.89 -7.64 8.66
C ARG A 1000 7.91 -8.07 7.61
N LEU A 1001 7.49 -8.18 6.35
CA LEU A 1001 8.45 -8.61 5.33
C LEU A 1001 9.53 -7.55 5.16
N GLN A 1002 9.15 -6.27 5.20
CA GLN A 1002 10.16 -5.23 5.08
C GLN A 1002 11.10 -5.27 6.27
N SER A 1003 10.56 -5.57 7.45
CA SER A 1003 11.40 -5.68 8.63
C SER A 1003 12.42 -6.79 8.49
N LEU A 1004 11.98 -7.96 8.02
CA LEU A 1004 12.92 -9.07 7.85
C LEU A 1004 13.95 -8.77 6.78
N GLN A 1005 13.56 -8.12 5.69
CA GLN A 1005 14.55 -7.83 4.67
C GLN A 1005 15.61 -6.89 5.20
N THR A 1006 15.20 -5.90 6.00
CA THR A 1006 16.18 -4.97 6.56
C THR A 1006 17.15 -5.73 7.45
N TYR A 1007 16.61 -6.60 8.30
CA TYR A 1007 17.46 -7.40 9.18
C TYR A 1007 18.45 -8.23 8.37
N VAL A 1008 17.98 -8.92 7.34
CA VAL A 1008 18.87 -9.80 6.58
C VAL A 1008 19.97 -8.98 5.91
N THR A 1009 19.63 -7.83 5.34
CA THR A 1009 20.67 -7.02 4.70
C THR A 1009 21.72 -6.59 5.72
N GLN A 1010 21.28 -6.15 6.91
CA GLN A 1010 22.28 -5.71 7.87
C GLN A 1010 23.10 -6.87 8.39
N GLN A 1011 22.46 -8.05 8.52
CA GLN A 1011 23.18 -9.21 9.01
C GLN A 1011 24.22 -9.65 8.00
N LEU A 1012 23.87 -9.54 6.71
CA LEU A 1012 24.80 -9.94 5.66
C LEU A 1012 25.99 -9.00 5.60
N ILE A 1013 25.76 -7.69 5.78
CA ILE A 1013 26.90 -6.77 5.77
C ILE A 1013 27.80 -7.07 6.97
N ARG A 1014 27.22 -7.28 8.15
CA ARG A 1014 28.07 -7.63 9.28
C ARG A 1014 28.83 -8.91 8.99
N ALA A 1015 28.19 -9.88 8.32
CA ALA A 1015 28.88 -11.10 7.95
C ALA A 1015 30.08 -10.80 7.07
N ALA A 1016 29.93 -9.81 6.18
CA ALA A 1016 31.06 -9.44 5.33
C ALA A 1016 32.21 -8.91 6.15
N GLU A 1017 31.89 -8.15 7.21
CA GLU A 1017 32.95 -7.64 8.05
C GLU A 1017 33.63 -8.77 8.80
N ILE A 1018 32.84 -9.75 9.23
CA ILE A 1018 33.42 -10.90 9.92
C ILE A 1018 34.31 -11.68 8.97
N ARG A 1019 33.88 -11.84 7.71
CA ARG A 1019 34.73 -12.55 6.76
C ARG A 1019 36.07 -11.84 6.58
N ALA A 1020 36.04 -10.50 6.50
CA ALA A 1020 37.30 -9.79 6.35
C ALA A 1020 38.17 -9.99 7.58
N SER A 1021 37.55 -9.98 8.76
CA SER A 1021 38.30 -10.18 9.99
C SER A 1021 38.89 -11.59 10.05
N ALA A 1022 38.08 -12.58 9.67
CA ALA A 1022 38.56 -13.96 9.70
C ALA A 1022 39.72 -14.16 8.73
N ASN A 1023 39.66 -13.50 7.57
CA ASN A 1023 40.76 -13.66 6.63
C ASN A 1023 42.03 -13.04 7.20
N LEU A 1024 41.87 -11.92 7.90
CA LEU A 1024 43.05 -11.32 8.51
C LEU A 1024 43.57 -12.22 9.61
N ALA A 1025 42.68 -12.80 10.41
CA ALA A 1025 43.12 -13.68 11.49
C ALA A 1025 43.84 -14.90 10.93
N ALA A 1026 43.33 -15.48 9.83
CA ALA A 1026 44.00 -16.64 9.26
C ALA A 1026 45.37 -16.26 8.72
N THR A 1027 45.48 -15.07 8.13
CA THR A 1027 46.77 -14.62 7.64
C THR A 1027 47.72 -14.46 8.80
N LYS A 1028 47.24 -13.88 9.90
CA LYS A 1028 48.11 -13.71 11.06
C LYS A 1028 48.51 -15.06 11.62
N MET A 1029 47.61 -16.03 11.59
CA MET A 1029 47.95 -17.35 12.10
C MET A 1029 49.09 -17.95 11.30
N SER A 1030 48.94 -17.99 9.98
CA SER A 1030 49.99 -18.61 9.18
C SER A 1030 51.29 -17.81 9.21
N GLU A 1031 51.20 -16.49 9.11
CA GLU A 1031 52.36 -15.62 8.99
C GLU A 1031 53.09 -15.30 10.31
N CYS A 1032 52.38 -15.18 11.42
CA CYS A 1032 52.98 -14.82 12.70
C CYS A 1032 53.24 -16.00 13.62
N VAL A 1033 52.42 -17.06 13.56
CA VAL A 1033 52.55 -18.20 14.47
C VAL A 1033 53.40 -19.29 13.86
N LEU A 1034 53.22 -19.58 12.57
CA LEU A 1034 53.94 -20.66 11.91
C LEU A 1034 55.20 -20.16 11.22
N GLY A 1035 55.64 -18.96 11.56
CA GLY A 1035 56.84 -18.40 10.96
C GLY A 1035 57.23 -17.12 11.64
N GLN A 1036 58.09 -16.37 10.97
CA GLN A 1036 58.59 -15.09 11.45
C GLN A 1036 58.51 -14.10 10.30
N SER A 1037 57.71 -13.06 10.47
CA SER A 1037 57.50 -12.07 9.42
C SER A 1037 58.34 -10.83 9.65
N LYS A 1038 58.75 -10.22 8.55
CA LYS A 1038 59.56 -9.01 8.57
C LYS A 1038 58.72 -7.73 8.53
N ARG A 1039 57.40 -7.85 8.37
CA ARG A 1039 56.57 -6.67 8.20
C ARG A 1039 56.46 -5.89 9.50
N VAL A 1040 56.68 -4.58 9.41
CA VAL A 1040 56.68 -3.74 10.59
C VAL A 1040 55.27 -3.64 11.14
N ASP A 1041 55.14 -3.88 12.44
CA ASP A 1041 53.90 -3.87 13.22
C ASP A 1041 52.90 -4.95 12.82
N PHE A 1042 53.21 -5.80 11.85
CA PHE A 1042 52.23 -6.76 11.38
C PHE A 1042 51.86 -7.73 12.49
N CYS A 1043 52.88 -8.21 13.20
CA CYS A 1043 52.76 -9.19 14.27
C CYS A 1043 52.99 -8.51 15.62
N GLY A 1044 52.59 -7.26 15.76
CA GLY A 1044 52.76 -6.50 16.98
C GLY A 1044 53.89 -5.47 16.86
N LYS A 1045 53.89 -4.51 17.77
CA LYS A 1045 54.89 -3.46 17.71
C LYS A 1045 56.24 -4.00 18.15
N GLY A 1046 57.28 -3.60 17.44
CA GLY A 1046 58.63 -4.03 17.71
C GLY A 1046 59.03 -5.01 16.62
N TYR A 1047 60.16 -5.66 16.81
CA TYR A 1047 60.64 -6.61 15.81
C TYR A 1047 60.04 -7.95 16.20
N HIS A 1048 59.45 -8.65 15.24
CA HIS A 1048 58.78 -9.89 15.58
C HIS A 1048 59.74 -11.03 15.90
N LEU A 1049 59.50 -11.69 17.02
CA LEU A 1049 60.23 -12.90 17.42
C LEU A 1049 59.34 -14.12 17.25
N MET A 1050 58.17 -14.12 17.87
CA MET A 1050 57.32 -15.31 17.85
C MET A 1050 55.94 -14.91 18.34
N SER A 1051 54.98 -15.82 18.19
CA SER A 1051 53.65 -15.57 18.72
C SER A 1051 53.00 -16.87 19.15
N PHE A 1052 52.02 -16.74 20.04
CA PHE A 1052 51.27 -17.85 20.60
C PHE A 1052 49.76 -17.58 20.51
N PRO A 1053 49.03 -18.23 19.60
CA PRO A 1053 47.59 -17.95 19.52
C PRO A 1053 46.87 -18.59 20.69
N GLN A 1054 45.75 -17.98 21.09
CA GLN A 1054 44.86 -18.54 22.07
C GLN A 1054 43.42 -18.39 21.58
N SER A 1055 42.57 -19.33 21.98
CA SER A 1055 41.16 -19.29 21.62
C SER A 1055 40.44 -18.25 22.46
N ALA A 1056 39.29 -17.80 21.97
CA ALA A 1056 38.48 -16.83 22.69
C ALA A 1056 37.05 -16.96 22.22
N PRO A 1057 36.08 -16.52 23.03
CA PRO A 1057 34.69 -16.55 22.57
C PRO A 1057 34.52 -15.81 21.26
N HIS A 1058 33.97 -16.51 20.28
CA HIS A 1058 33.76 -15.97 18.94
C HIS A 1058 35.00 -15.31 18.36
N GLY A 1059 36.20 -15.78 18.71
CA GLY A 1059 37.36 -15.09 18.18
C GLY A 1059 38.67 -15.70 18.62
N VAL A 1060 39.74 -14.99 18.27
CA VAL A 1060 41.10 -15.41 18.56
C VAL A 1060 41.88 -14.26 19.17
N VAL A 1061 42.75 -14.58 20.12
CA VAL A 1061 43.65 -13.60 20.72
C VAL A 1061 45.06 -14.10 20.48
N PHE A 1062 45.91 -13.25 19.93
CA PHE A 1062 47.29 -13.60 19.66
C PHE A 1062 48.16 -12.94 20.70
N LEU A 1063 49.11 -13.69 21.24
CA LEU A 1063 50.13 -13.14 22.11
C LEU A 1063 51.40 -13.02 21.30
N HIS A 1064 51.88 -11.80 21.08
CA HIS A 1064 53.06 -11.58 20.26
C HIS A 1064 54.23 -11.26 21.18
N VAL A 1065 55.37 -11.91 20.91
CA VAL A 1065 56.60 -11.73 21.65
C VAL A 1065 57.56 -11.05 20.68
N THR A 1066 58.04 -9.87 21.07
CA THR A 1066 58.94 -9.07 20.26
C THR A 1066 60.19 -8.64 21.02
N TYR A 1067 61.22 -8.32 20.24
CA TYR A 1067 62.50 -7.81 20.69
C TYR A 1067 62.43 -6.29 20.59
N VAL A 1068 62.69 -5.58 21.69
CA VAL A 1068 62.60 -4.13 21.72
C VAL A 1068 63.92 -3.53 22.22
N PRO A 1069 64.56 -2.63 21.47
CA PRO A 1069 65.77 -1.96 21.99
C PRO A 1069 65.44 -1.20 23.27
N ALA A 1070 66.41 -1.15 24.18
CA ALA A 1070 66.25 -0.51 25.48
C ALA A 1070 67.32 0.55 25.69
N GLN A 1071 68.20 0.43 26.69
CA GLN A 1071 69.24 1.42 26.87
C GLN A 1071 70.08 1.55 25.63
N GLU A 1072 70.49 2.78 25.33
CA GLU A 1072 71.24 3.11 24.14
C GLU A 1072 72.29 4.15 24.48
N LYS A 1073 73.32 4.23 23.64
CA LYS A 1073 74.33 5.27 23.81
C LYS A 1073 74.64 5.98 22.50
N ASN A 1074 75.12 7.21 22.66
CA ASN A 1074 75.56 8.08 21.57
C ASN A 1074 77.01 7.81 21.21
N PHE A 1075 77.26 7.44 19.96
CA PHE A 1075 78.60 7.17 19.48
C PHE A 1075 78.89 7.94 18.20
N THR A 1076 80.17 8.20 17.96
CA THR A 1076 80.59 8.86 16.73
C THR A 1076 80.70 7.79 15.67
N THR A 1077 80.42 8.15 14.42
CA THR A 1077 80.54 7.21 13.30
C THR A 1077 81.31 7.82 12.14
N ALA A 1078 81.52 6.98 11.13
CA ALA A 1078 82.14 7.35 9.87
C ALA A 1078 81.73 6.31 8.84
N PRO A 1079 81.56 6.68 7.56
CA PRO A 1079 81.22 5.68 6.55
C PRO A 1079 82.36 4.75 6.14
N ALA A 1080 83.63 5.08 6.38
CA ALA A 1080 84.69 4.22 5.86
C ALA A 1080 86.00 4.44 6.60
N ILE A 1081 86.90 3.47 6.47
CA ILE A 1081 88.24 3.53 7.03
C ILE A 1081 89.26 3.63 5.89
N CYS A 1082 90.25 4.50 6.05
CA CYS A 1082 91.35 4.66 5.10
C CYS A 1082 92.64 4.12 5.71
N HIS A 1083 92.89 2.82 5.56
CA HIS A 1083 94.08 2.20 6.15
C HIS A 1083 95.36 2.50 5.39
N ASP A 1084 95.37 2.22 4.08
CA ASP A 1084 96.56 2.31 3.24
C ASP A 1084 96.27 3.02 1.93
N GLY A 1085 95.20 3.80 1.86
CA GLY A 1085 94.79 4.49 0.66
C GLY A 1085 93.62 3.82 -0.03
N LYS A 1086 93.30 2.58 0.35
CA LYS A 1086 92.15 1.89 -0.21
C LYS A 1086 90.96 2.20 0.69
N ALA A 1087 89.76 2.04 0.15
CA ALA A 1087 88.54 2.27 0.92
C ALA A 1087 88.04 0.96 1.53
N HIS A 1088 87.98 0.92 2.85
CA HIS A 1088 87.55 -0.24 3.62
C HIS A 1088 86.13 -0.05 4.16
N PHE A 1089 85.20 -0.95 3.75
CA PHE A 1089 83.80 -0.89 4.15
C PHE A 1089 83.46 -2.09 5.02
N PRO A 1090 82.52 -1.98 5.95
CA PRO A 1090 82.22 -3.14 6.80
C PRO A 1090 81.49 -4.21 6.02
N ARG A 1091 81.75 -5.47 6.36
CA ARG A 1091 81.00 -6.54 5.74
C ARG A 1091 79.60 -6.57 6.33
N GLU A 1092 79.50 -6.27 7.61
CA GLU A 1092 78.24 -6.24 8.33
C GLU A 1092 78.40 -5.24 9.47
N GLY A 1093 77.28 -4.69 9.91
CA GLY A 1093 77.32 -3.78 11.03
C GLY A 1093 77.69 -2.37 10.61
N VAL A 1094 78.08 -1.58 11.60
CA VAL A 1094 78.40 -0.17 11.45
C VAL A 1094 79.71 0.13 12.17
N PHE A 1095 80.45 1.09 11.62
CA PHE A 1095 81.67 1.58 12.27
C PHE A 1095 81.27 2.56 13.35
N VAL A 1096 81.74 2.28 14.56
CA VAL A 1096 81.39 3.02 15.77
C VAL A 1096 82.69 3.40 16.45
N SER A 1097 82.71 4.55 17.09
CA SER A 1097 83.91 4.98 17.82
C SER A 1097 83.55 5.51 19.18
N ASN A 1098 84.37 5.14 20.17
CA ASN A 1098 84.30 5.77 21.47
C ASN A 1098 85.24 6.97 21.37
N GLY A 1099 85.50 7.64 22.48
CA GLY A 1099 86.35 8.82 22.44
C GLY A 1099 87.73 8.61 21.83
N THR A 1100 88.29 7.40 21.96
CA THR A 1100 89.63 7.09 21.46
C THR A 1100 89.80 5.93 20.48
N HIS A 1101 88.86 4.98 20.38
CA HIS A 1101 89.06 3.82 19.51
C HIS A 1101 87.82 3.50 18.67
N TRP A 1102 88.12 2.99 17.47
CA TRP A 1102 87.15 2.55 16.47
C TRP A 1102 86.90 1.05 16.51
N PHE A 1103 85.63 0.66 16.35
CA PHE A 1103 85.22 -0.73 16.39
C PHE A 1103 84.11 -0.95 15.38
N VAL A 1104 83.68 -2.20 15.25
CA VAL A 1104 82.57 -2.60 14.39
C VAL A 1104 81.52 -3.20 15.31
N THR A 1105 80.28 -2.72 15.20
CA THR A 1105 79.19 -3.25 15.99
C THR A 1105 78.00 -3.62 15.13
N GLN A 1106 77.13 -4.40 15.76
CA GLN A 1106 75.87 -4.81 15.16
C GLN A 1106 74.92 -3.65 15.33
N ARG A 1107 74.09 -3.39 14.32
CA ARG A 1107 73.20 -2.25 14.41
C ARG A 1107 72.21 -2.38 15.57
N ASN A 1108 71.80 -3.59 15.89
CA ASN A 1108 70.85 -3.81 16.98
C ASN A 1108 71.47 -4.18 18.31
N PHE A 1109 72.81 -4.23 18.44
CA PHE A 1109 73.38 -4.61 19.73
C PHE A 1109 74.86 -4.25 19.79
N TYR A 1110 75.26 -3.53 20.83
CA TYR A 1110 76.60 -2.97 21.05
C TYR A 1110 77.65 -3.97 21.59
N GLU A 1111 78.31 -4.70 20.68
CA GLU A 1111 79.42 -5.60 21.02
C GLU A 1111 80.66 -5.21 20.21
N PRO A 1112 81.40 -4.17 20.63
CA PRO A 1112 82.51 -3.67 19.81
C PRO A 1112 83.55 -4.75 19.51
N GLN A 1113 83.87 -4.88 18.23
CA GLN A 1113 84.88 -5.79 17.72
C GLN A 1113 86.03 -4.97 17.15
N ILE A 1114 87.20 -5.60 17.08
CA ILE A 1114 88.35 -4.98 16.44
C ILE A 1114 88.12 -4.96 14.94
N ILE A 1115 88.46 -3.86 14.29
CA ILE A 1115 88.31 -3.77 12.84
C ILE A 1115 89.40 -4.60 12.21
N THR A 1116 89.02 -5.60 11.43
CA THR A 1116 89.97 -6.51 10.81
C THR A 1116 89.57 -6.78 9.37
N THR A 1117 90.48 -7.45 8.66
CA THR A 1117 90.24 -7.85 7.27
C THR A 1117 89.22 -8.97 7.12
N ASP A 1118 88.80 -9.61 8.22
CA ASP A 1118 87.85 -10.71 8.15
C ASP A 1118 86.41 -10.26 8.29
N ASN A 1119 86.17 -8.98 8.59
CA ASN A 1119 84.84 -8.43 8.76
C ASN A 1119 84.69 -7.15 7.94
N THR A 1120 85.67 -6.86 7.08
CA THR A 1120 85.73 -5.67 6.24
C THR A 1120 86.13 -6.08 4.84
N PHE A 1121 85.54 -5.44 3.83
CA PHE A 1121 85.89 -5.70 2.43
C PHE A 1121 86.41 -4.39 1.85
N VAL A 1122 87.17 -4.50 0.77
CA VAL A 1122 87.80 -3.34 0.13
C VAL A 1122 87.25 -3.15 -1.28
N SER A 1123 86.88 -1.91 -1.59
CA SER A 1123 86.41 -1.54 -2.91
C SER A 1123 86.69 -0.06 -3.11
N GLY A 1124 87.37 0.30 -4.21
CA GLY A 1124 87.66 1.69 -4.45
C GLY A 1124 88.80 2.20 -3.58
N ASN A 1125 88.87 3.53 -3.42
CA ASN A 1125 89.98 4.17 -2.71
C ASN A 1125 89.45 5.34 -1.91
N CYS A 1126 90.37 5.96 -1.15
CA CYS A 1126 90.09 7.00 -0.17
C CYS A 1126 89.73 8.37 -0.74
N ASP A 1127 89.76 8.59 -2.05
CA ASP A 1127 89.44 9.91 -2.61
C ASP A 1127 87.99 10.14 -3.00
N VAL A 1128 87.09 9.17 -2.82
CA VAL A 1128 85.69 9.33 -3.22
C VAL A 1128 84.75 9.46 -2.02
N VAL A 1129 84.90 8.62 -1.01
CA VAL A 1129 83.94 8.62 0.09
C VAL A 1129 84.18 9.82 0.98
N ILE A 1130 83.09 10.47 1.34
CA ILE A 1130 83.11 11.68 2.16
C ILE A 1130 83.20 11.30 3.63
N GLY A 1131 84.11 11.95 4.35
CA GLY A 1131 84.24 11.72 5.78
C GLY A 1131 84.98 10.46 6.19
N ILE A 1132 85.96 10.05 5.43
CA ILE A 1132 86.69 8.84 5.74
C ILE A 1132 87.67 9.14 6.86
N VAL A 1133 87.75 8.25 7.84
CA VAL A 1133 88.69 8.37 8.95
C VAL A 1133 89.82 7.40 8.69
N ASN A 1134 91.06 7.79 9.00
CA ASN A 1134 92.19 6.90 8.75
C ASN A 1134 92.15 5.66 9.65
N ASN A 1135 92.16 5.88 10.96
CA ASN A 1135 92.18 4.84 11.99
C ASN A 1135 93.23 3.75 11.72
N THR A 1136 92.86 2.48 11.63
CA THR A 1136 93.77 1.37 11.36
C THR A 1136 92.94 0.12 11.10
N VAL A 1137 93.49 -0.78 10.29
CA VAL A 1137 92.91 -2.10 10.05
C VAL A 1137 93.92 -3.18 10.44
N TYR A 1138 93.51 -4.06 11.34
CA TYR A 1138 94.33 -5.15 11.84
C TYR A 1138 94.25 -6.32 10.89
N ASP A 1139 95.40 -6.92 10.56
CA ASP A 1139 95.41 -8.09 9.68
C ASP A 1139 95.77 -9.33 10.50
N PRO A 1140 94.82 -10.22 10.82
CA PRO A 1140 95.15 -11.38 11.65
C PRO A 1140 96.24 -12.28 11.09
N LEU A 1141 96.57 -12.18 9.80
CA LEU A 1141 97.62 -13.03 9.26
C LEU A 1141 99.01 -12.61 9.69
N GLN A 1142 99.25 -11.30 9.83
CA GLN A 1142 100.61 -10.82 10.06
C GLN A 1142 101.30 -11.43 11.28
N PRO A 1143 100.66 -11.58 12.46
CA PRO A 1143 101.38 -12.17 13.60
C PRO A 1143 101.84 -13.60 13.36
N GLU A 1144 101.25 -14.30 12.40
CA GLU A 1144 101.64 -15.68 12.11
C GLU A 1144 102.81 -15.73 11.14
N LEU A 1145 102.86 -14.78 10.20
CA LEU A 1145 103.97 -14.77 9.24
C LEU A 1145 105.29 -14.50 9.93
N ASP A 1146 105.27 -13.71 11.01
CA ASP A 1146 106.49 -13.42 11.75
C ASP A 1146 107.07 -14.66 12.43
N SER A 1147 106.28 -15.70 12.62
CA SER A 1147 106.76 -16.90 13.31
C SER A 1147 107.43 -17.86 12.33
N GLN B 1 -61.96 32.55 -17.67
CA GLN B 1 -61.67 31.18 -18.19
C GLN B 1 -60.87 31.24 -19.49
N VAL B 2 -60.56 30.07 -20.03
CA VAL B 2 -59.88 29.95 -21.30
C VAL B 2 -60.91 30.11 -22.40
N GLN B 3 -60.62 30.96 -23.39
CA GLN B 3 -61.57 31.20 -24.47
C GLN B 3 -60.86 31.22 -25.81
N LEU B 4 -61.41 30.46 -26.76
CA LEU B 4 -61.00 30.41 -28.16
C LEU B 4 -62.20 30.77 -29.03
N LEU B 5 -62.02 31.77 -29.91
CA LEU B 5 -63.10 32.24 -30.79
C LEU B 5 -62.71 32.05 -32.25
N GLU B 6 -63.37 31.06 -32.88
CA GLU B 6 -63.17 30.71 -34.28
C GLU B 6 -63.77 31.71 -35.26
N SER B 7 -63.07 31.97 -36.35
CA SER B 7 -63.58 32.78 -37.44
C SER B 7 -63.08 32.17 -38.76
N GLY B 8 -63.48 32.84 -39.84
CA GLY B 8 -63.18 32.39 -41.19
C GLY B 8 -64.12 31.35 -41.76
N GLY B 9 -65.35 31.28 -41.27
CA GLY B 9 -66.32 30.32 -41.76
C GLY B 9 -66.85 30.74 -43.12
N GLY B 10 -67.62 29.84 -43.79
CA GLY B 10 -68.15 30.19 -45.10
C GLY B 10 -67.96 29.11 -46.14
N LEU B 11 -67.97 29.51 -47.42
CA LEU B 11 -67.85 28.58 -48.53
C LEU B 11 -66.92 29.14 -49.59
N VAL B 12 -66.08 28.28 -50.16
CA VAL B 12 -65.16 28.67 -51.23
C VAL B 12 -65.23 27.65 -52.37
N GLN B 13 -65.08 28.13 -53.60
CA GLN B 13 -65.14 27.26 -54.76
C GLN B 13 -64.03 26.20 -54.72
N PRO B 14 -64.25 25.04 -55.35
CA PRO B 14 -63.16 24.04 -55.45
C PRO B 14 -61.93 24.64 -56.11
N GLY B 15 -60.77 24.32 -55.56
CA GLY B 15 -59.51 24.81 -56.08
C GLY B 15 -59.06 26.12 -55.48
N GLY B 16 -59.89 26.78 -54.68
CA GLY B 16 -59.57 28.06 -54.09
C GLY B 16 -58.91 27.86 -52.74
N SER B 17 -58.95 28.91 -51.93
CA SER B 17 -58.33 28.86 -50.61
C SER B 17 -59.14 29.69 -49.63
N LEU B 18 -59.02 29.33 -48.36
CA LEU B 18 -59.63 30.10 -47.28
C LEU B 18 -58.72 30.08 -46.07
N ARG B 19 -58.81 31.13 -45.26
CA ARG B 19 -58.04 31.21 -44.01
C ARG B 19 -58.98 31.28 -42.82
N LEU B 20 -58.75 30.36 -41.88
CA LEU B 20 -59.45 30.25 -40.62
C LEU B 20 -58.55 30.86 -39.56
N SER B 21 -59.17 31.35 -38.48
CA SER B 21 -58.33 31.82 -37.40
C SER B 21 -59.05 31.66 -36.07
N CYS B 22 -58.27 31.57 -35.01
CA CYS B 22 -58.80 31.55 -33.65
C CYS B 22 -58.17 32.62 -32.80
N ALA B 23 -59.04 33.46 -32.23
CA ALA B 23 -58.65 34.44 -31.25
C ALA B 23 -58.55 33.69 -29.94
N ALA B 24 -57.72 34.17 -29.02
CA ALA B 24 -57.60 33.52 -27.73
C ALA B 24 -57.44 34.52 -26.61
N SER B 25 -58.01 34.18 -25.46
CA SER B 25 -57.87 35.00 -24.27
C SER B 25 -58.00 34.11 -23.04
N GLY B 26 -57.56 34.64 -21.90
CA GLY B 26 -57.71 33.89 -20.67
C GLY B 26 -56.75 32.72 -20.57
N PHE B 27 -55.63 32.80 -21.28
CA PHE B 27 -54.68 31.70 -21.38
C PHE B 27 -53.33 32.30 -21.75
N THR B 28 -52.25 31.60 -21.40
CA THR B 28 -50.92 32.03 -21.85
C THR B 28 -50.68 31.32 -23.18
N PHE B 29 -50.85 32.10 -24.25
CA PHE B 29 -50.81 31.56 -25.61
C PHE B 29 -49.47 30.91 -25.94
N SER B 30 -48.37 31.63 -25.66
CA SER B 30 -47.02 31.20 -25.99
C SER B 30 -46.49 30.04 -25.14
N SER B 31 -47.16 29.66 -24.06
CA SER B 31 -46.64 28.60 -23.20
C SER B 31 -47.13 27.20 -23.55
N TYR B 32 -48.12 27.05 -24.42
CA TYR B 32 -48.69 25.75 -24.73
C TYR B 32 -48.84 25.55 -26.23
N ALA B 33 -48.78 24.29 -26.63
CA ALA B 33 -49.02 23.91 -28.01
C ALA B 33 -50.51 24.04 -28.31
N MET B 34 -50.80 24.32 -29.58
CA MET B 34 -52.17 24.41 -30.06
C MET B 34 -52.31 23.65 -31.36
N SER B 35 -53.50 23.12 -31.59
CA SER B 35 -53.77 22.36 -32.79
C SER B 35 -55.10 22.77 -33.41
N TRP B 36 -55.21 22.47 -34.70
CA TRP B 36 -56.46 22.54 -35.43
C TRP B 36 -56.95 21.13 -35.64
N VAL B 37 -58.26 20.97 -35.43
CA VAL B 37 -58.97 19.71 -35.61
C VAL B 37 -60.20 20.01 -36.44
N ARG B 38 -60.79 18.95 -37.01
CA ARG B 38 -62.01 19.15 -37.77
C ARG B 38 -62.80 17.86 -37.81
N GLN B 39 -64.09 18.02 -38.12
CA GLN B 39 -64.96 16.87 -38.38
C GLN B 39 -65.93 17.20 -39.51
N ALA B 40 -65.98 16.31 -40.51
CA ALA B 40 -66.92 16.49 -41.59
C ALA B 40 -68.32 16.27 -41.04
N PRO B 41 -69.35 16.91 -41.60
CA PRO B 41 -70.71 16.66 -41.10
C PRO B 41 -71.03 15.17 -41.13
N GLY B 42 -71.56 14.66 -40.03
CA GLY B 42 -71.92 13.26 -39.93
C GLY B 42 -70.76 12.33 -39.62
N LYS B 43 -69.55 12.86 -39.51
CA LYS B 43 -68.33 12.11 -39.26
C LYS B 43 -67.73 12.48 -37.92
N GLY B 44 -66.82 11.63 -37.47
CA GLY B 44 -66.11 11.90 -36.24
C GLY B 44 -65.01 12.90 -36.49
N LEU B 45 -64.21 13.16 -35.47
CA LEU B 45 -63.20 14.20 -35.51
C LEU B 45 -61.80 13.64 -35.72
N GLU B 46 -61.01 14.38 -36.50
CA GLU B 46 -59.63 14.06 -36.81
C GLU B 46 -58.75 15.28 -36.60
N TRP B 47 -57.45 15.04 -36.43
CA TRP B 47 -56.49 16.10 -36.22
C TRP B 47 -56.02 16.63 -37.56
N ALA B 48 -55.84 17.95 -37.65
CA ALA B 48 -55.34 18.56 -38.87
C ALA B 48 -53.93 19.13 -38.77
N SER B 49 -53.60 19.83 -37.69
CA SER B 49 -52.29 20.46 -37.63
C SER B 49 -51.96 20.89 -36.21
N ALA B 50 -50.68 21.16 -35.94
CA ALA B 50 -50.30 21.65 -34.63
C ALA B 50 -48.99 22.44 -34.65
N ILE B 51 -48.88 23.39 -33.71
CA ILE B 51 -47.64 24.14 -33.50
C ILE B 51 -47.40 24.25 -31.99
N SER B 52 -46.13 24.21 -31.61
CA SER B 52 -45.71 24.41 -30.23
C SER B 52 -45.91 25.87 -29.84
N GLY B 53 -45.85 26.13 -28.53
CA GLY B 53 -46.11 27.47 -28.03
C GLY B 53 -45.21 28.54 -28.63
N SER B 54 -43.98 28.17 -28.97
CA SER B 54 -43.04 29.15 -29.53
C SER B 54 -43.39 29.61 -30.93
N GLY B 55 -44.25 28.89 -31.65
CA GLY B 55 -44.55 29.24 -33.01
C GLY B 55 -43.58 28.68 -34.02
N GLY B 56 -42.66 27.81 -33.60
CA GLY B 56 -41.64 27.24 -34.47
C GLY B 56 -42.06 25.92 -35.08
N SER B 57 -41.66 24.82 -34.42
CA SER B 57 -41.90 23.48 -34.93
C SER B 57 -43.37 23.26 -35.24
N THR B 58 -43.64 22.69 -36.42
CA THR B 58 -45.00 22.46 -36.87
C THR B 58 -45.22 20.98 -37.19
N TYR B 59 -46.49 20.62 -37.26
CA TYR B 59 -46.93 19.27 -37.62
C TYR B 59 -48.19 19.40 -38.47
N TYR B 60 -48.30 18.55 -39.49
CA TYR B 60 -49.52 18.43 -40.28
C TYR B 60 -49.93 16.97 -40.36
N ALA B 61 -51.23 16.74 -40.38
CA ALA B 61 -51.72 15.39 -40.66
C ALA B 61 -51.34 15.06 -42.09
N ASP B 62 -51.00 13.80 -42.34
CA ASP B 62 -50.55 13.42 -43.68
C ASP B 62 -51.63 13.64 -44.73
N SER B 63 -52.91 13.46 -44.36
CA SER B 63 -53.99 13.62 -45.32
C SER B 63 -54.15 15.05 -45.82
N VAL B 64 -53.56 16.04 -45.14
CA VAL B 64 -53.66 17.44 -45.53
C VAL B 64 -52.30 18.11 -45.74
N GLU B 65 -51.20 17.37 -45.66
CA GLU B 65 -49.88 17.99 -45.69
C GLU B 65 -49.64 18.64 -47.04
N GLY B 66 -49.01 19.80 -47.00
CA GLY B 66 -48.70 20.55 -48.23
C GLY B 66 -49.85 21.47 -48.58
N ARG B 67 -51.06 20.91 -48.59
CA ARG B 67 -52.26 21.68 -48.89
C ARG B 67 -52.56 22.69 -47.80
N PHE B 68 -52.33 22.34 -46.53
CA PHE B 68 -52.61 23.23 -45.40
C PHE B 68 -51.33 23.90 -44.89
N THR B 69 -51.48 25.14 -44.44
CA THR B 69 -50.44 25.87 -43.72
C THR B 69 -50.96 26.34 -42.37
N ILE B 70 -50.23 26.02 -41.29
CA ILE B 70 -50.59 26.42 -39.92
C ILE B 70 -49.55 27.42 -39.47
N SER B 71 -50.01 28.48 -38.77
CA SER B 71 -49.11 29.50 -38.26
C SER B 71 -49.68 30.11 -36.98
N ARG B 72 -48.81 30.78 -36.23
CA ARG B 72 -49.17 31.46 -35.00
C ARG B 72 -48.57 32.84 -34.97
N ASP B 73 -49.27 33.78 -34.32
CA ASP B 73 -48.72 35.10 -34.04
C ASP B 73 -48.92 35.39 -32.56
N ASN B 74 -47.82 35.25 -31.82
CA ASN B 74 -47.88 35.35 -30.37
C ASN B 74 -48.21 36.77 -29.92
N SER B 75 -47.88 37.77 -30.74
CA SER B 75 -48.11 39.14 -30.31
C SER B 75 -49.58 39.49 -30.23
N LYS B 76 -50.43 38.72 -30.91
CA LYS B 76 -51.87 38.93 -30.91
C LYS B 76 -52.58 37.72 -30.33
N ASN B 77 -51.83 36.74 -29.81
CA ASN B 77 -52.38 35.50 -29.29
C ASN B 77 -53.35 34.87 -30.30
N THR B 78 -52.97 34.86 -31.58
CA THR B 78 -53.88 34.38 -32.62
C THR B 78 -53.28 33.23 -33.41
N LEU B 79 -54.09 32.18 -33.59
CA LEU B 79 -53.73 31.01 -34.38
C LEU B 79 -54.36 31.13 -35.76
N TYR B 80 -53.60 30.80 -36.81
CA TYR B 80 -54.11 30.87 -38.18
C TYR B 80 -53.92 29.54 -38.87
N LEU B 81 -54.84 29.24 -39.80
CA LEU B 81 -54.71 28.10 -40.71
C LEU B 81 -55.20 28.54 -42.08
N GLN B 82 -54.36 28.40 -43.10
CA GLN B 82 -54.75 28.73 -44.47
C GLN B 82 -54.75 27.43 -45.26
N MET B 83 -55.90 27.11 -45.86
CA MET B 83 -56.10 25.89 -46.61
C MET B 83 -56.24 26.26 -48.08
N ASN B 84 -55.33 25.76 -48.91
CA ASN B 84 -55.31 26.04 -50.33
C ASN B 84 -55.84 24.82 -51.07
N SER B 85 -56.00 24.97 -52.39
CA SER B 85 -56.42 23.88 -53.28
C SER B 85 -57.58 23.09 -52.69
N LEU B 86 -58.59 23.84 -52.23
CA LEU B 86 -59.69 23.25 -51.47
C LEU B 86 -60.40 22.15 -52.25
N ARG B 87 -60.69 21.06 -51.56
CA ARG B 87 -61.35 19.88 -52.09
C ARG B 87 -62.72 19.71 -51.43
N ALA B 88 -63.60 18.95 -52.10
CA ALA B 88 -64.92 18.66 -51.53
C ALA B 88 -64.80 17.99 -50.17
N GLU B 89 -63.76 17.16 -49.99
CA GLU B 89 -63.51 16.44 -48.76
C GLU B 89 -63.18 17.36 -47.59
N ASP B 90 -62.88 18.64 -47.85
CA ASP B 90 -62.51 19.59 -46.81
C ASP B 90 -63.71 20.26 -46.14
N THR B 91 -64.95 19.94 -46.53
CA THR B 91 -66.08 20.54 -45.84
C THR B 91 -66.11 19.99 -44.42
N ALA B 92 -66.06 20.87 -43.43
CA ALA B 92 -66.04 20.38 -42.06
C ALA B 92 -66.22 21.52 -41.08
N VAL B 93 -66.57 21.14 -39.86
CA VAL B 93 -66.52 22.06 -38.73
C VAL B 93 -65.10 21.97 -38.20
N TYR B 94 -64.43 23.11 -38.11
CA TYR B 94 -63.07 23.23 -37.60
C TYR B 94 -63.09 23.81 -36.20
N TYR B 95 -62.16 23.33 -35.37
CA TYR B 95 -61.99 23.81 -34.02
C TYR B 95 -60.49 24.00 -33.76
N CYS B 96 -60.19 24.90 -32.83
CA CYS B 96 -58.88 25.03 -32.23
C CYS B 96 -58.91 24.34 -30.88
N ALA B 97 -57.77 23.79 -30.48
CA ALA B 97 -57.69 23.17 -29.17
C ALA B 97 -56.32 23.38 -28.56
N LYS B 98 -56.31 23.38 -27.22
CA LYS B 98 -55.11 23.57 -26.41
C LYS B 98 -54.79 22.28 -25.68
N ASP B 99 -53.55 21.82 -25.90
CA ASP B 99 -52.94 20.62 -25.35
C ASP B 99 -52.74 20.71 -23.85
N THR B 100 -52.87 19.57 -23.18
CA THR B 100 -52.59 19.53 -21.76
C THR B 100 -51.11 19.69 -21.44
N GLY B 101 -50.24 19.21 -22.32
CA GLY B 101 -48.82 19.24 -22.04
C GLY B 101 -48.24 20.65 -22.10
N TYR B 102 -47.28 20.92 -21.21
CA TYR B 102 -46.61 22.20 -21.20
C TYR B 102 -45.61 22.12 -22.34
N CYS B 103 -45.56 23.15 -23.19
CA CYS B 103 -44.76 23.05 -24.42
C CYS B 103 -44.32 24.45 -24.86
N GLY B 104 -43.08 24.80 -24.52
CA GLY B 104 -42.55 26.12 -24.76
C GLY B 104 -41.43 26.22 -25.78
N ASP B 105 -40.47 27.09 -25.50
CA ASP B 105 -39.40 27.41 -26.45
C ASP B 105 -38.58 26.18 -26.86
N ASP B 106 -38.34 25.27 -25.93
CA ASP B 106 -37.53 24.08 -26.19
C ASP B 106 -38.37 22.85 -26.53
N CYS B 107 -39.67 23.00 -26.71
CA CYS B 107 -40.54 21.88 -26.97
C CYS B 107 -40.73 21.62 -28.45
N TYR B 108 -40.77 20.34 -28.82
CA TYR B 108 -41.01 19.91 -30.20
C TYR B 108 -42.31 19.13 -30.28
N ILE B 109 -43.03 19.36 -31.38
CA ILE B 109 -44.26 18.63 -31.69
C ILE B 109 -43.90 17.22 -32.14
N LYS B 110 -44.72 16.25 -31.70
CA LYS B 110 -44.60 14.80 -31.88
C LYS B 110 -43.94 14.15 -30.67
N LEU B 111 -43.42 14.96 -29.75
CA LEU B 111 -42.89 14.45 -28.48
C LEU B 111 -43.89 14.66 -27.34
N ILE B 112 -45.02 15.29 -27.62
CA ILE B 112 -46.04 15.59 -26.62
C ILE B 112 -46.88 14.34 -26.38
N ARG B 113 -47.14 14.03 -25.11
CA ARG B 113 -47.99 12.92 -24.73
C ARG B 113 -49.10 13.48 -23.85
N GLY B 114 -50.32 13.04 -24.11
CA GLY B 114 -51.52 13.50 -23.44
C GLY B 114 -52.46 14.15 -24.43
N GLY B 115 -53.68 14.44 -23.97
CA GLY B 115 -54.67 15.00 -24.88
C GLY B 115 -54.99 16.47 -24.69
N PRO B 116 -55.92 16.97 -25.50
CA PRO B 116 -56.33 18.37 -25.38
C PRO B 116 -57.17 18.64 -24.14
N ASP B 117 -56.88 19.75 -23.46
CA ASP B 117 -57.67 20.18 -22.31
C ASP B 117 -58.76 21.16 -22.69
N TYR B 118 -58.51 22.06 -23.66
CA TYR B 118 -59.49 23.08 -23.98
C TYR B 118 -59.87 23.01 -25.46
N TRP B 119 -61.18 23.05 -25.72
CA TRP B 119 -61.76 23.02 -27.06
C TRP B 119 -62.54 24.31 -27.30
N GLY B 120 -62.49 24.82 -28.53
CA GLY B 120 -63.21 26.03 -28.89
C GLY B 120 -64.67 25.80 -29.26
N GLN B 121 -65.30 26.91 -29.71
CA GLN B 121 -66.71 26.89 -30.11
C GLN B 121 -66.93 26.17 -31.44
N GLY B 122 -66.03 26.38 -32.39
CA GLY B 122 -66.07 25.81 -33.72
C GLY B 122 -66.67 26.74 -34.75
N THR B 123 -66.28 26.51 -36.01
CA THR B 123 -66.81 27.23 -37.17
C THR B 123 -66.80 26.25 -38.33
N LEU B 124 -67.70 26.43 -39.30
CA LEU B 124 -67.75 25.54 -40.45
C LEU B 124 -67.39 26.22 -41.77
N VAL B 125 -66.64 25.47 -42.58
CA VAL B 125 -66.34 25.86 -43.95
C VAL B 125 -66.71 24.73 -44.89
N THR B 126 -67.18 25.10 -46.08
CA THR B 126 -67.52 24.13 -47.12
C THR B 126 -66.88 24.53 -48.45
N VAL B 127 -66.92 23.58 -49.38
CA VAL B 127 -66.39 23.76 -50.72
C VAL B 127 -67.53 23.54 -51.71
N SER B 128 -67.86 24.57 -52.47
CA SER B 128 -68.99 24.53 -53.38
C SER B 128 -68.79 25.60 -54.43
N SER B 129 -69.12 25.27 -55.68
CA SER B 129 -68.99 26.21 -56.78
C SER B 129 -69.93 27.40 -56.59
N ASP C 1 -49.87 2.96 -36.79
CA ASP C 1 -50.90 3.77 -36.07
C ASP C 1 -51.64 2.90 -35.07
N ILE C 2 -52.19 3.56 -34.04
CA ILE C 2 -52.99 2.87 -33.03
C ILE C 2 -54.41 2.72 -33.57
N VAL C 3 -54.94 1.51 -33.49
CA VAL C 3 -56.31 1.21 -33.93
C VAL C 3 -57.07 0.83 -32.68
N MET C 4 -58.17 1.55 -32.43
CA MET C 4 -59.04 1.34 -31.27
C MET C 4 -60.41 0.89 -31.74
N THR C 5 -60.90 -0.20 -31.13
CA THR C 5 -62.23 -0.70 -31.40
C THR C 5 -63.06 -0.50 -30.13
N GLN C 6 -64.17 0.22 -30.26
CA GLN C 6 -65.07 0.49 -29.14
C GLN C 6 -66.22 -0.51 -29.20
N SER C 7 -66.76 -0.84 -28.01
CA SER C 7 -67.86 -1.78 -27.93
C SER C 7 -68.79 -1.49 -26.76
N PRO C 8 -70.12 -1.49 -26.94
CA PRO C 8 -70.92 -1.74 -28.16
C PRO C 8 -70.86 -0.53 -29.08
N LEU C 9 -71.35 -0.63 -30.32
CA LEU C 9 -71.43 0.57 -31.15
C LEU C 9 -72.43 1.56 -30.55
N SER C 10 -73.50 1.04 -29.94
CA SER C 10 -74.51 1.85 -29.30
C SER C 10 -74.94 1.11 -28.04
N LEU C 11 -75.40 1.86 -27.03
CA LEU C 11 -75.76 1.28 -25.74
C LEU C 11 -77.15 1.68 -25.26
N PRO C 12 -78.21 0.99 -25.70
CA PRO C 12 -79.59 1.31 -25.29
C PRO C 12 -79.86 0.75 -23.89
N VAL C 13 -79.38 1.45 -22.87
CA VAL C 13 -79.37 0.94 -21.50
C VAL C 13 -80.38 1.71 -20.64
N THR C 14 -81.11 0.94 -19.84
CA THR C 14 -82.16 1.45 -18.94
C THR C 14 -81.64 2.48 -17.96
N LEU C 15 -82.41 3.55 -17.80
CA LEU C 15 -82.05 4.65 -16.91
C LEU C 15 -81.95 4.17 -15.46
N GLY C 16 -80.91 4.61 -14.76
CA GLY C 16 -80.72 4.25 -13.37
C GLY C 16 -79.94 2.99 -13.10
N GLN C 17 -79.53 2.25 -14.13
CA GLN C 17 -78.80 1.00 -13.98
C GLN C 17 -77.30 1.21 -14.21
N PRO C 18 -76.44 0.32 -13.71
CA PRO C 18 -75.02 0.38 -14.07
C PRO C 18 -74.84 0.14 -15.57
N ALA C 19 -73.75 0.70 -16.11
CA ALA C 19 -73.44 0.53 -17.52
C ALA C 19 -71.94 0.60 -17.72
N SER C 20 -71.46 0.05 -18.85
CA SER C 20 -70.04 0.19 -19.15
C SER C 20 -69.81 0.22 -20.66
N ILE C 21 -68.69 0.84 -21.04
CA ILE C 21 -68.25 0.92 -22.43
C ILE C 21 -66.82 0.38 -22.52
N SER C 22 -66.57 -0.53 -23.46
CA SER C 22 -65.25 -1.11 -23.64
C SER C 22 -64.50 -0.40 -24.78
N CYS C 23 -63.19 -0.26 -24.59
CA CYS C 23 -62.25 0.28 -25.58
C CYS C 23 -61.06 -0.69 -25.67
N ARG C 24 -60.96 -1.41 -26.77
CA ARG C 24 -59.94 -2.43 -26.98
C ARG C 24 -58.97 -1.94 -28.04
N SER C 25 -57.69 -1.83 -27.67
CA SER C 25 -56.66 -1.28 -28.53
C SER C 25 -55.90 -2.39 -29.25
N SER C 26 -55.39 -2.07 -30.44
CA SER C 26 -54.53 -2.98 -31.17
C SER C 26 -53.15 -3.12 -30.54
N GLN C 27 -52.75 -2.19 -29.68
CA GLN C 27 -51.44 -2.24 -29.06
C GLN C 27 -51.56 -1.62 -27.67
N SER C 28 -50.61 -1.97 -26.80
CA SER C 28 -50.62 -1.46 -25.45
C SER C 28 -50.60 0.07 -25.40
N LEU C 29 -51.42 0.63 -24.52
CA LEU C 29 -51.52 2.06 -24.29
C LEU C 29 -50.83 2.47 -22.99
N VAL C 30 -49.91 1.64 -22.48
CA VAL C 30 -49.15 1.93 -21.27
C VAL C 30 -47.75 2.32 -21.71
N TYR C 31 -47.33 3.52 -21.35
CA TYR C 31 -46.01 4.02 -21.71
C TYR C 31 -44.98 3.40 -20.77
N SER C 32 -43.74 3.31 -21.24
CA SER C 32 -42.69 2.67 -20.46
C SER C 32 -42.42 3.35 -19.12
N ASP C 33 -42.88 4.59 -18.93
CA ASP C 33 -42.69 5.27 -17.66
C ASP C 33 -43.85 5.02 -16.70
N GLY C 34 -44.82 4.20 -17.08
CA GLY C 34 -45.97 3.88 -16.26
C GLY C 34 -47.12 4.85 -16.42
N ASN C 35 -46.98 5.87 -17.26
CA ASN C 35 -48.02 6.86 -17.50
C ASN C 35 -48.86 6.45 -18.70
N THR C 36 -50.16 6.28 -18.49
CA THR C 36 -51.05 5.93 -19.59
C THR C 36 -51.56 7.22 -20.20
N PHE C 37 -52.05 7.13 -21.44
CA PHE C 37 -52.58 8.31 -22.11
C PHE C 37 -53.89 8.02 -22.83
N LEU C 38 -54.74 7.20 -22.22
CA LEU C 38 -56.07 6.92 -22.77
C LEU C 38 -57.02 7.95 -22.20
N ASN C 39 -57.77 8.62 -23.07
CA ASN C 39 -58.68 9.67 -22.66
C ASN C 39 -60.11 9.44 -23.16
N TRP C 40 -61.07 9.47 -22.23
CA TRP C 40 -62.48 9.27 -22.50
C TRP C 40 -63.12 10.64 -22.62
N PHE C 41 -63.79 10.89 -23.75
CA PHE C 41 -64.46 12.16 -24.06
C PHE C 41 -65.93 11.90 -24.31
N GLN C 42 -66.78 12.85 -23.89
CA GLN C 42 -68.22 12.78 -24.11
C GLN C 42 -68.65 13.94 -25.00
N GLN C 43 -69.24 13.61 -26.15
CA GLN C 43 -69.78 14.59 -27.09
C GLN C 43 -71.29 14.49 -27.11
N ARG C 44 -71.96 15.46 -26.49
CA ARG C 44 -73.42 15.44 -26.50
C ARG C 44 -73.86 16.07 -27.82
N PRO C 45 -75.04 15.71 -28.34
CA PRO C 45 -75.51 16.38 -29.56
C PRO C 45 -75.57 17.90 -29.35
N GLY C 46 -75.06 18.63 -30.33
CA GLY C 46 -75.08 20.08 -30.26
C GLY C 46 -73.94 20.69 -29.46
N GLN C 47 -73.04 19.86 -28.91
CA GLN C 47 -71.94 20.34 -28.09
C GLN C 47 -70.60 19.84 -28.64
N SER C 48 -69.57 20.65 -28.41
CA SER C 48 -68.21 20.26 -28.72
C SER C 48 -67.72 19.22 -27.69
N PRO C 49 -66.92 18.23 -28.11
CA PRO C 49 -66.46 17.20 -27.17
C PRO C 49 -65.71 17.78 -25.96
N ARG C 50 -65.95 17.18 -24.81
CA ARG C 50 -65.30 17.54 -23.55
C ARG C 50 -64.79 16.28 -22.89
N ARG C 51 -63.57 16.35 -22.35
CA ARG C 51 -62.97 15.18 -21.74
C ARG C 51 -63.65 14.85 -20.43
N LEU C 52 -63.87 13.55 -20.20
CA LEU C 52 -64.47 13.05 -18.98
C LEU C 52 -63.43 12.36 -18.10
N ILE C 53 -62.68 11.40 -18.64
CA ILE C 53 -61.70 10.63 -17.88
C ILE C 53 -60.36 10.75 -18.61
N TYR C 54 -59.28 10.95 -17.85
CA TYR C 54 -57.95 11.05 -18.43
C TYR C 54 -57.05 10.00 -17.80
N GLN C 55 -56.05 9.60 -18.57
CA GLN C 55 -55.06 8.59 -18.17
C GLN C 55 -55.72 7.31 -17.67
N VAL C 56 -56.65 6.79 -18.47
CA VAL C 56 -57.39 5.55 -18.25
C VAL C 56 -58.44 5.68 -17.15
N SER C 57 -58.03 6.03 -15.93
CA SER C 57 -58.93 6.06 -14.79
C SER C 57 -59.11 7.40 -14.08
N ASN C 58 -58.30 8.42 -14.36
CA ASN C 58 -58.37 9.63 -13.54
C ASN C 58 -59.56 10.49 -13.94
N ARG C 59 -60.33 10.91 -12.95
CA ARG C 59 -61.45 11.81 -13.18
C ARG C 59 -60.95 13.22 -13.46
N ASP C 60 -61.56 13.88 -14.44
CA ASP C 60 -61.16 15.24 -14.76
C ASP C 60 -61.87 16.21 -13.83
N SER C 61 -61.58 17.51 -14.00
CA SER C 61 -62.16 18.55 -13.16
C SER C 61 -63.45 19.09 -13.77
N GLY C 62 -64.44 19.31 -12.92
CA GLY C 62 -65.69 19.89 -13.38
C GLY C 62 -66.59 18.95 -14.15
N VAL C 63 -66.52 17.65 -13.86
CA VAL C 63 -67.32 16.65 -14.57
C VAL C 63 -68.13 15.87 -13.53
N PRO C 64 -69.18 15.18 -13.96
CA PRO C 64 -69.98 14.39 -13.01
C PRO C 64 -69.12 13.37 -12.29
N ASP C 65 -69.42 13.16 -11.02
CA ASP C 65 -68.68 12.24 -10.17
C ASP C 65 -69.24 10.82 -10.23
N ARG C 66 -70.10 10.54 -11.20
CA ARG C 66 -70.68 9.22 -11.42
C ARG C 66 -69.87 8.34 -12.36
N PHE C 67 -68.77 8.85 -12.93
CA PHE C 67 -67.98 8.11 -13.89
C PHE C 67 -66.55 7.88 -13.39
N SER C 68 -66.03 6.70 -13.71
CA SER C 68 -64.65 6.34 -13.44
C SER C 68 -64.24 5.36 -14.53
N GLY C 69 -62.93 5.21 -14.74
CA GLY C 69 -62.42 4.26 -15.72
C GLY C 69 -61.69 3.10 -15.06
N SER C 70 -61.18 2.22 -15.91
CA SER C 70 -60.50 1.02 -15.46
C SER C 70 -59.77 0.39 -16.64
N GLY C 71 -58.95 -0.60 -16.33
CA GLY C 71 -58.30 -1.42 -17.34
C GLY C 71 -56.80 -1.20 -17.43
N SER C 72 -56.21 -1.98 -18.32
CA SER C 72 -54.77 -2.01 -18.55
C SER C 72 -54.51 -2.64 -19.91
N GLY C 73 -53.29 -2.48 -20.38
CA GLY C 73 -52.85 -3.15 -21.59
C GLY C 73 -53.64 -2.75 -22.83
N THR C 74 -54.32 -3.72 -23.44
CA THR C 74 -55.07 -3.52 -24.67
C THR C 74 -56.59 -3.51 -24.49
N ASP C 75 -57.10 -3.57 -23.26
CA ASP C 75 -58.56 -3.61 -23.05
C ASP C 75 -58.92 -2.77 -21.83
N PHE C 76 -59.66 -1.69 -22.05
CA PHE C 76 -60.02 -0.72 -21.02
C PHE C 76 -61.54 -0.60 -20.96
N THR C 77 -62.06 -0.27 -19.78
CA THR C 77 -63.50 -0.10 -19.61
C THR C 77 -63.84 1.16 -18.82
N LEU C 78 -64.81 1.92 -19.35
CA LEU C 78 -65.41 3.05 -18.66
C LEU C 78 -66.61 2.49 -17.93
N LYS C 79 -66.71 2.73 -16.63
CA LYS C 79 -67.83 2.24 -15.83
C LYS C 79 -68.71 3.42 -15.42
N ILE C 80 -70.02 3.25 -15.59
CA ILE C 80 -71.02 4.25 -15.30
C ILE C 80 -71.83 3.71 -14.12
N SER C 81 -71.76 4.40 -12.99
CA SER C 81 -72.41 3.90 -11.78
C SER C 81 -73.93 3.93 -11.94
N ARG C 82 -74.45 4.95 -12.61
CA ARG C 82 -75.89 5.10 -12.85
C ARG C 82 -76.05 5.84 -14.17
N VAL C 83 -77.01 5.41 -14.97
CA VAL C 83 -77.35 6.08 -16.21
C VAL C 83 -78.25 7.27 -15.90
N GLU C 84 -77.95 8.42 -16.49
CA GLU C 84 -78.72 9.64 -16.30
C GLU C 84 -79.08 10.21 -17.67
N ALA C 85 -80.15 11.01 -17.70
CA ALA C 85 -80.63 11.57 -18.97
C ALA C 85 -79.54 12.35 -19.69
N GLU C 86 -78.66 13.00 -18.94
CA GLU C 86 -77.58 13.78 -19.52
C GLU C 86 -76.53 12.93 -20.23
N ASP C 87 -76.58 11.61 -20.06
CA ASP C 87 -75.57 10.71 -20.60
C ASP C 87 -75.75 10.44 -22.09
N VAL C 88 -76.89 10.78 -22.67
CA VAL C 88 -77.13 10.48 -24.08
C VAL C 88 -76.14 11.26 -24.94
N GLY C 89 -75.48 10.56 -25.85
CA GLY C 89 -74.46 11.19 -26.67
C GLY C 89 -73.44 10.15 -27.07
N VAL C 90 -72.34 10.60 -27.69
CA VAL C 90 -71.34 9.66 -28.18
C VAL C 90 -70.04 9.83 -27.40
N TYR C 91 -69.52 8.70 -26.91
CA TYR C 91 -68.31 8.61 -26.12
C TYR C 91 -67.16 8.16 -27.02
N TYR C 92 -65.98 8.81 -26.89
CA TYR C 92 -64.81 8.43 -27.67
C TYR C 92 -63.61 8.17 -26.78
N CYS C 93 -62.80 7.19 -27.20
CA CYS C 93 -61.49 6.90 -26.62
C CYS C 93 -60.39 7.45 -27.50
N MET C 94 -59.55 8.33 -26.94
CA MET C 94 -58.40 8.89 -27.64
C MET C 94 -57.17 8.21 -27.07
N GLN C 95 -56.24 7.83 -27.95
CA GLN C 95 -54.99 7.15 -27.58
C GLN C 95 -53.81 8.11 -27.76
N GLY C 96 -53.31 8.63 -26.65
CA GLY C 96 -52.28 9.64 -26.62
C GLY C 96 -50.87 9.13 -26.46
N THR C 97 -50.63 7.82 -26.59
CA THR C 97 -49.30 7.28 -26.37
C THR C 97 -48.38 7.38 -27.58
N HIS C 98 -48.92 7.43 -28.79
CA HIS C 98 -48.10 7.50 -29.99
C HIS C 98 -48.75 8.43 -31.00
N TRP C 99 -47.93 8.94 -31.92
CA TRP C 99 -48.39 9.73 -33.03
C TRP C 99 -48.42 8.90 -34.32
N PRO C 100 -49.37 9.12 -35.24
CA PRO C 100 -50.45 10.12 -35.25
C PRO C 100 -51.49 9.86 -34.16
N ARG C 101 -52.18 10.89 -33.68
CA ARG C 101 -53.21 10.71 -32.67
C ARG C 101 -54.41 10.06 -33.33
N THR C 102 -55.04 9.11 -32.63
CA THR C 102 -56.20 8.40 -33.17
C THR C 102 -57.35 8.42 -32.19
N PHE C 103 -58.54 8.15 -32.75
CA PHE C 103 -59.78 7.98 -32.02
C PHE C 103 -60.44 6.69 -32.44
N GLY C 104 -61.27 6.14 -31.56
CA GLY C 104 -62.11 5.02 -31.90
C GLY C 104 -63.32 5.51 -32.68
N GLN C 105 -64.20 4.57 -33.03
CA GLN C 105 -65.35 4.96 -33.85
C GLN C 105 -66.43 5.64 -33.03
N GLY C 106 -66.40 5.51 -31.72
CA GLY C 106 -67.37 6.10 -30.83
C GLY C 106 -68.49 5.14 -30.45
N THR C 107 -68.98 5.29 -29.22
CA THR C 107 -70.10 4.51 -28.71
C THR C 107 -71.23 5.50 -28.44
N LYS C 108 -72.38 5.29 -29.07
CA LYS C 108 -73.52 6.19 -28.89
C LYS C 108 -74.42 5.64 -27.79
N LEU C 109 -74.47 6.35 -26.65
CA LEU C 109 -75.28 5.91 -25.53
C LEU C 109 -76.65 6.55 -25.65
N GLU C 110 -77.67 5.72 -25.43
CA GLU C 110 -79.08 6.08 -25.43
C GLU C 110 -79.73 5.47 -24.19
N ILE C 111 -80.85 6.05 -23.78
CA ILE C 111 -81.56 5.55 -22.61
C ILE C 111 -82.37 4.35 -23.06
N GLN D 14 -22.97 37.70 -51.14
CA GLN D 14 -22.13 37.73 -49.95
C GLN D 14 -20.88 36.88 -50.19
N CYS D 15 -20.99 35.56 -50.02
CA CYS D 15 -19.85 34.67 -50.21
C CYS D 15 -19.41 34.69 -51.68
N VAL D 16 -18.11 34.79 -51.90
CA VAL D 16 -17.52 34.84 -53.22
C VAL D 16 -16.57 33.66 -53.37
N ASN D 17 -16.75 32.89 -54.43
CA ASN D 17 -15.90 31.74 -54.73
C ASN D 17 -14.67 32.20 -55.51
N LEU D 18 -13.51 32.15 -54.87
CA LEU D 18 -12.28 32.64 -55.48
C LEU D 18 -11.85 31.74 -56.63
N THR D 19 -11.51 32.36 -57.77
CA THR D 19 -11.12 31.67 -58.98
C THR D 19 -9.80 32.22 -59.53
N THR D 20 -9.41 31.67 -60.68
CA THR D 20 -8.18 31.99 -61.42
C THR D 20 -6.96 32.20 -60.52
N ARG D 21 -6.76 31.27 -59.59
CA ARG D 21 -5.57 31.25 -58.76
C ARG D 21 -4.48 30.42 -59.43
N THR D 22 -3.23 30.75 -59.13
CA THR D 22 -2.11 29.97 -59.64
C THR D 22 -1.96 28.70 -58.82
N GLN D 23 -1.67 27.60 -59.51
CA GLN D 23 -1.45 26.31 -58.85
C GLN D 23 0.03 26.16 -58.53
N LEU D 24 0.35 26.03 -57.24
CA LEU D 24 1.71 25.82 -56.76
C LEU D 24 1.71 24.66 -55.78
N PRO D 25 2.80 23.90 -55.68
CA PRO D 25 2.89 22.88 -54.63
C PRO D 25 3.15 23.49 -53.26
N PRO D 26 2.87 22.76 -52.18
CA PRO D 26 3.25 23.24 -50.85
C PRO D 26 4.76 23.14 -50.73
N ALA D 27 5.35 23.96 -49.86
CA ALA D 27 6.79 23.86 -49.59
C ALA D 27 6.97 23.44 -48.15
N TYR D 28 8.17 22.98 -47.81
CA TYR D 28 8.45 22.53 -46.46
C TYR D 28 9.66 23.24 -45.89
N THR D 29 9.69 23.35 -44.56
CA THR D 29 10.83 23.90 -43.85
C THR D 29 11.17 23.09 -42.61
N ASN D 30 12.29 23.51 -42.02
CA ASN D 30 12.88 22.98 -40.80
C ASN D 30 12.31 23.72 -39.59
N SER D 31 11.66 22.99 -38.68
CA SER D 31 11.07 23.66 -37.51
C SER D 31 12.11 24.17 -36.53
N PHE D 32 13.35 23.66 -36.60
CA PHE D 32 14.41 24.02 -35.64
C PHE D 32 13.96 23.69 -34.22
N THR D 33 14.68 24.19 -33.22
CA THR D 33 14.33 23.96 -31.81
C THR D 33 13.21 24.91 -31.39
N ARG D 34 12.02 24.66 -31.95
CA ARG D 34 10.86 25.53 -31.77
C ARG D 34 9.66 24.70 -31.36
N GLY D 35 8.62 25.38 -30.88
CA GLY D 35 7.38 24.72 -30.57
C GLY D 35 7.22 24.25 -29.15
N VAL D 36 7.67 25.04 -28.17
CA VAL D 36 7.51 24.73 -26.75
C VAL D 36 6.80 25.88 -26.05
N TYR D 37 6.33 25.59 -24.85
CA TYR D 37 5.55 26.54 -24.06
C TYR D 37 5.71 26.21 -22.58
N TYR D 38 5.35 27.16 -21.74
CA TYR D 38 5.41 26.93 -20.30
C TYR D 38 4.27 26.00 -19.91
N PRO D 39 4.55 24.79 -19.40
CA PRO D 39 3.45 23.84 -19.16
C PRO D 39 2.51 24.27 -18.05
N ASP D 40 2.92 25.15 -17.15
CA ASP D 40 2.05 25.56 -16.06
C ASP D 40 2.36 27.02 -15.70
N LYS D 41 1.89 27.46 -14.53
CA LYS D 41 2.03 28.83 -14.05
C LYS D 41 2.95 28.92 -12.83
N VAL D 42 3.94 28.04 -12.75
CA VAL D 42 4.90 28.02 -11.65
C VAL D 42 6.22 28.63 -12.09
N PHE D 43 6.74 29.51 -11.24
CA PHE D 43 8.04 30.14 -11.46
C PHE D 43 9.15 29.24 -10.95
N ARG D 44 10.16 29.04 -11.77
CA ARG D 44 11.35 28.26 -11.43
C ARG D 44 12.55 29.10 -11.81
N SER D 45 13.68 28.90 -11.12
CA SER D 45 14.88 29.64 -11.50
C SER D 45 16.16 28.86 -11.25
N SER D 46 17.03 28.86 -12.27
CA SER D 46 18.31 28.17 -12.26
C SER D 46 18.17 26.68 -11.90
N VAL D 47 17.15 26.04 -12.46
CA VAL D 47 16.89 24.63 -12.25
C VAL D 47 16.59 24.01 -13.62
N LEU D 48 16.64 22.69 -13.67
CA LEU D 48 16.16 21.95 -14.82
C LEU D 48 14.86 21.27 -14.45
N HIS D 49 13.96 21.14 -15.43
CA HIS D 49 12.68 20.49 -15.18
C HIS D 49 12.20 19.88 -16.48
N SER D 50 11.61 18.69 -16.42
CA SER D 50 11.11 18.05 -17.63
C SER D 50 9.65 17.66 -17.47
N THR D 51 8.92 17.68 -18.60
CA THR D 51 7.53 17.25 -18.60
C THR D 51 7.21 16.40 -19.82
N GLN D 52 6.23 15.50 -19.62
CA GLN D 52 5.68 14.62 -20.65
C GLN D 52 4.44 15.29 -21.28
N ASP D 53 4.66 16.37 -22.00
CA ASP D 53 3.58 17.14 -22.61
C ASP D 53 3.56 16.96 -24.13
N LEU D 54 2.59 17.62 -24.76
CA LEU D 54 2.39 17.57 -26.20
C LEU D 54 3.06 18.77 -26.85
N PHE D 55 4.11 18.50 -27.63
CA PHE D 55 4.92 19.56 -28.25
C PHE D 55 5.24 19.21 -29.69
N LEU D 56 5.62 20.24 -30.44
CA LEU D 56 6.09 20.05 -31.78
C LEU D 56 7.45 19.35 -31.70
N PRO D 57 7.70 18.28 -32.44
CA PRO D 57 9.05 17.69 -32.43
C PRO D 57 10.04 18.73 -32.95
N PHE D 58 11.26 18.70 -32.42
CA PHE D 58 12.26 19.64 -32.91
C PHE D 58 12.72 19.20 -34.29
N PHE D 59 12.99 20.19 -35.14
CA PHE D 59 13.45 19.96 -36.51
C PHE D 59 12.41 19.13 -37.28
N SER D 60 11.14 19.39 -37.02
CA SER D 60 10.05 18.72 -37.68
C SER D 60 9.85 19.28 -39.08
N ASN D 61 9.08 18.54 -39.87
CA ASN D 61 8.74 18.93 -41.24
C ASN D 61 7.50 19.82 -41.19
N VAL D 62 7.68 21.12 -41.40
CA VAL D 62 6.62 22.12 -41.28
C VAL D 62 6.24 22.57 -42.68
N THR D 63 4.95 22.62 -42.98
CA THR D 63 4.54 23.00 -44.33
C THR D 63 4.40 24.51 -44.42
N TRP D 64 5.03 25.08 -45.46
CA TRP D 64 4.99 26.49 -45.80
C TRP D 64 3.95 26.75 -46.88
N PHE D 65 3.11 27.76 -46.63
CA PHE D 65 2.04 28.25 -47.48
C PHE D 65 2.29 29.75 -47.65
N HIS D 66 1.75 30.35 -48.70
CA HIS D 66 1.97 31.78 -48.87
C HIS D 66 0.80 32.48 -49.54
N ALA D 67 0.80 33.80 -49.41
CA ALA D 67 -0.13 34.71 -50.07
C ALA D 67 0.74 35.77 -50.74
N ILE D 68 0.93 35.69 -52.05
CA ILE D 68 1.80 36.63 -52.78
C ILE D 68 1.04 37.17 -53.98
N HIS D 69 0.93 38.50 -54.05
CA HIS D 69 0.26 39.18 -55.15
C HIS D 69 1.07 39.22 -56.44
N VAL D 70 2.38 39.01 -56.36
CA VAL D 70 3.27 39.09 -57.51
C VAL D 70 3.11 40.43 -58.21
N THR D 76 1.99 34.85 -60.83
CA THR D 76 1.76 33.60 -60.12
C THR D 76 1.02 33.86 -58.80
N LYS D 77 -0.08 34.60 -58.88
CA LYS D 77 -0.85 34.95 -57.69
C LYS D 77 -1.39 33.70 -57.01
N ARG D 78 -1.16 33.61 -55.71
CA ARG D 78 -1.60 32.49 -54.89
C ARG D 78 -2.22 33.00 -53.60
N PHE D 79 -3.36 32.40 -53.24
CA PHE D 79 -4.11 32.72 -52.03
C PHE D 79 -4.36 31.38 -51.35
N ASP D 80 -3.50 30.99 -50.42
CA ASP D 80 -3.59 29.69 -49.75
C ASP D 80 -4.53 29.73 -48.54
N ASN D 81 -5.66 29.02 -48.66
CA ASN D 81 -6.64 28.92 -47.58
C ASN D 81 -7.19 27.49 -47.49
N PRO D 82 -6.34 26.46 -47.45
CA PRO D 82 -6.88 25.09 -47.41
C PRO D 82 -7.45 24.77 -46.04
N VAL D 83 -8.29 23.73 -46.00
CA VAL D 83 -8.82 23.20 -44.76
C VAL D 83 -7.93 22.00 -44.40
N LEU D 84 -7.28 22.09 -43.24
CA LEU D 84 -6.29 21.10 -42.80
C LEU D 84 -6.77 20.25 -41.61
N PRO D 85 -6.26 19.03 -41.46
CA PRO D 85 -6.54 18.24 -40.25
C PRO D 85 -6.01 18.93 -39.00
N PHE D 86 -6.75 18.77 -37.90
CA PHE D 86 -6.34 19.28 -36.58
C PHE D 86 -5.68 18.22 -35.71
N ASN D 87 -6.04 16.95 -35.88
CA ASN D 87 -5.54 15.83 -35.10
C ASN D 87 -5.59 16.05 -33.58
N ASP D 88 -4.44 15.99 -32.88
CA ASP D 88 -4.37 16.11 -31.43
C ASP D 88 -3.89 17.48 -30.95
N GLY D 89 -3.91 18.48 -31.82
CA GLY D 89 -3.44 19.82 -31.50
C GLY D 89 -2.39 20.20 -32.52
N VAL D 90 -2.30 21.48 -32.86
CA VAL D 90 -1.44 21.93 -33.94
C VAL D 90 -0.57 23.11 -33.54
N TYR D 91 0.50 23.30 -34.31
CA TYR D 91 1.42 24.41 -34.19
C TYR D 91 1.33 25.30 -35.41
N PHE D 92 1.10 26.59 -35.19
CA PHE D 92 1.05 27.56 -36.27
C PHE D 92 2.13 28.60 -36.08
N ALA D 93 2.57 29.15 -37.21
CA ALA D 93 3.44 30.31 -37.19
C ALA D 93 3.08 31.10 -38.42
N SER D 94 3.23 32.41 -38.34
CA SER D 94 2.89 33.25 -39.47
C SER D 94 3.74 34.50 -39.47
N THR D 95 3.85 35.10 -40.65
CA THR D 95 4.53 36.37 -40.78
C THR D 95 3.93 37.05 -42.00
N GLU D 96 3.90 38.38 -41.97
CA GLU D 96 3.36 39.12 -43.08
C GLU D 96 3.91 40.54 -43.10
N LYS D 97 3.49 41.29 -44.11
CA LYS D 97 3.82 42.71 -44.15
C LYS D 97 2.88 43.54 -43.29
N SER D 98 1.61 43.13 -43.18
CA SER D 98 0.66 43.91 -42.39
C SER D 98 -0.69 43.25 -42.11
N ASN D 99 -0.84 42.55 -40.99
CA ASN D 99 -2.13 42.00 -40.56
C ASN D 99 -2.87 41.20 -41.64
N ILE D 100 -2.22 40.16 -42.14
CA ILE D 100 -2.78 39.36 -43.23
C ILE D 100 -3.53 38.14 -42.70
N ILE D 101 -3.01 37.44 -41.70
CA ILE D 101 -3.69 36.29 -41.14
C ILE D 101 -4.57 36.86 -40.05
N ARG D 102 -5.89 36.80 -40.27
CA ARG D 102 -6.86 37.44 -39.39
C ARG D 102 -7.40 36.52 -38.30
N GLY D 103 -7.43 35.21 -38.53
CA GLY D 103 -7.95 34.33 -37.52
C GLY D 103 -8.10 32.92 -38.04
N TRP D 104 -8.80 32.12 -37.24
CA TRP D 104 -8.98 30.71 -37.55
C TRP D 104 -10.41 30.24 -37.31
N ILE D 105 -10.77 29.23 -38.10
CA ILE D 105 -12.04 28.52 -38.02
C ILE D 105 -11.72 27.10 -37.60
N PHE D 106 -12.33 26.63 -36.52
CA PHE D 106 -12.11 25.28 -36.00
C PHE D 106 -13.44 24.56 -35.92
N GLY D 107 -13.47 23.28 -36.25
CA GLY D 107 -14.74 22.55 -36.15
C GLY D 107 -14.65 21.19 -36.80
N THR D 108 -15.79 20.75 -37.36
CA THR D 108 -15.85 19.45 -38.03
C THR D 108 -16.24 19.64 -39.50
N THR D 109 -17.54 19.76 -39.78
CA THR D 109 -18.02 19.93 -41.15
C THR D 109 -18.03 21.38 -41.59
N LEU D 110 -18.14 22.31 -40.64
CA LEU D 110 -18.15 23.74 -40.93
C LEU D 110 -19.22 24.12 -41.95
N ASP D 111 -20.39 23.46 -41.85
CA ASP D 111 -21.50 23.73 -42.78
C ASP D 111 -22.80 24.08 -42.07
N SER D 112 -22.74 24.42 -40.77
CA SER D 112 -23.85 24.78 -39.89
C SER D 112 -24.55 23.57 -39.29
N LYS D 113 -24.22 22.34 -39.71
CA LYS D 113 -24.90 21.19 -39.11
C LYS D 113 -24.57 21.07 -37.63
N THR D 114 -23.35 21.44 -37.26
CA THR D 114 -22.85 21.37 -35.89
C THR D 114 -22.21 22.72 -35.57
N GLN D 115 -21.90 22.90 -34.29
CA GLN D 115 -21.26 24.12 -33.82
C GLN D 115 -19.77 24.09 -34.11
N SER D 116 -19.18 25.28 -34.13
CA SER D 116 -17.77 25.43 -34.47
C SER D 116 -17.27 26.72 -33.85
N LEU D 117 -15.96 26.91 -33.86
CA LEU D 117 -15.29 28.09 -33.31
C LEU D 117 -14.77 29.03 -34.38
N LEU D 118 -15.17 30.29 -34.29
CA LEU D 118 -14.68 31.36 -35.16
C LEU D 118 -13.91 32.31 -34.26
N ILE D 119 -12.59 32.39 -34.43
CA ILE D 119 -11.73 33.25 -33.62
C ILE D 119 -11.07 34.21 -34.60
N VAL D 120 -11.60 35.44 -34.75
CA VAL D 120 -11.05 36.33 -35.78
C VAL D 120 -10.92 37.77 -35.32
N ASN D 121 -9.97 38.45 -35.96
CA ASN D 121 -9.75 39.89 -35.90
C ASN D 121 -10.60 40.51 -37.01
N ASN D 122 -11.63 41.27 -36.65
CA ASN D 122 -12.58 41.82 -37.62
C ASN D 122 -12.26 43.26 -38.03
N ALA D 123 -11.04 43.72 -37.76
CA ALA D 123 -10.52 45.07 -38.03
C ALA D 123 -11.07 46.14 -37.09
N THR D 124 -11.78 45.73 -36.04
CA THR D 124 -12.13 46.59 -34.91
C THR D 124 -11.63 45.98 -33.62
N ASN D 125 -12.00 44.72 -33.38
CA ASN D 125 -11.63 43.98 -32.18
C ASN D 125 -11.51 42.50 -32.58
N VAL D 126 -11.24 41.66 -31.60
CA VAL D 126 -11.11 40.22 -31.79
C VAL D 126 -12.35 39.58 -31.19
N VAL D 127 -13.03 38.77 -31.98
CA VAL D 127 -14.30 38.15 -31.59
C VAL D 127 -14.18 36.64 -31.65
N ILE D 128 -14.62 36.00 -30.57
CA ILE D 128 -14.66 34.54 -30.42
C ILE D 128 -16.13 34.15 -30.40
N LYS D 129 -16.52 33.27 -31.33
CA LYS D 129 -17.90 32.78 -31.42
C LYS D 129 -17.89 31.26 -31.49
N VAL D 130 -18.96 30.64 -30.97
CA VAL D 130 -19.18 29.20 -31.10
C VAL D 130 -20.34 28.91 -32.06
N CYS D 131 -20.71 29.90 -32.86
CA CYS D 131 -21.91 29.85 -33.70
C CYS D 131 -21.91 28.69 -34.69
N GLU D 132 -23.10 28.16 -34.95
CA GLU D 132 -23.33 27.11 -35.94
C GLU D 132 -23.37 27.78 -37.31
N PHE D 133 -22.20 28.29 -37.71
CA PHE D 133 -22.09 29.04 -38.95
C PHE D 133 -21.94 28.15 -40.17
N GLN D 134 -22.56 28.58 -41.28
CA GLN D 134 -22.31 27.98 -42.58
C GLN D 134 -21.21 28.88 -43.14
N PHE D 135 -20.02 28.33 -43.34
CA PHE D 135 -18.90 29.15 -43.72
C PHE D 135 -18.75 29.30 -45.22
N CYS D 136 -18.23 30.45 -45.62
CA CYS D 136 -17.93 30.73 -47.01
C CYS D 136 -16.78 29.83 -47.46
N ASN D 137 -16.87 29.32 -48.69
CA ASN D 137 -15.84 28.45 -49.23
C ASN D 137 -14.47 29.12 -49.24
N ASP D 138 -14.42 30.43 -49.46
CA ASP D 138 -13.16 31.19 -49.49
C ASP D 138 -13.27 32.37 -48.52
N PRO D 139 -13.21 32.11 -47.21
CA PRO D 139 -13.40 33.19 -46.23
C PRO D 139 -12.37 34.30 -46.43
N PHE D 140 -12.82 35.54 -46.30
CA PHE D 140 -11.88 36.64 -46.39
C PHE D 140 -12.45 37.85 -45.68
N LEU D 141 -11.53 38.77 -45.35
CA LEU D 141 -11.84 40.10 -44.85
C LEU D 141 -11.11 41.06 -45.78
N GLY D 142 -11.85 41.93 -46.46
CA GLY D 142 -11.26 42.81 -47.43
C GLY D 142 -10.96 44.20 -46.91
N VAL D 143 -9.93 44.80 -47.49
CA VAL D 143 -9.50 46.16 -47.18
C VAL D 143 -9.28 46.89 -48.49
N SER D 151 -6.32 55.02 -51.45
CA SER D 151 -5.56 54.58 -50.29
C SER D 151 -6.07 53.22 -49.81
N TRP D 152 -5.96 52.94 -48.50
CA TRP D 152 -6.43 51.70 -47.91
C TRP D 152 -7.61 51.99 -46.99
N MET D 153 -8.61 51.12 -47.03
CA MET D 153 -9.77 51.25 -46.16
C MET D 153 -10.44 49.90 -46.01
N GLU D 154 -11.06 49.67 -44.85
CA GLU D 154 -11.82 48.44 -44.64
C GLU D 154 -13.04 48.46 -45.55
N SER D 155 -13.38 47.30 -46.12
CA SER D 155 -14.55 47.23 -47.00
C SER D 155 -15.47 46.04 -46.83
N GLU D 156 -14.96 44.82 -46.57
CA GLU D 156 -15.82 43.65 -46.56
C GLU D 156 -15.50 42.65 -45.44
N PHE D 157 -16.57 42.17 -44.81
CA PHE D 157 -16.54 41.08 -43.85
C PHE D 157 -17.49 40.02 -44.39
N ARG D 158 -17.01 38.79 -44.59
CA ARG D 158 -17.87 37.71 -45.03
C ARG D 158 -17.84 36.61 -43.98
N VAL D 159 -16.96 35.62 -44.12
CA VAL D 159 -16.74 34.53 -43.16
C VAL D 159 -17.93 33.59 -43.00
N TYR D 160 -19.08 34.10 -42.59
CA TYR D 160 -20.25 33.27 -42.32
C TYR D 160 -21.53 33.86 -42.92
N SER D 161 -22.48 32.96 -43.16
CA SER D 161 -23.78 33.36 -43.69
C SER D 161 -24.68 34.01 -42.63
N SER D 162 -24.81 33.39 -41.46
CA SER D 162 -25.72 33.93 -40.45
C SER D 162 -25.42 33.38 -39.06
N ALA D 163 -25.72 34.21 -38.05
CA ALA D 163 -25.62 33.86 -36.63
C ALA D 163 -26.89 33.15 -36.15
N ASN D 164 -27.02 31.89 -36.55
CA ASN D 164 -28.25 31.15 -36.32
C ASN D 164 -28.54 30.87 -34.84
N ASN D 165 -27.52 30.69 -34.00
CA ASN D 165 -27.76 30.37 -32.58
C ASN D 165 -26.79 31.04 -31.62
N CYS D 166 -25.51 30.63 -31.68
CA CYS D 166 -24.43 31.32 -30.97
C CYS D 166 -24.57 31.26 -29.46
N THR D 167 -24.27 30.11 -28.86
CA THR D 167 -24.44 29.90 -27.43
C THR D 167 -23.35 30.56 -26.59
N PHE D 168 -22.27 31.02 -27.18
CA PHE D 168 -21.17 31.70 -26.49
C PHE D 168 -20.63 32.77 -27.42
N GLU D 169 -20.33 33.94 -26.85
CA GLU D 169 -19.70 34.99 -27.63
C GLU D 169 -18.84 35.85 -26.71
N TYR D 170 -17.65 36.18 -27.19
CA TYR D 170 -16.74 37.11 -26.50
C TYR D 170 -16.21 38.11 -27.49
N VAL D 171 -16.31 39.39 -27.13
CA VAL D 171 -15.82 40.50 -27.95
C VAL D 171 -14.77 41.23 -27.14
N SER D 172 -13.56 41.35 -27.71
CA SER D 172 -12.48 42.05 -27.05
C SER D 172 -12.65 43.55 -27.22
N GLN D 173 -11.82 44.31 -26.51
CA GLN D 173 -11.92 45.76 -26.58
C GLN D 173 -11.51 46.26 -27.96
N PRO D 174 -11.97 47.46 -28.36
CA PRO D 174 -11.50 48.05 -29.62
C PRO D 174 -9.99 48.31 -29.63
N PHE D 175 -9.41 48.12 -30.80
CA PHE D 175 -8.00 48.39 -31.08
C PHE D 175 -7.93 49.37 -32.24
N LEU D 176 -6.79 50.05 -32.38
CA LEU D 176 -6.64 50.99 -33.50
C LEU D 176 -6.77 50.28 -34.84
N MET D 177 -6.25 49.06 -34.93
CA MET D 177 -6.35 48.22 -36.13
C MET D 177 -5.92 48.96 -37.40
N ASP D 178 -4.67 49.42 -37.40
CA ASP D 178 -4.14 50.16 -38.54
C ASP D 178 -3.75 49.16 -39.63
N LEU D 179 -4.46 49.21 -40.75
CA LEU D 179 -4.27 48.27 -41.86
C LEU D 179 -3.86 49.02 -43.12
N GLU D 180 -2.66 48.74 -43.62
CA GLU D 180 -2.15 49.37 -44.83
C GLU D 180 -1.11 48.45 -45.44
N GLY D 181 -0.84 48.65 -46.73
CA GLY D 181 0.16 47.84 -47.40
C GLY D 181 1.57 48.29 -47.08
N LYS D 182 2.49 47.32 -47.10
CA LYS D 182 3.92 47.57 -46.89
C LYS D 182 4.72 46.73 -47.87
N GLN D 183 5.93 47.20 -48.18
CA GLN D 183 6.84 46.52 -49.08
C GLN D 183 8.13 46.21 -48.33
N GLY D 184 8.86 45.22 -48.81
CA GLY D 184 10.12 44.79 -48.22
C GLY D 184 9.99 43.41 -47.58
N ASN D 185 10.94 43.12 -46.69
CA ASN D 185 10.95 41.81 -46.05
C ASN D 185 9.98 41.83 -44.86
N PHE D 186 9.87 40.70 -44.16
CA PHE D 186 8.90 40.61 -43.07
C PHE D 186 9.48 41.19 -41.80
N LYS D 187 8.63 41.92 -41.06
CA LYS D 187 9.05 42.60 -39.84
C LYS D 187 8.64 41.91 -38.55
N ASN D 188 7.64 41.02 -38.58
CA ASN D 188 7.16 40.37 -37.36
C ASN D 188 6.73 38.93 -37.57
N LEU D 189 7.06 38.08 -36.59
CA LEU D 189 6.63 36.69 -36.54
C LEU D 189 5.62 36.55 -35.40
N ARG D 190 4.65 35.67 -35.61
CA ARG D 190 3.71 35.29 -34.56
C ARG D 190 3.69 33.77 -34.52
N GLU D 191 3.64 33.21 -33.31
CA GLU D 191 3.59 31.77 -33.14
C GLU D 191 2.48 31.43 -32.19
N PHE D 192 1.72 30.37 -32.52
CA PHE D 192 0.59 29.93 -31.70
C PHE D 192 0.59 28.42 -31.60
N VAL D 193 0.12 27.93 -30.45
CA VAL D 193 -0.14 26.50 -30.25
C VAL D 193 -1.60 26.34 -29.83
N PHE D 194 -2.29 25.44 -30.53
CA PHE D 194 -3.71 25.15 -30.32
C PHE D 194 -3.87 23.72 -29.83
N LYS D 195 -4.29 23.57 -28.57
CA LYS D 195 -4.45 22.28 -27.92
C LYS D 195 -5.89 22.20 -27.43
N ASN D 196 -6.45 21.00 -27.33
CA ASN D 196 -7.83 20.82 -26.88
C ASN D 196 -7.95 19.62 -25.96
N ILE D 197 -8.10 19.87 -24.66
CA ILE D 197 -8.14 18.80 -23.65
C ILE D 197 -9.37 18.95 -22.77
N ASP D 198 -10.16 17.86 -22.68
CA ASP D 198 -11.33 17.72 -21.80
C ASP D 198 -12.31 18.88 -21.90
N GLY D 199 -12.56 19.36 -23.10
CA GLY D 199 -13.51 20.42 -23.30
C GLY D 199 -12.92 21.82 -23.33
N TYR D 200 -11.66 21.97 -22.94
CA TYR D 200 -11.01 23.28 -22.93
C TYR D 200 -10.11 23.44 -24.14
N PHE D 201 -10.29 24.55 -24.83
CA PHE D 201 -9.51 24.93 -26.00
C PHE D 201 -8.42 25.86 -25.50
N LYS D 202 -7.18 25.38 -25.49
CA LYS D 202 -6.07 26.11 -24.89
C LYS D 202 -5.22 26.70 -26.00
N ILE D 203 -5.00 28.02 -25.94
CA ILE D 203 -4.24 28.74 -26.93
C ILE D 203 -3.04 29.35 -26.23
N TYR D 204 -1.85 29.07 -26.77
CA TYR D 204 -0.58 29.62 -26.33
C TYR D 204 -0.08 30.51 -27.45
N SER D 205 0.64 31.59 -27.12
CA SER D 205 1.13 32.43 -28.20
C SER D 205 2.35 33.25 -27.80
N LYS D 206 3.03 33.76 -28.83
CA LYS D 206 4.13 34.70 -28.62
C LYS D 206 4.33 35.51 -29.90
N HIS D 207 4.78 36.75 -29.73
CA HIS D 207 5.14 37.66 -30.81
C HIS D 207 6.65 37.90 -30.80
N THR D 208 7.29 37.86 -31.99
CA THR D 208 8.72 38.11 -32.10
C THR D 208 9.08 39.10 -33.20
N PRO D 209 9.91 40.12 -32.96
CA PRO D 209 10.38 40.98 -34.06
C PRO D 209 11.37 40.20 -34.93
N ILE D 210 11.40 40.51 -36.23
CA ILE D 210 12.30 39.78 -37.13
C ILE D 210 12.56 40.60 -38.40
N ASN D 211 13.66 40.24 -39.11
CA ASN D 211 14.01 40.81 -40.42
C ASN D 211 14.42 39.68 -41.39
N LEU D 212 13.46 38.99 -42.01
CA LEU D 212 13.78 37.84 -42.86
C LEU D 212 12.85 37.82 -44.06
N VAL D 213 13.25 37.07 -45.09
CA VAL D 213 12.45 36.95 -46.30
C VAL D 213 11.46 35.79 -46.26
N ARG D 214 11.86 34.58 -45.81
CA ARG D 214 10.94 33.44 -45.82
C ARG D 214 10.98 32.56 -44.57
N ASP D 215 11.94 31.64 -44.53
CA ASP D 215 12.00 30.61 -43.49
C ASP D 215 12.13 31.21 -42.09
N LEU D 216 11.56 30.50 -41.12
CA LEU D 216 11.61 30.93 -39.74
C LEU D 216 13.07 30.87 -39.24
N PRO D 217 13.45 31.75 -38.32
CA PRO D 217 14.82 31.75 -37.82
C PRO D 217 15.08 30.55 -36.93
N GLN D 218 16.34 30.14 -36.89
CA GLN D 218 16.75 29.13 -35.94
C GLN D 218 17.00 29.80 -34.60
N GLY D 219 16.51 29.17 -33.55
CA GLY D 219 16.64 29.70 -32.21
C GLY D 219 15.66 28.97 -31.31
N PHE D 220 15.50 29.52 -30.11
CA PHE D 220 14.64 28.89 -29.12
C PHE D 220 13.85 29.93 -28.33
N SER D 221 12.58 29.63 -28.10
CA SER D 221 11.70 30.44 -27.28
C SER D 221 10.56 29.55 -26.79
N ALA D 222 9.77 30.06 -25.85
CA ALA D 222 8.61 29.34 -25.34
C ALA D 222 7.40 30.25 -25.26
N LEU D 223 6.24 29.69 -25.57
CA LEU D 223 4.98 30.42 -25.59
C LEU D 223 4.34 30.48 -24.21
N GLU D 224 3.50 31.54 -23.99
CA GLU D 224 2.78 31.79 -22.75
C GLU D 224 1.35 31.26 -22.83
N PRO D 225 0.70 30.88 -21.69
CA PRO D 225 -0.70 30.36 -21.68
C PRO D 225 -1.72 31.47 -21.86
N LEU D 226 -1.80 31.99 -23.10
CA LEU D 226 -2.66 33.13 -23.40
C LEU D 226 -4.12 32.93 -22.97
N VAL D 227 -4.77 31.83 -23.36
CA VAL D 227 -6.18 31.71 -22.96
C VAL D 227 -6.63 30.26 -22.94
N ASP D 228 -7.45 29.93 -21.94
CA ASP D 228 -8.13 28.64 -21.82
C ASP D 228 -9.63 28.89 -22.03
N LEU D 229 -10.19 28.47 -23.20
CA LEU D 229 -11.60 28.74 -23.51
C LEU D 229 -12.48 27.52 -23.17
N PRO D 230 -13.55 27.66 -22.35
CA PRO D 230 -14.45 26.53 -21.96
C PRO D 230 -15.45 26.21 -23.07
N ILE D 231 -15.02 25.56 -24.15
CA ILE D 231 -15.85 25.42 -25.34
C ILE D 231 -16.57 24.08 -25.41
N GLY D 232 -15.89 22.95 -25.21
CA GLY D 232 -16.60 21.68 -25.28
C GLY D 232 -16.96 21.17 -26.66
N ILE D 233 -16.26 21.59 -27.72
CA ILE D 233 -16.57 21.21 -29.10
C ILE D 233 -15.52 20.24 -29.62
N ASN D 234 -15.98 19.17 -30.27
CA ASN D 234 -15.17 18.10 -30.86
C ASN D 234 -14.58 18.61 -32.17
N ILE D 235 -13.44 19.28 -32.04
CA ILE D 235 -12.73 19.89 -33.17
C ILE D 235 -11.86 18.85 -33.88
N THR D 236 -12.04 18.74 -35.20
CA THR D 236 -11.27 17.82 -36.03
C THR D 236 -10.61 18.45 -37.24
N ARG D 237 -11.09 19.59 -37.73
CA ARG D 237 -10.59 20.25 -38.93
C ARG D 237 -10.48 21.74 -38.65
N PHE D 238 -9.63 22.42 -39.41
CA PHE D 238 -9.56 23.87 -39.30
C PHE D 238 -9.26 24.51 -40.63
N GLN D 239 -9.56 25.81 -40.71
CA GLN D 239 -9.31 26.63 -41.88
C GLN D 239 -8.76 27.98 -41.43
N THR D 240 -7.85 28.53 -42.22
CA THR D 240 -7.26 29.83 -41.94
C THR D 240 -8.10 30.94 -42.56
N LEU D 241 -7.94 32.16 -42.04
CA LEU D 241 -8.58 33.35 -42.59
C LEU D 241 -7.51 34.31 -43.09
N LEU D 242 -7.49 34.57 -44.40
CA LEU D 242 -6.50 35.42 -45.02
C LEU D 242 -7.11 36.75 -45.43
N ALA D 243 -6.40 37.84 -45.14
CA ALA D 243 -6.83 39.17 -45.54
C ALA D 243 -6.79 39.36 -47.05
N LEU D 244 -7.74 40.13 -47.57
CA LEU D 244 -7.85 40.44 -48.98
C LEU D 244 -7.59 41.93 -49.21
N HIS D 245 -6.77 42.23 -50.22
CA HIS D 245 -6.48 43.60 -50.63
C HIS D 245 -7.33 43.94 -51.85
N ARG D 246 -7.75 45.21 -51.93
CA ARG D 246 -8.51 45.68 -53.07
C ARG D 246 -7.62 45.78 -54.30
N SER D 247 -8.22 45.66 -55.47
CA SER D 247 -7.51 45.81 -56.73
C SER D 247 -7.09 47.26 -56.95
N SER D 254 -15.22 41.60 -59.11
CA SER D 254 -15.28 40.20 -59.49
C SER D 254 -14.60 39.32 -58.44
N SER D 255 -14.60 38.01 -58.69
CA SER D 255 -13.90 37.04 -57.86
C SER D 255 -12.48 36.75 -58.32
N SER D 256 -12.06 37.32 -59.45
CA SER D 256 -10.72 37.08 -60.00
C SER D 256 -9.76 38.22 -59.74
N GLY D 257 -10.26 39.45 -59.63
CA GLY D 257 -9.42 40.62 -59.45
C GLY D 257 -9.05 40.84 -58.00
N TRP D 258 -8.50 39.81 -57.36
CA TRP D 258 -8.16 39.83 -55.94
C TRP D 258 -6.65 39.94 -55.79
N THR D 259 -6.22 40.76 -54.85
CA THR D 259 -4.80 40.95 -54.53
C THR D 259 -4.46 40.21 -53.23
N ALA D 260 -3.49 39.30 -53.29
CA ALA D 260 -3.08 38.48 -52.15
C ALA D 260 -2.10 39.17 -51.22
N GLY D 261 -1.66 40.39 -51.50
CA GLY D 261 -0.73 41.08 -50.63
C GLY D 261 0.60 40.37 -50.52
N ALA D 262 1.04 40.10 -49.28
CA ALA D 262 2.31 39.43 -49.06
C ALA D 262 2.43 38.84 -47.66
N ALA D 263 2.40 37.51 -47.57
CA ALA D 263 2.52 36.85 -46.28
C ALA D 263 2.98 35.42 -46.46
N ALA D 264 3.48 34.84 -45.37
CA ALA D 264 3.87 33.44 -45.28
C ALA D 264 3.20 32.84 -44.05
N TYR D 265 2.89 31.55 -44.14
CA TYR D 265 2.22 30.83 -43.07
C TYR D 265 2.79 29.43 -42.95
N TYR D 266 2.99 28.95 -41.72
CA TYR D 266 3.59 27.66 -41.42
C TYR D 266 2.65 26.84 -40.56
N VAL D 267 2.55 25.53 -40.85
CA VAL D 267 1.76 24.59 -40.05
C VAL D 267 2.54 23.33 -39.72
N GLY D 268 2.54 22.96 -38.43
CA GLY D 268 3.12 21.72 -37.96
C GLY D 268 2.12 21.03 -37.04
N TYR D 269 2.52 19.85 -36.54
CA TYR D 269 1.68 19.04 -35.67
C TYR D 269 2.41 18.63 -34.41
N LEU D 270 1.63 18.53 -33.32
CA LEU D 270 2.11 18.18 -32.00
C LEU D 270 2.09 16.68 -31.78
N GLN D 271 3.02 16.22 -30.94
CA GLN D 271 3.10 14.82 -30.54
C GLN D 271 3.36 14.72 -29.04
N PRO D 272 2.93 13.61 -28.39
CA PRO D 272 3.27 13.41 -26.98
C PRO D 272 4.73 13.07 -26.80
N ARG D 273 5.55 14.06 -26.43
CA ARG D 273 6.98 13.88 -26.35
C ARG D 273 7.46 14.58 -25.09
N THR D 274 8.40 13.94 -24.38
CA THR D 274 8.92 14.54 -23.17
C THR D 274 10.03 15.51 -23.52
N PHE D 275 9.98 16.70 -22.94
CA PHE D 275 11.03 17.70 -23.08
C PHE D 275 11.61 18.12 -21.74
N LEU D 276 12.93 18.27 -21.73
CA LEU D 276 13.67 18.79 -20.58
C LEU D 276 13.91 20.27 -20.84
N LEU D 277 13.43 21.14 -19.96
CA LEU D 277 13.51 22.58 -20.08
C LEU D 277 14.54 23.12 -19.10
N LYS D 278 15.35 24.07 -19.57
CA LYS D 278 16.36 24.76 -18.77
C LYS D 278 15.90 26.17 -18.45
N TYR D 279 15.79 26.48 -17.17
CA TYR D 279 15.39 27.81 -16.71
C TYR D 279 16.62 28.61 -16.34
N ASN D 280 16.63 29.89 -16.68
CA ASN D 280 17.72 30.77 -16.29
C ASN D 280 17.43 31.36 -14.90
N GLU D 281 18.32 32.25 -14.45
CA GLU D 281 18.18 32.82 -13.11
C GLU D 281 16.95 33.72 -12.98
N ASN D 282 16.35 34.16 -14.08
CA ASN D 282 15.15 34.98 -14.05
C ASN D 282 13.89 34.20 -14.42
N GLY D 283 14.01 32.88 -14.54
CA GLY D 283 12.89 32.00 -14.83
C GLY D 283 12.42 31.97 -16.25
N THR D 284 13.21 32.45 -17.20
CA THR D 284 12.84 32.41 -18.60
C THR D 284 13.47 31.12 -19.13
N ILE D 285 12.72 30.36 -19.91
CA ILE D 285 13.28 29.13 -20.46
C ILE D 285 14.18 29.53 -21.62
N THR D 286 15.46 29.13 -21.56
CA THR D 286 16.42 29.50 -22.58
C THR D 286 16.86 28.34 -23.46
N ASP D 287 16.68 27.10 -23.03
CA ASP D 287 17.04 25.96 -23.86
C ASP D 287 16.14 24.78 -23.51
N ALA D 288 16.30 23.70 -24.27
CA ALA D 288 15.55 22.48 -24.02
C ALA D 288 16.21 21.33 -24.77
N VAL D 289 15.98 20.13 -24.24
CA VAL D 289 16.40 18.88 -24.85
C VAL D 289 15.16 18.07 -25.21
N ASP D 290 15.08 17.69 -26.48
CA ASP D 290 14.03 16.82 -26.99
C ASP D 290 14.45 15.39 -26.69
N CYS D 291 13.78 14.77 -25.73
CA CYS D 291 14.25 13.51 -25.15
C CYS D 291 14.15 12.33 -26.12
N ALA D 292 13.57 12.50 -27.31
CA ALA D 292 13.51 11.41 -28.28
C ALA D 292 13.87 11.88 -29.69
N LEU D 293 14.71 12.92 -29.79
CA LEU D 293 15.14 13.41 -31.10
C LEU D 293 16.23 12.54 -31.70
N ASP D 294 17.17 12.07 -30.88
CA ASP D 294 18.33 11.32 -31.34
C ASP D 294 19.15 10.83 -30.14
N PRO D 295 20.01 9.82 -30.32
CA PRO D 295 20.82 9.31 -29.19
C PRO D 295 21.54 10.38 -28.37
N LEU D 296 22.02 11.46 -29.00
CA LEU D 296 22.68 12.48 -28.21
C LEU D 296 21.68 13.21 -27.34
N SER D 297 20.52 13.54 -27.91
CA SER D 297 19.53 14.25 -27.12
C SER D 297 18.95 13.31 -26.08
N GLU D 298 18.84 12.03 -26.41
CA GLU D 298 18.32 11.04 -25.46
C GLU D 298 19.24 10.94 -24.27
N THR D 299 20.55 10.95 -24.52
CA THR D 299 21.53 10.90 -23.44
C THR D 299 21.47 12.16 -22.60
N LYS D 300 21.41 13.32 -23.25
CA LYS D 300 21.32 14.59 -22.53
C LYS D 300 20.12 14.58 -21.60
N CYS D 301 18.99 14.05 -22.09
CA CYS D 301 17.79 13.97 -21.26
C CYS D 301 17.98 13.01 -20.10
N THR D 302 18.57 11.85 -20.37
CA THR D 302 18.75 10.84 -19.33
C THR D 302 19.57 11.36 -18.15
N LEU D 303 20.63 12.10 -18.41
CA LEU D 303 21.52 12.58 -17.37
C LEU D 303 21.09 13.93 -16.78
N LYS D 304 19.99 14.50 -17.27
CA LYS D 304 19.53 15.82 -16.83
C LYS D 304 20.64 16.83 -16.97
N SER D 305 21.29 16.81 -18.13
CA SER D 305 22.40 17.70 -18.40
C SER D 305 22.46 18.05 -19.88
N PHE D 306 22.98 19.23 -20.16
CA PHE D 306 23.21 19.71 -21.51
C PHE D 306 24.65 19.49 -21.95
N THR D 307 25.46 18.86 -21.10
CA THR D 307 26.85 18.52 -21.39
C THR D 307 26.99 17.06 -21.03
N VAL D 308 27.58 16.27 -21.93
CA VAL D 308 27.79 14.84 -21.72
C VAL D 308 29.27 14.56 -21.84
N GLU D 309 29.81 13.87 -20.84
CA GLU D 309 31.22 13.52 -20.80
C GLU D 309 31.52 12.32 -21.70
N LYS D 310 32.78 12.23 -22.09
CA LYS D 310 33.30 11.13 -22.91
C LYS D 310 33.00 9.78 -22.27
N GLY D 311 32.46 8.86 -23.06
CA GLY D 311 32.16 7.52 -22.58
C GLY D 311 30.96 6.93 -23.30
N ILE D 312 30.46 5.82 -22.76
CA ILE D 312 29.30 5.12 -23.32
C ILE D 312 28.15 5.21 -22.33
N TYR D 313 27.00 5.62 -22.82
CA TYR D 313 25.79 5.72 -22.02
C TYR D 313 24.73 4.79 -22.57
N GLN D 314 24.15 3.97 -21.70
CA GLN D 314 23.07 3.09 -22.09
C GLN D 314 21.77 3.88 -22.01
N THR D 315 20.97 3.87 -23.09
CA THR D 315 19.76 4.70 -23.16
C THR D 315 18.54 3.93 -23.67
N SER D 316 17.85 3.28 -22.75
CA SER D 316 16.62 2.50 -23.00
C SER D 316 16.87 1.46 -24.10
N ASN D 317 15.89 1.23 -24.97
CA ASN D 317 15.93 0.15 -25.96
C ASN D 317 15.31 0.59 -27.27
N PHE D 318 15.66 -0.14 -28.31
CA PHE D 318 15.01 -0.02 -29.61
C PHE D 318 13.80 -0.94 -29.58
N ARG D 319 12.60 -0.36 -29.71
CA ARG D 319 11.36 -1.11 -29.62
C ARG D 319 10.59 -1.02 -30.93
N VAL D 320 10.08 -2.16 -31.37
CA VAL D 320 9.27 -2.26 -32.57
C VAL D 320 7.83 -2.03 -32.15
N GLN D 321 7.12 -1.16 -32.86
CA GLN D 321 5.73 -0.87 -32.52
C GLN D 321 4.78 -1.72 -33.38
N PRO D 322 3.60 -2.07 -32.88
CA PRO D 322 2.65 -2.79 -33.72
C PRO D 322 2.14 -1.89 -34.85
N THR D 323 1.86 -2.52 -35.98
CA THR D 323 1.38 -1.80 -37.15
C THR D 323 -0.11 -1.98 -37.40
N GLU D 324 -0.75 -2.99 -36.80
CA GLU D 324 -2.16 -3.24 -37.03
C GLU D 324 -2.77 -3.91 -35.80
N SER D 325 -4.09 -3.81 -35.71
CA SER D 325 -4.87 -4.43 -34.63
C SER D 325 -5.57 -5.68 -35.14
N ILE D 326 -5.27 -6.82 -34.55
CA ILE D 326 -5.84 -8.12 -34.94
C ILE D 326 -6.71 -8.60 -33.79
N VAL D 327 -8.00 -8.74 -34.05
CA VAL D 327 -9.00 -9.15 -33.08
C VAL D 327 -9.63 -10.45 -33.57
N ARG D 328 -9.73 -11.44 -32.68
CA ARG D 328 -10.30 -12.74 -33.03
C ARG D 328 -11.28 -13.19 -31.96
N PHE D 329 -12.49 -13.52 -32.39
CA PHE D 329 -13.56 -14.04 -31.55
C PHE D 329 -14.25 -15.20 -32.28
N PRO D 330 -14.95 -16.07 -31.55
CA PRO D 330 -15.75 -17.09 -32.24
C PRO D 330 -16.87 -16.43 -33.00
N ASN D 331 -17.28 -17.05 -34.11
CA ASN D 331 -18.32 -16.46 -34.95
C ASN D 331 -19.71 -16.77 -34.37
N ILE D 332 -20.04 -16.01 -33.33
CA ILE D 332 -21.32 -16.12 -32.63
C ILE D 332 -22.24 -15.06 -33.19
N THR D 333 -23.38 -15.48 -33.74
CA THR D 333 -24.34 -14.60 -34.39
C THR D 333 -25.63 -14.39 -33.62
N ASN D 334 -25.92 -15.23 -32.64
CA ASN D 334 -27.17 -15.14 -31.90
C ASN D 334 -27.08 -14.06 -30.83
N LEU D 335 -28.18 -13.33 -30.64
CA LEU D 335 -28.26 -12.37 -29.56
C LEU D 335 -28.68 -13.10 -28.29
N CYS D 336 -28.11 -12.70 -27.17
CA CYS D 336 -28.46 -13.30 -25.89
C CYS D 336 -29.92 -13.04 -25.53
N PRO D 337 -30.57 -13.98 -24.83
CA PRO D 337 -32.01 -13.82 -24.54
C PRO D 337 -32.28 -12.78 -23.46
N PHE D 338 -32.02 -11.51 -23.75
CA PHE D 338 -32.28 -10.47 -22.76
C PHE D 338 -33.77 -10.30 -22.52
N GLY D 339 -34.60 -10.56 -23.55
CA GLY D 339 -36.03 -10.43 -23.36
C GLY D 339 -36.56 -11.40 -22.32
N GLU D 340 -36.17 -12.67 -22.43
CA GLU D 340 -36.66 -13.66 -21.49
C GLU D 340 -36.21 -13.34 -20.07
N VAL D 341 -35.00 -12.80 -19.93
CA VAL D 341 -34.47 -12.48 -18.60
C VAL D 341 -35.15 -11.25 -18.01
N PHE D 342 -35.33 -10.19 -18.80
CA PHE D 342 -35.89 -8.92 -18.30
C PHE D 342 -37.36 -8.68 -18.62
N ASN D 343 -37.96 -9.37 -19.60
CA ASN D 343 -39.35 -9.16 -19.95
C ASN D 343 -40.19 -10.39 -19.55
N ALA D 344 -39.71 -11.15 -18.58
CA ALA D 344 -40.42 -12.34 -18.13
C ALA D 344 -41.77 -11.98 -17.53
N THR D 345 -42.76 -12.84 -17.76
CA THR D 345 -44.08 -12.63 -17.17
C THR D 345 -44.03 -12.71 -15.66
N ARG D 346 -43.31 -13.70 -15.11
CA ARG D 346 -43.24 -13.91 -13.67
C ARG D 346 -41.83 -14.32 -13.28
N PHE D 347 -41.43 -13.87 -12.09
CA PHE D 347 -40.17 -14.25 -11.48
C PHE D 347 -40.42 -15.23 -10.32
N ALA D 348 -39.52 -16.19 -10.18
CA ALA D 348 -39.61 -17.21 -9.14
C ALA D 348 -39.47 -16.59 -7.75
N SER D 349 -40.13 -17.22 -6.79
CA SER D 349 -40.00 -16.81 -5.39
C SER D 349 -38.54 -16.91 -4.98
N VAL D 350 -38.10 -15.96 -4.16
CA VAL D 350 -36.70 -15.93 -3.73
C VAL D 350 -36.34 -17.18 -2.94
N TYR D 351 -37.29 -17.78 -2.21
CA TYR D 351 -36.96 -18.99 -1.47
C TYR D 351 -36.65 -20.16 -2.41
N ALA D 352 -37.11 -20.09 -3.66
CA ALA D 352 -36.95 -21.16 -4.63
C ALA D 352 -36.54 -20.50 -5.96
N TRP D 353 -35.38 -19.86 -5.92
CA TRP D 353 -34.89 -19.09 -7.06
C TRP D 353 -34.40 -19.99 -8.18
N ASN D 354 -34.52 -19.49 -9.42
CA ASN D 354 -34.09 -20.25 -10.59
C ASN D 354 -32.76 -19.75 -11.12
N ARG D 355 -32.08 -20.65 -11.84
CA ARG D 355 -30.83 -20.33 -12.51
C ARG D 355 -30.80 -21.05 -13.85
N LYS D 356 -30.32 -20.35 -14.89
CA LYS D 356 -30.14 -20.99 -16.19
C LYS D 356 -28.82 -20.55 -16.81
N ARG D 357 -28.27 -21.44 -17.64
CA ARG D 357 -27.04 -21.14 -18.37
C ARG D 357 -27.31 -20.38 -19.65
N ILE D 358 -26.44 -19.41 -19.94
CA ILE D 358 -26.49 -18.62 -21.16
C ILE D 358 -25.23 -18.98 -21.95
N SER D 359 -25.41 -19.32 -23.23
CA SER D 359 -24.27 -19.69 -24.05
C SER D 359 -24.56 -19.40 -25.51
N ASN D 360 -23.49 -19.36 -26.31
CA ASN D 360 -23.57 -19.24 -27.76
C ASN D 360 -24.39 -18.02 -28.19
N CYS D 361 -24.09 -16.87 -27.59
CA CYS D 361 -24.81 -15.65 -27.91
C CYS D 361 -23.90 -14.45 -27.70
N VAL D 362 -24.34 -13.31 -28.21
CA VAL D 362 -23.61 -12.04 -28.10
C VAL D 362 -24.28 -11.18 -27.03
N ALA D 363 -23.48 -10.68 -26.10
CA ALA D 363 -23.97 -9.82 -25.03
C ALA D 363 -23.89 -8.36 -25.47
N ASP D 364 -24.97 -7.63 -25.26
CA ASP D 364 -25.05 -6.22 -25.62
C ASP D 364 -25.97 -5.57 -24.60
N TYR D 365 -25.44 -4.69 -23.76
CA TYR D 365 -26.23 -4.14 -22.67
C TYR D 365 -26.87 -2.80 -23.02
N SER D 366 -26.61 -2.28 -24.23
CA SER D 366 -27.19 -1.00 -24.62
C SER D 366 -28.65 -1.15 -25.01
N VAL D 367 -29.11 -2.39 -25.22
CA VAL D 367 -30.48 -2.66 -25.64
C VAL D 367 -31.47 -2.36 -24.53
N LEU D 368 -31.01 -2.32 -23.29
CA LEU D 368 -31.87 -2.11 -22.14
C LEU D 368 -32.07 -0.63 -21.81
N TYR D 369 -31.34 0.26 -22.48
CA TYR D 369 -31.40 1.68 -22.11
C TYR D 369 -32.77 2.24 -22.38
N ASN D 370 -33.46 1.74 -23.42
CA ASN D 370 -34.79 2.17 -23.79
C ASN D 370 -35.83 1.07 -23.53
N SER D 371 -35.53 0.19 -22.58
CA SER D 371 -36.41 -0.90 -22.18
C SER D 371 -36.94 -0.69 -20.77
N ALA D 372 -36.05 -0.48 -19.81
CA ALA D 372 -36.45 -0.31 -18.42
C ALA D 372 -35.41 0.56 -17.73
N SER D 373 -35.86 1.22 -16.67
CA SER D 373 -34.98 1.99 -15.80
C SER D 373 -34.58 1.08 -14.65
N PHE D 374 -33.27 0.95 -14.42
CA PHE D 374 -32.77 0.06 -13.37
C PHE D 374 -32.33 0.87 -12.18
N SER D 375 -32.64 0.39 -10.98
CA SER D 375 -32.20 1.09 -9.78
C SER D 375 -30.80 0.66 -9.39
N THR D 376 -30.42 -0.58 -9.69
CA THR D 376 -29.10 -1.09 -9.34
C THR D 376 -28.51 -1.78 -10.55
N PHE D 377 -27.27 -1.45 -10.86
CA PHE D 377 -26.47 -2.16 -11.86
C PHE D 377 -25.04 -2.06 -11.36
N LYS D 378 -24.63 -3.03 -10.55
CA LYS D 378 -23.32 -2.99 -9.90
C LYS D 378 -22.52 -4.21 -10.28
N CYS D 379 -21.35 -3.97 -10.86
CA CYS D 379 -20.43 -5.00 -11.31
C CYS D 379 -19.21 -5.00 -10.41
N TYR D 380 -18.78 -6.19 -9.99
CA TYR D 380 -17.62 -6.35 -9.12
C TYR D 380 -16.43 -6.95 -9.84
N GLY D 381 -16.66 -7.92 -10.72
CA GLY D 381 -15.57 -8.58 -11.39
C GLY D 381 -14.96 -7.72 -12.48
N VAL D 382 -15.79 -6.92 -13.15
CA VAL D 382 -15.38 -6.12 -14.29
C VAL D 382 -16.03 -4.75 -14.18
N SER D 383 -15.29 -3.71 -14.53
CA SER D 383 -15.90 -2.39 -14.59
C SER D 383 -16.95 -2.36 -15.71
N PRO D 384 -18.09 -1.69 -15.52
CA PRO D 384 -19.12 -1.66 -16.58
C PRO D 384 -18.62 -1.25 -17.97
N THR D 385 -17.67 -0.32 -18.04
CA THR D 385 -17.22 0.20 -19.32
C THR D 385 -16.41 -0.80 -20.13
N LYS D 386 -15.98 -1.89 -19.52
CA LYS D 386 -15.17 -2.90 -20.19
C LYS D 386 -15.99 -4.13 -20.51
N LEU D 387 -17.28 -4.15 -20.17
CA LEU D 387 -18.08 -5.37 -20.36
C LEU D 387 -18.13 -5.78 -21.83
N ASN D 388 -18.16 -4.80 -22.73
CA ASN D 388 -18.27 -5.11 -24.15
C ASN D 388 -16.97 -5.62 -24.76
N ASP D 389 -15.85 -5.53 -24.05
CA ASP D 389 -14.55 -5.96 -24.59
C ASP D 389 -14.16 -7.37 -24.20
N LEU D 390 -14.96 -8.06 -23.41
CA LEU D 390 -14.62 -9.38 -22.87
C LEU D 390 -15.44 -10.48 -23.54
N CYS D 391 -15.01 -11.71 -23.27
CA CYS D 391 -15.76 -12.90 -23.66
C CYS D 391 -15.68 -13.85 -22.48
N PHE D 392 -16.83 -14.46 -22.15
CA PHE D 392 -17.03 -15.20 -20.91
C PHE D 392 -17.16 -16.70 -21.19
N THR D 393 -16.75 -17.53 -20.22
CA THR D 393 -16.73 -18.98 -20.43
C THR D 393 -17.83 -19.75 -19.72
N ASN D 394 -18.34 -19.26 -18.61
CA ASN D 394 -19.41 -19.95 -17.87
C ASN D 394 -20.34 -18.84 -17.39
N VAL D 395 -21.46 -18.62 -18.09
CA VAL D 395 -22.35 -17.51 -17.76
C VAL D 395 -23.69 -18.10 -17.35
N TYR D 396 -24.14 -17.72 -16.16
CA TYR D 396 -25.42 -18.13 -15.59
C TYR D 396 -26.19 -16.88 -15.21
N ALA D 397 -27.51 -16.98 -15.33
CA ALA D 397 -28.42 -15.92 -14.91
C ALA D 397 -29.37 -16.46 -13.87
N ASP D 398 -29.34 -15.85 -12.69
CA ASP D 398 -30.24 -16.18 -11.60
C ASP D 398 -31.47 -15.30 -11.75
N SER D 399 -32.64 -15.87 -11.42
CA SER D 399 -33.90 -15.15 -11.53
C SER D 399 -34.74 -15.35 -10.29
N PHE D 400 -35.04 -14.24 -9.60
CA PHE D 400 -35.88 -14.22 -8.42
C PHE D 400 -36.39 -12.80 -8.23
N VAL D 401 -37.42 -12.64 -7.40
CA VAL D 401 -38.00 -11.35 -7.03
C VAL D 401 -37.90 -11.12 -5.51
N ILE D 402 -37.43 -9.93 -5.10
CA ILE D 402 -37.27 -9.55 -3.70
C ILE D 402 -37.92 -8.20 -3.42
N ARG D 403 -37.96 -7.85 -2.14
CA ARG D 403 -38.43 -6.56 -1.66
C ARG D 403 -37.36 -5.49 -1.90
N GLY D 404 -37.80 -4.26 -2.18
CA GLY D 404 -36.87 -3.16 -2.41
C GLY D 404 -35.87 -2.92 -1.30
N ASP D 405 -36.30 -3.05 -0.05
CA ASP D 405 -35.38 -2.85 1.06
C ASP D 405 -34.31 -3.93 1.12
N GLU D 406 -34.51 -5.04 0.43
CA GLU D 406 -33.58 -6.14 0.40
C GLU D 406 -32.60 -6.02 -0.75
N VAL D 407 -32.73 -4.97 -1.58
CA VAL D 407 -31.83 -4.85 -2.74
C VAL D 407 -30.38 -4.73 -2.29
N ARG D 408 -30.14 -4.01 -1.19
CA ARG D 408 -28.76 -3.88 -0.73
C ARG D 408 -28.18 -5.20 -0.24
N GLN D 409 -29.01 -6.23 0.00
CA GLN D 409 -28.51 -7.51 0.47
C GLN D 409 -28.02 -8.41 -0.66
N ILE D 410 -28.28 -8.09 -1.92
CA ILE D 410 -27.81 -8.93 -3.03
C ILE D 410 -26.43 -8.38 -3.39
N ALA D 411 -25.45 -8.78 -2.59
CA ALA D 411 -24.07 -8.33 -2.70
C ALA D 411 -23.20 -9.28 -1.89
N PRO D 412 -21.92 -9.38 -2.19
CA PRO D 412 -21.03 -10.12 -1.28
C PRO D 412 -20.97 -9.45 0.09
N GLY D 413 -20.80 -10.28 1.12
CA GLY D 413 -20.60 -9.77 2.46
C GLY D 413 -21.79 -9.18 3.17
N GLN D 414 -23.01 -9.58 2.81
CA GLN D 414 -24.23 -9.00 3.39
C GLN D 414 -24.89 -9.95 4.37
N THR D 415 -25.74 -9.35 5.22
CA THR D 415 -26.58 -10.04 6.18
C THR D 415 -28.02 -9.62 5.97
N GLY D 416 -28.94 -10.39 6.54
CA GLY D 416 -30.36 -10.14 6.47
C GLY D 416 -31.13 -11.38 6.11
N LYS D 417 -32.45 -11.23 6.02
CA LYS D 417 -33.31 -12.39 5.80
C LYS D 417 -33.02 -13.09 4.49
N ILE D 418 -32.65 -12.36 3.45
CA ILE D 418 -32.36 -12.99 2.16
C ILE D 418 -30.93 -13.47 2.14
N ALA D 419 -30.01 -12.59 2.55
CA ALA D 419 -28.60 -12.93 2.54
C ALA D 419 -28.32 -14.14 3.41
N ASP D 420 -29.05 -14.27 4.52
CA ASP D 420 -28.84 -15.38 5.44
C ASP D 420 -29.71 -16.61 5.20
N TYR D 421 -30.98 -16.45 4.76
CA TYR D 421 -31.86 -17.61 4.67
C TYR D 421 -32.39 -17.96 3.29
N ASN D 422 -32.20 -17.11 2.27
CA ASN D 422 -32.76 -17.39 0.95
C ASN D 422 -31.75 -17.44 -0.18
N TYR D 423 -30.79 -16.50 -0.21
CA TYR D 423 -29.88 -16.40 -1.34
C TYR D 423 -28.68 -15.58 -0.93
N LYS D 424 -27.47 -16.12 -1.14
CA LYS D 424 -26.24 -15.46 -0.75
C LYS D 424 -25.21 -15.57 -1.86
N LEU D 425 -24.37 -14.50 -2.00
CA LEU D 425 -23.24 -14.47 -2.93
C LEU D 425 -21.92 -14.70 -2.21
N PRO D 426 -20.94 -15.35 -2.83
CA PRO D 426 -19.65 -15.56 -2.16
C PRO D 426 -18.88 -14.25 -2.09
N ASP D 427 -17.93 -14.18 -1.16
CA ASP D 427 -17.08 -13.00 -1.13
C ASP D 427 -16.26 -12.90 -2.41
N ASP D 428 -15.81 -14.05 -2.93
CA ASP D 428 -15.07 -14.09 -4.18
C ASP D 428 -16.08 -14.16 -5.32
N PHE D 429 -16.75 -13.03 -5.55
CA PHE D 429 -17.81 -12.94 -6.55
C PHE D 429 -17.36 -12.21 -7.79
N THR D 430 -17.60 -12.83 -8.93
CA THR D 430 -17.36 -12.27 -10.26
C THR D 430 -18.71 -12.15 -10.93
N GLY D 431 -19.09 -10.95 -11.33
CA GLY D 431 -20.39 -10.77 -11.94
C GLY D 431 -20.96 -9.38 -11.74
N CYS D 432 -22.23 -9.25 -12.11
CA CYS D 432 -23.00 -8.03 -12.03
C CYS D 432 -24.38 -8.32 -11.46
N VAL D 433 -24.81 -7.46 -10.53
CA VAL D 433 -26.13 -7.55 -9.91
C VAL D 433 -26.97 -6.42 -10.49
N ILE D 434 -28.10 -6.79 -11.10
CA ILE D 434 -29.00 -5.86 -11.79
C ILE D 434 -30.36 -5.97 -11.10
N ALA D 435 -30.93 -4.82 -10.73
CA ALA D 435 -32.25 -4.85 -10.10
C ALA D 435 -33.04 -3.63 -10.53
N TRP D 436 -34.36 -3.81 -10.63
CA TRP D 436 -35.24 -2.69 -10.99
C TRP D 436 -36.61 -2.86 -10.35
N ASN D 437 -37.29 -1.72 -10.23
CA ASN D 437 -38.63 -1.64 -9.63
C ASN D 437 -39.67 -2.28 -10.54
N SER D 438 -40.43 -3.25 -10.00
CA SER D 438 -41.44 -3.98 -10.73
C SER D 438 -42.85 -3.73 -10.18
N ASN D 439 -43.04 -2.67 -9.39
CA ASN D 439 -44.33 -2.41 -8.77
C ASN D 439 -45.44 -2.32 -9.81
N ASN D 440 -45.13 -1.76 -10.97
CA ASN D 440 -46.08 -1.56 -12.04
C ASN D 440 -46.17 -2.75 -12.97
N LEU D 441 -45.46 -3.83 -12.68
CA LEU D 441 -45.44 -5.04 -13.49
C LEU D 441 -46.20 -6.22 -12.89
N ASP D 442 -46.12 -6.44 -11.56
CA ASP D 442 -46.75 -7.62 -10.98
C ASP D 442 -47.39 -7.41 -9.60
N SER D 443 -47.61 -6.19 -9.14
CA SER D 443 -48.31 -6.05 -7.88
C SER D 443 -49.80 -6.30 -8.08
N LYS D 444 -50.50 -6.56 -6.98
CA LYS D 444 -51.93 -6.80 -6.99
C LYS D 444 -52.58 -6.01 -5.87
N VAL D 445 -53.84 -5.62 -6.10
CA VAL D 445 -54.54 -4.77 -5.15
C VAL D 445 -54.63 -5.45 -3.79
N GLY D 446 -54.92 -6.75 -3.78
CA GLY D 446 -55.01 -7.49 -2.54
C GLY D 446 -53.70 -8.06 -2.06
N GLY D 447 -52.61 -7.82 -2.81
CA GLY D 447 -51.31 -8.36 -2.49
C GLY D 447 -51.01 -9.54 -3.38
N ASN D 448 -49.81 -9.57 -3.97
CA ASN D 448 -49.38 -10.67 -4.82
C ASN D 448 -48.75 -11.70 -3.90
N TYR D 449 -49.44 -12.82 -3.66
CA TYR D 449 -49.00 -13.79 -2.68
C TYR D 449 -48.28 -14.98 -3.29
N ASN D 450 -47.88 -14.90 -4.56
CA ASN D 450 -47.11 -15.95 -5.20
C ASN D 450 -45.61 -15.75 -5.01
N TYR D 451 -45.19 -14.70 -4.30
CA TYR D 451 -43.79 -14.40 -4.04
C TYR D 451 -43.54 -14.64 -2.56
N LEU D 452 -42.72 -15.66 -2.27
CA LEU D 452 -42.46 -16.11 -0.91
C LEU D 452 -40.98 -16.06 -0.59
N TYR D 453 -40.70 -15.93 0.70
CA TYR D 453 -39.34 -15.93 1.23
C TYR D 453 -39.33 -16.79 2.49
N ARG D 454 -38.15 -17.31 2.82
CA ARG D 454 -37.97 -18.08 4.05
C ARG D 454 -37.62 -17.13 5.17
N LEU D 455 -38.36 -17.23 6.27
CA LEU D 455 -38.18 -16.40 7.45
C LEU D 455 -37.39 -17.07 8.58
N PHE D 456 -37.61 -18.37 8.80
CA PHE D 456 -36.99 -19.09 9.90
C PHE D 456 -36.20 -20.30 9.40
N ARG D 457 -34.95 -20.36 9.83
CA ARG D 457 -34.04 -21.47 9.60
C ARG D 457 -33.05 -21.47 10.75
N LYS D 458 -32.44 -22.62 11.02
CA LYS D 458 -31.45 -22.68 12.09
C LYS D 458 -30.04 -22.45 11.60
N SER D 459 -29.71 -22.88 10.39
CA SER D 459 -28.38 -22.73 9.81
C SER D 459 -28.40 -21.59 8.82
N ASN D 460 -27.22 -21.06 8.52
CA ASN D 460 -27.13 -20.01 7.51
C ASN D 460 -26.87 -20.67 6.17
N LEU D 461 -27.26 -19.99 5.10
CA LEU D 461 -27.02 -20.53 3.78
C LEU D 461 -25.59 -20.28 3.32
N LYS D 462 -25.15 -21.13 2.41
CA LYS D 462 -23.89 -21.03 1.72
C LYS D 462 -24.13 -20.35 0.38
N PRO D 463 -23.08 -19.83 -0.28
CA PRO D 463 -23.27 -19.19 -1.58
C PRO D 463 -23.98 -20.09 -2.59
N PHE D 464 -24.96 -19.53 -3.29
CA PHE D 464 -25.73 -20.23 -4.31
C PHE D 464 -26.44 -21.47 -3.76
N GLU D 465 -26.73 -21.51 -2.47
CA GLU D 465 -27.49 -22.61 -1.90
C GLU D 465 -28.97 -22.41 -2.17
N ARG D 466 -29.66 -23.51 -2.49
CA ARG D 466 -31.11 -23.53 -2.76
C ARG D 466 -31.85 -24.30 -1.67
N ASP D 467 -32.43 -23.56 -0.72
CA ASP D 467 -33.18 -24.18 0.38
C ASP D 467 -34.67 -24.21 0.02
N ILE D 468 -35.17 -25.39 -0.33
CA ILE D 468 -36.55 -25.58 -0.77
C ILE D 468 -37.29 -26.55 0.14
N SER D 469 -36.81 -26.75 1.37
CA SER D 469 -37.51 -27.61 2.29
C SER D 469 -38.87 -27.01 2.65
N THR D 470 -39.87 -27.89 2.80
CA THR D 470 -41.23 -27.52 3.15
C THR D 470 -41.60 -27.97 4.56
N GLU D 471 -40.63 -28.43 5.34
CA GLU D 471 -40.89 -28.94 6.68
C GLU D 471 -41.08 -27.80 7.68
N ILE D 472 -41.80 -28.13 8.74
CA ILE D 472 -42.03 -27.19 9.84
C ILE D 472 -40.77 -27.13 10.68
N TYR D 473 -40.31 -25.92 10.99
CA TYR D 473 -39.10 -25.74 11.78
C TYR D 473 -39.50 -25.35 13.19
N GLN D 474 -38.73 -25.84 14.16
CA GLN D 474 -38.98 -25.62 15.57
C GLN D 474 -38.12 -24.48 16.11
N ALA D 475 -38.77 -23.47 16.68
CA ALA D 475 -38.01 -22.35 17.23
C ALA D 475 -37.56 -22.67 18.64
N GLY D 476 -38.39 -23.39 19.39
CA GLY D 476 -38.08 -23.79 20.74
C GLY D 476 -37.59 -25.23 20.78
N SER D 477 -37.50 -25.76 21.98
CA SER D 477 -37.05 -27.14 22.16
C SER D 477 -38.18 -28.14 21.95
N THR D 478 -39.43 -27.68 21.89
CA THR D 478 -40.58 -28.54 21.77
C THR D 478 -40.57 -29.31 20.45
N PRO D 479 -40.59 -30.65 20.46
CA PRO D 479 -40.75 -31.38 19.20
C PRO D 479 -42.12 -31.13 18.60
N CYS D 480 -42.18 -31.11 17.27
CA CYS D 480 -43.44 -30.94 16.57
C CYS D 480 -43.56 -31.88 15.39
N ASN D 481 -44.80 -32.25 15.13
CA ASN D 481 -45.24 -33.01 13.96
C ASN D 481 -46.51 -32.30 13.54
N GLY D 482 -46.45 -31.53 12.46
CA GLY D 482 -47.54 -30.63 12.16
C GLY D 482 -47.50 -29.55 13.22
N VAL D 483 -48.59 -29.33 13.96
CA VAL D 483 -48.69 -28.30 15.01
C VAL D 483 -48.73 -26.92 14.37
N GLU D 484 -47.67 -26.56 13.65
CA GLU D 484 -47.60 -25.32 12.88
C GLU D 484 -47.93 -24.10 13.74
N GLY D 485 -47.36 -24.06 14.93
CA GLY D 485 -47.61 -22.93 15.82
C GLY D 485 -46.87 -23.10 17.13
N PHE D 486 -47.17 -22.18 18.05
CA PHE D 486 -46.57 -22.14 19.38
C PHE D 486 -45.04 -22.00 19.24
N ASN D 487 -44.26 -23.07 19.40
CA ASN D 487 -42.80 -23.02 19.31
C ASN D 487 -42.27 -23.55 17.98
N CYS D 488 -43.14 -23.80 17.00
CA CYS D 488 -42.72 -24.30 15.70
C CYS D 488 -43.63 -23.71 14.65
N TYR D 489 -43.05 -23.34 13.51
CA TYR D 489 -43.76 -22.61 12.47
C TYR D 489 -43.38 -23.13 11.09
N PHE D 490 -44.29 -22.90 10.14
CA PHE D 490 -44.01 -23.13 8.73
C PHE D 490 -42.98 -22.06 8.32
N PRO D 491 -41.82 -22.43 7.76
CA PRO D 491 -40.75 -21.43 7.56
C PRO D 491 -40.98 -20.39 6.47
N LEU D 492 -41.98 -20.52 5.59
CA LEU D 492 -42.13 -19.57 4.49
C LEU D 492 -43.25 -18.56 4.75
N GLN D 493 -43.04 -17.35 4.23
CA GLN D 493 -44.01 -16.25 4.30
C GLN D 493 -44.13 -15.62 2.93
N SER D 494 -45.31 -15.04 2.66
CA SER D 494 -45.54 -14.28 1.43
C SER D 494 -45.43 -12.78 1.71
N TYR D 495 -44.95 -12.05 0.70
CA TYR D 495 -44.83 -10.60 0.80
C TYR D 495 -46.16 -9.91 0.50
N GLY D 496 -46.42 -8.84 1.24
CA GLY D 496 -47.58 -8.01 0.98
C GLY D 496 -47.33 -7.03 -0.15
N PHE D 497 -47.11 -7.50 -1.38
CA PHE D 497 -46.76 -6.59 -2.48
C PHE D 497 -48.02 -5.96 -3.05
N GLN D 498 -48.34 -4.76 -2.58
CA GLN D 498 -49.52 -4.03 -3.02
C GLN D 498 -49.11 -2.78 -3.78
N PRO D 499 -49.87 -2.35 -4.80
CA PRO D 499 -49.47 -1.17 -5.56
C PRO D 499 -49.47 0.11 -4.74
N THR D 500 -50.14 0.12 -3.59
CA THR D 500 -50.28 1.31 -2.75
C THR D 500 -49.34 1.32 -1.55
N ASN D 501 -48.42 0.37 -1.44
CA ASN D 501 -47.54 0.36 -0.28
C ASN D 501 -46.39 1.33 -0.50
N GLY D 502 -45.51 1.45 0.50
CA GLY D 502 -44.40 2.36 0.40
C GLY D 502 -43.32 1.80 -0.51
N VAL D 503 -42.35 2.66 -0.83
CA VAL D 503 -41.31 2.28 -1.78
C VAL D 503 -40.52 1.08 -1.27
N GLY D 504 -40.22 1.05 0.03
CA GLY D 504 -39.44 -0.03 0.59
C GLY D 504 -40.11 -1.39 0.55
N TYR D 505 -41.43 -1.43 0.36
CA TYR D 505 -42.21 -2.66 0.32
C TYR D 505 -42.64 -3.06 -1.08
N GLN D 506 -42.19 -2.36 -2.11
CA GLN D 506 -42.58 -2.70 -3.47
C GLN D 506 -41.73 -3.87 -3.96
N PRO D 507 -42.25 -4.70 -4.86
CA PRO D 507 -41.40 -5.77 -5.40
C PRO D 507 -40.37 -5.21 -6.36
N TYR D 508 -39.20 -5.86 -6.38
CA TYR D 508 -38.14 -5.59 -7.31
C TYR D 508 -37.69 -6.87 -7.98
N ARG D 509 -37.44 -6.77 -9.28
CA ARG D 509 -36.95 -7.90 -10.07
C ARG D 509 -35.43 -7.80 -10.09
N VAL D 510 -34.77 -8.89 -9.67
CA VAL D 510 -33.32 -8.96 -9.55
C VAL D 510 -32.80 -10.07 -10.46
N VAL D 511 -31.82 -9.72 -11.28
CA VAL D 511 -31.10 -10.63 -12.16
C VAL D 511 -29.64 -10.55 -11.72
N VAL D 512 -29.03 -11.69 -11.39
CA VAL D 512 -27.63 -11.72 -11.01
C VAL D 512 -26.90 -12.54 -12.05
N LEU D 513 -25.92 -11.91 -12.70
CA LEU D 513 -25.11 -12.53 -13.74
C LEU D 513 -23.74 -12.87 -13.17
N SER D 514 -23.42 -14.15 -13.02
CA SER D 514 -22.17 -14.60 -12.45
C SER D 514 -21.40 -15.28 -13.57
N PHE D 515 -20.07 -15.21 -13.52
CA PHE D 515 -19.32 -15.85 -14.60
C PHE D 515 -17.84 -16.06 -14.32
N GLU D 516 -17.28 -16.97 -15.11
CA GLU D 516 -15.85 -17.21 -15.23
C GLU D 516 -15.34 -16.41 -16.44
N LEU D 517 -14.30 -15.60 -16.20
CA LEU D 517 -13.75 -14.69 -17.19
C LEU D 517 -12.31 -14.99 -17.60
N LEU D 518 -12.13 -15.28 -18.90
CA LEU D 518 -10.82 -15.52 -19.53
C LEU D 518 -10.01 -16.70 -18.97
N HIS D 519 -10.63 -17.77 -18.46
CA HIS D 519 -9.88 -18.90 -17.94
C HIS D 519 -10.25 -20.23 -18.60
N ALA D 520 -10.94 -20.20 -19.74
CA ALA D 520 -11.44 -21.43 -20.35
C ALA D 520 -11.91 -21.12 -21.77
N PRO D 521 -12.22 -22.13 -22.59
CA PRO D 521 -12.85 -21.84 -23.88
C PRO D 521 -14.12 -21.06 -23.61
N ALA D 522 -14.40 -20.04 -24.43
CA ALA D 522 -15.54 -19.18 -24.16
C ALA D 522 -16.70 -19.44 -25.11
N THR D 523 -17.89 -19.09 -24.61
CA THR D 523 -19.14 -19.23 -25.34
C THR D 523 -19.93 -17.94 -25.51
N VAL D 524 -19.71 -16.92 -24.68
CA VAL D 524 -20.46 -15.66 -24.77
C VAL D 524 -19.47 -14.51 -24.87
N CYS D 525 -19.55 -13.76 -25.97
CA CYS D 525 -18.63 -12.67 -26.28
C CYS D 525 -19.39 -11.36 -26.44
N GLY D 526 -18.65 -10.26 -26.26
CA GLY D 526 -19.19 -8.95 -26.49
C GLY D 526 -19.36 -8.65 -27.97
N PRO D 527 -19.80 -7.43 -28.28
CA PRO D 527 -20.13 -7.03 -29.67
C PRO D 527 -18.88 -6.73 -30.51
N LYS D 528 -18.10 -7.77 -30.78
CA LYS D 528 -16.87 -7.67 -31.53
C LYS D 528 -16.96 -8.53 -32.79
N LYS D 529 -16.19 -8.15 -33.81
CA LYS D 529 -16.10 -8.88 -35.07
C LYS D 529 -14.70 -9.39 -35.29
N SER D 530 -14.59 -10.56 -35.90
CA SER D 530 -13.28 -11.11 -36.24
C SER D 530 -12.73 -10.49 -37.51
N THR D 531 -11.41 -10.44 -37.59
CA THR D 531 -10.67 -10.03 -38.78
C THR D 531 -9.68 -11.12 -39.14
N ASN D 532 -8.94 -10.87 -40.22
CA ASN D 532 -7.93 -11.82 -40.66
C ASN D 532 -6.76 -11.78 -39.69
N LEU D 533 -6.13 -12.93 -39.46
CA LEU D 533 -5.00 -13.01 -38.54
C LEU D 533 -3.70 -12.84 -39.31
N VAL D 534 -2.78 -12.10 -38.72
CA VAL D 534 -1.47 -11.78 -39.31
C VAL D 534 -0.38 -12.44 -38.47
N LYS D 535 0.51 -13.15 -39.14
CA LYS D 535 1.63 -13.86 -38.53
C LYS D 535 2.97 -13.22 -38.91
N ASN D 536 3.96 -13.44 -38.05
CA ASN D 536 5.34 -13.03 -38.29
C ASN D 536 5.53 -11.51 -38.37
N LYS D 537 4.63 -10.73 -37.78
CA LYS D 537 4.75 -9.28 -37.72
C LYS D 537 4.46 -8.85 -36.30
N CYS D 538 4.92 -7.65 -35.92
CA CYS D 538 4.60 -7.15 -34.59
C CYS D 538 3.16 -6.65 -34.64
N VAL D 539 2.30 -7.28 -33.84
CA VAL D 539 0.86 -7.06 -33.85
C VAL D 539 0.35 -6.73 -32.47
N ASN D 540 -0.57 -5.78 -32.40
CA ASN D 540 -1.31 -5.44 -31.20
C ASN D 540 -2.54 -6.33 -31.28
N PHE D 541 -2.64 -7.33 -30.41
CA PHE D 541 -3.68 -8.36 -30.53
C PHE D 541 -4.65 -8.37 -29.36
N ASN D 542 -5.82 -8.95 -29.65
CA ASN D 542 -6.88 -9.23 -28.68
C ASN D 542 -7.49 -10.58 -29.06
N PHE D 543 -7.13 -11.64 -28.32
CA PHE D 543 -7.66 -12.99 -28.55
C PHE D 543 -8.68 -13.33 -27.47
N ASN D 544 -9.96 -13.26 -27.84
CA ASN D 544 -11.06 -13.60 -26.95
C ASN D 544 -11.01 -12.83 -25.63
N GLY D 545 -10.61 -11.56 -25.69
CA GLY D 545 -10.51 -10.74 -24.49
C GLY D 545 -9.13 -10.66 -23.87
N LEU D 546 -8.16 -11.41 -24.38
CA LEU D 546 -6.81 -11.43 -23.84
C LEU D 546 -5.95 -10.59 -24.78
N THR D 547 -5.51 -9.44 -24.30
CA THR D 547 -4.83 -8.47 -25.16
C THR D 547 -3.33 -8.49 -24.91
N GLY D 548 -2.61 -7.85 -25.82
CA GLY D 548 -1.18 -7.71 -25.67
C GLY D 548 -0.55 -7.28 -26.96
N THR D 549 0.78 -7.22 -26.93
CA THR D 549 1.58 -6.86 -28.10
C THR D 549 2.63 -7.93 -28.31
N GLY D 550 2.78 -8.38 -29.55
CA GLY D 550 3.79 -9.38 -29.84
C GLY D 550 3.68 -9.87 -31.28
N VAL D 551 4.45 -10.92 -31.56
CA VAL D 551 4.51 -11.51 -32.89
C VAL D 551 3.91 -12.90 -32.78
N LEU D 552 2.94 -13.18 -33.65
CA LEU D 552 2.26 -14.47 -33.69
C LEU D 552 2.98 -15.40 -34.65
N THR D 553 3.14 -16.65 -34.24
CA THR D 553 3.72 -17.67 -35.11
C THR D 553 2.95 -18.97 -34.93
N GLU D 554 3.09 -19.88 -35.88
CA GLU D 554 2.48 -21.20 -35.70
C GLU D 554 3.20 -21.90 -34.56
N SER D 555 2.43 -22.57 -33.71
CA SER D 555 2.99 -23.30 -32.57
C SER D 555 3.20 -24.77 -32.88
N ASN D 556 4.19 -25.35 -32.21
CA ASN D 556 4.46 -26.78 -32.26
C ASN D 556 3.86 -27.51 -31.08
N LYS D 557 3.11 -26.81 -30.22
CA LYS D 557 2.47 -27.39 -29.04
C LYS D 557 1.09 -27.88 -29.38
N LYS D 558 0.64 -28.89 -28.61
CA LYS D 558 -0.71 -29.42 -28.75
C LYS D 558 -1.40 -29.30 -27.40
N PHE D 559 -2.55 -28.62 -27.39
CA PHE D 559 -3.34 -28.44 -26.17
C PHE D 559 -4.28 -29.60 -25.99
N LEU D 560 -4.60 -29.89 -24.73
CA LEU D 560 -5.57 -30.92 -24.45
C LEU D 560 -6.93 -30.41 -24.91
N PRO D 561 -7.89 -31.30 -25.16
CA PRO D 561 -9.20 -30.85 -25.67
C PRO D 561 -9.85 -29.74 -24.87
N PHE D 562 -9.56 -29.65 -23.56
CA PHE D 562 -10.16 -28.63 -22.71
C PHE D 562 -9.26 -27.42 -22.44
N GLN D 563 -8.01 -27.44 -22.88
CA GLN D 563 -7.07 -26.35 -22.57
C GLN D 563 -7.10 -25.29 -23.65
N GLN D 564 -7.29 -24.04 -23.24
CA GLN D 564 -7.40 -22.92 -24.16
C GLN D 564 -6.15 -22.05 -24.26
N PHE D 565 -5.37 -21.92 -23.19
CA PHE D 565 -4.22 -21.02 -23.17
C PHE D 565 -2.99 -21.71 -22.63
N GLY D 566 -1.83 -21.27 -23.14
CA GLY D 566 -0.54 -21.69 -22.61
C GLY D 566 0.11 -20.51 -21.90
N ARG D 567 0.85 -20.79 -20.83
CA ARG D 567 1.49 -19.74 -20.04
C ARG D 567 2.93 -20.15 -19.75
N ASP D 568 3.78 -19.13 -19.65
CA ASP D 568 5.21 -19.29 -19.44
C ASP D 568 5.53 -19.42 -17.95
N ILE D 569 6.83 -19.57 -17.65
CA ILE D 569 7.28 -19.70 -16.26
C ILE D 569 7.04 -18.40 -15.50
N ALA D 570 6.91 -17.28 -16.21
CA ALA D 570 6.65 -15.98 -15.63
C ALA D 570 5.17 -15.74 -15.41
N ASP D 571 4.33 -16.73 -15.73
CA ASP D 571 2.88 -16.61 -15.68
C ASP D 571 2.37 -15.54 -16.62
N THR D 572 2.90 -15.58 -17.85
CA THR D 572 2.48 -14.71 -18.92
C THR D 572 2.08 -15.64 -20.07
N THR D 573 1.31 -15.13 -21.01
CA THR D 573 0.88 -15.99 -22.11
C THR D 573 2.02 -16.30 -23.05
N ASP D 574 2.23 -17.60 -23.34
CA ASP D 574 3.23 -18.01 -24.32
C ASP D 574 2.58 -18.50 -25.61
N ALA D 575 1.35 -18.98 -25.52
CA ALA D 575 0.64 -19.50 -26.69
C ALA D 575 -0.85 -19.40 -26.41
N VAL D 576 -1.62 -19.33 -27.49
CA VAL D 576 -3.07 -19.25 -27.45
C VAL D 576 -3.67 -20.17 -28.50
N ARG D 577 -4.80 -20.79 -28.19
CA ARG D 577 -5.60 -21.50 -29.17
C ARG D 577 -6.56 -20.47 -29.75
N ASP D 578 -6.41 -20.18 -31.04
CA ASP D 578 -7.20 -19.11 -31.66
C ASP D 578 -8.69 -19.41 -31.55
N PRO D 579 -9.51 -18.46 -31.07
CA PRO D 579 -10.95 -18.71 -30.90
C PRO D 579 -11.74 -18.87 -32.19
N GLN D 580 -11.23 -18.45 -33.35
CA GLN D 580 -11.96 -18.51 -34.60
C GLN D 580 -11.67 -19.79 -35.37
N THR D 581 -10.41 -20.22 -35.40
CA THR D 581 -9.98 -21.45 -36.03
C THR D 581 -9.14 -22.11 -34.95
N LEU D 582 -9.35 -23.40 -34.70
CA LEU D 582 -8.68 -24.01 -33.54
C LEU D 582 -7.24 -24.42 -33.85
N GLU D 583 -6.42 -23.40 -34.10
CA GLU D 583 -5.00 -23.51 -34.35
C GLU D 583 -4.30 -23.14 -33.05
N ILE D 584 -3.11 -23.70 -32.82
CA ILE D 584 -2.31 -23.31 -31.67
C ILE D 584 -1.26 -22.34 -32.19
N LEU D 585 -1.22 -21.13 -31.62
CA LEU D 585 -0.29 -20.09 -32.01
C LEU D 585 0.62 -19.72 -30.84
N ASP D 586 1.87 -19.41 -31.14
CA ASP D 586 2.82 -18.91 -30.14
C ASP D 586 2.79 -17.39 -30.24
N ILE D 587 3.10 -16.73 -29.12
CA ILE D 587 3.22 -15.27 -29.09
C ILE D 587 4.52 -14.88 -28.42
N THR D 588 5.33 -14.07 -29.12
CA THR D 588 6.65 -13.65 -28.64
C THR D 588 6.77 -12.12 -28.61
N PRO D 589 7.38 -11.51 -27.58
CA PRO D 589 7.58 -10.04 -27.61
C PRO D 589 8.36 -9.60 -28.84
N CYS D 590 8.04 -8.38 -29.30
CA CYS D 590 8.59 -7.87 -30.56
C CYS D 590 10.08 -7.48 -30.55
N SER D 591 10.72 -7.24 -29.40
CA SER D 591 12.13 -6.81 -29.47
C SER D 591 12.89 -7.08 -28.18
N PHE D 592 14.21 -7.26 -28.34
CA PHE D 592 15.16 -7.38 -27.23
C PHE D 592 15.90 -6.10 -26.89
N GLY D 593 15.76 -5.05 -27.68
CA GLY D 593 16.50 -3.82 -27.40
C GLY D 593 18.00 -4.02 -27.46
N GLY D 594 18.69 -3.57 -26.40
CA GLY D 594 20.13 -3.72 -26.30
C GLY D 594 20.88 -2.61 -27.02
N VAL D 595 20.59 -1.35 -26.72
CA VAL D 595 21.17 -0.21 -27.42
C VAL D 595 21.95 0.66 -26.43
N SER D 596 23.16 1.03 -26.81
CA SER D 596 24.02 1.92 -26.03
C SER D 596 24.65 2.89 -27.02
N VAL D 597 24.99 4.10 -26.56
CA VAL D 597 25.56 5.10 -27.45
C VAL D 597 26.96 5.47 -27.00
N ILE D 598 27.89 5.49 -27.95
CA ILE D 598 29.28 5.84 -27.74
C ILE D 598 29.35 7.33 -28.03
N THR D 599 29.69 8.12 -27.01
CA THR D 599 29.65 9.57 -27.14
C THR D 599 30.97 10.23 -26.74
N PRO D 600 31.59 11.03 -27.61
CA PRO D 600 32.75 11.82 -27.20
C PRO D 600 32.21 13.00 -26.40
N GLY D 601 33.09 13.67 -25.67
CA GLY D 601 32.62 14.81 -24.90
C GLY D 601 32.04 15.89 -25.81
N THR D 602 31.01 16.54 -25.30
CA THR D 602 30.28 17.55 -26.06
C THR D 602 31.02 18.87 -26.19
N ASN D 603 32.15 19.02 -25.52
CA ASN D 603 32.95 20.23 -25.67
C ASN D 603 33.93 20.13 -26.83
N THR D 604 33.91 19.02 -27.57
CA THR D 604 34.76 18.80 -28.74
C THR D 604 33.94 18.56 -30.00
N SER D 605 33.01 17.60 -29.98
CA SER D 605 32.26 17.24 -31.17
C SER D 605 30.91 16.66 -30.77
N ASN D 606 29.90 16.88 -31.62
CA ASN D 606 28.56 16.34 -31.39
C ASN D 606 28.31 15.05 -32.15
N GLN D 607 29.33 14.45 -32.75
CA GLN D 607 29.16 13.19 -33.46
C GLN D 607 29.06 12.06 -32.45
N VAL D 608 28.14 11.13 -32.69
CA VAL D 608 27.97 9.96 -31.85
C VAL D 608 27.89 8.71 -32.72
N ALA D 609 28.10 7.56 -32.07
CA ALA D 609 27.95 6.25 -32.71
C ALA D 609 27.06 5.41 -31.81
N VAL D 610 26.28 4.50 -32.38
CA VAL D 610 25.35 3.69 -31.59
C VAL D 610 25.68 2.22 -31.75
N LEU D 611 25.80 1.53 -30.62
CA LEU D 611 26.04 0.09 -30.55
C LEU D 611 24.73 -0.64 -30.33
N TYR D 612 24.46 -1.64 -31.16
CA TYR D 612 23.29 -2.50 -31.04
C TYR D 612 23.81 -3.87 -30.62
N GLN D 613 23.57 -4.18 -29.34
CA GLN D 613 24.15 -5.34 -28.69
C GLN D 613 23.70 -6.66 -29.31
N ASP D 614 22.44 -6.74 -29.75
CA ASP D 614 21.87 -7.97 -30.30
C ASP D 614 21.57 -7.91 -31.80
N VAL D 615 22.22 -7.03 -32.54
CA VAL D 615 22.01 -6.94 -33.98
C VAL D 615 23.24 -7.50 -34.67
N ASN D 616 23.02 -8.45 -35.57
CA ASN D 616 24.07 -9.05 -36.37
C ASN D 616 24.01 -8.35 -37.72
N CYS D 617 24.90 -7.40 -37.93
CA CYS D 617 24.88 -6.59 -39.15
C CYS D 617 25.57 -7.28 -40.33
N THR D 618 26.08 -8.50 -40.17
CA THR D 618 26.73 -9.25 -41.25
C THR D 618 26.03 -10.56 -41.58
N GLU D 619 25.48 -11.24 -40.58
CA GLU D 619 24.81 -12.53 -40.76
C GLU D 619 25.70 -13.53 -41.52
N THR D 632 15.43 -2.10 -41.13
CA THR D 632 15.56 -3.49 -40.73
C THR D 632 16.61 -3.65 -39.64
N TRP D 633 16.95 -4.91 -39.32
CA TRP D 633 18.00 -5.23 -38.34
C TRP D 633 17.77 -4.58 -36.98
N ARG D 634 16.56 -4.10 -36.67
CA ARG D 634 16.30 -3.38 -35.42
C ARG D 634 17.27 -2.21 -35.27
N VAL D 635 17.49 -1.46 -36.35
CA VAL D 635 18.40 -0.33 -36.36
C VAL D 635 17.62 0.97 -36.55
N TYR D 636 17.88 1.94 -35.66
CA TYR D 636 17.22 3.24 -35.71
C TYR D 636 17.53 3.96 -37.03
N SER D 637 18.81 4.08 -37.34
CA SER D 637 19.29 4.68 -38.58
C SER D 637 20.64 4.05 -38.90
N THR D 638 21.07 4.15 -40.16
CA THR D 638 22.37 3.57 -40.53
C THR D 638 23.39 4.61 -40.99
N GLY D 639 23.46 4.90 -42.28
CA GLY D 639 24.46 5.84 -42.77
C GLY D 639 25.83 5.20 -42.99
N SER D 640 25.87 3.89 -43.27
CA SER D 640 27.12 3.16 -43.48
C SER D 640 27.94 3.15 -42.18
N ASN D 641 29.25 2.92 -42.29
CA ASN D 641 30.12 2.80 -41.11
C ASN D 641 29.60 1.73 -40.14
N VAL D 642 29.29 0.56 -40.69
CA VAL D 642 28.74 -0.55 -39.90
C VAL D 642 29.87 -1.51 -39.58
N PHE D 643 30.17 -1.69 -38.29
CA PHE D 643 31.25 -2.56 -37.81
C PHE D 643 30.68 -3.56 -36.81
N GLN D 644 30.63 -4.84 -37.20
CA GLN D 644 30.11 -5.88 -36.33
C GLN D 644 31.21 -6.35 -35.37
N THR D 645 30.85 -6.57 -34.11
CA THR D 645 31.78 -7.12 -33.12
C THR D 645 31.09 -8.22 -32.33
N ARG D 646 31.86 -8.89 -31.46
CA ARG D 646 31.26 -9.92 -30.61
C ARG D 646 30.29 -9.30 -29.61
N ALA D 647 30.37 -7.99 -29.40
CA ALA D 647 29.51 -7.24 -28.51
C ALA D 647 28.27 -6.73 -29.22
N GLY D 648 28.13 -7.04 -30.51
CA GLY D 648 27.07 -6.55 -31.35
C GLY D 648 27.63 -5.60 -32.39
N CYS D 649 26.78 -5.23 -33.35
CA CYS D 649 27.25 -4.29 -34.36
C CYS D 649 27.02 -2.85 -33.93
N LEU D 650 27.95 -1.98 -34.31
CA LEU D 650 27.83 -0.56 -34.06
C LEU D 650 27.84 0.19 -35.37
N ILE D 651 27.16 1.33 -35.38
CA ILE D 651 27.04 2.16 -36.57
C ILE D 651 27.44 3.59 -36.24
N GLY D 652 28.31 4.14 -37.08
CA GLY D 652 28.75 5.52 -37.02
C GLY D 652 30.25 5.69 -36.85
N ALA D 653 30.93 4.70 -36.29
CA ALA D 653 32.38 4.75 -36.14
C ALA D 653 33.06 4.08 -37.31
N GLU D 654 34.26 4.53 -37.62
CA GLU D 654 35.03 3.89 -38.68
C GLU D 654 35.68 2.64 -38.12
N HIS D 655 35.91 1.65 -38.97
CA HIS D 655 36.63 0.45 -38.56
C HIS D 655 38.06 0.56 -39.05
N VAL D 656 39.00 0.64 -38.11
CA VAL D 656 40.42 0.77 -38.38
C VAL D 656 41.10 -0.48 -37.81
N ASN D 657 41.94 -1.14 -38.62
CA ASN D 657 42.60 -2.37 -38.19
C ASN D 657 43.98 -2.14 -37.61
N ASN D 658 44.35 -0.90 -37.34
CA ASN D 658 45.61 -0.54 -36.70
C ASN D 658 45.38 -0.48 -35.21
N SER D 659 45.91 -1.45 -34.47
CA SER D 659 45.62 -1.52 -33.05
C SER D 659 46.18 -0.29 -32.36
N TYR D 660 45.59 0.06 -31.22
CA TYR D 660 45.99 1.29 -30.55
C TYR D 660 45.61 1.17 -29.07
N GLU D 661 45.95 2.20 -28.31
CA GLU D 661 45.62 2.29 -26.90
C GLU D 661 44.13 2.53 -26.73
N CYS D 662 43.53 1.86 -25.74
CA CYS D 662 42.10 2.01 -25.53
C CYS D 662 41.80 3.30 -24.76
N ASP D 663 40.69 3.92 -25.16
CA ASP D 663 40.18 5.15 -24.58
C ASP D 663 38.77 4.92 -24.03
N ILE D 664 37.79 4.76 -24.92
CA ILE D 664 36.42 4.48 -24.52
C ILE D 664 36.18 3.00 -24.76
N PRO D 665 36.11 2.16 -23.72
CA PRO D 665 35.99 0.72 -23.97
C PRO D 665 34.62 0.41 -24.53
N ILE D 666 34.54 -0.54 -25.45
CA ILE D 666 33.27 -1.02 -25.98
C ILE D 666 32.94 -2.41 -25.45
N GLY D 667 33.88 -3.33 -25.54
CA GLY D 667 33.68 -4.69 -25.06
C GLY D 667 34.20 -5.73 -26.03
N ALA D 668 34.46 -6.91 -25.48
CA ALA D 668 34.90 -8.07 -26.25
C ALA D 668 36.10 -7.76 -27.14
N GLY D 669 37.06 -7.02 -26.59
CA GLY D 669 38.26 -6.74 -27.32
C GLY D 669 38.22 -5.50 -28.18
N ILE D 670 37.07 -4.83 -28.28
CA ILE D 670 36.93 -3.66 -29.14
C ILE D 670 36.81 -2.43 -28.24
N CYS D 671 37.37 -1.33 -28.73
CA CYS D 671 37.37 -0.05 -28.02
C CYS D 671 37.22 1.05 -29.07
N ALA D 672 37.07 2.29 -28.60
CA ALA D 672 36.94 3.42 -29.53
C ALA D 672 37.52 4.68 -28.92
N SER D 673 37.84 5.61 -29.82
CA SER D 673 38.37 6.92 -29.46
C SER D 673 37.97 7.90 -30.55
N TYR D 674 38.17 9.18 -30.28
CA TYR D 674 37.84 10.24 -31.23
C TYR D 674 39.16 10.75 -31.80
N GLN D 675 39.29 10.72 -33.13
CA GLN D 675 40.54 11.05 -33.79
C GLN D 675 40.33 12.04 -34.92
N THR D 676 41.37 12.82 -35.20
CA THR D 676 41.36 13.75 -36.32
C THR D 676 41.77 13.02 -37.59
N SER D 689 39.30 16.51 -40.57
CA SER D 689 38.70 15.22 -40.85
C SER D 689 38.57 14.40 -39.58
N GLN D 690 37.72 14.86 -38.67
CA GLN D 690 37.54 14.21 -37.39
C GLN D 690 36.43 13.18 -37.46
N SER D 691 36.59 12.09 -36.72
CA SER D 691 35.56 11.07 -36.64
C SER D 691 35.82 10.19 -35.42
N ILE D 692 34.82 9.38 -35.09
CA ILE D 692 34.95 8.37 -34.06
C ILE D 692 35.52 7.12 -34.71
N ILE D 693 36.59 6.59 -34.13
CA ILE D 693 37.31 5.44 -34.64
C ILE D 693 37.10 4.27 -33.69
N ALA D 694 36.71 3.13 -34.25
CA ALA D 694 36.57 1.86 -33.53
C ALA D 694 37.75 0.99 -33.91
N TYR D 695 38.32 0.30 -32.92
CA TYR D 695 39.51 -0.50 -33.19
C TYR D 695 39.66 -1.62 -32.17
N THR D 696 40.50 -2.59 -32.53
CA THR D 696 40.91 -3.65 -31.65
C THR D 696 41.93 -3.09 -30.67
N MET D 697 41.80 -3.44 -29.40
CA MET D 697 42.73 -2.90 -28.42
C MET D 697 44.11 -3.53 -28.53
N SER D 698 45.13 -2.71 -28.31
CA SER D 698 46.50 -3.16 -28.19
C SER D 698 46.76 -3.45 -26.72
N LEU D 699 47.15 -4.68 -26.41
CA LEU D 699 47.33 -5.01 -25.01
C LEU D 699 48.62 -4.43 -24.46
N GLY D 700 49.62 -4.27 -25.31
CA GLY D 700 50.90 -3.76 -24.88
C GLY D 700 51.88 -3.87 -26.02
N ALA D 701 53.08 -3.36 -25.78
CA ALA D 701 54.10 -3.45 -26.81
C ALA D 701 54.61 -4.88 -26.83
N GLU D 702 54.95 -5.36 -28.02
CA GLU D 702 55.56 -6.67 -28.09
C GLU D 702 57.05 -6.56 -27.83
N ASN D 703 57.58 -7.58 -27.18
CA ASN D 703 59.00 -7.64 -26.85
C ASN D 703 59.40 -9.10 -26.83
N SER D 704 60.67 -9.34 -26.55
CA SER D 704 61.17 -10.70 -26.46
C SER D 704 62.40 -10.67 -25.58
N CYS D 705 62.79 -11.84 -25.10
CA CYS D 705 64.01 -11.98 -24.33
C CYS D 705 64.63 -13.30 -24.71
N ALA D 706 65.89 -13.27 -25.15
CA ALA D 706 66.53 -14.48 -25.59
C ALA D 706 66.73 -15.41 -24.41
N TYR D 707 66.60 -16.71 -24.66
CA TYR D 707 66.93 -17.73 -23.66
C TYR D 707 68.27 -18.30 -24.10
N SER D 708 69.30 -18.06 -23.30
CA SER D 708 70.64 -18.52 -23.59
C SER D 708 71.19 -19.14 -22.32
N ASN D 709 71.49 -20.42 -22.39
CA ASN D 709 71.93 -21.16 -21.21
C ASN D 709 73.34 -20.78 -20.77
N ASN D 710 74.07 -20.01 -21.58
CA ASN D 710 75.42 -19.57 -21.24
C ASN D 710 75.55 -18.05 -21.22
N SER D 711 74.44 -17.31 -21.09
CA SER D 711 74.51 -15.85 -21.11
C SER D 711 73.49 -15.23 -20.14
N ILE D 712 73.95 -14.18 -19.46
CA ILE D 712 73.18 -13.39 -18.51
C ILE D 712 73.33 -11.92 -18.87
N ALA D 713 72.37 -11.12 -18.40
CA ALA D 713 72.48 -9.67 -18.48
C ALA D 713 72.69 -9.16 -17.07
N ILE D 714 73.52 -8.13 -16.94
CA ILE D 714 73.78 -7.52 -15.62
C ILE D 714 73.67 -6.00 -15.70
N PRO D 715 72.93 -5.36 -14.79
CA PRO D 715 72.87 -3.90 -14.80
C PRO D 715 74.25 -3.30 -14.57
N THR D 716 74.55 -2.24 -15.31
CA THR D 716 75.78 -1.48 -15.17
C THR D 716 75.54 -0.10 -14.60
N ASN D 717 74.30 0.38 -14.61
CA ASN D 717 73.92 1.68 -14.12
C ASN D 717 72.55 1.52 -13.48
N PHE D 718 72.09 2.55 -12.79
CA PHE D 718 70.81 2.47 -12.12
C PHE D 718 70.22 3.85 -12.01
N THR D 719 68.93 3.89 -11.69
CA THR D 719 68.25 5.17 -11.47
C THR D 719 67.34 5.08 -10.26
N ILE D 720 67.16 6.23 -9.63
CA ILE D 720 66.20 6.40 -8.54
C ILE D 720 64.90 6.84 -9.18
N SER D 721 63.83 6.13 -8.89
CA SER D 721 62.52 6.41 -9.45
C SER D 721 61.57 6.73 -8.31
N VAL D 722 60.75 7.76 -8.51
CA VAL D 722 59.76 8.18 -7.53
C VAL D 722 58.38 8.06 -8.17
N THR D 723 57.50 7.33 -7.52
CA THR D 723 56.14 7.09 -7.98
C THR D 723 55.18 7.46 -6.87
N THR D 724 53.90 7.56 -7.20
CA THR D 724 52.90 7.91 -6.21
C THR D 724 51.85 6.82 -6.10
N GLU D 725 51.21 6.76 -4.94
CA GLU D 725 50.10 5.86 -4.66
C GLU D 725 49.04 6.68 -3.93
N ILE D 726 47.78 6.56 -4.33
CA ILE D 726 46.69 7.34 -3.75
C ILE D 726 45.69 6.38 -3.12
N LEU D 727 45.34 6.62 -1.85
CA LEU D 727 44.31 5.82 -1.20
C LEU D 727 43.30 6.69 -0.47
N PRO D 728 41.99 6.40 -0.60
CA PRO D 728 41.02 7.04 0.30
C PRO D 728 41.26 6.58 1.73
N VAL D 729 41.05 7.50 2.68
CA VAL D 729 41.11 7.18 4.10
C VAL D 729 39.77 7.38 4.78
N SER D 730 39.03 8.42 4.40
CA SER D 730 37.77 8.73 5.05
C SER D 730 36.83 9.31 4.00
N MET D 731 35.57 9.42 4.38
CA MET D 731 34.55 10.03 3.56
C MET D 731 33.72 10.94 4.45
N THR D 732 33.01 11.86 3.83
CA THR D 732 32.17 12.79 4.57
C THR D 732 31.20 12.05 5.47
N LYS D 733 31.16 12.45 6.73
CA LYS D 733 30.26 11.85 7.70
C LYS D 733 28.91 12.54 7.58
N THR D 734 27.86 11.75 7.41
CA THR D 734 26.52 12.29 7.25
C THR D 734 25.57 11.67 8.27
N SER D 735 24.76 12.54 8.86
CA SER D 735 23.71 12.17 9.79
C SER D 735 22.41 12.65 9.18
N VAL D 736 21.34 11.89 9.37
CA VAL D 736 20.04 12.23 8.80
C VAL D 736 19.01 12.20 9.90
N ASP D 737 18.22 13.26 9.99
CA ASP D 737 17.09 13.31 10.90
C ASP D 737 15.92 12.76 10.11
N CYS D 738 15.60 11.51 10.34
CA CYS D 738 14.57 10.85 9.56
C CYS D 738 13.19 11.43 9.80
N THR D 739 12.96 12.08 10.95
CA THR D 739 11.66 12.67 11.21
C THR D 739 11.48 13.97 10.41
N MET D 740 12.49 14.84 10.42
CA MET D 740 12.35 16.08 9.67
C MET D 740 12.25 15.78 8.18
N TYR D 741 12.99 14.77 7.73
CA TYR D 741 12.94 14.41 6.31
C TYR D 741 11.57 13.89 5.91
N ILE D 742 11.01 12.98 6.71
CA ILE D 742 9.75 12.36 6.32
C ILE D 742 8.60 13.35 6.48
N CYS D 743 8.55 14.05 7.60
CA CYS D 743 7.43 14.93 7.94
C CYS D 743 7.87 16.39 7.95
N GLY D 744 7.12 17.23 7.24
CA GLY D 744 7.38 18.65 7.18
C GLY D 744 6.79 19.39 8.37
N ASP D 745 7.23 19.01 9.57
CA ASP D 745 6.71 19.57 10.83
C ASP D 745 5.19 19.46 10.91
N SER D 746 4.66 18.32 10.46
CA SER D 746 3.23 18.04 10.50
C SER D 746 2.94 17.11 11.66
N THR D 747 2.06 17.55 12.57
CA THR D 747 1.75 16.70 13.72
C THR D 747 1.12 15.39 13.27
N GLU D 748 0.22 15.46 12.28
CA GLU D 748 -0.46 14.25 11.83
C GLU D 748 0.53 13.29 11.20
N CYS D 749 1.47 13.82 10.42
CA CYS D 749 2.52 13.01 9.81
C CYS D 749 3.36 12.36 10.89
N SER D 750 3.73 13.14 11.92
CA SER D 750 4.54 12.61 13.00
C SER D 750 3.81 11.47 13.71
N ASN D 751 2.51 11.67 13.99
CA ASN D 751 1.75 10.64 14.68
C ASN D 751 1.68 9.37 13.85
N LEU D 752 1.61 9.51 12.53
CA LEU D 752 1.64 8.33 11.67
C LEU D 752 3.03 7.71 11.67
N LEU D 753 4.06 8.55 11.69
CA LEU D 753 5.45 8.08 11.68
C LEU D 753 5.74 7.24 12.92
N LEU D 754 5.12 7.58 14.05
CA LEU D 754 5.39 6.81 15.26
C LEU D 754 5.01 5.35 15.09
N GLN D 755 4.13 5.04 14.14
CA GLN D 755 3.75 3.65 13.94
C GLN D 755 4.91 2.86 13.33
N TYR D 756 5.91 3.56 12.75
CA TYR D 756 7.08 2.96 12.15
C TYR D 756 8.36 3.50 12.79
N GLY D 757 8.22 4.10 13.97
CA GLY D 757 9.32 4.86 14.57
C GLY D 757 10.62 4.10 14.75
N SER D 758 10.54 2.79 15.03
CA SER D 758 11.77 2.05 15.24
C SER D 758 12.59 1.91 13.97
N PHE D 759 11.98 2.09 12.80
CA PHE D 759 12.76 2.02 11.56
C PHE D 759 13.55 3.30 11.41
N CYS D 760 12.95 4.40 11.85
CA CYS D 760 13.56 5.71 11.77
C CYS D 760 14.75 5.75 12.71
N THR D 761 14.55 5.23 13.92
CA THR D 761 15.64 5.16 14.90
C THR D 761 16.76 4.25 14.39
N GLN D 762 16.40 3.08 13.85
CA GLN D 762 17.43 2.14 13.37
C GLN D 762 18.27 2.77 12.27
N LEU D 763 17.64 3.49 11.35
CA LEU D 763 18.43 4.11 10.28
C LEU D 763 19.37 5.15 10.87
N ASN D 764 18.89 5.90 11.87
CA ASN D 764 19.75 6.88 12.50
C ASN D 764 20.95 6.19 13.15
N ARG D 765 20.72 5.04 13.79
CA ARG D 765 21.83 4.32 14.43
C ARG D 765 22.84 3.84 13.41
N ALA D 766 22.38 3.34 12.28
CA ALA D 766 23.32 2.86 11.27
C ALA D 766 24.20 4.00 10.77
N LEU D 767 23.59 5.17 10.55
CA LEU D 767 24.41 6.27 10.06
C LEU D 767 25.39 6.74 11.13
N THR D 768 24.98 6.68 12.40
CA THR D 768 25.91 7.07 13.46
C THR D 768 27.10 6.12 13.47
N GLY D 769 26.84 4.82 13.34
CA GLY D 769 27.94 3.86 13.34
C GLY D 769 28.91 4.13 12.21
N ILE D 770 28.39 4.54 11.05
CA ILE D 770 29.28 4.84 9.93
C ILE D 770 30.14 6.05 10.29
N ALA D 771 29.52 7.08 10.85
CA ALA D 771 30.26 8.28 11.21
C ALA D 771 31.39 7.96 12.18
N VAL D 772 31.13 7.06 13.13
CA VAL D 772 32.16 6.67 14.09
C VAL D 772 33.30 5.96 13.37
N GLU D 773 32.96 5.06 12.44
CA GLU D 773 33.99 4.34 11.73
C GLU D 773 34.90 5.27 10.94
N GLN D 774 34.36 6.37 10.41
CA GLN D 774 35.24 7.25 9.64
C GLN D 774 36.36 7.83 10.50
N ASP D 775 36.09 8.12 11.77
CA ASP D 775 37.17 8.64 12.61
C ASP D 775 38.08 7.52 13.04
N LYS D 776 37.53 6.32 13.26
CA LYS D 776 38.41 5.22 13.63
C LYS D 776 39.39 4.95 12.50
N ASN D 777 38.91 4.96 11.25
CA ASN D 777 39.77 4.69 10.11
C ASN D 777 40.84 5.76 9.97
N THR D 778 40.43 7.02 10.18
CA THR D 778 41.40 8.11 10.06
C THR D 778 42.50 7.95 11.08
N GLN D 779 42.16 7.65 12.33
CA GLN D 779 43.22 7.49 13.31
C GLN D 779 44.09 6.28 13.00
N GLU D 780 43.51 5.16 12.56
CA GLU D 780 44.34 3.99 12.30
C GLU D 780 45.36 4.28 11.20
N VAL D 781 44.96 5.03 10.18
CA VAL D 781 45.94 5.37 9.15
C VAL D 781 46.97 6.35 9.71
N PHE D 782 46.51 7.36 10.46
CA PHE D 782 47.37 8.42 10.98
C PHE D 782 47.54 8.45 12.50
N ALA D 783 47.65 7.32 13.19
CA ALA D 783 47.91 7.36 14.63
C ALA D 783 48.75 6.15 15.06
N GLN D 784 49.86 5.93 14.35
CA GLN D 784 50.75 4.82 14.67
C GLN D 784 51.92 5.25 15.55
N VAL D 785 52.22 6.55 15.59
CA VAL D 785 53.33 7.10 16.35
C VAL D 785 52.76 8.12 17.33
N LYS D 786 53.08 7.96 18.62
CA LYS D 786 52.57 8.82 19.67
C LYS D 786 53.57 9.87 20.13
N GLN D 787 54.64 10.07 19.35
CA GLN D 787 55.65 11.09 19.61
C GLN D 787 55.66 12.01 18.40
N ILE D 788 55.67 13.32 18.66
CA ILE D 788 55.66 14.33 17.60
C ILE D 788 57.06 14.89 17.51
N TYR D 789 57.75 14.56 16.42
CA TYR D 789 59.13 14.96 16.24
C TYR D 789 59.19 16.33 15.57
N LYS D 790 60.09 17.18 16.05
CA LYS D 790 60.26 18.49 15.45
C LYS D 790 60.95 18.38 14.10
N THR D 791 60.55 19.24 13.17
CA THR D 791 61.22 19.25 11.88
C THR D 791 62.59 19.92 12.07
N PRO D 792 63.68 19.31 11.65
CA PRO D 792 64.98 19.97 11.78
C PRO D 792 65.02 21.27 11.00
N PRO D 793 65.85 22.24 11.43
CA PRO D 793 66.01 23.45 10.62
C PRO D 793 66.70 23.20 9.29
N ILE D 794 67.39 22.08 9.15
CA ILE D 794 68.09 21.73 7.93
C ILE D 794 67.08 21.04 7.02
N LYS D 795 67.05 21.46 5.75
CA LYS D 795 66.17 20.89 4.75
C LYS D 795 66.92 20.09 3.69
N ASP D 796 68.25 20.06 3.73
CA ASP D 796 69.09 19.39 2.74
C ASP D 796 70.08 18.52 3.49
N PHE D 797 69.96 17.20 3.36
CA PHE D 797 70.75 16.25 4.14
C PHE D 797 71.61 15.41 3.21
N GLY D 798 72.90 15.69 3.16
CA GLY D 798 73.78 14.91 2.32
C GLY D 798 73.48 15.06 0.84
N GLY D 799 72.93 16.20 0.44
CA GLY D 799 72.55 16.40 -0.94
C GLY D 799 71.10 16.10 -1.24
N PHE D 800 70.37 15.49 -0.30
CA PHE D 800 68.97 15.14 -0.50
C PHE D 800 68.10 16.31 -0.08
N ASN D 801 67.40 16.90 -1.04
CA ASN D 801 66.59 18.11 -0.85
C ASN D 801 65.16 17.75 -0.48
N PHE D 802 64.75 18.08 0.74
CA PHE D 802 63.41 17.79 1.25
C PHE D 802 62.55 19.05 1.36
N SER D 803 62.96 20.16 0.75
CA SER D 803 62.20 21.39 0.90
C SER D 803 60.79 21.30 0.33
N GLN D 804 60.54 20.41 -0.62
CA GLN D 804 59.21 20.25 -1.17
C GLN D 804 58.39 19.20 -0.43
N ILE D 805 58.99 18.50 0.53
CA ILE D 805 58.34 17.43 1.28
C ILE D 805 57.95 17.91 2.67
N LEU D 806 58.85 18.58 3.35
CA LEU D 806 58.64 19.05 4.71
C LEU D 806 57.73 20.28 4.70
N PRO D 807 57.00 20.54 5.78
CA PRO D 807 56.08 21.67 5.78
C PRO D 807 56.82 23.00 5.72
N ASP D 808 56.16 23.96 5.08
CA ASP D 808 56.66 25.31 4.96
C ASP D 808 56.11 26.11 6.15
N PRO D 809 56.94 26.50 7.13
CA PRO D 809 56.41 27.17 8.33
C PRO D 809 55.85 28.55 8.09
N SER D 810 56.12 29.15 6.92
CA SER D 810 55.70 30.51 6.63
C SER D 810 54.27 30.61 6.11
N LYS D 811 53.61 29.47 5.79
CA LYS D 811 52.26 29.53 5.24
C LYS D 811 51.24 29.31 6.36
N PRO D 812 50.04 29.93 6.30
CA PRO D 812 49.00 29.65 7.31
C PRO D 812 48.72 28.16 7.48
N SER D 813 48.76 27.43 6.38
CA SER D 813 48.56 25.99 6.37
C SER D 813 49.93 25.33 6.38
N LYS D 814 50.22 24.55 7.42
CA LYS D 814 51.55 23.97 7.57
C LYS D 814 51.63 22.74 6.67
N ARG D 815 51.67 23.03 5.36
CA ARG D 815 51.66 22.02 4.32
C ARG D 815 52.86 22.24 3.43
N SER D 816 53.33 21.17 2.80
CA SER D 816 54.40 21.30 1.84
C SER D 816 53.80 21.83 0.54
N PRO D 817 54.63 22.38 -0.37
CA PRO D 817 54.11 22.74 -1.69
C PRO D 817 53.36 21.61 -2.37
N ILE D 818 53.84 20.38 -2.21
CA ILE D 818 53.15 19.23 -2.82
C ILE D 818 51.84 19.00 -2.11
N GLU D 819 51.83 19.07 -0.77
CA GLU D 819 50.58 18.88 -0.04
C GLU D 819 49.60 19.98 -0.41
N ASP D 820 50.11 21.21 -0.58
CA ASP D 820 49.25 22.32 -0.94
C ASP D 820 48.62 22.07 -2.30
N LEU D 821 49.40 21.52 -3.24
CA LEU D 821 48.84 21.19 -4.53
C LEU D 821 47.78 20.12 -4.38
N LEU D 822 48.01 19.14 -3.50
CA LEU D 822 47.03 18.07 -3.34
C LEU D 822 45.71 18.66 -2.87
N PHE D 823 45.77 19.59 -1.94
CA PHE D 823 44.57 20.22 -1.42
C PHE D 823 43.91 21.15 -2.44
N ASN D 824 44.67 21.65 -3.42
CA ASN D 824 44.12 22.53 -4.44
C ASN D 824 43.57 21.79 -5.66
N LYS D 825 43.54 20.46 -5.66
CA LYS D 825 42.96 19.68 -6.76
C LYS D 825 41.60 19.11 -6.42
N VAL D 826 41.37 18.69 -5.18
CA VAL D 826 40.06 18.13 -4.81
C VAL D 826 39.13 19.28 -4.47
N THR D 827 37.95 19.28 -5.09
CA THR D 827 36.97 20.34 -4.90
C THR D 827 35.90 19.86 -3.92
N LEU D 828 35.71 20.63 -2.85
CA LEU D 828 34.74 20.31 -1.80
C LEU D 828 33.66 21.39 -1.82
N ALA D 829 32.40 20.95 -1.97
CA ALA D 829 31.30 21.89 -2.04
C ALA D 829 31.06 22.60 -0.71
N ASP D 830 31.33 21.93 0.42
CA ASP D 830 31.02 22.48 1.74
C ASP D 830 32.20 23.31 2.24
N ALA D 831 31.98 24.63 2.33
CA ALA D 831 33.02 25.57 2.75
C ALA D 831 33.04 25.58 4.27
N GLY D 832 33.47 24.46 4.83
CA GLY D 832 33.47 24.25 6.27
C GLY D 832 32.17 23.60 6.69
N PHE D 833 31.98 23.53 8.02
CA PHE D 833 30.86 22.82 8.60
C PHE D 833 29.83 23.69 9.30
N ILE D 834 30.10 24.97 9.53
CA ILE D 834 29.17 25.88 10.18
C ILE D 834 28.60 26.79 9.11
N LYS D 835 27.28 26.71 8.94
CA LYS D 835 26.56 27.50 7.96
C LYS D 835 25.73 28.60 8.62
N GLN D 836 25.26 28.34 9.85
CA GLN D 836 24.39 29.22 10.62
C GLN D 836 23.02 29.28 9.99
N TYR D 837 22.12 30.04 10.59
CA TYR D 837 20.77 30.18 10.09
C TYR D 837 20.66 31.34 9.11
N GLY D 838 21.58 32.30 9.19
CA GLY D 838 21.55 33.44 8.29
C GLY D 838 22.03 32.97 6.93
N ASP D 839 22.00 33.89 5.97
CA ASP D 839 22.30 33.61 4.56
C ASP D 839 21.22 32.70 4.00
N CYS D 840 21.12 31.47 4.53
CA CYS D 840 20.11 30.52 4.08
C CYS D 840 18.69 31.00 4.39
N LEU D 841 18.53 32.03 5.24
CA LEU D 841 17.21 32.57 5.53
C LEU D 841 16.58 33.18 4.29
N GLY D 842 17.36 33.86 3.47
CA GLY D 842 16.85 34.51 2.28
C GLY D 842 16.97 33.59 1.09
N ASP D 843 16.61 34.12 -0.07
CA ASP D 843 16.75 33.32 -1.28
C ASP D 843 18.19 33.33 -1.77
N ILE D 844 18.71 32.14 -2.02
CA ILE D 844 20.05 31.97 -2.54
C ILE D 844 19.92 31.85 -4.06
N ALA D 845 20.47 32.82 -4.79
CA ALA D 845 20.32 32.82 -6.24
C ALA D 845 20.90 31.55 -6.84
N ALA D 846 21.98 31.03 -6.24
CA ALA D 846 22.62 29.82 -6.72
C ALA D 846 21.95 28.56 -6.21
N ARG D 847 20.93 28.68 -5.36
CA ARG D 847 20.26 27.53 -4.74
C ARG D 847 21.28 26.59 -4.10
N ASP D 848 22.12 27.18 -3.25
CA ASP D 848 23.21 26.46 -2.59
C ASP D 848 22.66 25.20 -1.94
N LEU D 849 23.17 24.06 -2.40
CA LEU D 849 22.63 22.77 -2.00
C LEU D 849 22.74 22.52 -0.50
N ILE D 850 23.77 23.04 0.18
CA ILE D 850 23.89 22.74 1.61
C ILE D 850 22.69 23.31 2.37
N CYS D 851 22.11 24.42 1.91
CA CYS D 851 20.97 24.97 2.65
C CYS D 851 19.78 24.03 2.53
N ALA D 852 19.50 23.57 1.30
CA ALA D 852 18.37 22.70 1.07
C ALA D 852 18.56 21.39 1.81
N GLN D 853 19.78 20.87 1.80
CA GLN D 853 20.04 19.59 2.45
C GLN D 853 19.85 19.70 3.95
N LYS D 854 20.32 20.79 4.55
CA LYS D 854 20.15 20.95 5.99
C LYS D 854 18.69 21.16 6.34
N PHE D 855 17.93 21.86 5.48
CA PHE D 855 16.53 22.10 5.79
C PHE D 855 15.72 20.80 5.78
N ASN D 856 16.16 19.79 5.03
CA ASN D 856 15.48 18.51 4.97
C ASN D 856 16.02 17.51 5.98
N GLY D 857 16.87 17.93 6.90
CA GLY D 857 17.40 17.06 7.92
C GLY D 857 18.68 16.33 7.58
N LEU D 858 19.40 16.74 6.54
CA LEU D 858 20.67 16.09 6.16
C LEU D 858 21.79 16.95 6.72
N THR D 859 22.52 16.41 7.69
CA THR D 859 23.55 17.14 8.42
C THR D 859 24.91 16.56 8.06
N VAL D 860 25.82 17.45 7.66
CA VAL D 860 27.20 17.11 7.37
C VAL D 860 27.98 17.31 8.68
N LEU D 861 28.70 16.24 9.15
CA LEU D 861 29.38 16.36 10.43
C LEU D 861 30.86 16.68 10.23
N PRO D 862 31.48 17.43 11.14
CA PRO D 862 32.91 17.69 11.02
C PRO D 862 33.73 16.44 11.34
N PRO D 863 34.93 16.32 10.78
CA PRO D 863 35.81 15.22 11.17
C PRO D 863 36.34 15.48 12.57
N LEU D 864 36.74 14.39 13.24
CA LEU D 864 37.36 14.57 14.54
C LEU D 864 38.73 15.19 14.44
N LEU D 865 39.53 14.82 13.46
CA LEU D 865 40.86 15.37 13.28
C LEU D 865 40.81 16.46 12.23
N THR D 866 41.43 17.59 12.51
CA THR D 866 41.44 18.72 11.61
C THR D 866 42.55 18.57 10.60
N ASP D 867 42.53 19.41 9.58
CA ASP D 867 43.60 19.37 8.60
C ASP D 867 44.93 19.71 9.23
N GLU D 868 44.95 20.64 10.18
CA GLU D 868 46.20 21.02 10.82
C GLU D 868 46.75 19.85 11.62
N MET D 869 45.88 19.12 12.31
CA MET D 869 46.33 17.97 13.09
C MET D 869 46.90 16.89 12.18
N ILE D 870 46.26 16.64 11.03
CA ILE D 870 46.77 15.61 10.15
C ILE D 870 48.11 16.04 9.57
N ALA D 871 48.22 17.30 9.13
CA ALA D 871 49.48 17.74 8.57
C ALA D 871 50.58 17.67 9.61
N GLN D 872 50.26 18.01 10.86
CA GLN D 872 51.24 17.96 11.93
C GLN D 872 51.70 16.53 12.19
N TYR D 873 50.75 15.61 12.23
CA TYR D 873 51.09 14.20 12.44
C TYR D 873 52.00 13.71 11.32
N THR D 874 51.62 13.99 10.06
CA THR D 874 52.40 13.51 8.93
C THR D 874 53.79 14.11 8.97
N SER D 875 53.88 15.41 9.30
CA SER D 875 55.18 16.06 9.40
C SER D 875 56.02 15.34 10.44
N ALA D 876 55.40 14.98 11.56
CA ALA D 876 56.13 14.26 12.59
C ALA D 876 56.66 12.94 12.04
N LEU D 877 55.87 12.26 11.21
CA LEU D 877 56.37 11.01 10.65
C LEU D 877 57.54 11.24 9.72
N LEU D 878 57.50 12.32 8.94
CA LEU D 878 58.60 12.59 8.03
C LEU D 878 59.86 12.93 8.81
N ALA D 879 59.73 13.71 9.88
CA ALA D 879 60.90 14.04 10.68
C ALA D 879 61.42 12.77 11.34
N GLY D 880 60.52 11.89 11.76
CA GLY D 880 60.92 10.65 12.37
C GLY D 880 61.77 9.81 11.45
N THR D 881 61.27 9.55 10.25
CA THR D 881 62.03 8.72 9.32
C THR D 881 63.33 9.40 8.91
N ILE D 882 63.31 10.70 8.62
CA ILE D 882 64.52 11.37 8.16
C ILE D 882 65.59 11.35 9.23
N CYS D 883 65.22 11.62 10.49
CA CYS D 883 66.23 11.64 11.55
C CYS D 883 66.66 10.26 12.03
N SER D 884 65.75 9.28 12.08
CA SER D 884 66.07 7.98 12.67
C SER D 884 65.78 6.77 11.80
N GLY D 885 65.47 6.94 10.52
CA GLY D 885 65.19 5.78 9.68
C GLY D 885 63.97 5.04 10.19
N TRP D 886 64.08 3.71 10.30
CA TRP D 886 62.94 2.92 10.76
C TRP D 886 62.96 2.64 12.26
N THR D 887 63.97 3.12 12.99
CA THR D 887 64.06 2.75 14.40
C THR D 887 62.92 3.33 15.22
N PHE D 888 62.39 4.50 14.82
CA PHE D 888 61.31 5.10 15.60
C PHE D 888 60.02 4.32 15.46
N GLY D 889 59.88 3.53 14.40
CA GLY D 889 58.67 2.74 14.26
C GLY D 889 58.66 1.60 15.27
N ALA D 890 59.75 0.84 15.32
CA ALA D 890 59.87 -0.27 16.24
C ALA D 890 59.84 0.20 17.70
N GLY D 891 60.39 1.37 17.98
CA GLY D 891 60.45 1.87 19.33
C GLY D 891 61.15 3.21 19.43
N PRO D 892 62.21 3.33 20.25
CA PRO D 892 62.92 4.62 20.31
C PRO D 892 63.53 5.00 18.98
N ALA D 893 63.55 6.31 18.73
CA ALA D 893 64.13 6.87 17.51
C ALA D 893 65.62 7.08 17.72
N LEU D 894 66.43 6.34 16.96
CA LEU D 894 67.88 6.41 17.07
C LEU D 894 68.40 7.22 15.90
N GLN D 895 69.15 8.29 16.18
CA GLN D 895 69.62 9.11 15.07
C GLN D 895 70.61 8.34 14.23
N ILE D 896 70.51 8.47 12.92
CA ILE D 896 71.46 7.87 11.99
C ILE D 896 71.71 8.88 10.87
N PRO D 897 72.94 9.19 10.48
CA PRO D 897 73.14 10.08 9.34
C PRO D 897 72.38 9.53 8.15
N PHE D 898 71.74 10.42 7.40
CA PHE D 898 70.89 10.00 6.29
C PHE D 898 71.62 9.10 5.30
N PRO D 899 72.84 9.40 4.85
CA PRO D 899 73.50 8.50 3.90
C PRO D 899 73.68 7.10 4.44
N MET D 900 73.70 6.92 5.76
CA MET D 900 73.84 5.57 6.28
C MET D 900 72.49 4.88 6.26
N GLN D 901 71.40 5.65 6.38
CA GLN D 901 70.10 5.01 6.27
C GLN D 901 69.94 4.50 4.85
N MET D 902 70.40 5.31 3.90
CA MET D 902 70.31 4.89 2.51
C MET D 902 71.21 3.69 2.28
N ALA D 903 72.39 3.67 2.92
CA ALA D 903 73.30 2.54 2.74
C ALA D 903 72.65 1.26 3.24
N TYR D 904 71.91 1.36 4.35
CA TYR D 904 71.27 0.17 4.90
C TYR D 904 70.17 -0.27 3.97
N ARG D 905 69.45 0.70 3.40
CA ARG D 905 68.36 0.38 2.49
C ARG D 905 68.92 -0.29 1.24
N PHE D 906 70.07 0.17 0.75
CA PHE D 906 70.69 -0.47 -0.41
C PHE D 906 71.08 -1.89 -0.05
N ASN D 907 71.62 -2.09 1.15
CA ASN D 907 71.98 -3.43 1.55
C ASN D 907 70.75 -4.30 1.57
N GLY D 908 69.61 -3.72 1.95
CA GLY D 908 68.35 -4.44 1.91
C GLY D 908 67.96 -4.82 0.50
N ILE D 909 68.26 -3.95 -0.48
CA ILE D 909 67.95 -4.25 -1.86
C ILE D 909 68.77 -5.45 -2.32
N GLY D 910 70.03 -5.48 -1.93
CA GLY D 910 70.99 -6.49 -2.30
C GLY D 910 72.11 -5.87 -3.10
N VAL D 911 72.44 -4.63 -2.76
CA VAL D 911 73.52 -3.88 -3.39
C VAL D 911 74.44 -3.38 -2.29
N THR D 912 75.74 -3.54 -2.49
CA THR D 912 76.75 -3.12 -1.53
C THR D 912 76.67 -1.63 -1.23
N GLN D 913 77.08 -1.28 -0.01
CA GLN D 913 77.10 0.11 0.42
C GLN D 913 78.02 0.94 -0.48
N ASN D 914 79.00 0.28 -1.11
CA ASN D 914 79.92 0.98 -1.98
C ASN D 914 79.22 1.69 -3.12
N VAL D 915 78.11 1.15 -3.62
CA VAL D 915 77.50 1.82 -4.76
C VAL D 915 76.96 3.17 -4.31
N LEU D 916 76.31 3.21 -3.14
CA LEU D 916 75.78 4.47 -2.63
C LEU D 916 76.88 5.46 -2.33
N TYR D 917 77.96 5.01 -1.68
CA TYR D 917 78.99 5.97 -1.30
C TYR D 917 79.80 6.43 -2.50
N GLU D 918 79.96 5.57 -3.50
CA GLU D 918 80.74 5.92 -4.68
C GLU D 918 79.99 6.95 -5.53
N ASN D 919 78.67 6.81 -5.64
CA ASN D 919 77.83 7.66 -6.47
C ASN D 919 76.84 8.50 -5.67
N GLN D 920 77.16 8.84 -4.42
CA GLN D 920 76.24 9.57 -3.56
C GLN D 920 75.70 10.85 -4.21
N LYS D 921 76.56 11.63 -4.87
CA LYS D 921 76.10 12.88 -5.43
C LYS D 921 75.13 12.64 -6.58
N LEU D 922 75.43 11.65 -7.42
CA LEU D 922 74.55 11.35 -8.54
C LEU D 922 73.19 10.90 -8.03
N ILE D 923 73.19 10.07 -6.98
CA ILE D 923 71.94 9.56 -6.43
C ILE D 923 71.12 10.71 -5.86
N ALA D 924 71.77 11.60 -5.12
CA ALA D 924 71.06 12.75 -4.58
C ALA D 924 70.48 13.62 -5.69
N ASN D 925 71.22 13.78 -6.79
CA ASN D 925 70.72 14.61 -7.87
C ASN D 925 69.51 13.97 -8.53
N GLN D 926 69.55 12.65 -8.71
CA GLN D 926 68.40 11.98 -9.33
C GLN D 926 67.20 12.06 -8.40
N PHE D 927 67.43 11.92 -7.09
CA PHE D 927 66.33 12.01 -6.14
C PHE D 927 65.67 13.37 -6.23
N ASN D 928 66.48 14.43 -6.21
CA ASN D 928 65.93 15.78 -6.23
C ASN D 928 65.18 16.05 -7.52
N SER D 929 65.70 15.54 -8.64
CA SER D 929 65.02 15.73 -9.91
C SER D 929 63.71 14.95 -9.93
N ALA D 930 63.71 13.74 -9.38
CA ALA D 930 62.49 12.95 -9.36
C ALA D 930 61.42 13.67 -8.55
N ILE D 931 61.81 14.31 -7.45
CA ILE D 931 60.81 15.02 -6.64
C ILE D 931 60.27 16.20 -7.44
N GLY D 932 61.14 16.94 -8.13
CA GLY D 932 60.65 18.04 -8.93
C GLY D 932 59.68 17.54 -9.99
N LYS D 933 59.95 16.36 -10.55
CA LYS D 933 59.05 15.78 -11.52
C LYS D 933 57.71 15.45 -10.88
N ILE D 934 57.71 15.01 -9.62
CA ILE D 934 56.45 14.70 -8.96
C ILE D 934 55.65 15.98 -8.81
N GLN D 935 56.30 17.06 -8.41
CA GLN D 935 55.58 18.31 -8.23
C GLN D 935 54.99 18.79 -9.54
N ASP D 936 55.73 18.65 -10.64
CA ASP D 936 55.19 19.10 -11.93
C ASP D 936 54.08 18.17 -12.40
N SER D 937 54.23 16.86 -12.17
CA SER D 937 53.23 15.90 -12.59
C SER D 937 51.91 16.16 -11.87
N LEU D 938 51.98 16.39 -10.56
CA LEU D 938 50.77 16.65 -9.80
C LEU D 938 50.13 17.98 -10.20
N SER D 939 50.94 19.03 -10.34
CA SER D 939 50.39 20.34 -10.71
C SER D 939 49.76 20.31 -12.10
N SER D 940 50.43 19.66 -13.05
CA SER D 940 49.97 19.63 -14.44
C SER D 940 48.67 18.83 -14.65
N THR D 941 48.53 17.65 -14.02
CA THR D 941 47.41 16.78 -14.34
C THR D 941 46.17 17.04 -13.47
N PRO D 942 45.05 17.53 -14.04
CA PRO D 942 43.85 17.80 -13.22
C PRO D 942 43.22 16.55 -12.62
N SER D 943 43.50 15.37 -13.15
CA SER D 943 42.90 14.10 -12.73
C SER D 943 43.79 13.27 -11.82
N ALA D 944 44.91 13.84 -11.37
CA ALA D 944 45.88 13.09 -10.57
C ALA D 944 45.24 12.47 -9.33
N LEU D 945 44.27 13.15 -8.72
CA LEU D 945 43.58 12.68 -7.52
C LEU D 945 42.13 12.27 -7.79
N GLY D 946 41.86 11.79 -9.01
CA GLY D 946 40.50 11.44 -9.39
C GLY D 946 39.76 10.50 -8.43
N LYS D 947 40.47 9.56 -7.79
CA LYS D 947 39.80 8.65 -6.87
C LYS D 947 39.12 9.40 -5.71
N LEU D 948 39.75 10.47 -5.24
CA LEU D 948 39.19 11.17 -4.09
C LEU D 948 38.02 12.02 -4.54
N GLN D 949 38.13 12.56 -5.75
CA GLN D 949 37.05 13.37 -6.28
C GLN D 949 35.85 12.47 -6.48
N ASP D 950 36.10 11.23 -6.91
CA ASP D 950 35.00 10.29 -7.13
C ASP D 950 34.31 9.98 -5.82
N VAL D 951 35.05 9.82 -4.72
CA VAL D 951 34.40 9.55 -3.44
C VAL D 951 33.50 10.73 -3.05
N VAL D 952 34.03 11.95 -3.21
CA VAL D 952 33.25 13.14 -2.85
C VAL D 952 32.01 13.22 -3.74
N ASN D 953 32.18 12.96 -5.05
CA ASN D 953 31.06 13.06 -5.97
C ASN D 953 30.01 12.02 -5.66
N GLN D 954 30.42 10.82 -5.25
CA GLN D 954 29.41 9.80 -4.96
C GLN D 954 28.57 10.22 -3.77
N ASN D 955 29.20 10.81 -2.74
CA ASN D 955 28.36 11.19 -1.60
C ASN D 955 27.50 12.40 -1.95
N ALA D 956 28.02 13.33 -2.76
CA ALA D 956 27.21 14.48 -3.15
C ALA D 956 26.01 14.03 -3.97
N GLN D 957 26.21 13.07 -4.87
CA GLN D 957 25.10 12.60 -5.68
C GLN D 957 24.09 11.88 -4.83
N ALA D 958 24.55 11.09 -3.85
CA ALA D 958 23.59 10.39 -3.00
C ALA D 958 22.71 11.37 -2.24
N LEU D 959 23.28 12.49 -1.79
CA LEU D 959 22.43 13.42 -1.05
C LEU D 959 21.55 14.23 -1.99
N ASN D 960 22.02 14.52 -3.20
CA ASN D 960 21.15 15.23 -4.11
C ASN D 960 20.04 14.31 -4.57
N THR D 961 20.32 13.01 -4.62
CA THR D 961 19.30 12.03 -4.96
C THR D 961 18.23 12.02 -3.88
N LEU D 962 18.61 12.05 -2.61
CA LEU D 962 17.56 12.10 -1.58
C LEU D 962 16.73 13.38 -1.71
N VAL D 963 17.37 14.50 -2.01
CA VAL D 963 16.62 15.74 -2.13
C VAL D 963 15.64 15.66 -3.29
N LYS D 964 16.09 15.11 -4.42
CA LYS D 964 15.19 15.00 -5.57
C LYS D 964 14.09 13.98 -5.33
N GLN D 965 14.42 12.87 -4.66
CA GLN D 965 13.40 11.85 -4.39
C GLN D 965 12.33 12.37 -3.46
N LEU D 966 12.66 13.35 -2.63
CA LEU D 966 11.64 13.93 -1.75
C LEU D 966 10.45 14.45 -2.56
N SER D 967 10.69 14.91 -3.79
CA SER D 967 9.66 15.50 -4.63
C SER D 967 8.75 14.49 -5.33
N SER D 968 9.06 13.20 -5.28
CA SER D 968 8.22 12.23 -5.98
C SER D 968 6.84 12.15 -5.35
N ASN D 969 5.85 11.77 -6.17
CA ASN D 969 4.48 11.63 -5.71
C ASN D 969 4.25 10.31 -5.00
N PHE D 970 4.95 9.26 -5.39
CA PHE D 970 4.82 7.92 -4.81
C PHE D 970 3.40 7.38 -4.91
N GLY D 971 2.60 7.86 -5.85
CA GLY D 971 1.24 7.40 -6.01
C GLY D 971 0.22 8.28 -5.32
N ALA D 972 0.67 9.26 -4.55
CA ALA D 972 -0.21 10.17 -3.86
C ALA D 972 -0.71 11.24 -4.82
N ILE D 973 -1.81 11.89 -4.42
CA ILE D 973 -2.36 12.97 -5.22
C ILE D 973 -1.41 14.17 -5.30
N SER D 974 -0.51 14.33 -4.34
CA SER D 974 0.43 15.45 -4.40
C SER D 974 1.69 15.11 -3.61
N SER D 975 2.82 15.60 -4.14
CA SER D 975 4.11 15.46 -3.48
C SER D 975 4.25 16.35 -2.26
N VAL D 976 3.39 17.35 -2.07
CA VAL D 976 3.50 18.30 -0.97
C VAL D 976 2.50 17.94 0.13
N LEU D 977 3.05 17.71 1.32
CA LEU D 977 2.27 17.29 2.47
C LEU D 977 1.21 18.33 2.85
N ASN D 978 1.54 19.61 2.71
CA ASN D 978 0.58 20.64 3.09
C ASN D 978 -0.61 20.70 2.15
N ASP D 979 -0.48 20.26 0.90
CA ASP D 979 -1.63 20.29 0.02
C ASP D 979 -2.61 19.20 0.44
N ILE D 980 -2.06 18.06 0.83
CA ILE D 980 -2.89 16.94 1.26
C ILE D 980 -3.64 17.32 2.52
N LEU D 981 -2.93 17.92 3.48
CA LEU D 981 -3.60 18.30 4.73
C LEU D 981 -4.62 19.41 4.49
N SER D 982 -4.32 20.36 3.60
CA SER D 982 -5.24 21.46 3.35
C SER D 982 -6.52 21.01 2.65
N ARG D 983 -6.41 20.18 1.62
CA ARG D 983 -7.61 19.82 0.86
C ARG D 983 -8.38 18.60 1.36
N LEU D 984 -7.73 17.66 2.05
CA LEU D 984 -8.40 16.43 2.49
C LEU D 984 -8.71 16.44 3.97
N ASP D 985 -9.74 15.69 4.33
CA ASP D 985 -10.16 15.51 5.71
C ASP D 985 -9.22 14.51 6.38
N PRO D 986 -9.34 14.28 7.68
CA PRO D 986 -8.43 13.36 8.39
C PRO D 986 -8.27 12.00 7.71
N PRO D 987 -9.31 11.17 7.55
CA PRO D 987 -9.03 9.81 7.03
C PRO D 987 -8.46 9.78 5.61
N GLU D 988 -8.78 10.75 4.77
CA GLU D 988 -8.23 10.73 3.42
C GLU D 988 -6.82 11.26 3.45
N ALA D 989 -6.59 12.25 4.32
CA ALA D 989 -5.24 12.77 4.44
C ALA D 989 -4.35 11.67 4.98
N GLU D 990 -4.86 10.88 5.93
CA GLU D 990 -4.05 9.81 6.49
C GLU D 990 -3.69 8.78 5.43
N VAL D 991 -4.62 8.47 4.52
CA VAL D 991 -4.26 7.52 3.46
C VAL D 991 -3.16 8.09 2.57
N GLN D 992 -3.30 9.36 2.15
CA GLN D 992 -2.29 9.91 1.25
C GLN D 992 -0.96 10.11 1.97
N ILE D 993 -1.03 10.45 3.26
CA ILE D 993 0.18 10.65 4.05
C ILE D 993 0.88 9.31 4.22
N ASP D 994 0.12 8.25 4.50
CA ASP D 994 0.75 6.95 4.66
C ASP D 994 1.48 6.56 3.39
N ARG D 995 0.89 6.89 2.23
CA ARG D 995 1.59 6.61 0.97
C ARG D 995 2.91 7.39 0.89
N LEU D 996 2.88 8.65 1.31
CA LEU D 996 4.11 9.44 1.26
C LEU D 996 5.13 8.95 2.29
N ILE D 997 4.66 8.52 3.47
CA ILE D 997 5.59 8.04 4.49
C ILE D 997 6.28 6.79 3.97
N THR D 998 5.53 5.88 3.34
CA THR D 998 6.15 4.68 2.80
C THR D 998 7.20 5.08 1.77
N GLY D 999 6.85 6.04 0.90
CA GLY D 999 7.78 6.47 -0.12
C GLY D 999 9.07 7.02 0.46
N ARG D 1000 8.97 7.95 1.39
CA ARG D 1000 10.17 8.57 1.97
C ARG D 1000 10.97 7.57 2.80
N LEU D 1001 10.29 6.69 3.54
CA LEU D 1001 11.03 5.74 4.35
C LEU D 1001 11.81 4.78 3.47
N GLN D 1002 11.20 4.35 2.35
CA GLN D 1002 11.92 3.46 1.45
C GLN D 1002 13.11 4.19 0.84
N SER D 1003 12.95 5.48 0.56
CA SER D 1003 14.05 6.27 0.01
C SER D 1003 15.21 6.33 1.00
N LEU D 1004 14.91 6.59 2.27
CA LEU D 1004 15.98 6.68 3.26
C LEU D 1004 16.64 5.33 3.46
N GLN D 1005 15.87 4.24 3.46
CA GLN D 1005 16.51 2.95 3.66
C GLN D 1005 17.46 2.64 2.51
N THR D 1006 17.06 2.99 1.29
CA THR D 1006 17.94 2.74 0.15
C THR D 1006 19.23 3.52 0.31
N TYR D 1007 19.10 4.80 0.68
CA TYR D 1007 20.28 5.63 0.90
C TYR D 1007 21.19 5.02 1.95
N VAL D 1008 20.63 4.62 3.09
CA VAL D 1008 21.47 4.11 4.17
C VAL D 1008 22.19 2.85 3.73
N THR D 1009 21.50 1.95 3.03
CA THR D 1009 22.17 0.72 2.58
C THR D 1009 23.32 1.05 1.65
N GLN D 1010 23.11 1.97 0.70
CA GLN D 1010 24.19 2.28 -0.22
C GLN D 1010 25.33 2.99 0.50
N GLN D 1011 25.00 3.82 1.48
CA GLN D 1011 26.04 4.54 2.20
C GLN D 1011 26.86 3.57 3.02
N LEU D 1012 26.20 2.57 3.59
CA LEU D 1012 26.91 1.58 4.40
C LEU D 1012 27.84 0.73 3.54
N ILE D 1013 27.40 0.35 2.33
CA ILE D 1013 28.29 -0.42 1.47
C ILE D 1013 29.49 0.42 1.08
N ARG D 1014 29.27 1.69 0.72
CA ARG D 1014 30.42 2.53 0.42
C ARG D 1014 31.34 2.63 1.63
N ALA D 1015 30.75 2.71 2.82
CA ALA D 1015 31.57 2.75 4.03
C ALA D 1015 32.43 1.51 4.13
N ALA D 1016 31.88 0.36 3.73
CA ALA D 1016 32.66 -0.87 3.77
C ALA D 1016 33.85 -0.77 2.82
N GLU D 1017 33.65 -0.14 1.67
CA GLU D 1017 34.76 0.00 0.74
C GLU D 1017 35.81 0.93 1.32
N ILE D 1018 35.36 1.98 2.00
CA ILE D 1018 36.31 2.89 2.63
C ILE D 1018 37.08 2.17 3.71
N ARG D 1019 36.40 1.33 4.50
CA ARG D 1019 37.12 0.59 5.54
C ARG D 1019 38.21 -0.28 4.93
N ALA D 1020 37.89 -0.95 3.82
CA ALA D 1020 38.91 -1.80 3.19
C ALA D 1020 40.07 -0.94 2.72
N SER D 1021 39.77 0.23 2.16
CA SER D 1021 40.83 1.11 1.69
C SER D 1021 41.67 1.62 2.85
N ALA D 1022 41.02 2.02 3.95
CA ALA D 1022 41.75 2.51 5.10
C ALA D 1022 42.66 1.44 5.68
N ASN D 1023 42.19 0.18 5.68
CA ASN D 1023 43.04 -0.87 6.22
C ASN D 1023 44.25 -1.06 5.33
N LEU D 1024 44.05 -0.94 4.02
CA LEU D 1024 45.19 -1.07 3.13
C LEU D 1024 46.14 0.10 3.34
N ALA D 1025 45.60 1.31 3.49
CA ALA D 1025 46.45 2.47 3.71
C ALA D 1025 47.25 2.34 4.99
N ALA D 1026 46.63 1.83 6.06
CA ALA D 1026 47.36 1.68 7.32
C ALA D 1026 48.44 0.63 7.17
N THR D 1027 48.16 -0.44 6.42
CA THR D 1027 49.18 -1.44 6.20
C THR D 1027 50.33 -0.84 5.43
N LYS D 1028 50.04 -0.03 4.42
CA LYS D 1028 51.10 0.59 3.64
C LYS D 1028 51.88 1.54 4.52
N MET D 1029 51.22 2.24 5.43
CA MET D 1029 51.92 3.16 6.31
C MET D 1029 52.94 2.42 7.16
N SER D 1030 52.49 1.38 7.85
CA SER D 1030 53.42 0.66 8.72
C SER D 1030 54.50 -0.07 7.93
N GLU D 1031 54.11 -0.73 6.83
CA GLU D 1031 55.03 -1.57 6.08
C GLU D 1031 55.96 -0.85 5.11
N CYS D 1032 55.54 0.26 4.50
CA CYS D 1032 56.34 0.99 3.52
C CYS D 1032 57.04 2.21 4.07
N VAL D 1033 56.47 2.89 5.07
CA VAL D 1033 57.04 4.12 5.60
C VAL D 1033 57.92 3.85 6.81
N LEU D 1034 57.49 2.94 7.70
CA LEU D 1034 58.23 2.66 8.92
C LEU D 1034 59.16 1.46 8.75
N GLY D 1035 59.43 1.08 7.51
CA GLY D 1035 60.30 -0.04 7.26
C GLY D 1035 60.59 -0.18 5.79
N GLN D 1036 61.08 -1.35 5.42
CA GLN D 1036 61.43 -1.68 4.05
C GLN D 1036 60.87 -3.07 3.76
N SER D 1037 59.94 -3.16 2.81
CA SER D 1037 59.28 -4.42 2.49
C SER D 1037 59.89 -5.05 1.24
N LYS D 1038 59.89 -6.38 1.24
CA LYS D 1038 60.42 -7.17 0.13
C LYS D 1038 59.35 -7.52 -0.90
N ARG D 1039 58.09 -7.18 -0.65
CA ARG D 1039 57.02 -7.61 -1.54
C ARG D 1039 57.07 -6.85 -2.85
N VAL D 1040 57.00 -7.58 -3.95
CA VAL D 1040 57.12 -6.98 -5.28
C VAL D 1040 55.89 -6.13 -5.55
N ASP D 1041 56.13 -4.88 -5.97
CA ASP D 1041 55.14 -3.86 -6.30
C ASP D 1041 54.31 -3.40 -5.11
N PHE D 1042 54.54 -3.91 -3.91
CA PHE D 1042 53.68 -3.58 -2.78
C PHE D 1042 53.80 -2.08 -2.48
N CYS D 1043 55.04 -1.59 -2.46
CA CYS D 1043 55.38 -0.20 -2.14
C CYS D 1043 55.78 0.54 -3.40
N GLY D 1044 55.19 0.20 -4.54
CA GLY D 1044 55.49 0.82 -5.81
C GLY D 1044 56.32 -0.09 -6.70
N LYS D 1045 56.34 0.24 -7.99
CA LYS D 1045 57.08 -0.60 -8.93
C LYS D 1045 58.57 -0.39 -8.75
N GLY D 1046 59.31 -1.49 -8.82
CA GLY D 1046 60.75 -1.49 -8.65
C GLY D 1046 61.06 -2.08 -7.29
N TYR D 1047 62.31 -1.96 -6.87
CA TYR D 1047 62.72 -2.51 -5.60
C TYR D 1047 62.51 -1.40 -4.59
N HIS D 1048 61.86 -1.70 -3.48
CA HIS D 1048 61.56 -0.65 -2.52
C HIS D 1048 62.77 -0.17 -1.75
N LEU D 1049 62.94 1.15 -1.70
CA LEU D 1049 63.97 1.81 -0.90
C LEU D 1049 63.33 2.48 0.30
N MET D 1050 62.37 3.37 0.07
CA MET D 1050 61.79 4.14 1.17
C MET D 1050 60.52 4.80 0.66
N SER D 1051 59.77 5.38 1.58
CA SER D 1051 58.58 6.13 1.18
C SER D 1051 58.31 7.27 2.14
N PHE D 1052 57.57 8.25 1.63
CA PHE D 1052 57.22 9.46 2.37
C PHE D 1052 55.71 9.72 2.27
N PRO D 1053 54.94 9.49 3.31
CA PRO D 1053 53.49 9.74 3.20
C PRO D 1053 53.21 11.23 3.22
N GLN D 1054 52.13 11.63 2.56
CA GLN D 1054 51.64 12.99 2.60
C GLN D 1054 50.13 12.96 2.80
N SER D 1055 49.60 13.98 3.46
CA SER D 1055 48.17 14.09 3.68
C SER D 1055 47.48 14.55 2.41
N ALA D 1056 46.18 14.28 2.33
CA ALA D 1056 45.40 14.70 1.17
C ALA D 1056 43.95 14.81 1.60
N PRO D 1057 43.14 15.59 0.87
CA PRO D 1057 41.71 15.66 1.21
C PRO D 1057 41.09 14.28 1.22
N HIS D 1058 40.47 13.94 2.36
CA HIS D 1058 39.82 12.66 2.57
C HIS D 1058 40.74 11.48 2.20
N GLY D 1059 42.04 11.61 2.37
CA GLY D 1059 42.88 10.50 1.96
C GLY D 1059 44.36 10.74 2.20
N VAL D 1060 45.15 9.79 1.69
CA VAL D 1060 46.60 9.80 1.84
C VAL D 1060 47.25 9.54 0.49
N VAL D 1061 48.36 10.22 0.24
CA VAL D 1061 49.17 10.00 -0.94
C VAL D 1061 50.55 9.58 -0.48
N PHE D 1062 51.06 8.47 -0.98
CA PHE D 1062 52.38 7.98 -0.63
C PHE D 1062 53.32 8.28 -1.77
N LEU D 1063 54.50 8.79 -1.44
CA LEU D 1063 55.57 8.94 -2.41
C LEU D 1063 56.56 7.82 -2.18
N HIS D 1064 56.71 6.93 -3.16
CA HIS D 1064 57.59 5.79 -3.02
C HIS D 1064 58.86 6.04 -3.80
N VAL D 1065 60.00 5.75 -3.19
CA VAL D 1065 61.32 5.92 -3.78
C VAL D 1065 61.85 4.50 -3.95
N THR D 1066 62.17 4.14 -5.19
CA THR D 1066 62.66 2.81 -5.54
C THR D 1066 63.95 2.87 -6.36
N TYR D 1067 64.66 1.75 -6.32
CA TYR D 1067 65.89 1.50 -7.07
C TYR D 1067 65.49 0.76 -8.32
N VAL D 1068 65.86 1.28 -9.50
CA VAL D 1068 65.51 0.67 -10.77
C VAL D 1068 66.75 0.41 -11.62
N PRO D 1069 67.00 -0.83 -12.06
CA PRO D 1069 68.14 -1.08 -12.96
C PRO D 1069 67.98 -0.25 -14.24
N ALA D 1070 69.11 0.19 -14.79
CA ALA D 1070 69.14 1.03 -15.97
C ALA D 1070 70.00 0.39 -17.07
N GLN D 1071 71.10 1.02 -17.49
CA GLN D 1071 71.93 0.40 -18.52
C GLN D 1071 72.40 -0.96 -18.05
N GLU D 1072 72.47 -1.90 -19.00
CA GLU D 1072 72.84 -3.28 -18.73
C GLU D 1072 73.71 -3.78 -19.87
N LYS D 1073 74.46 -4.84 -19.60
CA LYS D 1073 75.26 -5.49 -20.64
C LYS D 1073 75.09 -7.00 -20.61
N ASN D 1074 75.33 -7.58 -21.79
CA ASN D 1074 75.31 -9.02 -22.04
C ASN D 1074 76.66 -9.65 -21.71
N PHE D 1075 76.67 -10.60 -20.80
CA PHE D 1075 77.89 -11.30 -20.40
C PHE D 1075 77.68 -12.81 -20.45
N THR D 1076 78.79 -13.53 -20.64
CA THR D 1076 78.76 -14.97 -20.63
C THR D 1076 78.82 -15.42 -19.19
N THR D 1077 78.18 -16.54 -18.87
CA THR D 1077 78.21 -17.09 -17.52
C THR D 1077 78.53 -18.57 -17.52
N ALA D 1078 78.66 -19.11 -16.31
CA ALA D 1078 78.88 -20.52 -16.03
C ALA D 1078 78.45 -20.77 -14.59
N PRO D 1079 77.90 -21.95 -14.28
CA PRO D 1079 77.54 -22.22 -12.88
C PRO D 1079 78.71 -22.49 -11.93
N ALA D 1080 79.91 -22.84 -12.41
CA ALA D 1080 80.95 -23.19 -11.45
C ALA D 1080 82.33 -23.09 -12.10
N ILE D 1081 83.35 -23.04 -11.24
CA ILE D 1081 84.75 -23.01 -11.64
C ILE D 1081 85.41 -24.31 -11.23
N CYS D 1082 86.23 -24.88 -12.11
CA CYS D 1082 87.01 -26.09 -11.84
C CYS D 1082 88.50 -25.73 -11.76
N HIS D 1083 88.95 -25.34 -10.57
CA HIS D 1083 90.35 -24.94 -10.39
C HIS D 1083 91.33 -26.11 -10.35
N ASP D 1084 91.07 -27.07 -9.47
CA ASP D 1084 91.98 -28.18 -9.19
C ASP D 1084 91.25 -29.52 -9.15
N GLY D 1085 90.06 -29.59 -9.73
CA GLY D 1085 89.24 -30.78 -9.71
C GLY D 1085 88.11 -30.70 -8.72
N LYS D 1086 88.13 -29.73 -7.82
CA LYS D 1086 87.05 -29.52 -6.87
C LYS D 1086 86.07 -28.54 -7.53
N ALA D 1087 84.83 -28.55 -7.05
CA ALA D 1087 83.81 -27.63 -7.56
C ALA D 1087 83.74 -26.38 -6.70
N HIS D 1088 84.01 -25.24 -7.31
CA HIS D 1088 84.03 -23.95 -6.65
C HIS D 1088 82.78 -23.14 -7.01
N PHE D 1089 81.97 -22.79 -5.98
CA PHE D 1089 80.73 -22.05 -6.14
C PHE D 1089 80.85 -20.67 -5.50
N PRO D 1090 80.15 -19.65 -6.00
CA PRO D 1090 80.31 -18.32 -5.41
C PRO D 1090 79.64 -18.26 -4.05
N ARG D 1091 80.24 -17.48 -3.14
CA ARG D 1091 79.59 -17.29 -1.86
C ARG D 1091 78.41 -16.35 -2.04
N GLU D 1092 78.57 -15.38 -2.94
CA GLU D 1092 77.54 -14.40 -3.25
C GLU D 1092 77.77 -13.96 -4.68
N GLY D 1093 76.71 -13.48 -5.30
CA GLY D 1093 76.83 -12.98 -6.65
C GLY D 1093 76.79 -14.08 -7.70
N VAL D 1094 77.24 -13.72 -8.89
CA VAL D 1094 77.21 -14.59 -10.05
C VAL D 1094 78.57 -14.54 -10.75
N PHE D 1095 78.94 -15.67 -11.36
CA PHE D 1095 80.16 -15.73 -12.17
C PHE D 1095 79.85 -15.14 -13.54
N VAL D 1096 80.65 -14.15 -13.92
CA VAL D 1096 80.45 -13.38 -15.13
C VAL D 1096 81.77 -13.38 -15.88
N SER D 1097 81.71 -13.37 -17.20
CA SER D 1097 82.93 -13.32 -18.00
C SER D 1097 82.83 -12.32 -19.12
N ASN D 1098 83.91 -11.58 -19.32
CA ASN D 1098 84.05 -10.75 -20.50
C ASN D 1098 84.68 -11.68 -21.54
N GLY D 1099 85.07 -11.15 -22.69
CA GLY D 1099 85.62 -11.97 -23.74
C GLY D 1099 86.82 -12.82 -23.34
N THR D 1100 87.63 -12.34 -22.38
CA THR D 1100 88.84 -13.04 -21.95
C THR D 1100 88.99 -13.37 -20.47
N HIS D 1101 88.27 -12.74 -19.53
CA HIS D 1101 88.48 -12.99 -18.10
C HIS D 1101 87.17 -13.18 -17.34
N TRP D 1102 87.25 -14.04 -16.33
CA TRP D 1102 86.17 -14.37 -15.40
C TRP D 1102 86.26 -13.58 -14.10
N PHE D 1103 85.10 -13.13 -13.62
CA PHE D 1103 85.00 -12.34 -12.40
C PHE D 1103 83.74 -12.76 -11.65
N VAL D 1104 83.55 -12.17 -10.47
CA VAL D 1104 82.37 -12.34 -9.63
C VAL D 1104 81.72 -10.99 -9.52
N THR D 1105 80.42 -10.91 -9.81
CA THR D 1105 79.68 -9.66 -9.67
C THR D 1105 78.42 -9.84 -8.85
N GLN D 1106 77.90 -8.69 -8.44
CA GLN D 1106 76.65 -8.61 -7.71
C GLN D 1106 75.55 -8.70 -8.76
N ARG D 1107 74.47 -9.40 -8.43
CA ARG D 1107 73.42 -9.57 -9.41
C ARG D 1107 72.79 -8.24 -9.81
N ASN D 1108 72.72 -7.28 -8.89
CA ASN D 1108 72.12 -5.99 -9.18
C ASN D 1108 73.12 -4.89 -9.55
N PHE D 1109 74.42 -5.18 -9.66
CA PHE D 1109 75.36 -4.11 -10.00
C PHE D 1109 76.71 -4.68 -10.43
N TYR D 1110 77.19 -4.27 -11.60
CA TYR D 1110 78.41 -4.75 -12.26
C TYR D 1110 79.72 -4.17 -11.72
N GLU D 1111 80.29 -4.80 -10.68
CA GLU D 1111 81.60 -4.45 -10.12
C GLU D 1111 82.50 -5.69 -10.13
N PRO D 1112 83.09 -6.04 -11.27
CA PRO D 1112 83.85 -7.30 -11.37
C PRO D 1112 84.98 -7.38 -10.35
N GLN D 1113 84.99 -8.49 -9.63
CA GLN D 1113 86.02 -8.82 -8.66
C GLN D 1113 86.81 -10.03 -9.14
N ILE D 1114 88.02 -10.15 -8.63
CA ILE D 1114 88.83 -11.33 -8.93
C ILE D 1114 88.25 -12.52 -8.18
N ILE D 1115 88.21 -13.67 -8.84
CA ILE D 1115 87.69 -14.87 -8.20
C ILE D 1115 88.75 -15.36 -7.23
N THR D 1116 88.39 -15.43 -5.94
CA THR D 1116 89.32 -15.82 -4.90
C THR D 1116 88.66 -16.78 -3.93
N THR D 1117 89.48 -17.35 -3.05
CA THR D 1117 89.00 -18.24 -2.01
C THR D 1117 88.22 -17.54 -0.92
N ASP D 1118 88.22 -16.20 -0.88
CA ASP D 1118 87.51 -15.47 0.18
C ASP D 1118 86.08 -15.10 -0.20
N ASN D 1119 85.68 -15.36 -1.45
CA ASN D 1119 84.34 -15.07 -1.93
C ASN D 1119 83.75 -16.29 -2.63
N THR D 1120 84.40 -17.44 -2.52
CA THR D 1120 84.03 -18.70 -3.14
C THR D 1120 84.15 -19.81 -2.10
N PHE D 1121 83.22 -20.76 -2.14
CA PHE D 1121 83.27 -21.92 -1.25
C PHE D 1121 83.37 -23.16 -2.13
N VAL D 1122 83.85 -24.26 -1.54
CA VAL D 1122 84.05 -25.51 -2.26
C VAL D 1122 83.15 -26.60 -1.70
N SER D 1123 82.48 -27.31 -2.61
CA SER D 1123 81.64 -28.43 -2.24
C SER D 1123 81.56 -29.36 -3.44
N GLY D 1124 81.86 -30.65 -3.25
CA GLY D 1124 81.80 -31.58 -4.36
C GLY D 1124 82.99 -31.44 -5.29
N ASN D 1125 82.83 -31.93 -6.53
CA ASN D 1125 83.91 -31.96 -7.49
C ASN D 1125 83.38 -31.66 -8.89
N CYS D 1126 84.31 -31.60 -9.84
CA CYS D 1126 84.07 -31.16 -11.21
C CYS D 1126 83.31 -32.16 -12.10
N ASP D 1127 82.98 -33.36 -11.64
CA ASP D 1127 82.29 -34.33 -12.49
C ASP D 1127 80.77 -34.30 -12.41
N VAL D 1128 80.15 -33.44 -11.61
CA VAL D 1128 78.70 -33.42 -11.47
C VAL D 1128 78.07 -32.20 -12.12
N VAL D 1129 78.62 -31.01 -11.90
CA VAL D 1129 77.98 -29.80 -12.38
C VAL D 1129 78.17 -29.67 -13.89
N ILE D 1130 77.09 -29.33 -14.57
CA ILE D 1130 77.06 -29.21 -16.02
C ILE D 1130 77.58 -27.84 -16.44
N GLY D 1131 78.49 -27.81 -17.40
CA GLY D 1131 79.00 -26.55 -17.92
C GLY D 1131 80.06 -25.86 -17.08
N ILE D 1132 80.89 -26.60 -16.39
CA ILE D 1132 81.91 -26.01 -15.53
C ILE D 1132 83.04 -25.52 -16.41
N VAL D 1133 83.54 -24.31 -16.13
CA VAL D 1133 84.67 -23.73 -16.84
C VAL D 1133 85.88 -23.85 -15.93
N ASN D 1134 87.05 -24.16 -16.49
CA ASN D 1134 88.25 -24.32 -15.66
C ASN D 1134 88.67 -22.98 -15.03
N ASN D 1135 88.97 -22.00 -15.87
CA ASN D 1135 89.44 -20.68 -15.48
C ASN D 1135 90.59 -20.75 -14.45
N THR D 1136 90.46 -20.11 -13.27
CA THR D 1136 91.47 -20.11 -12.23
C THR D 1136 90.88 -19.50 -10.98
N VAL D 1137 91.37 -19.94 -9.82
CA VAL D 1137 91.03 -19.36 -8.52
C VAL D 1137 92.30 -18.86 -7.84
N TYR D 1138 92.31 -17.59 -7.49
CA TYR D 1138 93.44 -16.93 -6.84
C TYR D 1138 93.37 -17.16 -5.34
N ASP D 1139 94.49 -17.52 -4.73
CA ASP D 1139 94.53 -17.74 -3.29
C ASP D 1139 95.32 -16.60 -2.65
N PRO D 1140 94.68 -15.63 -1.97
CA PRO D 1140 95.43 -14.50 -1.39
C PRO D 1140 96.51 -14.90 -0.40
N LEU D 1141 96.49 -16.12 0.13
CA LEU D 1141 97.52 -16.51 1.08
C LEU D 1141 98.86 -16.78 0.41
N GLN D 1142 98.86 -17.34 -0.81
CA GLN D 1142 100.11 -17.78 -1.41
C GLN D 1142 101.18 -16.70 -1.53
N PRO D 1143 100.89 -15.45 -1.94
CA PRO D 1143 101.97 -14.45 -2.03
C PRO D 1143 102.63 -14.14 -0.70
N GLU D 1144 101.99 -14.45 0.42
CA GLU D 1144 102.56 -14.18 1.74
C GLU D 1144 103.45 -15.33 2.19
N LEU D 1145 103.08 -16.56 1.83
CA LEU D 1145 103.89 -17.71 2.23
C LEU D 1145 105.26 -17.67 1.57
N ASP D 1146 105.34 -17.12 0.36
CA ASP D 1146 106.62 -17.00 -0.34
C ASP D 1146 107.59 -16.06 0.36
N SER D 1147 107.10 -15.18 1.23
CA SER D 1147 107.95 -14.20 1.90
C SER D 1147 108.55 -14.80 3.18
N GLN E 1 -69.64 -10.53 -15.98
CA GLN E 1 -69.22 -10.43 -14.55
C GLN E 1 -68.79 -11.78 -14.00
N VAL E 2 -68.40 -11.78 -12.74
CA VAL E 2 -68.03 -13.00 -12.04
C VAL E 2 -69.30 -13.68 -11.57
N GLN E 3 -69.45 -14.98 -11.82
CA GLN E 3 -70.65 -15.70 -11.45
C GLN E 3 -70.31 -17.05 -10.84
N LEU E 4 -70.91 -17.32 -9.67
CA LEU E 4 -70.85 -18.59 -8.95
C LEU E 4 -72.27 -19.10 -8.77
N LEU E 5 -72.51 -20.35 -9.20
CA LEU E 5 -73.85 -20.96 -9.11
C LEU E 5 -73.80 -22.21 -8.24
N GLU E 6 -74.38 -22.08 -7.04
CA GLU E 6 -74.45 -23.16 -6.05
C GLU E 6 -75.47 -24.22 -6.40
N SER E 7 -75.12 -25.48 -6.11
CA SER E 7 -76.03 -26.60 -6.23
C SER E 7 -75.75 -27.57 -5.09
N GLY E 8 -76.51 -28.66 -5.11
CA GLY E 8 -76.47 -29.67 -4.06
C GLY E 8 -77.29 -29.38 -2.82
N GLY E 9 -78.33 -28.55 -2.94
CA GLY E 9 -79.18 -28.22 -1.81
C GLY E 9 -80.09 -29.38 -1.47
N GLY E 10 -80.80 -29.29 -0.31
CA GLY E 10 -81.69 -30.38 0.07
C GLY E 10 -81.54 -30.80 1.52
N LEU E 11 -81.95 -32.04 1.80
CA LEU E 11 -81.92 -32.58 3.16
C LEU E 11 -81.40 -34.01 3.15
N VAL E 12 -80.57 -34.35 4.13
CA VAL E 12 -80.04 -35.70 4.28
C VAL E 12 -80.17 -36.15 5.73
N GLN E 13 -80.44 -37.45 5.92
CA GLN E 13 -80.60 -38.00 7.26
C GLN E 13 -79.32 -37.83 8.09
N PRO E 14 -79.44 -37.74 9.42
CA PRO E 14 -78.23 -37.71 10.27
C PRO E 14 -77.34 -38.92 10.01
N GLY E 15 -76.04 -38.67 9.94
CA GLY E 15 -75.07 -39.71 9.70
C GLY E 15 -74.77 -39.96 8.24
N GLY E 16 -75.50 -39.34 7.33
CA GLY E 16 -75.31 -39.53 5.91
C GLY E 16 -74.31 -38.53 5.37
N SER E 17 -74.37 -38.32 4.06
CA SER E 17 -73.44 -37.40 3.42
C SER E 17 -74.14 -36.70 2.25
N LEU E 18 -73.64 -35.51 1.92
CA LEU E 18 -74.12 -34.78 0.76
C LEU E 18 -72.95 -34.05 0.12
N ARG E 19 -73.05 -33.83 -1.20
CA ARG E 19 -72.05 -33.07 -1.93
C ARG E 19 -72.65 -31.81 -2.52
N LEU E 20 -72.02 -30.68 -2.21
CA LEU E 20 -72.36 -29.35 -2.70
C LEU E 20 -71.38 -29.03 -3.80
N SER E 21 -71.80 -28.17 -4.73
CA SER E 21 -70.83 -27.74 -5.73
C SER E 21 -71.17 -26.35 -6.21
N CYS E 22 -70.15 -25.66 -6.70
CA CYS E 22 -70.31 -24.36 -7.33
C CYS E 22 -69.73 -24.33 -8.73
N ALA E 23 -70.59 -23.98 -9.68
CA ALA E 23 -70.19 -23.73 -11.05
C ALA E 23 -69.62 -22.32 -11.05
N ALA E 24 -68.71 -22.04 -11.98
CA ALA E 24 -68.15 -20.70 -12.04
C ALA E 24 -67.92 -20.28 -13.49
N SER E 25 -68.11 -18.98 -13.73
CA SER E 25 -67.85 -18.42 -15.05
C SER E 25 -67.50 -16.95 -14.87
N GLY E 26 -66.92 -16.37 -15.92
CA GLY E 26 -66.60 -14.96 -15.87
C GLY E 26 -65.44 -14.64 -14.98
N PHE E 27 -64.56 -15.61 -14.75
CA PHE E 27 -63.46 -15.49 -13.80
C PHE E 27 -62.40 -16.49 -14.22
N THR E 28 -61.14 -16.22 -13.84
CA THR E 28 -60.08 -17.21 -14.06
C THR E 28 -60.03 -18.06 -12.81
N PHE E 29 -60.61 -19.26 -12.94
CA PHE E 29 -60.80 -20.16 -11.79
C PHE E 29 -59.47 -20.55 -11.16
N SER E 30 -58.51 -20.99 -11.97
CA SER E 30 -57.22 -21.49 -11.51
C SER E 30 -56.28 -20.42 -10.97
N SER E 31 -56.57 -19.13 -11.12
CA SER E 31 -55.66 -18.09 -10.67
C SER E 31 -55.92 -17.59 -9.26
N TYR E 32 -57.04 -17.93 -8.64
CA TYR E 32 -57.39 -17.42 -7.32
C TYR E 32 -57.86 -18.53 -6.39
N ALA E 33 -57.64 -18.30 -5.11
CA ALA E 33 -58.14 -19.20 -4.08
C ALA E 33 -59.64 -19.05 -3.95
N MET E 34 -60.29 -20.14 -3.55
CA MET E 34 -61.73 -20.15 -3.32
C MET E 34 -62.02 -20.85 -2.00
N SER E 35 -63.10 -20.42 -1.37
CA SER E 35 -63.49 -20.99 -0.09
C SER E 35 -64.98 -21.28 -0.06
N TRP E 36 -65.34 -22.18 0.85
CA TRP E 36 -66.72 -22.45 1.22
C TRP E 36 -66.95 -21.82 2.57
N VAL E 37 -68.10 -21.16 2.68
CA VAL E 37 -68.58 -20.50 3.90
C VAL E 37 -70.01 -20.95 4.12
N ARG E 38 -70.49 -20.76 5.35
CA ARG E 38 -71.87 -21.11 5.63
C ARG E 38 -72.38 -20.30 6.80
N GLN E 39 -73.70 -20.23 6.91
CA GLN E 39 -74.36 -19.67 8.07
C GLN E 39 -75.62 -20.45 8.42
N ALA E 40 -75.73 -20.85 9.68
CA ALA E 40 -76.92 -21.55 10.13
C ALA E 40 -78.07 -20.56 10.12
N PRO E 41 -79.32 -21.00 9.90
CA PRO E 41 -80.44 -20.05 9.95
C PRO E 41 -80.46 -19.30 11.27
N GLY E 42 -80.58 -17.98 11.20
CA GLY E 42 -80.62 -17.15 12.39
C GLY E 42 -79.26 -16.82 12.97
N LYS E 43 -78.19 -17.34 12.38
CA LYS E 43 -76.82 -17.16 12.84
C LYS E 43 -76.00 -16.41 11.82
N GLY E 44 -74.85 -15.92 12.26
CA GLY E 44 -73.93 -15.24 11.37
C GLY E 44 -73.16 -16.26 10.57
N LEU E 45 -72.21 -15.77 9.79
CA LEU E 45 -71.47 -16.60 8.86
C LEU E 45 -70.08 -16.95 9.37
N GLU E 46 -69.67 -18.19 9.06
CA GLU E 46 -68.37 -18.73 9.42
C GLU E 46 -67.74 -19.38 8.20
N TRP E 47 -66.41 -19.54 8.26
CA TRP E 47 -65.66 -20.14 7.17
C TRP E 47 -65.64 -21.65 7.37
N ALA E 48 -65.75 -22.38 6.26
CA ALA E 48 -65.69 -23.84 6.31
C ALA E 48 -64.45 -24.43 5.69
N SER E 49 -64.01 -23.96 4.53
CA SER E 49 -62.86 -24.61 3.88
C SER E 49 -62.31 -23.72 2.78
N ALA E 50 -61.08 -24.02 2.34
CA ALA E 50 -60.50 -23.27 1.24
C ALA E 50 -59.42 -24.05 0.50
N ILE E 51 -59.26 -23.74 -0.80
CA ILE E 51 -58.19 -24.30 -1.63
C ILE E 51 -57.62 -23.17 -2.48
N SER E 52 -56.30 -23.22 -2.71
CA SER E 52 -55.63 -22.30 -3.60
C SER E 52 -56.00 -22.58 -5.05
N GLY E 53 -55.69 -21.63 -5.92
CA GLY E 53 -56.08 -21.74 -7.32
C GLY E 53 -55.59 -23.01 -7.99
N SER E 54 -54.42 -23.52 -7.58
CA SER E 54 -53.87 -24.72 -8.21
C SER E 54 -54.62 -25.99 -7.89
N GLY E 55 -55.48 -25.98 -6.86
CA GLY E 55 -56.17 -27.19 -6.47
C GLY E 55 -55.38 -28.09 -5.54
N GLY E 56 -54.22 -27.62 -5.04
CA GLY E 56 -53.36 -28.39 -4.18
C GLY E 56 -53.63 -28.16 -2.71
N SER E 57 -52.88 -27.24 -2.10
CA SER E 57 -52.95 -26.96 -0.67
C SER E 57 -54.38 -26.67 -0.24
N THR E 58 -54.82 -27.30 0.84
CA THR E 58 -56.18 -27.15 1.35
C THR E 58 -56.15 -26.68 2.79
N TYR E 59 -57.31 -26.17 3.23
CA TYR E 59 -57.54 -25.73 4.59
C TYR E 59 -58.96 -26.10 4.98
N TYR E 60 -59.14 -26.52 6.23
CA TYR E 60 -60.46 -26.76 6.79
C TYR E 60 -60.58 -26.02 8.12
N ALA E 61 -61.77 -25.53 8.41
CA ALA E 61 -62.04 -25.00 9.74
C ALA E 61 -61.96 -26.17 10.72
N ASP E 62 -61.44 -25.90 11.92
CA ASP E 62 -61.26 -26.98 12.88
C ASP E 62 -62.59 -27.61 13.28
N SER E 63 -63.67 -26.83 13.31
CA SER E 63 -64.96 -27.36 13.72
C SER E 63 -65.53 -28.38 12.74
N VAL E 64 -64.99 -28.46 11.52
CA VAL E 64 -65.47 -29.39 10.50
C VAL E 64 -64.37 -30.29 9.95
N GLU E 65 -63.15 -30.22 10.49
CA GLU E 65 -62.03 -30.94 9.90
C GLU E 65 -62.26 -32.44 9.99
N GLY E 66 -61.89 -33.14 8.93
CA GLY E 66 -62.05 -34.59 8.87
C GLY E 66 -63.41 -34.95 8.31
N ARG E 67 -64.45 -34.33 8.87
CA ARG E 67 -65.82 -34.55 8.42
C ARG E 67 -66.04 -34.01 7.01
N PHE E 68 -65.44 -32.87 6.68
CA PHE E 68 -65.61 -32.25 5.37
C PHE E 68 -64.42 -32.53 4.46
N THR E 69 -64.69 -32.67 3.16
CA THR E 69 -63.68 -32.74 2.12
C THR E 69 -63.94 -31.66 1.08
N ILE E 70 -62.92 -30.84 0.77
CA ILE E 70 -63.01 -29.78 -0.23
C ILE E 70 -62.12 -30.18 -1.39
N SER E 71 -62.60 -29.95 -2.62
CA SER E 71 -61.82 -30.27 -3.82
C SER E 71 -62.18 -29.30 -4.94
N ARG E 72 -61.31 -29.26 -5.95
CA ARG E 72 -61.50 -28.42 -7.14
C ARG E 72 -61.19 -29.23 -8.38
N ASP E 73 -61.88 -28.90 -9.47
CA ASP E 73 -61.57 -29.45 -10.78
C ASP E 73 -61.47 -28.29 -11.76
N ASN E 74 -60.22 -27.94 -12.07
CA ASN E 74 -59.94 -26.76 -12.87
C ASN E 74 -60.43 -26.94 -14.30
N SER E 75 -60.52 -28.19 -14.79
CA SER E 75 -60.91 -28.38 -16.18
C SER E 75 -62.36 -28.02 -16.43
N LYS E 76 -63.18 -27.97 -15.38
CA LYS E 76 -64.58 -27.62 -15.48
C LYS E 76 -64.87 -26.36 -14.67
N ASN E 77 -63.83 -25.71 -14.14
CA ASN E 77 -63.97 -24.53 -13.29
C ASN E 77 -65.00 -24.77 -12.19
N THR E 78 -64.96 -25.96 -11.56
CA THR E 78 -65.97 -26.33 -10.58
C THR E 78 -65.37 -26.64 -9.22
N LEU E 79 -65.96 -26.05 -8.17
CA LEU E 79 -65.57 -26.29 -6.79
C LEU E 79 -66.53 -27.29 -6.18
N TYR E 80 -66.00 -28.26 -5.41
CA TYR E 80 -66.83 -29.28 -4.76
C TYR E 80 -66.55 -29.30 -3.27
N LEU E 81 -67.57 -29.65 -2.50
CA LEU E 81 -67.46 -29.93 -1.07
C LEU E 81 -68.34 -31.12 -0.73
N GLN E 82 -67.76 -32.16 -0.16
CA GLN E 82 -68.54 -33.32 0.27
C GLN E 82 -68.46 -33.39 1.79
N MET E 83 -69.62 -33.39 2.41
CA MET E 83 -69.76 -33.40 3.87
C MET E 83 -70.32 -34.74 4.28
N ASN E 84 -69.56 -35.48 5.08
CA ASN E 84 -69.95 -36.80 5.54
C ASN E 84 -70.38 -36.69 6.99
N SER E 85 -70.88 -37.80 7.54
CA SER E 85 -71.28 -37.93 8.95
C SER E 85 -72.08 -36.70 9.40
N LEU E 86 -73.08 -36.35 8.59
CA LEU E 86 -73.82 -35.11 8.79
C LEU E 86 -74.46 -35.03 10.17
N ARG E 87 -74.34 -33.86 10.78
CA ARG E 87 -74.86 -33.56 12.10
C ARG E 87 -75.96 -32.51 12.00
N ALA E 88 -76.80 -32.45 13.04
CA ALA E 88 -77.85 -31.43 13.07
C ALA E 88 -77.28 -30.03 12.98
N GLU E 89 -76.09 -29.82 13.54
CA GLU E 89 -75.40 -28.54 13.54
C GLU E 89 -74.99 -28.10 12.14
N ASP E 90 -75.02 -28.99 11.15
CA ASP E 90 -74.62 -28.67 9.79
C ASP E 90 -75.73 -28.06 8.94
N THR E 91 -76.94 -27.85 9.48
CA THR E 91 -77.96 -27.20 8.68
C THR E 91 -77.53 -25.76 8.45
N ALA E 92 -77.42 -25.35 7.20
CA ALA E 92 -76.97 -23.99 6.94
C ALA E 92 -77.13 -23.65 5.46
N VAL E 93 -77.10 -22.34 5.20
CA VAL E 93 -76.97 -21.84 3.85
C VAL E 93 -75.48 -21.79 3.58
N TYR E 94 -75.05 -22.45 2.51
CA TYR E 94 -73.65 -22.50 2.07
C TYR E 94 -73.45 -21.60 0.87
N TYR E 95 -72.27 -20.99 0.82
CA TYR E 95 -71.87 -20.13 -0.28
C TYR E 95 -70.44 -20.45 -0.65
N CYS E 96 -70.11 -20.20 -1.91
CA CYS E 96 -68.75 -20.16 -2.39
C CYS E 96 -68.30 -18.71 -2.47
N ALA E 97 -67.01 -18.48 -2.25
CA ALA E 97 -66.50 -17.13 -2.38
C ALA E 97 -65.08 -17.13 -2.93
N LYS E 98 -64.76 -16.03 -3.61
CA LYS E 98 -63.47 -15.80 -4.23
C LYS E 98 -62.71 -14.71 -3.50
N ASP E 99 -61.50 -15.07 -3.07
CA ASP E 99 -60.55 -14.25 -2.33
C ASP E 99 -60.01 -13.10 -3.17
N THR E 100 -59.74 -11.98 -2.50
CA THR E 100 -59.12 -10.86 -3.19
C THR E 100 -57.67 -11.14 -3.57
N GLY E 101 -56.96 -11.91 -2.76
CA GLY E 101 -55.55 -12.14 -3.02
C GLY E 101 -55.29 -12.99 -4.24
N TYR E 102 -54.23 -12.68 -4.96
CA TYR E 102 -53.84 -13.46 -6.12
C TYR E 102 -53.15 -14.69 -5.55
N CYS E 103 -53.52 -15.89 -6.01
CA CYS E 103 -53.04 -17.11 -5.37
C CYS E 103 -53.01 -18.25 -6.39
N GLY E 104 -51.82 -18.51 -6.93
CA GLY E 104 -51.64 -19.49 -7.99
C GLY E 104 -50.86 -20.73 -7.62
N ASP E 105 -50.04 -21.20 -8.57
CA ASP E 105 -49.33 -22.46 -8.42
C ASP E 105 -48.40 -22.49 -7.20
N ASP E 106 -47.76 -21.37 -6.89
CA ASP E 106 -46.82 -21.30 -5.78
C ASP E 106 -47.44 -20.76 -4.50
N CYS E 107 -48.76 -20.58 -4.47
CA CYS E 107 -49.42 -20.00 -3.32
C CYS E 107 -49.91 -21.07 -2.35
N TYR E 108 -49.77 -20.79 -1.05
CA TYR E 108 -50.24 -21.66 0.01
C TYR E 108 -51.35 -20.97 0.81
N ILE E 109 -52.33 -21.78 1.20
CA ILE E 109 -53.42 -21.32 2.04
C ILE E 109 -52.92 -21.17 3.48
N LYS E 110 -53.38 -20.11 4.15
CA LYS E 110 -53.03 -19.63 5.49
C LYS E 110 -51.99 -18.53 5.42
N LEU E 111 -51.42 -18.29 4.24
CA LEU E 111 -50.52 -17.16 4.01
C LEU E 111 -51.23 -16.00 3.34
N ILE E 112 -52.50 -16.16 2.98
CA ILE E 112 -53.29 -15.15 2.29
C ILE E 112 -53.77 -14.12 3.30
N ARG E 113 -53.65 -12.84 2.96
CA ARG E 113 -54.15 -11.75 3.77
C ARG E 113 -55.09 -10.93 2.91
N GLY E 114 -56.22 -10.56 3.48
CA GLY E 114 -57.28 -9.84 2.81
C GLY E 114 -58.56 -10.67 2.81
N GLY E 115 -59.65 -10.04 2.38
CA GLY E 115 -60.92 -10.74 2.42
C GLY E 115 -61.48 -11.15 1.07
N PRO E 116 -62.66 -11.78 1.09
CA PRO E 116 -63.30 -12.19 -0.17
C PRO E 116 -63.86 -11.02 -0.97
N ASP E 117 -63.64 -11.06 -2.29
CA ASP E 117 -64.21 -10.05 -3.17
C ASP E 117 -65.53 -10.49 -3.78
N TYR E 118 -65.71 -11.78 -4.09
CA TYR E 118 -66.93 -12.22 -4.76
C TYR E 118 -67.64 -13.28 -3.95
N TRP E 119 -68.96 -13.12 -3.77
CA TRP E 119 -69.83 -14.04 -3.05
C TRP E 119 -70.87 -14.59 -4.01
N GLY E 120 -71.23 -15.87 -3.84
CA GLY E 120 -72.24 -16.49 -4.67
C GLY E 120 -73.67 -16.25 -4.21
N GLN E 121 -74.59 -16.94 -4.90
CA GLN E 121 -76.02 -16.82 -4.62
C GLN E 121 -76.42 -17.53 -3.33
N GLY E 122 -75.84 -18.69 -3.08
CA GLY E 122 -76.08 -19.52 -1.91
C GLY E 122 -77.10 -20.63 -2.16
N THR E 123 -76.98 -21.69 -1.36
CA THR E 123 -77.91 -22.82 -1.39
C THR E 123 -77.99 -23.35 0.03
N LEU E 124 -79.11 -23.95 0.42
CA LEU E 124 -79.25 -24.50 1.77
C LEU E 124 -79.37 -26.01 1.81
N VAL E 125 -78.69 -26.57 2.82
CA VAL E 125 -78.83 -27.99 3.14
C VAL E 125 -79.17 -28.14 4.62
N THR E 126 -79.99 -29.16 4.92
CA THR E 126 -80.36 -29.47 6.29
C THR E 126 -80.16 -30.96 6.57
N VAL E 127 -80.22 -31.28 7.86
CA VAL E 127 -80.09 -32.64 8.34
C VAL E 127 -81.36 -33.01 9.10
N SER E 128 -82.07 -34.02 8.59
CA SER E 128 -83.36 -34.40 9.15
C SER E 128 -83.64 -35.83 8.73
N SER E 129 -84.19 -36.62 9.66
CA SER E 129 -84.53 -38.01 9.39
C SER E 129 -85.61 -38.10 8.32
N ASP F 1 -57.23 -17.02 18.46
CA ASP F 1 -58.17 -16.44 17.46
C ASP F 1 -58.46 -14.99 17.79
N ILE F 2 -58.83 -14.23 16.76
CA ILE F 2 -59.21 -12.83 16.93
C ILE F 2 -60.66 -12.77 17.39
N VAL F 3 -60.92 -12.02 18.44
CA VAL F 3 -62.27 -11.84 18.98
C VAL F 3 -62.62 -10.37 18.77
N MET F 4 -63.72 -10.13 18.07
CA MET F 4 -64.21 -8.80 17.76
C MET F 4 -65.54 -8.56 18.44
N THR F 5 -65.66 -7.44 19.14
CA THR F 5 -66.90 -7.02 19.78
C THR F 5 -67.40 -5.77 19.05
N GLN F 6 -68.61 -5.85 18.51
CA GLN F 6 -69.24 -4.74 17.81
C GLN F 6 -70.15 -4.00 18.77
N SER F 7 -70.30 -2.69 18.53
CA SER F 7 -71.16 -1.87 19.39
C SER F 7 -71.79 -0.72 18.63
N PRO F 8 -73.11 -0.47 18.78
CA PRO F 8 -74.13 -1.14 19.61
C PRO F 8 -74.53 -2.46 18.97
N LEU F 9 -75.28 -3.33 19.66
CA LEU F 9 -75.79 -4.52 18.99
C LEU F 9 -76.78 -4.13 17.90
N SER F 10 -77.55 -3.06 18.12
CA SER F 10 -78.50 -2.55 17.16
C SER F 10 -78.45 -1.03 17.25
N LEU F 11 -78.76 -0.35 16.15
CA LEU F 11 -78.68 1.11 16.09
C LEU F 11 -79.95 1.78 15.58
N PRO F 12 -80.93 2.04 16.46
CA PRO F 12 -82.20 2.68 16.06
C PRO F 12 -81.99 4.19 15.92
N VAL F 13 -81.40 4.61 14.80
CA VAL F 13 -80.95 5.98 14.60
C VAL F 13 -81.83 6.70 13.58
N THR F 14 -82.18 7.94 13.93
CA THR F 14 -83.04 8.80 13.12
C THR F 14 -82.50 9.04 11.72
N LEU F 15 -83.39 8.94 10.74
CA LEU F 15 -83.03 9.12 9.33
C LEU F 15 -82.49 10.52 9.09
N GLY F 16 -81.41 10.60 8.30
CA GLY F 16 -80.81 11.89 7.98
C GLY F 16 -79.76 12.41 8.93
N GLN F 17 -79.50 11.72 10.03
CA GLN F 17 -78.53 12.16 11.03
C GLN F 17 -77.21 11.41 10.88
N PRO F 18 -76.09 11.96 11.37
CA PRO F 18 -74.85 11.18 11.40
C PRO F 18 -74.99 9.95 12.30
N ALA F 19 -74.19 8.93 12.00
CA ALA F 19 -74.23 7.70 12.79
C ALA F 19 -72.85 7.04 12.74
N SER F 20 -72.58 6.17 13.71
CA SER F 20 -71.34 5.40 13.66
C SER F 20 -71.52 4.04 14.32
N ILE F 21 -70.67 3.10 13.91
CA ILE F 21 -70.62 1.75 14.45
C ILE F 21 -69.19 1.46 14.90
N SER F 22 -69.02 0.98 16.14
CA SER F 22 -67.71 0.65 16.67
C SER F 22 -67.42 -0.84 16.54
N CYS F 23 -66.15 -1.15 16.27
CA CYS F 23 -65.61 -2.51 16.21
C CYS F 23 -64.33 -2.55 17.04
N ARG F 24 -64.38 -3.20 18.20
CA ARG F 24 -63.28 -3.25 19.14
C ARG F 24 -62.71 -4.66 19.16
N SER F 25 -61.43 -4.79 18.81
CA SER F 25 -60.78 -6.08 18.68
C SER F 25 -60.04 -6.46 19.96
N SER F 26 -59.92 -7.76 20.18
CA SER F 26 -59.12 -8.27 21.30
C SER F 26 -57.62 -8.11 21.06
N GLN F 27 -57.20 -7.90 19.82
CA GLN F 27 -55.78 -7.76 19.51
C GLN F 27 -55.67 -6.80 18.32
N SER F 28 -54.48 -6.22 18.17
CA SER F 28 -54.25 -5.28 17.09
C SER F 28 -54.50 -5.90 15.73
N LEU F 29 -55.16 -5.14 14.86
CA LEU F 29 -55.46 -5.53 13.49
C LEU F 29 -54.55 -4.83 12.49
N VAL F 30 -53.41 -4.32 12.94
CA VAL F 30 -52.43 -3.65 12.08
C VAL F 30 -51.28 -4.63 11.88
N TYR F 31 -51.02 -4.96 10.62
CA TYR F 31 -49.95 -5.89 10.29
C TYR F 31 -48.62 -5.16 10.33
N SER F 32 -47.54 -5.91 10.58
CA SER F 32 -46.23 -5.30 10.73
C SER F 32 -45.75 -4.54 9.49
N ASP F 33 -46.36 -4.77 8.33
CA ASP F 33 -45.99 -4.04 7.12
C ASP F 33 -46.78 -2.75 6.96
N GLY F 34 -47.65 -2.43 7.91
CA GLY F 34 -48.47 -1.23 7.87
C GLY F 34 -49.78 -1.41 7.15
N ASN F 35 -50.05 -2.60 6.62
CA ASN F 35 -51.29 -2.90 5.90
C ASN F 35 -52.32 -3.48 6.86
N THR F 36 -53.47 -2.84 6.98
CA THR F 36 -54.52 -3.34 7.83
C THR F 36 -55.41 -4.25 7.00
N PHE F 37 -56.18 -5.11 7.67
CA PHE F 37 -57.07 -6.03 6.97
C PHE F 37 -58.44 -6.11 7.64
N LEU F 38 -58.94 -4.98 8.12
CA LEU F 38 -60.27 -4.91 8.69
C LEU F 38 -61.24 -4.58 7.57
N ASN F 39 -62.30 -5.37 7.44
CA ASN F 39 -63.27 -5.19 6.35
C ASN F 39 -64.69 -5.07 6.87
N TRP F 40 -65.38 -4.00 6.47
CA TRP F 40 -66.74 -3.70 6.85
C TRP F 40 -67.65 -4.19 5.73
N PHE F 41 -68.62 -5.04 6.07
CA PHE F 41 -69.56 -5.64 5.13
C PHE F 41 -70.97 -5.28 5.54
N GLN F 42 -71.85 -5.08 4.55
CA GLN F 42 -73.26 -4.79 4.79
C GLN F 42 -74.10 -5.91 4.21
N GLN F 43 -74.90 -6.56 5.06
CA GLN F 43 -75.83 -7.61 4.66
C GLN F 43 -77.26 -7.12 4.84
N ARG F 44 -77.91 -6.80 3.73
CA ARG F 44 -79.30 -6.36 3.82
C ARG F 44 -80.16 -7.61 3.90
N PRO F 45 -81.35 -7.54 4.52
CA PRO F 45 -82.23 -8.72 4.51
C PRO F 45 -82.51 -9.17 3.08
N GLY F 46 -82.41 -10.47 2.85
CA GLY F 46 -82.68 -11.02 1.54
C GLY F 46 -81.51 -10.96 0.58
N GLN F 47 -80.36 -10.42 1.00
CA GLN F 47 -79.19 -10.27 0.15
C GLN F 47 -77.96 -10.93 0.77
N SER F 48 -77.09 -11.40 -0.11
CA SER F 48 -75.80 -11.91 0.32
C SER F 48 -74.88 -10.76 0.74
N PRO F 49 -74.05 -10.94 1.78
CA PRO F 49 -73.18 -9.84 2.21
C PRO F 49 -72.28 -9.31 1.11
N ARG F 50 -72.10 -7.99 1.10
CA ARG F 50 -71.22 -7.29 0.17
C ARG F 50 -70.34 -6.33 0.94
N ARG F 51 -69.06 -6.29 0.58
CA ARG F 51 -68.12 -5.45 1.31
C ARG F 51 -68.38 -3.98 1.01
N LEU F 52 -68.30 -3.16 2.06
CA LEU F 52 -68.46 -1.73 1.96
C LEU F 52 -67.13 -0.99 2.11
N ILE F 53 -66.38 -1.26 3.18
CA ILE F 53 -65.11 -0.61 3.46
C ILE F 53 -64.05 -1.69 3.62
N TYR F 54 -62.87 -1.47 3.03
CA TYR F 54 -61.77 -2.42 3.16
C TYR F 54 -60.56 -1.72 3.75
N GLN F 55 -59.73 -2.52 4.42
CA GLN F 55 -58.51 -2.06 5.08
C GLN F 55 -58.76 -0.86 6.00
N VAL F 56 -59.74 -1.04 6.88
CA VAL F 56 -60.16 -0.09 7.91
C VAL F 56 -60.90 1.12 7.35
N SER F 57 -60.26 1.86 6.43
CA SER F 57 -60.84 3.10 5.92
C SER F 57 -61.07 3.19 4.41
N ASN F 58 -60.56 2.26 3.61
CA ASN F 58 -60.65 2.45 2.16
C ASN F 58 -62.03 2.10 1.65
N ARG F 59 -62.60 3.00 0.85
CA ARG F 59 -63.89 2.78 0.22
C ARG F 59 -63.75 1.78 -0.92
N ASP F 60 -64.70 0.85 -1.01
CA ASP F 60 -64.67 -0.13 -2.08
C ASP F 60 -65.29 0.46 -3.34
N SER F 61 -65.31 -0.33 -4.42
CA SER F 61 -65.86 0.11 -5.70
C SER F 61 -67.33 -0.24 -5.82
N GLY F 62 -68.11 0.70 -6.36
CA GLY F 62 -69.51 0.45 -6.59
C GLY F 62 -70.39 0.49 -5.35
N VAL F 63 -70.01 1.28 -4.35
CA VAL F 63 -70.74 1.36 -3.10
C VAL F 63 -71.11 2.82 -2.86
N PRO F 64 -72.09 3.09 -1.99
CA PRO F 64 -72.44 4.49 -1.70
C PRO F 64 -71.25 5.27 -1.17
N ASP F 65 -71.17 6.53 -1.57
CA ASP F 65 -70.07 7.42 -1.19
C ASP F 65 -70.35 8.15 0.12
N ARG F 66 -71.36 7.71 0.87
CA ARG F 66 -71.71 8.28 2.16
C ARG F 66 -71.02 7.59 3.33
N PHE F 67 -70.22 6.55 3.09
CA PHE F 67 -69.58 5.81 4.16
C PHE F 67 -68.06 5.89 4.04
N SER F 68 -67.41 5.95 5.20
CA SER F 68 -65.96 5.90 5.32
C SER F 68 -65.67 5.27 6.68
N GLY F 69 -64.45 4.74 6.84
CA GLY F 69 -64.03 4.17 8.10
C GLY F 69 -62.95 5.00 8.78
N SER F 70 -62.51 4.49 9.92
CA SER F 70 -61.52 5.18 10.74
C SER F 70 -61.00 4.22 11.81
N GLY F 71 -59.95 4.65 12.49
CA GLY F 71 -59.43 3.94 13.65
C GLY F 71 -58.07 3.30 13.41
N SER F 72 -57.59 2.70 14.49
CA SER F 72 -56.28 2.08 14.55
C SER F 72 -56.26 1.11 15.72
N GLY F 73 -55.25 0.26 15.74
CA GLY F 73 -55.03 -0.61 16.89
C GLY F 73 -56.17 -1.59 17.16
N THR F 74 -56.78 -1.47 18.34
CA THR F 74 -57.86 -2.36 18.76
C THR F 74 -59.24 -1.73 18.75
N ASP F 75 -59.41 -0.51 18.25
CA ASP F 75 -60.72 0.15 18.26
C ASP F 75 -60.92 0.94 16.97
N PHE F 76 -61.88 0.51 16.15
CA PHE F 76 -62.13 1.07 14.83
C PHE F 76 -63.58 1.55 14.78
N THR F 77 -63.84 2.57 13.96
CA THR F 77 -65.19 3.09 13.81
C THR F 77 -65.57 3.32 12.34
N LEU F 78 -66.75 2.85 11.97
CA LEU F 78 -67.37 3.14 10.68
C LEU F 78 -68.22 4.38 10.89
N LYS F 79 -68.02 5.41 10.07
CA LYS F 79 -68.77 6.64 10.18
C LYS F 79 -69.74 6.75 9.00
N ILE F 80 -70.99 7.09 9.31
CA ILE F 80 -72.06 7.22 8.34
C ILE F 80 -72.43 8.71 8.31
N SER F 81 -72.21 9.36 7.17
CA SER F 81 -72.45 10.79 7.09
C SER F 81 -73.92 11.11 7.23
N ARG F 82 -74.79 10.27 6.66
CA ARG F 82 -76.24 10.45 6.73
C ARG F 82 -76.87 9.06 6.70
N VAL F 83 -77.90 8.87 7.51
CA VAL F 83 -78.65 7.63 7.50
C VAL F 83 -79.66 7.68 6.35
N GLU F 84 -79.74 6.59 5.60
CA GLU F 84 -80.65 6.46 4.47
C GLU F 84 -81.45 5.17 4.63
N ALA F 85 -82.62 5.14 3.99
CA ALA F 85 -83.51 3.98 4.11
C ALA F 85 -82.81 2.69 3.69
N GLU F 86 -81.90 2.76 2.72
CA GLU F 86 -81.17 1.60 2.24
C GLU F 86 -80.20 1.05 3.26
N ASP F 87 -79.94 1.78 4.35
CA ASP F 87 -78.95 1.37 5.35
C ASP F 87 -79.44 0.30 6.30
N VAL F 88 -80.75 0.00 6.32
CA VAL F 88 -81.26 -0.98 7.27
C VAL F 88 -80.70 -2.35 6.91
N GLY F 89 -80.16 -3.03 7.92
CA GLY F 89 -79.53 -4.32 7.70
C GLY F 89 -78.46 -4.53 8.74
N VAL F 90 -77.67 -5.60 8.59
CA VAL F 90 -76.65 -5.92 9.59
C VAL F 90 -75.25 -5.72 9.02
N TYR F 91 -74.43 -4.99 9.76
CA TYR F 91 -73.06 -4.67 9.41
C TYR F 91 -72.11 -5.59 10.17
N TYR F 92 -71.09 -6.12 9.48
CA TYR F 92 -70.10 -7.00 10.12
C TYR F 92 -68.68 -6.51 9.87
N CYS F 93 -67.84 -6.70 10.88
CA CYS F 93 -66.40 -6.48 10.80
C CYS F 93 -65.66 -7.81 10.68
N MET F 94 -64.90 -7.97 9.60
CA MET F 94 -64.09 -9.16 9.37
C MET F 94 -62.63 -8.77 9.64
N GLN F 95 -61.91 -9.64 10.35
CA GLN F 95 -60.50 -9.42 10.70
C GLN F 95 -59.61 -10.35 9.89
N GLY F 96 -58.94 -9.80 8.89
CA GLY F 96 -58.14 -10.54 7.93
C GLY F 96 -56.66 -10.62 8.23
N THR F 97 -56.21 -10.23 9.42
CA THR F 97 -54.78 -10.23 9.72
C THR F 97 -54.24 -11.59 10.15
N HIS F 98 -55.07 -12.46 10.71
CA HIS F 98 -54.60 -13.76 11.18
C HIS F 98 -55.65 -14.81 10.86
N TRP F 99 -55.21 -16.05 10.81
CA TRP F 99 -56.08 -17.20 10.67
C TRP F 99 -56.28 -17.92 12.00
N PRO F 100 -57.46 -18.50 12.28
CA PRO F 100 -58.69 -18.59 11.46
C PRO F 100 -59.34 -17.23 11.23
N ARG F 101 -60.05 -17.06 10.12
CA ARG F 101 -60.74 -15.81 9.86
C ARG F 101 -61.93 -15.70 10.81
N THR F 102 -62.17 -14.51 11.34
CA THR F 102 -63.28 -14.31 12.27
C THR F 102 -64.14 -13.13 11.85
N PHE F 103 -65.35 -13.12 12.41
CA PHE F 103 -66.32 -12.04 12.27
C PHE F 103 -66.82 -11.63 13.64
N GLY F 104 -67.29 -10.39 13.74
CA GLY F 104 -67.96 -9.94 14.94
C GLY F 104 -69.39 -10.44 14.93
N GLN F 105 -70.14 -10.07 15.98
CA GLN F 105 -71.51 -10.57 16.08
C GLN F 105 -72.47 -9.84 15.15
N GLY F 106 -72.08 -8.67 14.65
CA GLY F 106 -72.90 -7.87 13.76
C GLY F 106 -73.68 -6.80 14.49
N THR F 107 -73.86 -5.66 13.81
CA THR F 107 -74.66 -4.55 14.32
C THR F 107 -75.84 -4.38 13.38
N LYS F 108 -77.06 -4.48 13.92
CA LYS F 108 -78.27 -4.35 13.10
C LYS F 108 -78.74 -2.90 13.11
N LEU F 109 -78.63 -2.22 11.97
CA LEU F 109 -79.04 -0.84 11.88
C LEU F 109 -80.49 -0.79 11.43
N GLU F 110 -81.24 0.08 12.11
CA GLU F 110 -82.64 0.36 11.88
C GLU F 110 -82.84 1.87 11.88
N ILE F 111 -83.90 2.33 11.22
CA ILE F 111 -84.19 3.75 11.15
C ILE F 111 -84.85 4.14 12.47
N GLN G 14 -41.75 -52.79 -6.07
CA GLN G 14 -40.67 -52.07 -6.74
C GLN G 14 -39.37 -52.27 -5.95
N CYS G 15 -39.17 -51.49 -4.89
CA CYS G 15 -37.96 -51.60 -4.09
C CYS G 15 -37.89 -52.96 -3.41
N VAL G 16 -36.73 -53.59 -3.46
CA VAL G 16 -36.50 -54.91 -2.88
C VAL G 16 -35.39 -54.79 -1.84
N ASN G 17 -35.68 -55.27 -0.64
CA ASN G 17 -34.71 -55.25 0.46
C ASN G 17 -33.82 -56.50 0.37
N LEU G 18 -32.55 -56.30 0.03
CA LEU G 18 -31.63 -57.42 -0.17
C LEU G 18 -31.32 -58.09 1.16
N THR G 19 -31.40 -59.43 1.16
CA THR G 19 -31.18 -60.26 2.35
C THR G 19 -30.18 -61.37 2.05
N THR G 20 -29.97 -62.20 3.07
CA THR G 20 -29.04 -63.34 3.09
C THR G 20 -27.71 -63.06 2.40
N ARG G 21 -27.11 -61.92 2.73
CA ARG G 21 -25.77 -61.59 2.27
C ARG G 21 -24.74 -62.11 3.27
N THR G 22 -23.54 -62.39 2.76
CA THR G 22 -22.45 -62.81 3.62
C THR G 22 -21.85 -61.59 4.31
N GLN G 23 -21.52 -61.75 5.59
CA GLN G 23 -20.89 -60.68 6.36
C GLN G 23 -19.38 -60.81 6.26
N LEU G 24 -18.73 -59.77 5.71
CA LEU G 24 -17.29 -59.71 5.57
C LEU G 24 -16.82 -58.35 6.09
N PRO G 25 -15.61 -58.27 6.64
CA PRO G 25 -15.06 -56.95 7.00
C PRO G 25 -14.61 -56.16 5.78
N PRO G 26 -14.47 -54.84 5.89
CA PRO G 26 -13.87 -54.06 4.80
C PRO G 26 -12.39 -54.38 4.74
N ALA G 27 -11.79 -54.20 3.56
CA ALA G 27 -10.33 -54.38 3.44
C ALA G 27 -9.73 -53.04 3.08
N TYR G 28 -8.42 -52.92 3.23
CA TYR G 28 -7.74 -51.67 2.95
C TYR G 28 -6.60 -51.90 1.98
N THR G 29 -6.27 -50.84 1.22
CA THR G 29 -5.12 -50.85 0.33
C THR G 29 -4.34 -49.55 0.40
N ASN G 30 -3.22 -49.60 -0.33
CA ASN G 30 -2.26 -48.52 -0.50
C ASN G 30 -2.65 -47.67 -1.71
N SER G 31 -2.91 -46.38 -1.49
CA SER G 31 -3.31 -45.52 -2.61
C SER G 31 -2.18 -45.26 -3.60
N PHE G 32 -0.93 -45.47 -3.20
CA PHE G 32 0.24 -45.16 -4.03
C PHE G 32 0.22 -43.69 -4.43
N THR G 33 1.05 -43.30 -5.41
CA THR G 33 1.11 -41.92 -5.88
C THR G 33 -0.06 -41.65 -6.85
N ARG G 34 -1.26 -41.63 -6.28
CA ARG G 34 -2.49 -41.53 -7.06
C ARG G 34 -3.37 -40.42 -6.47
N GLY G 35 -4.39 -40.02 -7.24
CA GLY G 35 -5.36 -39.07 -6.75
C GLY G 35 -5.07 -37.62 -7.04
N VAL G 36 -4.56 -37.31 -8.23
CA VAL G 36 -4.30 -35.94 -8.65
C VAL G 36 -5.04 -35.66 -9.96
N TYR G 37 -5.15 -34.37 -10.28
CA TYR G 37 -5.89 -33.91 -11.44
C TYR G 37 -5.31 -32.58 -11.89
N TYR G 38 -5.65 -32.19 -13.11
CA TYR G 38 -5.19 -30.91 -13.63
C TYR G 38 -5.99 -29.80 -12.94
N PRO G 39 -5.36 -28.91 -12.16
CA PRO G 39 -6.16 -27.94 -11.39
C PRO G 39 -6.87 -26.92 -12.26
N ASP G 40 -6.43 -26.69 -13.49
CA ASP G 40 -7.08 -25.70 -14.35
C ASP G 40 -7.00 -26.16 -15.80
N LYS G 41 -7.25 -25.24 -16.73
CA LYS G 41 -7.27 -25.49 -18.16
C LYS G 41 -6.12 -24.80 -18.89
N VAL G 42 -4.98 -24.64 -18.22
CA VAL G 42 -3.81 -24.01 -18.81
C VAL G 42 -2.78 -25.06 -19.20
N PHE G 43 -2.26 -24.92 -20.42
CA PHE G 43 -1.21 -25.79 -20.93
C PHE G 43 0.16 -25.29 -20.46
N ARG G 44 0.96 -26.20 -19.95
CA ARG G 44 2.32 -25.93 -19.50
C ARG G 44 3.20 -26.99 -20.12
N SER G 45 4.48 -26.68 -20.35
CA SER G 45 5.38 -27.70 -20.88
C SER G 45 6.81 -27.54 -20.40
N SER G 46 7.38 -28.65 -19.94
CA SER G 46 8.75 -28.73 -19.41
C SER G 46 9.00 -27.71 -18.30
N VAL G 47 8.02 -27.57 -17.41
CA VAL G 47 8.12 -26.68 -16.27
C VAL G 47 7.62 -27.43 -15.05
N LEU G 48 7.93 -26.90 -13.88
CA LEU G 48 7.34 -27.38 -12.63
C LEU G 48 6.33 -26.35 -12.16
N HIS G 49 5.27 -26.82 -11.51
CA HIS G 49 4.24 -25.93 -10.99
C HIS G 49 3.59 -26.59 -9.79
N SER G 50 3.29 -25.81 -8.75
CA SER G 50 2.66 -26.38 -7.57
C SER G 50 1.38 -25.62 -7.22
N THR G 51 0.42 -26.34 -6.65
CA THR G 51 -0.82 -25.73 -6.20
C THR G 51 -1.25 -26.26 -4.83
N GLN G 52 -1.95 -25.39 -4.10
CA GLN G 52 -2.56 -25.68 -2.80
C GLN G 52 -4.01 -26.12 -2.99
N ASP G 53 -4.18 -27.28 -3.59
CA ASP G 53 -5.52 -27.80 -3.89
C ASP G 53 -5.87 -28.98 -2.97
N LEU G 54 -7.07 -29.51 -3.19
CA LEU G 54 -7.61 -30.63 -2.42
C LEU G 54 -7.36 -31.94 -3.17
N PHE G 55 -6.50 -32.78 -2.62
CA PHE G 55 -6.09 -34.03 -3.28
C PHE G 55 -6.06 -35.18 -2.29
N LEU G 56 -6.10 -36.39 -2.83
CA LEU G 56 -5.93 -37.57 -2.02
C LEU G 56 -4.48 -37.61 -1.54
N PRO G 57 -4.21 -37.81 -0.25
CA PRO G 57 -2.81 -37.95 0.17
C PRO G 57 -2.21 -39.16 -0.53
N PHE G 58 -0.91 -39.08 -0.84
CA PHE G 58 -0.27 -40.23 -1.47
C PHE G 58 -0.07 -41.32 -0.43
N PHE G 59 -0.22 -42.56 -0.89
CA PHE G 59 -0.07 -43.74 -0.03
C PHE G 59 -1.06 -43.69 1.12
N SER G 60 -2.27 -43.19 0.84
CA SER G 60 -3.33 -43.11 1.81
C SER G 60 -3.96 -44.47 2.04
N ASN G 61 -4.75 -44.55 3.11
CA ASN G 61 -5.47 -45.77 3.47
C ASN G 61 -6.82 -45.75 2.74
N VAL G 62 -6.96 -46.58 1.70
CA VAL G 62 -8.14 -46.60 0.84
C VAL G 62 -8.93 -47.85 1.16
N THR G 63 -10.24 -47.72 1.35
CA THR G 63 -11.03 -48.90 1.70
C THR G 63 -11.49 -49.62 0.45
N TRP G 64 -11.26 -50.94 0.44
CA TRP G 64 -11.67 -51.86 -0.61
C TRP G 64 -12.97 -52.56 -0.24
N PHE G 65 -13.90 -52.56 -1.20
CA PHE G 65 -15.22 -53.15 -1.14
C PHE G 65 -15.32 -54.05 -2.37
N HIS G 66 -16.22 -55.04 -2.34
CA HIS G 66 -16.34 -55.90 -3.51
C HIS G 66 -17.76 -56.42 -3.71
N ALA G 67 -17.98 -56.90 -4.93
CA ALA G 67 -19.21 -57.58 -5.35
C ALA G 67 -18.75 -58.89 -5.98
N ILE G 68 -18.87 -60.01 -5.27
CA ILE G 68 -18.41 -61.31 -5.77
C ILE G 68 -19.53 -62.33 -5.61
N HIS G 69 -19.93 -62.96 -6.72
CA HIS G 69 -20.96 -63.98 -6.73
C HIS G 69 -20.51 -65.33 -6.19
N VAL G 70 -19.21 -65.57 -6.12
CA VAL G 70 -18.66 -66.84 -5.65
C VAL G 70 -19.24 -67.99 -6.48
N THR G 76 -19.81 -67.29 -0.27
CA THR G 76 -19.60 -66.06 0.47
C THR G 76 -20.04 -64.84 -0.35
N LYS G 77 -21.25 -64.92 -0.89
CA LYS G 77 -21.78 -63.85 -1.74
C LYS G 77 -21.88 -62.54 -0.96
N ARG G 78 -21.32 -61.47 -1.54
CA ARG G 78 -21.32 -60.14 -0.95
C ARG G 78 -21.70 -59.11 -1.99
N PHE G 79 -22.57 -58.20 -1.58
CA PHE G 79 -23.06 -57.10 -2.41
C PHE G 79 -22.86 -55.84 -1.56
N ASP G 80 -21.74 -55.15 -1.75
CA ASP G 80 -21.41 -53.97 -0.95
C ASP G 80 -22.01 -52.69 -1.52
N ASN G 81 -22.98 -52.12 -0.78
CA ASN G 81 -23.62 -50.87 -1.17
C ASN G 81 -23.83 -49.97 0.05
N PRO G 82 -22.81 -49.72 0.88
CA PRO G 82 -23.03 -48.90 2.08
C PRO G 82 -23.19 -47.44 1.72
N VAL G 83 -23.76 -46.68 2.64
CA VAL G 83 -23.85 -45.23 2.52
C VAL G 83 -22.69 -44.66 3.33
N LEU G 84 -21.79 -43.92 2.65
CA LEU G 84 -20.56 -43.42 3.23
C LEU G 84 -20.56 -41.89 3.40
N PRO G 85 -19.78 -41.37 4.37
CA PRO G 85 -19.60 -39.91 4.46
C PRO G 85 -18.93 -39.34 3.21
N PHE G 86 -19.34 -38.11 2.85
CA PHE G 86 -18.74 -37.38 1.75
C PHE G 86 -17.69 -36.37 2.19
N ASN G 87 -17.83 -35.82 3.40
CA ASN G 87 -16.92 -34.82 3.95
C ASN G 87 -16.65 -33.64 3.02
N ASP G 88 -15.39 -33.38 2.64
CA ASP G 88 -14.98 -32.23 1.83
C ASP G 88 -14.70 -32.61 0.37
N GLY G 89 -15.12 -33.79 -0.06
CA GLY G 89 -14.87 -34.28 -1.40
C GLY G 89 -14.19 -35.62 -1.29
N VAL G 90 -14.45 -36.52 -2.23
CA VAL G 90 -13.99 -37.90 -2.14
C VAL G 90 -13.31 -38.36 -3.41
N TYR G 91 -12.52 -39.42 -3.26
CA TYR G 91 -11.83 -40.11 -4.34
C TYR G 91 -12.40 -41.51 -4.51
N PHE G 92 -12.81 -41.84 -5.73
CA PHE G 92 -13.32 -43.17 -6.02
C PHE G 92 -12.45 -43.81 -7.09
N ALA G 93 -12.42 -45.15 -7.03
CA ALA G 93 -11.82 -45.92 -8.09
C ALA G 93 -12.62 -47.21 -8.16
N SER G 94 -12.72 -47.78 -9.34
CA SER G 94 -13.48 -49.00 -9.49
C SER G 94 -12.92 -49.83 -10.62
N THR G 95 -13.23 -51.12 -10.57
CA THR G 95 -12.87 -52.03 -11.63
C THR G 95 -13.87 -53.17 -11.59
N GLU G 96 -14.16 -53.74 -12.75
CA GLU G 96 -15.11 -54.85 -12.81
C GLU G 96 -14.87 -55.67 -14.06
N LYS G 97 -15.66 -56.74 -14.19
CA LYS G 97 -15.62 -57.52 -15.42
C LYS G 97 -16.47 -56.88 -16.51
N SER G 98 -17.58 -56.21 -16.14
CA SER G 98 -18.43 -55.61 -17.16
C SER G 98 -19.52 -54.67 -16.64
N ASN G 99 -19.25 -53.35 -16.58
CA ASN G 99 -20.27 -52.35 -16.25
C ASN G 99 -21.06 -52.67 -14.99
N ILE G 100 -20.37 -52.82 -13.86
CA ILE G 100 -21.01 -53.18 -12.60
C ILE G 100 -21.35 -51.96 -11.76
N ILE G 101 -20.47 -50.97 -11.68
CA ILE G 101 -20.75 -49.76 -10.90
C ILE G 101 -21.44 -48.83 -11.90
N ARG G 102 -22.72 -48.58 -11.65
CA ARG G 102 -23.56 -47.84 -12.59
C ARG G 102 -23.62 -46.35 -12.30
N GLY G 103 -23.46 -45.94 -11.05
CA GLY G 103 -23.52 -44.51 -10.76
C GLY G 103 -23.51 -44.26 -9.27
N TRP G 104 -23.82 -43.02 -8.93
CA TRP G 104 -23.78 -42.57 -7.55
C TRP G 104 -24.97 -41.72 -7.17
N ILE G 105 -25.31 -41.81 -5.89
CA ILE G 105 -26.35 -41.03 -5.25
C ILE G 105 -25.66 -40.13 -4.24
N PHE G 106 -25.88 -38.82 -4.33
CA PHE G 106 -25.28 -37.84 -3.42
C PHE G 106 -26.38 -37.04 -2.76
N GLY G 107 -26.23 -36.72 -1.48
CA GLY G 107 -27.25 -35.92 -0.83
C GLY G 107 -27.07 -35.88 0.67
N THR G 108 -28.19 -35.80 1.39
CA THR G 108 -28.16 -35.75 2.85
C THR G 108 -28.91 -36.94 3.44
N THR G 109 -30.23 -36.82 3.55
CA THR G 109 -31.05 -37.90 4.11
C THR G 109 -31.47 -38.93 3.07
N LEU G 110 -31.53 -38.53 1.80
CA LEU G 110 -31.90 -39.41 0.70
C LEU G 110 -33.24 -40.10 0.94
N ASP G 111 -34.21 -39.37 1.52
CA ASP G 111 -35.52 -39.91 1.82
C ASP G 111 -36.66 -39.06 1.24
N SER G 112 -36.36 -38.16 0.31
CA SER G 112 -37.27 -37.24 -0.38
C SER G 112 -37.56 -35.97 0.41
N LYS G 113 -37.10 -35.86 1.67
CA LYS G 113 -37.37 -34.64 2.41
C LYS G 113 -36.67 -33.45 1.76
N THR G 114 -35.48 -33.68 1.19
CA THR G 114 -34.68 -32.67 0.55
C THR G 114 -34.25 -33.20 -0.81
N GLN G 115 -33.69 -32.31 -1.61
CA GLN G 115 -33.21 -32.67 -2.94
C GLN G 115 -31.86 -33.37 -2.87
N SER G 116 -31.54 -34.11 -3.92
CA SER G 116 -30.32 -34.90 -3.97
C SER G 116 -29.96 -35.12 -5.43
N LEU G 117 -28.75 -35.61 -5.67
CA LEU G 117 -28.21 -35.90 -7.00
C LEU G 117 -28.17 -37.38 -7.31
N LEU G 118 -28.80 -37.76 -8.43
CA LEU G 118 -28.75 -39.11 -8.96
C LEU G 118 -27.99 -39.03 -10.28
N ILE G 119 -26.79 -39.62 -10.33
CA ILE G 119 -25.95 -39.60 -11.53
C ILE G 119 -25.76 -41.07 -11.92
N VAL G 120 -26.54 -41.58 -12.87
CA VAL G 120 -26.45 -43.01 -13.17
C VAL G 120 -26.50 -43.34 -14.66
N ASN G 121 -25.88 -44.47 -14.99
CA ASN G 121 -25.96 -45.14 -16.28
C ASN G 121 -27.15 -46.08 -16.22
N ASN G 122 -28.19 -45.80 -16.99
CA ASN G 122 -29.44 -46.57 -16.93
C ASN G 122 -29.53 -47.67 -17.99
N ALA G 123 -28.40 -48.04 -18.61
CA ALA G 123 -28.25 -49.04 -19.67
C ALA G 123 -28.75 -48.56 -21.03
N THR G 124 -29.09 -47.29 -21.16
CA THR G 124 -29.33 -46.63 -22.44
C THR G 124 -28.41 -45.42 -22.57
N ASN G 125 -28.44 -44.53 -21.58
CA ASN G 125 -27.66 -43.32 -21.55
C ASN G 125 -27.36 -43.01 -20.08
N VAL G 126 -26.68 -41.89 -19.85
CA VAL G 126 -26.31 -41.44 -18.51
C VAL G 126 -27.21 -40.26 -18.18
N VAL G 127 -27.90 -40.35 -17.05
CA VAL G 127 -28.89 -39.35 -16.64
C VAL G 127 -28.48 -38.74 -15.31
N ILE G 128 -28.51 -37.41 -15.25
CA ILE G 128 -28.22 -36.61 -14.06
C ILE G 128 -29.52 -35.96 -13.64
N LYS G 129 -29.95 -36.22 -12.40
CA LYS G 129 -31.18 -35.65 -11.85
C LYS G 129 -30.89 -35.01 -10.50
N VAL G 130 -31.65 -33.97 -10.16
CA VAL G 130 -31.60 -33.35 -8.83
C VAL G 130 -32.87 -33.67 -8.04
N CYS G 131 -33.62 -34.68 -8.48
CA CYS G 131 -34.95 -34.97 -7.96
C CYS G 131 -34.95 -35.28 -6.46
N GLU G 132 -36.04 -34.88 -5.80
CA GLU G 132 -36.29 -35.17 -4.38
C GLU G 132 -36.79 -36.60 -4.29
N PHE G 133 -35.89 -37.54 -4.61
CA PHE G 133 -36.23 -38.94 -4.65
C PHE G 133 -36.21 -39.60 -3.28
N GLN G 134 -37.14 -40.52 -3.07
CA GLN G 134 -37.10 -41.43 -1.93
C GLN G 134 -36.37 -42.64 -2.50
N PHE G 135 -35.18 -42.91 -1.99
CA PHE G 135 -34.37 -43.97 -2.57
C PHE G 135 -34.63 -45.33 -1.97
N CYS G 136 -34.46 -46.35 -2.80
CA CYS G 136 -34.57 -47.73 -2.37
C CYS G 136 -33.40 -48.05 -1.44
N ASN G 137 -33.69 -48.81 -0.38
CA ASN G 137 -32.66 -49.18 0.59
C ASN G 137 -31.50 -49.92 -0.07
N ASP G 138 -31.76 -50.72 -1.11
CA ASP G 138 -30.73 -51.47 -1.82
C ASP G 138 -30.84 -51.17 -3.31
N PRO G 139 -30.41 -49.98 -3.74
CA PRO G 139 -30.57 -49.59 -5.15
C PRO G 139 -29.87 -50.58 -6.08
N PHE G 140 -30.52 -50.90 -7.19
CA PHE G 140 -29.87 -51.77 -8.15
C PHE G 140 -30.46 -51.55 -9.53
N LEU G 141 -29.71 -51.97 -10.53
CA LEU G 141 -30.15 -52.08 -11.92
C LEU G 141 -29.88 -53.51 -12.33
N GLY G 142 -30.91 -54.24 -12.71
CA GLY G 142 -30.77 -55.64 -13.02
C GLY G 142 -30.63 -55.93 -14.51
N VAL G 143 -29.91 -56.99 -14.80
CA VAL G 143 -29.70 -57.48 -16.16
C VAL G 143 -29.95 -58.99 -16.14
N SER G 151 -29.51 -66.05 -21.90
CA SER G 151 -28.41 -65.14 -22.16
C SER G 151 -28.51 -63.95 -21.19
N TRP G 152 -28.02 -62.77 -21.60
CA TRP G 152 -28.08 -61.57 -20.79
C TRP G 152 -29.03 -60.56 -21.43
N MET G 153 -29.83 -59.90 -20.59
CA MET G 153 -30.74 -58.87 -21.06
C MET G 153 -31.08 -57.92 -19.92
N GLU G 154 -31.33 -56.66 -20.26
CA GLU G 154 -31.77 -55.70 -19.26
C GLU G 154 -33.15 -56.08 -18.75
N SER G 155 -33.37 -55.92 -17.44
CA SER G 155 -34.67 -56.27 -16.88
C SER G 155 -35.27 -55.30 -15.87
N GLU G 156 -34.47 -54.69 -14.97
CA GLU G 156 -35.05 -53.88 -13.91
C GLU G 156 -34.28 -52.60 -13.62
N PHE G 157 -35.04 -51.52 -13.44
CA PHE G 157 -34.57 -50.22 -12.98
C PHE G 157 -35.39 -49.92 -11.74
N ARG G 158 -34.73 -49.65 -10.60
CA ARG G 158 -35.44 -49.27 -9.39
C ARG G 158 -34.93 -47.90 -8.96
N VAL G 159 -33.93 -47.84 -8.08
CA VAL G 159 -33.27 -46.61 -7.64
C VAL G 159 -34.17 -45.68 -6.82
N TYR G 160 -35.27 -45.21 -7.40
CA TYR G 160 -36.16 -44.24 -6.76
C TYR G 160 -37.62 -44.62 -6.89
N SER G 161 -38.41 -44.12 -5.93
CA SER G 161 -39.85 -44.35 -5.95
C SER G 161 -40.58 -43.48 -6.98
N SER G 162 -40.30 -42.17 -7.01
CA SER G 162 -41.02 -41.30 -7.93
C SER G 162 -40.29 -39.97 -8.16
N ALA G 163 -40.49 -39.41 -9.35
CA ALA G 163 -39.98 -38.10 -9.77
C ALA G 163 -40.93 -36.98 -9.32
N ASN G 164 -40.89 -36.70 -8.01
CA ASN G 164 -41.86 -35.79 -7.41
C ASN G 164 -41.73 -34.35 -7.89
N ASN G 165 -40.52 -33.88 -8.21
CA ASN G 165 -40.34 -32.48 -8.61
C ASN G 165 -39.32 -32.28 -9.73
N CYS G 166 -38.04 -32.53 -9.43
CA CYS G 166 -36.97 -32.59 -10.42
C CYS G 166 -36.73 -31.26 -11.12
N THR G 167 -36.07 -30.33 -10.43
CA THR G 167 -35.84 -28.98 -10.94
C THR G 167 -34.74 -28.91 -12.01
N PHE G 168 -33.95 -29.96 -12.17
CA PHE G 168 -32.87 -30.03 -13.16
C PHE G 168 -32.80 -31.46 -13.66
N GLU G 169 -32.62 -31.61 -14.96
CA GLU G 169 -32.42 -32.93 -15.54
C GLU G 169 -31.56 -32.82 -16.79
N TYR G 170 -30.60 -33.74 -16.91
CA TYR G 170 -29.77 -33.86 -18.10
C TYR G 170 -29.70 -35.32 -18.52
N VAL G 171 -29.96 -35.56 -19.80
CA VAL G 171 -29.92 -36.90 -20.38
C VAL G 171 -28.87 -36.89 -21.47
N SER G 172 -27.90 -37.78 -21.37
CA SER G 172 -26.85 -37.88 -22.37
C SER G 172 -27.35 -38.65 -23.58
N GLN G 173 -26.54 -38.66 -24.64
CA GLN G 173 -26.94 -39.34 -25.86
C GLN G 173 -26.99 -40.87 -25.63
N PRO G 174 -27.77 -41.60 -26.45
CA PRO G 174 -27.74 -43.06 -26.37
C PRO G 174 -26.37 -43.65 -26.67
N PHE G 175 -26.06 -44.74 -25.96
CA PHE G 175 -24.84 -45.52 -26.13
C PHE G 175 -25.26 -46.96 -26.42
N LEU G 176 -24.34 -47.74 -26.99
CA LEU G 176 -24.66 -49.14 -27.28
C LEU G 176 -24.97 -49.90 -25.99
N MET G 177 -24.25 -49.59 -24.91
CA MET G 177 -24.47 -50.17 -23.59
C MET G 177 -24.51 -51.70 -23.63
N ASP G 178 -23.41 -52.29 -24.09
CA ASP G 178 -23.33 -53.74 -24.20
C ASP G 178 -23.02 -54.33 -22.83
N LEU G 179 -23.99 -55.07 -22.26
CA LEU G 179 -23.88 -55.62 -20.92
C LEU G 179 -23.94 -57.14 -20.97
N GLU G 180 -22.87 -57.79 -20.55
CA GLU G 180 -22.80 -59.25 -20.53
C GLU G 180 -21.78 -59.65 -19.48
N GLY G 181 -21.87 -60.91 -19.04
CA GLY G 181 -20.91 -61.41 -18.06
C GLY G 181 -19.59 -61.79 -18.68
N LYS G 182 -18.52 -61.64 -17.89
CA LYS G 182 -17.18 -62.01 -18.29
C LYS G 182 -16.48 -62.72 -17.13
N GLN G 183 -15.51 -63.57 -17.46
CA GLN G 183 -14.71 -64.29 -16.48
C GLN G 183 -13.26 -63.93 -16.66
N GLY G 184 -12.48 -64.10 -15.61
CA GLY G 184 -11.06 -63.80 -15.61
C GLY G 184 -10.75 -62.60 -14.72
N ASN G 185 -9.58 -62.02 -14.95
CA ASN G 185 -9.15 -60.88 -14.15
C ASN G 185 -9.79 -59.60 -14.70
N PHE G 186 -9.50 -58.48 -14.06
CA PHE G 186 -10.14 -57.23 -14.45
C PHE G 186 -9.41 -56.59 -15.62
N LYS G 187 -10.18 -56.05 -16.56
CA LYS G 187 -9.62 -55.47 -17.78
C LYS G 187 -9.56 -53.95 -17.79
N ASN G 188 -10.33 -53.25 -16.95
CA ASN G 188 -10.37 -51.80 -16.96
C ASN G 188 -10.53 -51.19 -15.58
N LEU G 189 -9.81 -50.09 -15.34
CA LEU G 189 -9.93 -49.27 -14.15
C LEU G 189 -10.58 -47.95 -14.52
N ARG G 190 -11.37 -47.42 -13.59
CA ARG G 190 -11.93 -46.08 -13.73
C ARG G 190 -11.64 -45.35 -12.45
N GLU G 191 -11.27 -44.08 -12.55
CA GLU G 191 -10.99 -43.27 -11.38
C GLU G 191 -11.75 -41.97 -11.48
N PHE G 192 -12.33 -41.52 -10.36
CA PHE G 192 -13.11 -40.30 -10.31
C PHE G 192 -12.79 -39.52 -9.05
N VAL G 193 -12.86 -38.19 -9.16
CA VAL G 193 -12.78 -37.28 -8.02
C VAL G 193 -14.02 -36.42 -7.99
N PHE G 194 -14.68 -36.38 -6.82
CA PHE G 194 -15.91 -35.63 -6.61
C PHE G 194 -15.67 -34.51 -5.59
N LYS G 195 -15.72 -33.28 -6.06
CA LYS G 195 -15.47 -32.09 -5.25
C LYS G 195 -16.70 -31.20 -5.34
N ASN G 196 -16.96 -30.40 -4.30
CA ASN G 196 -18.14 -29.52 -4.30
C ASN G 196 -17.77 -28.17 -3.70
N ILE G 197 -17.65 -27.15 -4.55
CA ILE G 197 -17.24 -25.80 -4.13
C ILE G 197 -18.22 -24.75 -4.63
N ASP G 198 -18.72 -23.94 -3.68
CA ASP G 198 -19.59 -22.78 -3.93
C ASP G 198 -20.77 -23.09 -4.84
N GLY G 199 -21.41 -24.24 -4.64
CA GLY G 199 -22.57 -24.59 -5.42
C GLY G 199 -22.29 -25.44 -6.64
N TYR G 200 -21.03 -25.57 -7.04
CA TYR G 200 -20.68 -26.36 -8.21
C TYR G 200 -20.14 -27.71 -7.80
N PHE G 201 -20.71 -28.76 -8.41
CA PHE G 201 -20.33 -30.13 -8.20
C PHE G 201 -19.35 -30.48 -9.32
N LYS G 202 -18.09 -30.64 -8.99
CA LYS G 202 -17.03 -30.80 -9.97
C LYS G 202 -16.61 -32.27 -9.99
N ILE G 203 -16.65 -32.87 -11.17
CA ILE G 203 -16.31 -34.27 -11.35
C ILE G 203 -15.12 -34.34 -12.30
N TYR G 204 -14.08 -35.03 -11.86
CA TYR G 204 -12.88 -35.30 -12.63
C TYR G 204 -12.85 -36.79 -12.88
N SER G 205 -12.31 -37.23 -14.02
CA SER G 205 -12.27 -38.67 -14.25
C SER G 205 -11.18 -39.08 -15.23
N LYS G 206 -10.87 -40.38 -15.21
CA LYS G 206 -9.98 -40.99 -16.19
C LYS G 206 -10.26 -42.48 -16.26
N HIS G 207 -10.03 -43.05 -17.44
CA HIS G 207 -10.14 -44.48 -17.71
C HIS G 207 -8.76 -45.04 -18.01
N THR G 208 -8.44 -46.21 -17.43
CA THR G 208 -7.15 -46.86 -17.68
C THR G 208 -7.28 -48.36 -18.02
N PRO G 209 -6.63 -48.87 -19.07
CA PRO G 209 -6.64 -50.32 -19.29
C PRO G 209 -5.75 -51.00 -18.25
N ILE G 210 -6.08 -52.23 -17.88
CA ILE G 210 -5.31 -52.94 -16.85
C ILE G 210 -5.52 -54.44 -16.95
N ASN G 211 -4.59 -55.21 -16.36
CA ASN G 211 -4.69 -56.68 -16.22
C ASN G 211 -4.30 -57.11 -14.79
N LEU G 212 -5.22 -57.00 -13.83
CA LEU G 212 -4.90 -57.29 -12.43
C LEU G 212 -6.07 -57.99 -11.75
N VAL G 213 -5.78 -58.64 -10.63
CA VAL G 213 -6.81 -59.35 -9.88
C VAL G 213 -7.50 -58.48 -8.83
N ARG G 214 -6.77 -57.68 -8.02
CA ARG G 214 -7.43 -56.87 -6.98
C ARG G 214 -6.91 -55.45 -6.83
N ASP G 215 -5.80 -55.29 -6.12
CA ASP G 215 -5.28 -53.96 -5.75
C ASP G 215 -4.94 -53.12 -6.96
N LEU G 216 -5.10 -51.81 -6.79
CA LEU G 216 -4.80 -50.86 -7.84
C LEU G 216 -3.30 -50.87 -8.12
N PRO G 217 -2.89 -50.61 -9.37
CA PRO G 217 -1.46 -50.63 -9.68
C PRO G 217 -0.75 -49.42 -9.11
N GLN G 218 0.53 -49.59 -8.84
CA GLN G 218 1.36 -48.46 -8.46
C GLN G 218 1.78 -47.73 -9.72
N GLY G 219 1.69 -46.41 -9.66
CA GLY G 219 2.03 -45.58 -10.80
C GLY G 219 1.47 -44.19 -10.55
N PHE G 220 1.50 -43.38 -11.61
CA PHE G 220 1.05 -42.01 -11.51
C PHE G 220 0.28 -41.59 -12.76
N SER G 221 -0.81 -40.86 -12.54
CA SER G 221 -1.62 -40.27 -13.60
C SER G 221 -2.39 -39.11 -13.00
N ALA G 222 -3.02 -38.31 -13.87
CA ALA G 222 -3.85 -37.20 -13.42
C ALA G 222 -5.17 -37.17 -14.18
N LEU G 223 -6.23 -36.81 -13.47
CA LEU G 223 -7.59 -36.78 -14.02
C LEU G 223 -7.87 -35.45 -14.71
N GLU G 224 -8.82 -35.48 -15.69
CA GLU G 224 -9.26 -34.35 -16.48
C GLU G 224 -10.53 -33.73 -15.88
N PRO G 225 -10.80 -32.41 -16.09
CA PRO G 225 -12.01 -31.73 -15.56
C PRO G 225 -13.26 -32.07 -16.37
N LEU G 226 -13.74 -33.31 -16.21
CA LEU G 226 -14.85 -33.82 -17.00
C LEU G 226 -16.09 -32.92 -16.96
N VAL G 227 -16.58 -32.55 -15.78
CA VAL G 227 -17.79 -31.71 -15.78
C VAL G 227 -17.92 -30.90 -14.51
N ASP G 228 -18.40 -29.66 -14.67
CA ASP G 228 -18.77 -28.76 -13.57
C ASP G 228 -20.28 -28.60 -13.60
N LEU G 229 -21.01 -29.21 -12.61
CA LEU G 229 -22.48 -29.15 -12.61
C LEU G 229 -22.98 -28.04 -11.68
N PRO G 230 -23.84 -27.08 -12.14
CA PRO G 230 -24.37 -25.98 -11.31
C PRO G 230 -25.53 -26.44 -10.43
N ILE G 231 -25.24 -27.18 -9.35
CA ILE G 231 -26.29 -27.85 -8.59
C ILE G 231 -26.72 -27.07 -7.35
N GLY G 232 -25.79 -26.61 -6.52
CA GLY G 232 -26.23 -25.88 -5.33
C GLY G 232 -26.81 -26.68 -4.19
N ILE G 233 -26.48 -27.97 -4.07
CA ILE G 233 -27.03 -28.86 -3.04
C ILE G 233 -25.96 -29.18 -2.01
N ASN G 234 -26.34 -29.09 -0.73
CA ASN G 234 -25.51 -29.35 0.44
C ASN G 234 -25.37 -30.86 0.61
N ILE G 235 -24.38 -31.41 -0.10
CA ILE G 235 -24.10 -32.84 -0.12
C ILE G 235 -23.24 -33.24 1.08
N THR G 236 -23.71 -34.23 1.85
CA THR G 236 -23.00 -34.74 3.02
C THR G 236 -22.77 -36.25 3.02
N ARG G 237 -23.59 -37.02 2.30
CA ARG G 237 -23.54 -38.48 2.29
C ARG G 237 -23.66 -38.95 0.86
N PHE G 238 -23.17 -40.16 0.60
CA PHE G 238 -23.37 -40.75 -0.72
C PHE G 238 -23.54 -42.25 -0.63
N GLN G 239 -24.11 -42.81 -1.70
CA GLN G 239 -24.31 -44.25 -1.86
C GLN G 239 -23.96 -44.65 -3.28
N THR G 240 -23.38 -45.84 -3.43
CA THR G 240 -23.03 -46.37 -4.73
C THR G 240 -24.20 -47.14 -5.33
N LEU G 241 -24.17 -47.31 -6.65
CA LEU G 241 -25.16 -48.11 -7.37
C LEU G 241 -24.45 -49.29 -8.02
N LEU G 242 -24.79 -50.51 -7.59
CA LEU G 242 -24.18 -51.73 -8.09
C LEU G 242 -25.13 -52.48 -9.01
N ALA G 243 -24.60 -52.96 -10.14
CA ALA G 243 -25.38 -53.76 -11.08
C ALA G 243 -25.73 -55.12 -10.48
N LEU G 244 -26.91 -55.62 -10.84
CA LEU G 244 -27.42 -56.91 -10.41
C LEU G 244 -27.54 -57.86 -11.60
N HIS G 245 -27.06 -59.08 -11.41
CA HIS G 245 -27.16 -60.14 -12.41
C HIS G 245 -28.33 -61.05 -12.06
N ARG G 246 -29.00 -61.56 -13.09
CA ARG G 246 -30.09 -62.50 -12.89
C ARG G 246 -29.57 -63.85 -12.42
N SER G 247 -30.40 -64.58 -11.70
CA SER G 247 -30.05 -65.93 -11.25
C SER G 247 -30.01 -66.89 -12.43
N SER G 254 -37.09 -63.62 -5.98
CA SER G 254 -36.96 -63.28 -4.57
C SER G 254 -35.89 -62.21 -4.36
N SER G 255 -35.69 -61.83 -3.10
CA SER G 255 -34.63 -60.89 -2.71
C SER G 255 -33.34 -61.59 -2.31
N SER G 256 -33.32 -62.92 -2.27
CA SER G 256 -32.14 -63.69 -1.86
C SER G 256 -31.39 -64.29 -3.05
N GLY G 257 -32.08 -64.60 -4.14
CA GLY G 257 -31.48 -65.24 -5.29
C GLY G 257 -30.82 -64.25 -6.22
N TRP G 258 -29.94 -63.41 -5.67
CA TRP G 258 -29.28 -62.34 -6.42
C TRP G 258 -27.83 -62.73 -6.66
N THR G 259 -27.36 -62.45 -7.88
CA THR G 259 -25.97 -62.71 -8.27
C THR G 259 -25.20 -61.39 -8.31
N ALA G 260 -24.10 -61.34 -7.55
CA ALA G 260 -23.28 -60.14 -7.42
C ALA G 260 -22.25 -59.96 -8.54
N GLY G 261 -22.16 -60.89 -9.47
CA GLY G 261 -21.19 -60.76 -10.57
C GLY G 261 -19.76 -60.76 -10.07
N ALA G 262 -18.99 -59.73 -10.47
CA ALA G 262 -17.61 -59.63 -10.08
C ALA G 262 -17.02 -58.24 -10.26
N ALA G 263 -16.77 -57.55 -9.15
CA ALA G 263 -16.21 -56.20 -9.21
C ALA G 263 -15.52 -55.86 -7.91
N ALA G 264 -14.67 -54.83 -7.98
CA ALA G 264 -13.99 -54.23 -6.84
C ALA G 264 -14.22 -52.73 -6.88
N TYR G 265 -14.27 -52.13 -5.70
CA TYR G 265 -14.51 -50.70 -5.57
C TYR G 265 -13.65 -50.14 -4.44
N TYR G 266 -13.07 -48.95 -4.65
CA TYR G 266 -12.17 -48.30 -3.72
C TYR G 266 -12.69 -46.91 -3.37
N VAL G 267 -12.59 -46.53 -2.08
CA VAL G 267 -12.96 -45.19 -1.62
C VAL G 267 -11.88 -44.58 -0.73
N GLY G 268 -11.50 -43.34 -1.06
CA GLY G 268 -10.58 -42.56 -0.25
C GLY G 268 -11.17 -41.17 -0.05
N TYR G 269 -10.43 -40.34 0.72
CA TYR G 269 -10.86 -38.98 1.02
C TYR G 269 -9.77 -37.96 0.72
N LEU G 270 -10.23 -36.78 0.30
CA LEU G 270 -9.39 -35.65 -0.08
C LEU G 270 -9.05 -34.78 1.12
N GLN G 271 -7.88 -34.16 1.06
CA GLN G 271 -7.42 -33.22 2.07
C GLN G 271 -6.80 -32.01 1.39
N PRO G 272 -6.83 -30.83 2.06
CA PRO G 272 -6.12 -29.66 1.52
C PRO G 272 -4.61 -29.81 1.64
N ARG G 273 -3.95 -30.20 0.56
CA ARG G 273 -2.53 -30.49 0.58
C ARG G 273 -1.90 -29.91 -0.67
N THR G 274 -0.73 -29.32 -0.52
CA THR G 274 -0.06 -28.74 -1.67
C THR G 274 0.73 -29.82 -2.40
N PHE G 275 0.58 -29.85 -3.72
CA PHE G 275 1.33 -30.75 -4.58
C PHE G 275 2.12 -30.00 -5.64
N LEU G 276 3.34 -30.47 -5.86
CA LEU G 276 4.23 -29.98 -6.91
C LEU G 276 4.09 -30.94 -8.08
N LEU G 277 3.68 -30.43 -9.23
CA LEU G 277 3.43 -31.22 -10.44
C LEU G 277 4.55 -30.97 -11.44
N LYS G 278 4.99 -32.06 -12.09
CA LYS G 278 6.02 -32.01 -13.13
C LYS G 278 5.37 -32.24 -14.49
N TYR G 279 5.51 -31.28 -15.39
CA TYR G 279 4.97 -31.37 -16.73
C TYR G 279 6.07 -31.81 -17.69
N ASN G 280 5.74 -32.68 -18.65
CA ASN G 280 6.69 -33.09 -19.67
C ASN G 280 6.64 -32.12 -20.84
N GLU G 281 7.41 -32.42 -21.88
CA GLU G 281 7.49 -31.53 -23.03
C GLU G 281 6.17 -31.44 -23.82
N ASN G 282 5.24 -32.38 -23.61
CA ASN G 282 3.95 -32.35 -24.28
C ASN G 282 2.82 -31.92 -23.34
N GLY G 283 3.16 -31.45 -22.14
CA GLY G 283 2.22 -30.95 -21.18
C GLY G 283 1.43 -31.97 -20.41
N THR G 284 1.85 -33.23 -20.41
CA THR G 284 1.17 -34.26 -19.65
C THR G 284 1.90 -34.30 -18.32
N ILE G 285 1.15 -34.38 -17.22
CA ILE G 285 1.81 -34.45 -15.92
C ILE G 285 2.30 -35.87 -15.75
N THR G 286 3.60 -36.04 -15.52
CA THR G 286 4.20 -37.36 -15.38
C THR G 286 4.64 -37.71 -13.97
N ASP G 287 4.81 -36.72 -13.09
CA ASP G 287 5.19 -37.01 -11.71
C ASP G 287 4.65 -35.91 -10.81
N ALA G 288 4.84 -36.11 -9.50
CA ALA G 288 4.43 -35.12 -8.53
C ALA G 288 5.11 -35.41 -7.20
N VAL G 289 5.26 -34.36 -6.40
CA VAL G 289 5.76 -34.43 -5.04
C VAL G 289 4.66 -33.97 -4.09
N ASP G 290 4.37 -34.84 -3.12
CA ASP G 290 3.41 -34.54 -2.05
C ASP G 290 4.17 -33.77 -0.99
N CYS G 291 3.90 -32.47 -0.89
CA CYS G 291 4.73 -31.57 -0.10
C CYS G 291 4.64 -31.82 1.40
N ALA G 292 3.76 -32.70 1.88
CA ALA G 292 3.69 -33.01 3.31
C ALA G 292 3.60 -34.52 3.56
N LEU G 293 4.17 -35.32 2.67
CA LEU G 293 4.15 -36.77 2.87
C LEU G 293 5.22 -37.22 3.86
N ASP G 294 6.40 -36.60 3.81
CA ASP G 294 7.55 -37.01 4.63
C ASP G 294 8.71 -36.04 4.41
N PRO G 295 9.69 -36.00 5.33
CA PRO G 295 10.83 -35.08 5.16
C PRO G 295 11.50 -35.10 3.79
N LEU G 296 11.58 -36.26 3.13
CA LEU G 296 12.21 -36.26 1.81
C LEU G 296 11.31 -35.56 0.81
N SER G 297 10.01 -35.84 0.87
CA SER G 297 9.12 -35.19 -0.06
C SER G 297 9.02 -33.71 0.26
N GLU G 298 9.08 -33.37 1.55
CA GLU G 298 9.01 -31.97 1.96
C GLU G 298 10.20 -31.21 1.41
N THR G 299 11.38 -31.84 1.45
CA THR G 299 12.58 -31.21 0.91
C THR G 299 12.47 -31.06 -0.60
N LYS G 300 12.02 -32.12 -1.28
CA LYS G 300 11.86 -32.06 -2.73
C LYS G 300 10.95 -30.91 -3.11
N CYS G 301 9.86 -30.72 -2.36
CA CYS G 301 8.93 -29.63 -2.63
C CYS G 301 9.59 -28.28 -2.37
N THR G 302 10.32 -28.16 -1.26
CA THR G 302 10.95 -26.88 -0.92
C THR G 302 11.91 -26.39 -2.00
N LEU G 303 12.70 -27.28 -2.57
CA LEU G 303 13.69 -26.91 -3.57
C LEU G 303 13.16 -26.89 -4.99
N LYS G 304 11.88 -27.22 -5.19
CA LYS G 304 11.29 -27.31 -6.51
C LYS G 304 12.10 -28.25 -7.39
N SER G 305 12.44 -29.41 -6.82
CA SER G 305 13.25 -30.39 -7.53
C SER G 305 12.88 -31.79 -7.11
N PHE G 306 13.07 -32.72 -8.04
CA PHE G 306 12.86 -34.15 -7.79
C PHE G 306 14.17 -34.85 -7.48
N THR G 307 15.27 -34.11 -7.41
CA THR G 307 16.59 -34.62 -7.05
C THR G 307 17.11 -33.70 -5.95
N VAL G 308 17.61 -34.27 -4.87
CA VAL G 308 18.14 -33.50 -3.75
C VAL G 308 19.58 -33.92 -3.53
N GLU G 309 20.47 -32.94 -3.46
CA GLU G 309 21.88 -33.18 -3.25
C GLU G 309 22.19 -33.47 -1.79
N LYS G 310 23.32 -34.15 -1.59
CA LYS G 310 23.83 -34.50 -0.27
C LYS G 310 23.97 -33.26 0.61
N GLY G 311 23.45 -33.33 1.84
CA GLY G 311 23.55 -32.23 2.78
C GLY G 311 22.36 -32.20 3.71
N ILE G 312 22.23 -31.09 4.43
CA ILE G 312 21.15 -30.88 5.39
C ILE G 312 20.28 -29.75 4.90
N TYR G 313 18.98 -29.99 4.86
CA TYR G 313 18.01 -28.99 4.44
C TYR G 313 17.05 -28.70 5.59
N GLN G 314 16.87 -27.41 5.89
CA GLN G 314 15.93 -27.00 6.92
C GLN G 314 14.56 -26.90 6.27
N THR G 315 13.54 -27.55 6.85
CA THR G 315 12.21 -27.61 6.23
C THR G 315 11.09 -27.31 7.23
N SER G 316 10.78 -26.04 7.39
CA SER G 316 9.71 -25.51 8.25
C SER G 316 9.89 -26.04 9.68
N ASN G 317 8.80 -26.35 10.38
CA ASN G 317 8.81 -26.70 11.79
C ASN G 317 7.82 -27.81 12.09
N PHE G 318 8.04 -28.46 13.22
CA PHE G 318 7.09 -29.39 13.81
C PHE G 318 6.13 -28.57 14.65
N ARG G 319 4.85 -28.57 14.28
CA ARG G 319 3.84 -27.77 14.96
C ARG G 319 2.78 -28.67 15.57
N VAL G 320 2.41 -28.35 16.80
CA VAL G 320 1.38 -29.06 17.53
C VAL G 320 0.07 -28.36 17.21
N GLN G 321 -0.95 -29.14 16.84
CA GLN G 321 -2.24 -28.55 16.51
C GLN G 321 -3.18 -28.59 17.72
N PRO G 322 -4.11 -27.65 17.84
CA PRO G 322 -5.07 -27.73 18.94
C PRO G 322 -6.01 -28.91 18.75
N THR G 323 -6.42 -29.49 19.87
CA THR G 323 -7.31 -30.64 19.86
C THR G 323 -8.76 -30.31 20.21
N GLU G 324 -9.00 -29.15 20.83
CA GLU G 324 -10.35 -28.79 21.25
C GLU G 324 -10.50 -27.28 21.25
N SER G 325 -11.75 -26.83 21.21
CA SER G 325 -12.10 -25.42 21.26
C SER G 325 -12.64 -25.07 22.63
N ILE G 326 -11.98 -24.13 23.32
CA ILE G 326 -12.35 -23.70 24.66
C ILE G 326 -12.79 -22.24 24.57
N VAL G 327 -14.06 -22.00 24.90
CA VAL G 327 -14.69 -20.69 24.83
C VAL G 327 -15.15 -20.32 26.23
N ARG G 328 -14.82 -19.10 26.66
CA ARG G 328 -15.20 -18.62 28.00
C ARG G 328 -15.78 -17.22 27.91
N PHE G 329 -16.97 -17.05 28.49
CA PHE G 329 -17.68 -15.78 28.57
C PHE G 329 -18.28 -15.65 29.97
N PRO G 330 -18.58 -14.43 30.42
CA PRO G 330 -19.30 -14.30 31.69
C PRO G 330 -20.69 -14.89 31.55
N ASN G 331 -21.22 -15.41 32.66
CA ASN G 331 -22.53 -16.06 32.62
C ASN G 331 -23.64 -15.01 32.69
N ILE G 332 -23.86 -14.38 31.54
CA ILE G 332 -24.88 -13.35 31.36
C ILE G 332 -26.11 -14.02 30.77
N THR G 333 -27.25 -13.92 31.48
CA THR G 333 -28.48 -14.58 31.08
C THR G 333 -29.56 -13.64 30.60
N ASN G 334 -29.43 -12.33 30.87
CA ASN G 334 -30.46 -11.37 30.49
C ASN G 334 -30.34 -11.00 29.03
N LEU G 335 -31.48 -10.82 28.36
CA LEU G 335 -31.48 -10.34 26.99
C LEU G 335 -31.43 -8.81 27.03
N CYS G 336 -30.70 -8.24 26.09
CA CYS G 336 -30.60 -6.78 26.01
C CYS G 336 -31.95 -6.15 25.69
N PRO G 337 -32.21 -4.94 26.19
CA PRO G 337 -33.53 -4.32 25.99
C PRO G 337 -33.74 -3.81 24.57
N PHE G 338 -33.82 -4.71 23.60
CA PHE G 338 -34.04 -4.27 22.22
C PHE G 338 -35.43 -3.70 22.05
N GLY G 339 -36.41 -4.17 22.83
CA GLY G 339 -37.75 -3.63 22.71
C GLY G 339 -37.81 -2.16 23.07
N GLU G 340 -37.21 -1.80 24.19
CA GLU G 340 -37.24 -0.40 24.62
C GLU G 340 -36.54 0.49 23.61
N VAL G 341 -35.46 -0.01 23.00
CA VAL G 341 -34.70 0.78 22.04
C VAL G 341 -35.45 0.93 20.72
N PHE G 342 -36.04 -0.16 20.20
CA PHE G 342 -36.69 -0.15 18.90
C PHE G 342 -38.22 -0.07 18.92
N ASN G 343 -38.87 -0.39 20.03
CA ASN G 343 -40.33 -0.34 20.12
C ASN G 343 -40.79 0.80 21.03
N ALA G 344 -39.94 1.82 21.18
CA ALA G 344 -40.27 2.96 22.02
C ALA G 344 -41.48 3.71 21.49
N THR G 345 -42.30 4.22 22.41
CA THR G 345 -43.46 5.01 22.03
C THR G 345 -43.03 6.30 21.34
N ARG G 346 -42.03 6.98 21.88
CA ARG G 346 -41.56 8.26 21.35
C ARG G 346 -40.04 8.33 21.43
N PHE G 347 -39.46 8.99 20.43
CA PHE G 347 -38.04 9.31 20.38
C PHE G 347 -37.81 10.78 20.67
N ALA G 348 -36.72 11.05 21.39
CA ALA G 348 -36.35 12.42 21.75
C ALA G 348 -36.01 13.25 20.53
N SER G 349 -36.27 14.55 20.64
CA SER G 349 -35.89 15.49 19.59
C SER G 349 -34.38 15.42 19.39
N VAL G 350 -33.96 15.54 18.12
CA VAL G 350 -32.53 15.47 17.81
C VAL G 350 -31.75 16.57 18.49
N TYR G 351 -32.36 17.74 18.70
CA TYR G 351 -31.62 18.81 19.36
C TYR G 351 -31.32 18.47 20.81
N ALA G 352 -32.07 17.53 21.41
CA ALA G 352 -31.94 17.14 22.80
C ALA G 352 -32.00 15.62 22.87
N TRP G 353 -31.02 15.00 22.22
CA TRP G 353 -31.00 13.54 22.08
C TRP G 353 -30.62 12.87 23.39
N ASN G 354 -31.13 11.64 23.57
CA ASN G 354 -30.85 10.88 24.79
C ASN G 354 -29.82 9.79 24.55
N ARG G 355 -29.16 9.39 25.63
CA ARG G 355 -28.21 8.30 25.62
C ARG G 355 -28.35 7.50 26.90
N LYS G 356 -28.29 6.17 26.79
CA LYS G 356 -28.30 5.32 27.97
C LYS G 356 -27.29 4.19 27.83
N ARG G 357 -26.79 3.73 28.97
CA ARG G 357 -25.86 2.62 29.02
C ARG G 357 -26.58 1.28 28.99
N ILE G 358 -26.02 0.33 28.25
CA ILE G 358 -26.51 -1.04 28.17
C ILE G 358 -25.44 -1.91 28.80
N SER G 359 -25.85 -2.78 29.73
CA SER G 359 -24.89 -3.64 30.40
C SER G 359 -25.58 -4.91 30.89
N ASN G 360 -24.76 -5.92 31.18
CA ASN G 360 -25.22 -7.17 31.80
C ASN G 360 -26.34 -7.84 30.99
N CYS G 361 -26.14 -7.94 29.68
CA CYS G 361 -27.15 -8.53 28.82
C CYS G 361 -26.47 -9.20 27.63
N VAL G 362 -27.25 -10.00 26.91
CA VAL G 362 -26.79 -10.71 25.71
C VAL G 362 -27.34 -10.01 24.49
N ALA G 363 -26.45 -9.71 23.53
CA ALA G 363 -26.83 -9.05 22.29
C ALA G 363 -27.14 -10.11 21.24
N ASP G 364 -28.28 -9.93 20.58
CA ASP G 364 -28.72 -10.85 19.52
C ASP G 364 -29.48 -10.01 18.52
N TYR G 365 -28.95 -9.87 17.31
CA TYR G 365 -29.55 -8.96 16.33
C TYR G 365 -30.51 -9.67 15.39
N SER G 366 -30.66 -10.99 15.51
CA SER G 366 -31.55 -11.72 14.63
C SER G 366 -33.01 -11.53 15.05
N VAL G 367 -33.25 -11.00 16.25
CA VAL G 367 -34.59 -10.81 16.77
C VAL G 367 -35.33 -9.72 16.02
N LEU G 368 -34.60 -8.84 15.34
CA LEU G 368 -35.18 -7.70 14.64
C LEU G 368 -35.59 -8.05 13.21
N TYR G 369 -35.24 -9.23 12.71
CA TYR G 369 -35.49 -9.56 11.31
C TYR G 369 -36.98 -9.62 11.04
N ASN G 370 -37.78 -10.04 12.03
CA ASN G 370 -39.22 -10.14 11.91
C ASN G 370 -39.92 -9.09 12.79
N SER G 371 -39.23 -7.99 13.07
CA SER G 371 -39.75 -6.89 13.87
C SER G 371 -39.97 -5.65 13.03
N ALA G 372 -38.92 -5.21 12.33
CA ALA G 372 -39.00 -4.02 11.50
C ALA G 372 -38.02 -4.16 10.35
N SER G 373 -38.32 -3.43 9.27
CA SER G 373 -37.43 -3.32 8.13
C SER G 373 -36.58 -2.08 8.33
N PHE G 374 -35.27 -2.22 8.25
CA PHE G 374 -34.36 -1.11 8.47
C PHE G 374 -33.81 -0.62 7.15
N SER G 375 -33.72 0.71 7.00
CA SER G 375 -33.15 1.26 5.78
C SER G 375 -31.64 1.34 5.87
N THR G 376 -31.11 1.54 7.07
CA THR G 376 -29.67 1.66 7.26
C THR G 376 -29.26 0.78 8.42
N PHE G 377 -28.21 -0.01 8.21
CA PHE G 377 -27.57 -0.77 9.29
C PHE G 377 -26.10 -0.84 8.86
N LYS G 378 -25.32 0.15 9.29
CA LYS G 378 -23.94 0.27 8.85
C LYS G 378 -23.01 0.27 10.06
N CYS G 379 -22.09 -0.69 10.06
CA CYS G 379 -21.12 -0.88 11.13
C CYS G 379 -19.74 -0.50 10.61
N TYR G 380 -19.00 0.26 11.41
CA TYR G 380 -17.65 0.70 11.05
C TYR G 380 -16.57 0.02 11.87
N GLY G 381 -16.83 -0.21 13.16
CA GLY G 381 -15.81 -0.80 14.00
C GLY G 381 -15.68 -2.29 13.77
N VAL G 382 -16.78 -2.96 13.44
CA VAL G 382 -16.82 -4.41 13.29
C VAL G 382 -17.69 -4.73 12.08
N SER G 383 -17.28 -5.73 11.31
CA SER G 383 -18.13 -6.20 10.23
C SER G 383 -19.40 -6.83 10.81
N PRO G 384 -20.58 -6.62 10.20
CA PRO G 384 -21.81 -7.20 10.76
C PRO G 384 -21.77 -8.70 11.06
N THR G 385 -21.07 -9.47 10.23
CA THR G 385 -21.06 -10.93 10.39
C THR G 385 -20.28 -11.39 11.61
N LYS G 386 -19.50 -10.52 12.24
CA LYS G 386 -18.70 -10.87 13.38
C LYS G 386 -19.30 -10.32 14.66
N LEU G 387 -20.45 -9.63 14.58
CA LEU G 387 -20.99 -8.99 15.79
C LEU G 387 -21.32 -10.02 16.86
N ASN G 388 -21.76 -11.20 16.47
CA ASN G 388 -22.15 -12.21 17.44
C ASN G 388 -20.96 -12.90 18.10
N ASP G 389 -19.74 -12.68 17.62
CA ASP G 389 -18.56 -13.35 18.17
C ASP G 389 -17.81 -12.50 19.18
N LEU G 390 -18.23 -11.27 19.45
CA LEU G 390 -17.53 -10.34 20.30
C LEU G 390 -18.24 -10.14 21.63
N CYS G 391 -17.52 -9.50 22.54
CA CYS G 391 -18.08 -9.05 23.81
C CYS G 391 -17.53 -7.64 24.05
N PHE G 392 -18.42 -6.74 24.47
CA PHE G 392 -18.15 -5.30 24.52
C PHE G 392 -18.05 -4.82 25.96
N THR G 393 -17.26 -3.76 26.18
CA THR G 393 -17.01 -3.28 27.54
C THR G 393 -17.72 -2.00 27.92
N ASN G 394 -18.05 -1.13 26.99
CA ASN G 394 -18.74 0.13 27.26
C ASN G 394 -19.73 0.32 26.13
N VAL G 395 -21.00 -0.03 26.34
CA VAL G 395 -21.99 0.01 25.28
C VAL G 395 -23.05 1.03 25.66
N TYR G 396 -23.26 2.00 24.77
CA TYR G 396 -24.25 3.04 24.93
C TYR G 396 -25.14 3.04 23.70
N ALA G 397 -26.41 3.40 23.92
CA ALA G 397 -27.38 3.54 22.84
C ALA G 397 -27.93 4.95 22.86
N ASP G 398 -27.74 5.65 21.74
CA ASP G 398 -28.27 6.99 21.53
C ASP G 398 -29.65 6.85 20.91
N SER G 399 -30.56 7.73 21.32
CA SER G 399 -31.92 7.71 20.82
C SER G 399 -32.38 9.11 20.43
N PHE G 400 -32.72 9.27 19.16
CA PHE G 400 -33.23 10.51 18.60
C PHE G 400 -33.96 10.17 17.29
N VAL G 401 -34.77 11.12 16.81
CA VAL G 401 -35.49 11.03 15.54
C VAL G 401 -35.08 12.15 14.59
N ILE G 402 -34.79 11.80 13.33
CA ILE G 402 -34.36 12.75 12.30
C ILE G 402 -35.18 12.57 11.03
N ARG G 403 -34.97 13.50 10.09
CA ARG G 403 -35.57 13.45 8.77
C ARG G 403 -34.83 12.44 7.90
N GLY G 404 -35.57 11.78 6.99
CA GLY G 404 -34.96 10.80 6.10
C GLY G 404 -33.80 11.31 5.28
N ASP G 405 -33.87 12.55 4.80
CA ASP G 405 -32.76 13.09 4.02
C ASP G 405 -31.52 13.29 4.87
N GLU G 406 -31.66 13.29 6.19
CA GLU G 406 -30.55 13.49 7.09
C GLU G 406 -29.92 12.15 7.50
N VAL G 407 -30.46 11.02 7.03
CA VAL G 407 -29.91 9.73 7.43
C VAL G 407 -28.46 9.61 7.01
N ARG G 408 -28.10 10.13 5.84
CA ARG G 408 -26.71 10.02 5.41
C ARG G 408 -25.77 10.85 6.29
N GLN G 409 -26.30 11.77 7.10
CA GLN G 409 -25.46 12.59 7.96
C GLN G 409 -25.07 11.92 9.26
N ILE G 410 -25.69 10.80 9.63
CA ILE G 410 -25.34 10.12 10.88
C ILE G 410 -24.22 9.14 10.50
N ALA G 411 -23.02 9.69 10.39
CA ALA G 411 -21.83 8.96 9.98
C ALA G 411 -20.63 9.80 10.35
N PRO G 412 -19.45 9.20 10.50
CA PRO G 412 -18.25 10.02 10.64
C PRO G 412 -17.98 10.84 9.38
N GLY G 413 -17.42 12.03 9.58
CA GLY G 413 -17.00 12.85 8.46
C GLY G 413 -18.09 13.54 7.67
N GLN G 414 -19.25 13.81 8.26
CA GLN G 414 -20.37 14.39 7.55
C GLN G 414 -20.59 15.86 7.92
N THR G 415 -21.30 16.55 7.03
CA THR G 415 -21.72 17.93 7.21
C THR G 415 -23.24 18.00 7.03
N GLY G 416 -23.81 19.12 7.48
CA GLY G 416 -25.22 19.39 7.37
C GLY G 416 -25.78 19.89 8.67
N LYS G 417 -27.09 20.16 8.67
CA LYS G 417 -27.73 20.77 9.83
C LYS G 417 -27.63 19.90 11.07
N ILE G 418 -27.67 18.58 10.92
CA ILE G 418 -27.58 17.72 12.09
C ILE G 418 -26.13 17.46 12.43
N ALA G 419 -25.35 17.12 11.42
CA ALA G 419 -23.94 16.82 11.63
C ALA G 419 -23.22 18.02 12.23
N ASP G 420 -23.62 19.23 11.84
CA ASP G 420 -22.96 20.43 12.34
C ASP G 420 -23.61 21.06 13.58
N TYR G 421 -24.95 21.02 13.74
CA TYR G 421 -25.57 21.75 14.83
C TYR G 421 -26.33 20.91 15.85
N ASN G 422 -26.58 19.62 15.61
CA ASN G 422 -27.38 18.82 16.54
C ASN G 422 -26.67 17.57 17.06
N TYR G 423 -25.97 16.83 16.22
CA TYR G 423 -25.39 15.56 16.64
C TYR G 423 -24.31 15.15 15.65
N LYS G 424 -23.11 14.86 16.15
CA LYS G 424 -21.98 14.51 15.31
C LYS G 424 -21.25 13.31 15.90
N LEU G 425 -20.70 12.44 14.99
CA LEU G 425 -19.87 11.30 15.36
C LEU G 425 -18.38 11.60 15.13
N PRO G 426 -17.47 11.08 15.94
CA PRO G 426 -16.05 11.33 15.71
C PRO G 426 -15.57 10.55 14.50
N ASP G 427 -14.45 11.00 13.93
CA ASP G 427 -13.86 10.23 12.84
C ASP G 427 -13.42 8.87 13.34
N ASP G 428 -12.90 8.82 14.56
CA ASP G 428 -12.48 7.55 15.17
C ASP G 428 -13.71 6.95 15.86
N PHE G 429 -14.63 6.44 15.03
CA PHE G 429 -15.89 5.91 15.51
C PHE G 429 -15.91 4.39 15.46
N THR G 430 -16.29 3.80 16.59
CA THR G 430 -16.49 2.36 16.73
C THR G 430 -17.96 2.15 17.04
N GLY G 431 -18.66 1.40 16.22
CA GLY G 431 -20.08 1.21 16.43
C GLY G 431 -20.84 0.93 15.16
N CYS G 432 -22.17 0.95 15.32
CA CYS G 432 -23.13 0.69 14.25
C CYS G 432 -24.24 1.72 14.30
N VAL G 433 -24.61 2.24 13.12
CA VAL G 433 -25.69 3.20 12.96
C VAL G 433 -26.86 2.46 12.33
N ILE G 434 -28.00 2.47 13.00
CA ILE G 434 -29.20 1.76 12.59
C ILE G 434 -30.30 2.79 12.42
N ALA G 435 -30.99 2.76 11.29
CA ALA G 435 -32.08 3.70 11.09
C ALA G 435 -33.19 3.04 10.27
N TRP G 436 -34.44 3.43 10.56
CA TRP G 436 -35.57 2.90 9.82
C TRP G 436 -36.69 3.93 9.73
N ASN G 437 -37.54 3.72 8.72
CA ASN G 437 -38.67 4.60 8.45
C ASN G 437 -39.77 4.45 9.51
N SER G 438 -40.14 5.59 10.12
CA SER G 438 -41.14 5.62 11.18
C SER G 438 -42.39 6.41 10.77
N ASN G 439 -42.59 6.64 9.46
CA ASN G 439 -43.72 7.45 9.02
C ASN G 439 -45.05 6.88 9.50
N ASN G 440 -45.13 5.56 9.58
CA ASN G 440 -46.35 4.86 9.98
C ASN G 440 -46.42 4.65 11.49
N LEU G 441 -45.45 5.17 12.24
CA LEU G 441 -45.39 5.03 13.69
C LEU G 441 -45.72 6.31 14.45
N ASP G 442 -45.28 7.49 13.98
CA ASP G 442 -45.50 8.71 14.75
C ASP G 442 -45.82 9.96 13.92
N SER G 443 -46.16 9.84 12.64
CA SER G 443 -46.55 11.05 11.94
C SER G 443 -47.96 11.46 12.34
N LYS G 444 -48.30 12.72 12.06
CA LYS G 444 -49.61 13.27 12.36
C LYS G 444 -50.12 14.05 11.17
N VAL G 445 -51.44 14.08 11.02
CA VAL G 445 -52.05 14.71 9.85
C VAL G 445 -51.67 16.17 9.78
N GLY G 446 -51.68 16.85 10.92
CA GLY G 446 -51.32 18.26 10.95
C GLY G 446 -49.85 18.51 11.14
N GLY G 447 -49.04 17.45 11.23
CA GLY G 447 -47.62 17.57 11.47
C GLY G 447 -47.31 17.26 12.92
N ASN G 448 -46.32 16.41 13.16
CA ASN G 448 -45.89 16.08 14.52
C ASN G 448 -44.85 17.11 14.92
N TYR G 449 -45.22 18.03 15.80
CA TYR G 449 -44.37 19.17 16.14
C TYR G 449 -43.60 18.96 17.44
N ASN G 450 -43.56 17.74 17.97
CA ASN G 450 -42.78 17.46 19.16
C ASN G 450 -41.35 17.06 18.83
N TYR G 451 -40.99 17.04 17.54
CA TYR G 451 -39.66 16.69 17.07
C TYR G 451 -39.00 17.95 16.53
N LEU G 452 -37.96 18.41 17.22
CA LEU G 452 -37.29 19.66 16.92
C LEU G 452 -35.82 19.45 16.62
N TYR G 453 -35.27 20.39 15.86
CA TYR G 453 -33.85 20.41 15.53
C TYR G 453 -33.36 21.85 15.64
N ARG G 454 -32.05 22.00 15.86
CA ARG G 454 -31.44 23.31 15.92
C ARG G 454 -31.03 23.71 14.51
N LEU G 455 -31.44 24.91 14.10
CA LEU G 455 -31.14 25.45 12.78
C LEU G 455 -30.00 26.45 12.77
N PHE G 456 -29.89 27.30 13.78
CA PHE G 456 -28.88 28.36 13.83
C PHE G 456 -28.03 28.25 15.08
N ARG G 457 -26.71 28.25 14.85
CA ARG G 457 -25.68 28.28 15.88
C ARG G 457 -24.47 28.95 15.24
N LYS G 458 -23.59 29.50 16.08
CA LYS G 458 -22.38 30.12 15.53
C LYS G 458 -21.20 29.16 15.50
N SER G 459 -21.10 28.26 16.45
CA SER G 459 -20.00 27.30 16.54
C SER G 459 -20.49 25.95 16.04
N ASN G 460 -19.55 25.10 15.65
CA ASN G 460 -19.91 23.76 15.24
C ASN G 460 -19.86 22.85 16.47
N LEU G 461 -20.63 21.76 16.42
CA LEU G 461 -20.59 20.84 17.53
C LEU G 461 -19.41 19.90 17.46
N LYS G 462 -19.05 19.39 18.62
CA LYS G 462 -18.03 18.38 18.80
C LYS G 462 -18.72 17.01 18.88
N PRO G 463 -17.99 15.92 18.70
CA PRO G 463 -18.62 14.59 18.80
C PRO G 463 -19.34 14.38 20.12
N PHE G 464 -20.56 13.83 20.03
CA PHE G 464 -21.40 13.55 21.19
C PHE G 464 -21.69 14.78 22.04
N GLU G 465 -21.65 15.97 21.45
CA GLU G 465 -22.01 17.18 22.17
C GLU G 465 -23.52 17.33 22.22
N ARG G 466 -24.03 17.77 23.37
CA ARG G 466 -25.47 17.99 23.60
C ARG G 466 -25.75 19.48 23.78
N ASP G 467 -26.22 20.13 22.71
CA ASP G 467 -26.54 21.56 22.73
C ASP G 467 -28.03 21.72 23.03
N ILE G 468 -28.36 22.12 24.27
CA ILE G 468 -29.74 22.27 24.72
C ILE G 468 -30.03 23.70 25.15
N SER G 469 -29.23 24.67 24.69
CA SER G 469 -29.51 26.06 25.02
C SER G 469 -30.83 26.50 24.40
N THR G 470 -31.56 27.32 25.15
CA THR G 470 -32.84 27.87 24.72
C THR G 470 -32.77 29.37 24.45
N GLU G 471 -31.56 29.93 24.40
CA GLU G 471 -31.38 31.36 24.19
C GLU G 471 -31.56 31.73 22.72
N ILE G 472 -31.91 32.99 22.51
CA ILE G 472 -32.06 33.54 21.17
C ILE G 472 -30.67 33.83 20.64
N TYR G 473 -30.40 33.40 19.40
CA TYR G 473 -29.10 33.60 18.79
C TYR G 473 -29.21 34.73 17.78
N GLN G 474 -28.15 35.51 17.67
CA GLN G 474 -28.09 36.68 16.80
C GLN G 474 -27.38 36.36 15.50
N ALA G 475 -28.05 36.57 14.38
CA ALA G 475 -27.43 36.28 13.09
C ALA G 475 -26.59 37.47 12.64
N GLY G 476 -27.06 38.68 12.95
CA GLY G 476 -26.36 39.89 12.61
C GLY G 476 -25.60 40.42 13.81
N SER G 477 -25.11 41.65 13.67
CA SER G 477 -24.36 42.28 14.76
C SER G 477 -25.29 42.90 15.80
N THR G 478 -26.57 43.04 15.50
CA THR G 478 -27.53 43.69 16.38
C THR G 478 -27.68 42.93 17.71
N PRO G 479 -27.43 43.56 18.85
CA PRO G 479 -27.72 42.89 20.12
C PRO G 479 -29.23 42.70 20.27
N CYS G 480 -29.61 41.59 20.92
CA CYS G 480 -31.02 41.32 21.19
C CYS G 480 -31.23 40.80 22.60
N ASN G 481 -32.39 41.14 23.12
CA ASN G 481 -32.93 40.64 24.38
C ASN G 481 -34.39 40.36 24.05
N GLY G 482 -34.74 39.09 23.91
CA GLY G 482 -36.03 38.77 23.34
C GLY G 482 -35.95 39.15 21.87
N VAL G 483 -36.86 39.99 21.38
CA VAL G 483 -36.89 40.44 19.97
C VAL G 483 -37.36 39.30 19.10
N GLU G 484 -36.61 38.20 19.09
CA GLU G 484 -36.98 36.97 18.38
C GLU G 484 -37.33 37.23 16.92
N GLY G 485 -36.51 38.04 16.25
CA GLY G 485 -36.76 38.34 14.86
C GLY G 485 -35.71 39.28 14.31
N PHE G 486 -35.96 39.72 13.08
CA PHE G 486 -35.08 40.62 12.35
C PHE G 486 -33.69 39.97 12.21
N ASN G 487 -32.69 40.35 13.01
CA ASN G 487 -31.34 39.80 12.94
C ASN G 487 -31.05 38.76 14.01
N CYS G 488 -32.06 38.34 14.76
CA CYS G 488 -31.87 37.35 15.81
C CYS G 488 -33.13 36.49 15.87
N TYR G 489 -32.92 35.19 16.08
CA TYR G 489 -33.98 34.20 16.01
C TYR G 489 -33.85 33.15 17.12
N PHE G 490 -35.00 32.55 17.43
CA PHE G 490 -35.02 31.39 18.31
C PHE G 490 -34.36 30.25 17.54
N PRO G 491 -33.32 29.59 18.06
CA PRO G 491 -32.56 28.63 17.23
C PRO G 491 -33.26 27.33 16.88
N LEU G 492 -34.38 26.95 17.49
CA LEU G 492 -34.98 25.65 17.21
C LEU G 492 -36.18 25.74 16.28
N GLN G 493 -36.36 24.70 15.47
CA GLN G 493 -37.47 24.55 14.55
C GLN G 493 -38.05 23.15 14.68
N SER G 494 -39.35 23.03 14.39
CA SER G 494 -40.02 21.74 14.34
C SER G 494 -40.15 21.24 12.90
N TYR G 495 -40.09 19.92 12.73
CA TYR G 495 -40.24 19.30 11.43
C TYR G 495 -41.71 19.16 11.05
N GLY G 496 -42.01 19.37 9.77
CA GLY G 496 -43.34 19.13 9.26
C GLY G 496 -43.56 17.66 8.94
N PHE G 497 -43.56 16.77 9.95
CA PHE G 497 -43.68 15.33 9.68
C PHE G 497 -45.14 14.96 9.49
N GLN G 498 -45.57 14.92 8.23
CA GLN G 498 -46.93 14.59 7.89
C GLN G 498 -46.98 13.25 7.14
N PRO G 499 -48.03 12.43 7.33
CA PRO G 499 -48.07 11.14 6.63
C PRO G 499 -48.13 11.25 5.13
N THR G 500 -48.50 12.41 4.59
CA THR G 500 -48.66 12.61 3.15
C THR G 500 -47.48 13.33 2.50
N ASN G 501 -46.39 13.56 3.21
CA ASN G 501 -45.28 14.27 2.60
C ASN G 501 -44.43 13.29 1.80
N GLY G 502 -43.39 13.79 1.14
CA GLY G 502 -42.54 12.94 0.34
C GLY G 502 -41.62 12.12 1.21
N VAL G 503 -40.94 11.16 0.58
CA VAL G 503 -40.10 10.21 1.31
C VAL G 503 -38.99 10.95 2.05
N GLY G 504 -38.40 11.96 1.42
CA GLY G 504 -37.30 12.67 2.04
C GLY G 504 -37.67 13.47 3.27
N TYR G 505 -38.96 13.72 3.48
CA TYR G 505 -39.46 14.49 4.62
C TYR G 505 -40.13 13.64 5.68
N GLN G 506 -40.09 12.32 5.55
CA GLN G 506 -40.72 11.46 6.54
C GLN G 506 -39.80 11.31 7.75
N PRO G 507 -40.34 11.10 8.94
CA PRO G 507 -39.47 10.87 10.09
C PRO G 507 -38.82 9.49 10.01
N TYR G 508 -37.59 9.42 10.52
CA TYR G 508 -36.85 8.18 10.68
C TYR G 508 -36.34 8.07 12.11
N ARG G 509 -36.43 6.86 12.65
CA ARG G 509 -35.93 6.56 13.98
C ARG G 509 -34.51 6.03 13.82
N VAL G 510 -33.58 6.67 14.52
CA VAL G 510 -32.15 6.35 14.44
C VAL G 510 -31.65 5.93 15.82
N VAL G 511 -30.98 4.79 15.86
CA VAL G 511 -30.33 4.26 17.04
C VAL G 511 -28.85 4.13 16.68
N VAL G 512 -27.98 4.74 17.45
CA VAL G 512 -26.54 4.64 17.21
C VAL G 512 -25.93 3.92 18.41
N LEU G 513 -25.28 2.80 18.13
CA LEU G 513 -24.63 1.97 19.13
C LEU G 513 -23.12 2.18 19.05
N SER G 514 -22.54 2.79 20.08
CA SER G 514 -21.11 3.08 20.11
C SER G 514 -20.52 2.22 21.21
N PHE G 515 -19.26 1.81 21.05
CA PHE G 515 -18.68 0.98 22.10
C PHE G 515 -17.16 0.85 22.05
N GLU G 516 -16.64 0.43 23.21
CA GLU G 516 -15.26 -0.01 23.39
C GLU G 516 -15.24 -1.53 23.26
N LEU G 517 -14.35 -2.02 22.39
CA LEU G 517 -14.26 -3.43 22.05
C LEU G 517 -12.93 -4.09 22.43
N LEU G 518 -13.01 -5.09 23.31
CA LEU G 518 -11.87 -5.92 23.76
C LEU G 518 -10.72 -5.16 24.46
N HIS G 519 -10.98 -4.06 25.17
CA HIS G 519 -9.91 -3.33 25.85
C HIS G 519 -10.16 -3.17 27.35
N ALA G 520 -11.10 -3.93 27.92
CA ALA G 520 -11.47 -3.72 29.32
C ALA G 520 -12.32 -4.89 29.79
N PRO G 521 -12.61 -5.03 31.09
CA PRO G 521 -13.58 -6.05 31.50
C PRO G 521 -14.88 -5.78 30.78
N ALA G 522 -15.54 -6.85 30.30
CA ALA G 522 -16.73 -6.67 29.49
C ALA G 522 -18.00 -6.98 30.25
N THR G 523 -19.10 -6.36 29.77
CA THR G 523 -20.43 -6.52 30.33
C THR G 523 -21.48 -7.00 29.34
N VAL G 524 -21.28 -6.84 28.04
CA VAL G 524 -22.25 -7.26 27.03
C VAL G 524 -21.58 -8.17 26.02
N CYS G 525 -22.07 -9.40 25.92
CA CYS G 525 -21.49 -10.44 25.07
C CYS G 525 -22.51 -10.93 24.05
N GLY G 526 -21.99 -11.51 22.98
CA GLY G 526 -22.82 -12.14 21.99
C GLY G 526 -23.40 -13.45 22.47
N PRO G 527 -24.14 -14.13 21.58
CA PRO G 527 -24.86 -15.38 21.94
C PRO G 527 -23.95 -16.59 22.02
N LYS G 528 -23.06 -16.59 23.02
CA LYS G 528 -22.09 -17.65 23.23
C LYS G 528 -22.31 -18.28 24.59
N LYS G 529 -21.90 -19.54 24.73
CA LYS G 529 -21.98 -20.27 25.98
C LYS G 529 -20.59 -20.66 26.44
N SER G 530 -20.40 -20.68 27.76
CA SER G 530 -19.13 -21.11 28.34
C SER G 530 -19.04 -22.62 28.39
N THR G 531 -17.81 -23.13 28.30
CA THR G 531 -17.48 -24.53 28.50
C THR G 531 -16.41 -24.65 29.57
N ASN G 532 -16.02 -25.89 29.84
CA ASN G 532 -14.97 -26.14 30.83
C ASN G 532 -13.64 -25.71 30.24
N LEU G 533 -12.76 -25.19 31.09
CA LEU G 533 -11.44 -24.74 30.64
C LEU G 533 -10.42 -25.86 30.80
N VAL G 534 -9.56 -25.99 29.80
CA VAL G 534 -8.53 -27.02 29.75
C VAL G 534 -7.16 -26.37 29.83
N LYS G 535 -6.32 -26.87 30.74
CA LYS G 535 -4.97 -26.39 30.98
C LYS G 535 -3.93 -27.42 30.54
N ASN G 536 -2.73 -26.92 30.25
CA ASN G 536 -1.55 -27.73 29.91
C ASN G 536 -1.71 -28.55 28.64
N LYS G 537 -2.58 -28.13 27.72
CA LYS G 537 -2.74 -28.77 26.43
C LYS G 537 -2.76 -27.69 25.36
N CYS G 538 -2.47 -28.06 24.11
CA CYS G 538 -2.56 -27.08 23.04
C CYS G 538 -4.03 -26.90 22.71
N VAL G 539 -4.53 -25.69 22.92
CA VAL G 539 -5.94 -25.35 22.82
C VAL G 539 -6.17 -24.18 21.88
N ASN G 540 -7.21 -24.28 21.07
CA ASN G 540 -7.69 -23.19 20.23
C ASN G 540 -8.70 -22.47 21.12
N PHE G 541 -8.38 -21.25 21.57
CA PHE G 541 -9.19 -20.57 22.57
C PHE G 541 -9.82 -19.29 22.05
N ASN G 542 -10.89 -18.91 22.77
CA ASN G 542 -11.59 -17.64 22.59
C ASN G 542 -12.00 -17.15 23.98
N PHE G 543 -11.27 -16.17 24.52
CA PHE G 543 -11.56 -15.58 25.83
C PHE G 543 -12.19 -14.21 25.64
N ASN G 544 -13.50 -14.16 25.85
CA ASN G 544 -14.27 -12.91 25.77
C ASN G 544 -14.06 -12.17 24.44
N GLY G 545 -13.94 -12.93 23.36
CA GLY G 545 -13.74 -12.34 22.05
C GLY G 545 -12.29 -12.27 21.58
N LEU G 546 -11.33 -12.65 22.44
CA LEU G 546 -9.91 -12.62 22.10
C LEU G 546 -9.51 -14.05 21.80
N THR G 547 -9.21 -14.32 20.52
CA THR G 547 -8.96 -15.67 20.07
C THR G 547 -7.48 -15.93 19.88
N GLY G 548 -7.14 -17.20 19.73
CA GLY G 548 -5.78 -17.58 19.45
C GLY G 548 -5.57 -19.05 19.69
N THR G 549 -4.31 -19.47 19.54
CA THR G 549 -3.91 -20.85 19.75
C THR G 549 -2.75 -20.87 20.75
N GLY G 550 -2.82 -21.74 21.73
CA GLY G 550 -1.73 -21.84 22.68
C GLY G 550 -2.08 -22.78 23.81
N VAL G 551 -1.21 -22.80 24.82
CA VAL G 551 -1.35 -23.64 26.00
C VAL G 551 -1.62 -22.73 27.18
N LEU G 552 -2.69 -23.03 27.91
CA LEU G 552 -3.09 -22.28 29.09
C LEU G 552 -2.45 -22.87 30.32
N THR G 553 -1.94 -22.00 31.20
CA THR G 553 -1.40 -22.44 32.48
C THR G 553 -1.83 -21.46 33.56
N GLU G 554 -1.74 -21.89 34.83
CA GLU G 554 -2.01 -20.95 35.90
C GLU G 554 -0.91 -19.89 35.91
N SER G 555 -1.30 -18.65 36.11
CA SER G 555 -0.36 -17.54 36.15
C SER G 555 0.08 -17.18 37.56
N ASN G 556 1.30 -16.67 37.67
CA ASN G 556 1.83 -16.14 38.92
C ASN G 556 1.69 -14.64 39.00
N LYS G 557 1.05 -14.00 38.02
CA LYS G 557 0.84 -12.57 37.97
C LYS G 557 -0.46 -12.19 38.65
N LYS G 558 -0.50 -10.96 39.17
CA LYS G 558 -1.71 -10.41 39.77
C LYS G 558 -2.06 -9.13 39.05
N PHE G 559 -3.28 -9.07 38.51
CA PHE G 559 -3.77 -7.90 37.81
C PHE G 559 -4.39 -6.93 38.78
N LEU G 560 -4.33 -5.64 38.43
CA LEU G 560 -4.98 -4.64 39.24
C LEU G 560 -6.49 -4.84 39.11
N PRO G 561 -7.28 -4.35 40.06
CA PRO G 561 -8.74 -4.58 40.00
C PRO G 561 -9.38 -4.20 38.68
N PHE G 562 -8.81 -3.25 37.93
CA PHE G 562 -9.38 -2.81 36.67
C PHE G 562 -8.71 -3.42 35.44
N GLN G 563 -7.61 -4.16 35.59
CA GLN G 563 -6.87 -4.68 34.44
C GLN G 563 -7.37 -6.07 34.07
N GLN G 564 -7.71 -6.24 32.79
CA GLN G 564 -8.26 -7.49 32.27
C GLN G 564 -7.26 -8.34 31.50
N PHE G 565 -6.29 -7.74 30.81
CA PHE G 565 -5.38 -8.49 29.96
C PHE G 565 -3.94 -8.12 30.22
N GLY G 566 -3.05 -9.08 30.02
CA GLY G 566 -1.62 -8.86 30.04
C GLY G 566 -1.06 -9.00 28.64
N ARG G 567 -0.05 -8.20 28.31
CA ARG G 567 0.54 -8.23 26.98
C ARG G 567 2.06 -8.23 27.10
N ASP G 568 2.69 -8.88 26.12
CA ASP G 568 4.13 -9.07 26.07
C ASP G 568 4.82 -7.87 25.42
N ILE G 569 6.15 -7.94 25.33
CA ILE G 569 6.94 -6.87 24.73
C ILE G 569 6.64 -6.75 23.25
N ALA G 570 6.12 -7.81 22.64
CA ALA G 570 5.76 -7.85 21.23
C ALA G 570 4.36 -7.31 20.99
N ASP G 571 3.68 -6.87 22.05
CA ASP G 571 2.29 -6.42 22.01
C ASP G 571 1.36 -7.55 21.58
N THR G 572 1.57 -8.71 22.19
CA THR G 572 0.73 -9.89 21.99
C THR G 572 0.27 -10.29 23.38
N THR G 573 -0.80 -11.07 23.46
CA THR G 573 -1.30 -11.47 24.77
C THR G 573 -0.37 -12.46 25.44
N ASP G 574 0.01 -12.19 26.68
CA ASP G 574 0.81 -13.13 27.47
C ASP G 574 -0.02 -13.79 28.56
N ALA G 575 -1.07 -13.11 29.03
CA ALA G 575 -1.92 -13.63 30.08
C ALA G 575 -3.29 -12.98 29.94
N VAL G 576 -4.29 -13.68 30.46
CA VAL G 576 -5.68 -13.23 30.46
C VAL G 576 -6.31 -13.51 31.81
N ARG G 577 -7.19 -12.61 32.25
CA ARG G 577 -8.04 -12.88 33.40
C ARG G 577 -9.30 -13.52 32.86
N ASP G 578 -9.52 -14.78 33.23
CA ASP G 578 -10.64 -15.54 32.65
C ASP G 578 -11.97 -14.85 32.93
N PRO G 579 -12.82 -14.64 31.92
CA PRO G 579 -14.10 -13.93 32.14
C PRO G 579 -15.14 -14.69 32.95
N GLN G 580 -15.00 -16.01 33.13
CA GLN G 580 -15.99 -16.80 33.86
C GLN G 580 -15.64 -16.95 35.32
N THR G 581 -14.37 -17.17 35.64
CA THR G 581 -13.87 -17.26 37.00
C THR G 581 -12.68 -16.32 36.99
N LEU G 582 -12.56 -15.47 38.00
CA LEU G 582 -11.52 -14.43 37.92
C LEU G 582 -10.14 -14.94 38.34
N GLU G 583 -9.64 -15.87 37.53
CA GLU G 583 -8.32 -16.46 37.68
C GLU G 583 -7.41 -15.76 36.67
N ILE G 584 -6.12 -15.69 36.97
CA ILE G 584 -5.16 -15.14 36.01
C ILE G 584 -4.48 -16.34 35.37
N LEU G 585 -4.56 -16.44 34.04
CA LEU G 585 -3.97 -17.52 33.28
C LEU G 585 -2.91 -17.00 32.32
N ASP G 586 -1.84 -17.77 32.13
CA ASP G 586 -0.82 -17.45 31.15
C ASP G 586 -1.16 -18.22 29.88
N ILE G 587 -0.74 -17.69 28.73
CA ILE G 587 -0.92 -18.36 27.45
C ILE G 587 0.42 -18.39 26.71
N THR G 588 0.85 -19.59 26.31
CA THR G 588 2.13 -19.78 25.62
C THR G 588 1.95 -20.49 24.27
N PRO G 589 2.66 -20.10 23.20
CA PRO G 589 2.54 -20.85 21.94
C PRO G 589 2.90 -22.32 22.11
N CYS G 590 2.24 -23.17 21.30
CA CYS G 590 2.36 -24.62 21.45
C CYS G 590 3.69 -25.24 21.02
N SER G 591 4.53 -24.59 20.20
CA SER G 591 5.76 -25.28 19.79
C SER G 591 6.85 -24.31 19.34
N PHE G 592 8.10 -24.77 19.50
CA PHE G 592 9.29 -24.07 19.00
C PHE G 592 9.82 -24.60 17.68
N GLY G 593 9.29 -25.70 17.16
CA GLY G 593 9.81 -26.26 15.92
C GLY G 593 11.26 -26.68 16.03
N GLY G 594 12.08 -26.20 15.08
CA GLY G 594 13.49 -26.51 15.06
C GLY G 594 13.81 -27.84 14.43
N VAL G 595 13.35 -28.08 13.19
CA VAL G 595 13.51 -29.36 12.52
C VAL G 595 14.31 -29.18 11.24
N SER G 596 15.30 -30.04 11.04
CA SER G 596 16.13 -30.05 9.83
C SER G 596 16.27 -31.51 9.43
N VAL G 597 16.48 -31.78 8.15
CA VAL G 597 16.60 -33.17 7.69
C VAL G 597 17.96 -33.39 7.06
N ILE G 598 18.61 -34.48 7.47
CA ILE G 598 19.91 -34.90 6.97
C ILE G 598 19.61 -35.83 5.82
N THR G 599 20.02 -35.44 4.61
CA THR G 599 19.66 -36.20 3.42
C THR G 599 20.88 -36.57 2.57
N PRO G 600 21.09 -37.85 2.27
CA PRO G 600 22.14 -38.21 1.31
C PRO G 600 21.59 -37.93 -0.07
N GLY G 601 22.47 -37.90 -1.07
CA GLY G 601 21.98 -37.63 -2.41
C GLY G 601 21.00 -38.69 -2.86
N THR G 602 19.99 -38.24 -3.62
CA THR G 602 18.91 -39.11 -4.09
C THR G 602 19.33 -40.05 -5.21
N ASN G 603 20.53 -39.91 -5.73
CA ASN G 603 21.02 -40.83 -6.76
C ASN G 603 21.68 -42.05 -6.15
N THR G 604 21.70 -42.16 -4.82
CA THR G 604 22.27 -43.29 -4.10
C THR G 604 21.25 -43.99 -3.22
N SER G 605 20.55 -43.26 -2.36
CA SER G 605 19.62 -43.85 -1.41
C SER G 605 18.55 -42.83 -1.03
N ASN G 606 17.35 -43.33 -0.74
CA ASN G 606 16.25 -42.49 -0.30
C ASN G 606 16.08 -42.46 1.21
N GLN G 607 17.02 -43.00 1.97
CA GLN G 607 16.94 -42.96 3.42
C GLN G 607 17.31 -41.57 3.90
N VAL G 608 16.58 -41.07 4.88
CA VAL G 608 16.85 -39.79 5.51
C VAL G 608 16.81 -39.92 7.03
N ALA G 609 17.39 -38.93 7.69
CA ALA G 609 17.36 -38.81 9.14
C ALA G 609 16.91 -37.40 9.48
N VAL G 610 16.22 -37.23 10.60
CA VAL G 610 15.68 -35.92 10.96
C VAL G 610 16.25 -35.48 12.30
N LEU G 611 16.79 -34.26 12.34
CA LEU G 611 17.32 -33.62 13.53
C LEU G 611 16.28 -32.70 14.12
N TYR G 612 16.01 -32.85 15.43
CA TYR G 612 15.11 -32.00 16.18
C TYR G 612 15.98 -31.18 17.12
N GLN G 613 16.12 -29.90 16.78
CA GLN G 613 17.06 -29.00 17.44
C GLN G 613 16.75 -28.78 18.91
N ASP G 614 15.47 -28.72 19.27
CA ASP G 614 15.04 -28.45 20.64
C ASP G 614 14.37 -29.63 21.34
N VAL G 615 14.64 -30.85 20.92
CA VAL G 615 14.08 -32.04 21.55
C VAL G 615 15.19 -32.74 22.31
N ASN G 616 14.95 -32.99 23.59
CA ASN G 616 15.88 -33.72 24.44
C ASN G 616 15.35 -35.14 24.51
N CYS G 617 15.96 -36.03 23.73
CA CYS G 617 15.49 -37.40 23.64
C CYS G 617 15.99 -38.29 24.77
N THR G 618 16.76 -37.76 25.73
CA THR G 618 17.26 -38.52 26.87
C THR G 618 16.78 -37.98 28.21
N GLU G 619 16.64 -36.67 28.34
CA GLU G 619 16.22 -36.03 29.59
C GLU G 619 17.08 -36.48 30.77
N THR G 632 5.13 -38.17 21.26
CA THR G 632 5.63 -37.24 22.27
C THR G 632 6.93 -36.58 21.80
N TRP G 633 7.58 -35.85 22.71
CA TRP G 633 8.87 -35.22 22.45
C TRP G 633 8.86 -34.30 21.22
N ARG G 634 7.68 -33.89 20.73
CA ARG G 634 7.59 -33.10 19.49
C ARG G 634 8.32 -33.80 18.35
N VAL G 635 8.11 -35.11 18.23
CA VAL G 635 8.75 -35.92 17.20
C VAL G 635 7.69 -36.43 16.21
N TYR G 636 7.97 -36.21 14.92
CA TYR G 636 7.06 -36.64 13.86
C TYR G 636 6.90 -38.16 13.86
N SER G 637 8.01 -38.89 13.84
CA SER G 637 8.05 -40.34 13.90
C SER G 637 9.37 -40.72 14.53
N THR G 638 9.46 -41.96 15.04
CA THR G 638 10.72 -42.40 15.64
C THR G 638 11.37 -43.57 14.91
N GLY G 639 11.06 -44.82 15.29
CA GLY G 639 11.71 -45.95 14.66
C GLY G 639 13.08 -46.27 15.24
N SER G 640 13.32 -45.92 16.50
CA SER G 640 14.60 -46.14 17.18
C SER G 640 15.69 -45.32 16.50
N ASN G 641 16.96 -45.70 16.67
CA ASN G 641 18.08 -44.93 16.14
C ASN G 641 18.05 -43.47 16.62
N VAL G 642 17.86 -43.30 17.93
CA VAL G 642 17.75 -41.97 18.53
C VAL G 642 19.10 -41.61 19.15
N PHE G 643 19.73 -40.54 18.64
CA PHE G 643 21.04 -40.09 19.09
C PHE G 643 20.95 -38.61 19.51
N GLN G 644 21.06 -38.36 20.81
CA GLN G 644 20.99 -36.99 21.33
C GLN G 644 22.35 -36.32 21.19
N THR G 645 22.36 -35.04 20.78
CA THR G 645 23.59 -34.26 20.70
C THR G 645 23.36 -32.89 21.32
N ARG G 646 24.42 -32.10 21.42
CA ARG G 646 24.27 -30.73 21.93
C ARG G 646 23.47 -29.87 20.96
N ALA G 647 23.33 -30.31 19.72
CA ALA G 647 22.58 -29.64 18.67
C ALA G 647 21.13 -30.10 18.66
N GLY G 648 20.75 -31.00 19.56
CA GLY G 648 19.44 -31.59 19.61
C GLY G 648 19.53 -33.06 19.27
N CYS G 649 18.41 -33.77 19.48
CA CYS G 649 18.43 -35.18 19.13
C CYS G 649 18.03 -35.40 17.69
N LEU G 650 18.63 -36.40 17.06
CA LEU G 650 18.30 -36.80 15.71
C LEU G 650 17.84 -38.25 15.71
N ILE G 651 16.96 -38.56 14.78
CA ILE G 651 16.40 -39.89 14.64
C ILE G 651 16.56 -40.40 13.22
N GLY G 652 17.08 -41.61 13.11
CA GLY G 652 17.23 -42.34 11.87
C GLY G 652 18.66 -42.73 11.54
N ALA G 653 19.65 -42.02 12.08
CA ALA G 653 21.04 -42.36 11.87
C ALA G 653 21.55 -43.25 13.00
N GLU G 654 22.52 -44.09 12.70
CA GLU G 654 23.13 -44.92 13.73
C GLU G 654 24.13 -44.07 14.49
N HIS G 655 24.34 -44.40 15.76
CA HIS G 655 25.37 -43.74 16.56
C HIS G 655 26.59 -44.64 16.62
N VAL G 656 27.68 -44.18 16.04
CA VAL G 656 28.95 -44.90 15.98
C VAL G 656 29.98 -44.07 16.73
N ASN G 657 30.72 -44.70 17.65
CA ASN G 657 31.68 -43.99 18.48
C ASN G 657 33.09 -44.03 17.91
N ASN G 658 33.26 -44.50 16.68
CA ASN G 658 34.55 -44.51 15.99
C ASN G 658 34.67 -43.21 15.20
N SER G 659 35.54 -42.31 15.65
CA SER G 659 35.62 -41.01 15.02
C SER G 659 36.08 -41.17 13.58
N TYR G 660 35.72 -40.21 12.74
CA TYR G 660 36.02 -40.32 11.33
C TYR G 660 36.04 -38.92 10.72
N GLU G 661 36.33 -38.86 9.42
CA GLU G 661 36.34 -37.62 8.67
C GLU G 661 34.92 -37.13 8.47
N CYS G 662 34.71 -35.82 8.59
CA CYS G 662 33.39 -35.26 8.43
C CYS G 662 33.03 -35.12 6.96
N ASP G 663 31.76 -35.39 6.68
CA ASP G 663 31.15 -35.30 5.36
C ASP G 663 30.00 -34.31 5.38
N ILE G 664 28.89 -34.67 6.01
CA ILE G 664 27.74 -33.78 6.13
C ILE G 664 27.76 -33.23 7.55
N PRO G 665 28.10 -31.96 7.77
CA PRO G 665 28.23 -31.49 9.15
C PRO G 665 26.85 -31.38 9.77
N ILE G 666 26.76 -31.70 11.07
CA ILE G 666 25.51 -31.53 11.82
C ILE G 666 25.60 -30.35 12.78
N GLY G 667 26.66 -30.30 13.56
CA GLY G 667 26.85 -29.22 14.51
C GLY G 667 27.32 -29.72 15.86
N ALA G 668 27.94 -28.80 16.61
CA ALA G 668 28.41 -29.04 17.97
C ALA G 668 29.27 -30.30 18.06
N GLY G 669 30.16 -30.47 17.10
CA GLY G 669 31.08 -31.58 17.15
C GLY G 669 30.59 -32.85 16.50
N ILE G 670 29.33 -32.89 16.04
CA ILE G 670 28.75 -34.09 15.45
C ILE G 670 28.60 -33.86 13.95
N CYS G 671 28.80 -34.95 13.20
CA CYS G 671 28.71 -34.94 11.74
C CYS G 671 28.09 -36.27 11.32
N ALA G 672 27.82 -36.41 10.02
CA ALA G 672 27.24 -37.65 9.52
C ALA G 672 27.69 -37.90 8.08
N SER G 673 27.59 -39.17 7.70
CA SER G 673 27.91 -39.63 6.37
C SER G 673 27.06 -40.86 6.08
N TYR G 674 27.06 -41.28 4.81
CA TYR G 674 26.31 -42.46 4.38
C TYR G 674 27.31 -43.57 4.14
N GLN G 675 27.13 -44.70 4.81
CA GLN G 675 28.10 -45.80 4.78
C GLN G 675 27.42 -47.13 4.49
N THR G 676 28.18 -48.04 3.90
CA THR G 676 27.72 -49.38 3.63
C THR G 676 27.94 -50.24 4.87
N SER G 689 24.18 -53.56 3.45
CA SER G 689 23.80 -53.03 4.76
C SER G 689 24.14 -51.55 4.85
N GLN G 690 23.47 -50.74 4.05
CA GLN G 690 23.74 -49.31 3.99
C GLN G 690 22.87 -48.56 4.99
N SER G 691 23.43 -47.50 5.58
CA SER G 691 22.67 -46.64 6.47
C SER G 691 23.39 -45.32 6.61
N ILE G 692 22.69 -44.36 7.22
CA ILE G 692 23.26 -43.07 7.57
C ILE G 692 23.90 -43.23 8.95
N ILE G 693 25.17 -42.83 9.05
CA ILE G 693 25.96 -42.95 10.27
C ILE G 693 26.22 -41.56 10.83
N ALA G 694 25.94 -41.39 12.12
CA ALA G 694 26.23 -40.17 12.86
C ALA G 694 27.44 -40.45 13.74
N TYR G 695 28.36 -39.49 13.82
CA TYR G 695 29.58 -39.71 14.58
C TYR G 695 30.20 -38.39 15.04
N THR G 696 31.10 -38.52 16.00
CA THR G 696 31.91 -37.41 16.47
C THR G 696 33.00 -37.18 15.44
N MET G 697 33.27 -35.92 15.11
CA MET G 697 34.28 -35.63 14.10
C MET G 697 35.69 -35.86 14.64
N SER G 698 36.54 -36.36 13.75
CA SER G 698 37.97 -36.49 13.99
C SER G 698 38.62 -35.21 13.50
N LEU G 699 39.32 -34.51 14.39
CA LEU G 699 39.88 -33.23 13.98
C LEU G 699 41.13 -33.45 13.13
N GLY G 700 41.84 -34.54 13.35
CA GLY G 700 43.06 -34.81 12.62
C GLY G 700 43.74 -36.01 13.23
N ALA G 701 44.82 -36.42 12.58
CA ALA G 701 45.57 -37.56 13.11
C ALA G 701 46.34 -37.08 14.33
N GLU G 702 46.47 -37.96 15.32
CA GLU G 702 47.31 -37.62 16.45
C GLU G 702 48.75 -37.91 16.13
N ASN G 703 49.63 -37.08 16.67
CA ASN G 703 51.05 -37.20 16.48
C ASN G 703 51.73 -36.64 17.70
N SER G 704 53.06 -36.70 17.71
CA SER G 704 53.82 -36.15 18.82
C SER G 704 55.20 -35.81 18.30
N CYS G 705 55.91 -34.99 19.07
CA CYS G 705 57.28 -34.65 18.75
C CYS G 705 58.05 -34.57 20.05
N ALA G 706 59.12 -35.34 20.15
CA ALA G 706 59.89 -35.36 21.39
C ALA G 706 60.55 -34.01 21.60
N TYR G 707 60.62 -33.58 22.86
CA TYR G 707 61.38 -32.39 23.22
C TYR G 707 62.67 -32.90 23.86
N SER G 708 63.79 -32.66 23.18
CA SER G 708 65.08 -33.11 23.64
C SER G 708 66.03 -31.93 23.52
N ASN G 709 66.57 -31.50 24.66
CA ASN G 709 67.42 -30.32 24.69
C ASN G 709 68.78 -30.55 24.05
N ASN G 710 69.13 -31.80 23.74
CA ASN G 710 70.41 -32.14 23.11
C ASN G 710 70.22 -32.85 21.78
N SER G 711 69.05 -32.74 21.13
CA SER G 711 68.82 -33.43 19.87
C SER G 711 67.97 -32.60 18.91
N ILE G 712 68.35 -32.65 17.64
CA ILE G 712 67.69 -31.99 16.53
C ILE G 712 67.44 -33.00 15.43
N ALA G 713 66.50 -32.68 14.56
CA ALA G 713 66.28 -33.44 13.33
C ALA G 713 66.72 -32.56 12.18
N ILE G 714 67.34 -33.16 11.17
CA ILE G 714 67.79 -32.44 9.98
C ILE G 714 67.34 -33.15 8.71
N PRO G 715 66.73 -32.46 7.74
CA PRO G 715 66.38 -33.12 6.48
C PRO G 715 67.63 -33.62 5.77
N THR G 716 67.51 -34.82 5.20
CA THR G 716 68.56 -35.43 4.40
C THR G 716 68.20 -35.51 2.93
N ASN G 717 66.93 -35.34 2.60
CA ASN G 717 66.42 -35.42 1.24
C ASN G 717 65.31 -34.38 1.16
N PHE G 718 64.83 -34.13 -0.06
CA PHE G 718 63.80 -33.12 -0.25
C PHE G 718 62.98 -33.49 -1.46
N THR G 719 61.82 -32.84 -1.59
CA THR G 719 60.98 -33.01 -2.75
C THR G 719 60.42 -31.68 -3.23
N ILE G 720 60.17 -31.62 -4.53
CA ILE G 720 59.49 -30.49 -5.15
C ILE G 720 58.02 -30.84 -5.16
N SER G 721 57.21 -29.94 -4.62
CA SER G 721 55.77 -30.13 -4.51
C SER G 721 55.08 -29.03 -5.29
N VAL G 722 54.05 -29.42 -6.04
CA VAL G 722 53.27 -28.48 -6.83
C VAL G 722 51.83 -28.54 -6.34
N THR G 723 51.29 -27.39 -5.97
CA THR G 723 49.94 -27.25 -5.45
C THR G 723 49.23 -26.20 -6.27
N THR G 724 47.90 -26.12 -6.13
CA THR G 724 47.12 -25.14 -6.86
C THR G 724 46.37 -24.24 -5.89
N GLU G 725 46.06 -23.03 -6.39
CA GLU G 725 45.25 -22.07 -5.68
C GLU G 725 44.26 -21.50 -6.68
N ILE G 726 42.99 -21.39 -6.31
CA ILE G 726 41.94 -20.93 -7.21
C ILE G 726 41.33 -19.66 -6.63
N LEU G 727 41.25 -18.60 -7.44
CA LEU G 727 40.60 -17.37 -7.01
C LEU G 727 39.64 -16.85 -8.06
N PRO G 728 38.42 -16.43 -7.68
CA PRO G 728 37.59 -15.67 -8.61
C PRO G 728 38.24 -14.33 -8.94
N VAL G 729 38.09 -13.89 -10.18
CA VAL G 729 38.56 -12.58 -10.61
C VAL G 729 37.41 -11.69 -11.04
N SER G 730 36.41 -12.25 -11.72
CA SER G 730 35.31 -11.46 -12.24
C SER G 730 34.05 -12.30 -12.19
N MET G 731 32.92 -11.63 -12.39
CA MET G 731 31.63 -12.30 -12.46
C MET G 731 30.89 -11.69 -13.64
N THR G 732 29.86 -12.42 -14.09
CA THR G 732 29.07 -11.96 -15.22
C THR G 732 28.51 -10.57 -14.96
N LYS G 733 28.70 -9.68 -15.93
CA LYS G 733 28.20 -8.32 -15.84
C LYS G 733 26.75 -8.31 -16.29
N THR G 734 25.87 -7.77 -15.46
CA THR G 734 24.45 -7.75 -15.77
C THR G 734 23.92 -6.33 -15.69
N SER G 735 23.12 -5.98 -16.68
CA SER G 735 22.43 -4.70 -16.77
C SER G 735 20.94 -5.04 -16.80
N VAL G 736 20.13 -4.20 -16.16
CA VAL G 736 18.69 -4.43 -16.11
C VAL G 736 17.98 -3.18 -16.56
N ASP G 737 17.03 -3.35 -17.48
CA ASP G 737 16.17 -2.26 -17.91
C ASP G 737 14.98 -2.32 -16.97
N CYS G 738 14.98 -1.44 -15.98
CA CYS G 738 13.96 -1.48 -14.96
C CYS G 738 12.58 -1.11 -15.50
N THR G 739 12.52 -0.38 -16.62
CA THR G 739 11.22 -0.03 -17.19
C THR G 739 10.60 -1.23 -17.90
N MET G 740 11.38 -1.92 -18.73
CA MET G 740 10.82 -3.08 -19.42
C MET G 740 10.43 -4.16 -18.43
N TYR G 741 11.21 -4.31 -17.36
CA TYR G 741 10.91 -5.31 -16.36
C TYR G 741 9.61 -4.97 -15.63
N ILE G 742 9.46 -3.72 -15.20
CA ILE G 742 8.29 -3.37 -14.40
C ILE G 742 7.04 -3.34 -15.26
N CYS G 743 7.12 -2.71 -16.43
CA CYS G 743 5.96 -2.49 -17.29
C CYS G 743 6.09 -3.27 -18.59
N GLY G 744 5.04 -4.02 -18.92
CA GLY G 744 4.98 -4.79 -20.14
C GLY G 744 4.57 -3.94 -21.33
N ASP G 745 5.35 -2.91 -21.62
CA ASP G 745 5.04 -1.96 -22.69
C ASP G 745 3.64 -1.37 -22.55
N SER G 746 3.26 -1.07 -21.32
CA SER G 746 1.96 -0.47 -21.02
C SER G 746 2.16 1.02 -20.76
N THR G 747 1.47 1.86 -21.53
CA THR G 747 1.61 3.30 -21.36
C THR G 747 1.17 3.72 -19.97
N GLU G 748 0.06 3.14 -19.48
CA GLU G 748 -0.45 3.51 -18.17
C GLU G 748 0.53 3.12 -17.08
N CYS G 749 1.13 1.93 -17.22
CA CYS G 749 2.14 1.48 -16.26
C CYS G 749 3.32 2.43 -16.29
N SER G 750 3.77 2.81 -17.48
CA SER G 750 4.91 3.71 -17.60
C SER G 750 4.62 5.03 -16.93
N ASN G 751 3.41 5.58 -17.17
CA ASN G 751 3.05 6.86 -16.57
C ASN G 751 3.05 6.76 -15.06
N LEU G 752 2.62 5.62 -14.52
CA LEU G 752 2.68 5.44 -13.08
C LEU G 752 4.14 5.30 -12.61
N LEU G 753 4.95 4.61 -13.41
CA LEU G 753 6.36 4.40 -13.08
C LEU G 753 7.11 5.71 -12.98
N LEU G 754 6.72 6.70 -13.80
CA LEU G 754 7.43 7.97 -13.75
C LEU G 754 7.32 8.62 -12.37
N GLN G 755 6.32 8.24 -11.58
CA GLN G 755 6.19 8.81 -10.25
C GLN G 755 7.30 8.30 -9.34
N TYR G 756 7.97 7.19 -9.72
CA TYR G 756 9.06 6.59 -8.97
C TYR G 756 10.31 6.48 -9.83
N GLY G 757 10.36 7.24 -10.93
CA GLY G 757 11.39 7.06 -11.95
C GLY G 757 12.82 7.15 -11.45
N SER G 758 13.07 8.00 -10.45
CA SER G 758 14.44 8.13 -9.98
C SER G 758 14.94 6.88 -9.28
N PHE G 759 14.04 6.00 -8.83
CA PHE G 759 14.49 4.76 -8.19
C PHE G 759 14.95 3.81 -9.27
N CYS G 760 14.26 3.87 -10.41
CA CYS G 760 14.56 3.02 -11.55
C CYS G 760 15.92 3.42 -12.11
N THR G 761 16.12 4.74 -12.25
CA THR G 761 17.40 5.24 -12.73
C THR G 761 18.53 4.89 -11.76
N GLN G 762 18.29 5.08 -10.46
CA GLN G 762 19.34 4.79 -9.47
C GLN G 762 19.75 3.32 -9.51
N LEU G 763 18.78 2.41 -9.65
CA LEU G 763 19.16 1.01 -9.71
C LEU G 763 19.97 0.73 -10.96
N ASN G 764 19.61 1.37 -12.07
CA ASN G 764 20.39 1.20 -13.29
C ASN G 764 21.83 1.68 -13.08
N ARG G 765 21.98 2.81 -12.38
CA ARG G 765 23.33 3.33 -12.14
C ARG G 765 24.15 2.39 -11.28
N ALA G 766 23.53 1.80 -10.25
CA ALA G 766 24.29 0.89 -9.40
C ALA G 766 24.76 -0.33 -10.19
N LEU G 767 23.90 -0.85 -11.07
CA LEU G 767 24.34 -2.01 -11.83
C LEU G 767 25.43 -1.63 -12.82
N THR G 768 25.37 -0.42 -13.37
CA THR G 768 26.42 0.00 -14.27
C THR G 768 27.75 0.07 -13.53
N GLY G 769 27.73 0.64 -12.32
CA GLY G 769 28.96 0.74 -11.54
C GLY G 769 29.56 -0.62 -11.28
N ILE G 770 28.71 -1.62 -11.03
CA ILE G 770 29.21 -2.97 -10.80
C ILE G 770 29.88 -3.49 -12.06
N ALA G 771 29.21 -3.30 -13.21
CA ALA G 771 29.77 -3.78 -14.47
C ALA G 771 31.13 -3.16 -14.73
N VAL G 772 31.30 -1.88 -14.40
CA VAL G 772 32.59 -1.22 -14.61
C VAL G 772 33.64 -1.84 -13.69
N GLU G 773 33.27 -2.10 -12.44
CA GLU G 773 34.23 -2.69 -11.52
C GLU G 773 34.71 -4.05 -11.99
N GLN G 774 33.85 -4.83 -12.65
CA GLN G 774 34.33 -6.15 -13.08
C GLN G 774 35.48 -6.04 -14.07
N ASP G 775 35.47 -5.02 -14.94
CA ASP G 775 36.59 -4.90 -15.87
C ASP G 775 37.79 -4.31 -15.17
N LYS G 776 37.56 -3.42 -14.20
CA LYS G 776 38.70 -2.88 -13.48
C LYS G 776 39.43 -4.00 -12.74
N ASN G 777 38.66 -4.90 -12.11
CA ASN G 777 39.25 -6.00 -11.36
C ASN G 777 40.01 -6.93 -12.28
N THR G 778 39.43 -7.19 -13.46
CA THR G 778 40.09 -8.09 -14.39
C THR G 778 41.42 -7.52 -14.82
N GLN G 779 41.46 -6.22 -15.17
CA GLN G 779 42.74 -5.66 -15.56
C GLN G 779 43.73 -5.64 -14.41
N GLU G 780 43.29 -5.32 -13.19
CA GLU G 780 44.26 -5.26 -12.09
C GLU G 780 44.90 -6.63 -11.86
N VAL G 781 44.12 -7.70 -11.98
CA VAL G 781 44.73 -9.01 -11.82
C VAL G 781 45.64 -9.31 -13.00
N PHE G 782 45.19 -9.00 -14.22
CA PHE G 782 45.92 -9.32 -15.46
C PHE G 782 46.44 -8.12 -16.25
N ALA G 783 46.94 -7.06 -15.60
CA ALA G 783 47.54 -5.96 -16.37
C ALA G 783 48.67 -5.32 -15.58
N GLN G 784 49.61 -6.15 -15.10
CA GLN G 784 50.75 -5.65 -14.35
C GLN G 784 51.98 -5.48 -15.24
N VAL G 785 52.01 -6.12 -16.40
CA VAL G 785 53.15 -6.08 -17.32
C VAL G 785 52.63 -5.55 -18.65
N LYS G 786 53.27 -4.51 -19.16
CA LYS G 786 52.87 -3.85 -20.41
C LYS G 786 53.73 -4.26 -21.59
N GLN G 787 54.52 -5.32 -21.46
CA GLN G 787 55.33 -5.89 -22.52
C GLN G 787 54.86 -7.32 -22.73
N ILE G 788 54.67 -7.70 -23.99
CA ILE G 788 54.20 -9.03 -24.35
C ILE G 788 55.40 -9.80 -24.86
N TYR G 789 55.85 -10.77 -24.08
CA TYR G 789 57.04 -11.54 -24.42
C TYR G 789 56.66 -12.74 -25.28
N LYS G 790 57.46 -13.00 -26.30
CA LYS G 790 57.22 -14.15 -27.15
C LYS G 790 57.56 -15.44 -26.42
N THR G 791 56.80 -16.48 -26.70
CA THR G 791 57.12 -17.77 -26.11
C THR G 791 58.32 -18.35 -26.86
N PRO G 792 59.38 -18.76 -26.18
CA PRO G 792 60.51 -19.35 -26.90
C PRO G 792 60.09 -20.60 -27.64
N PRO G 793 60.78 -20.94 -28.74
CA PRO G 793 60.49 -22.22 -29.41
C PRO G 793 60.89 -23.43 -28.57
N ILE G 794 61.73 -23.25 -27.57
CA ILE G 794 62.18 -24.33 -26.70
C ILE G 794 61.14 -24.46 -25.60
N LYS G 795 60.72 -25.70 -25.33
CA LYS G 795 59.76 -26.01 -24.29
C LYS G 795 60.38 -26.76 -23.12
N ASP G 796 61.66 -27.12 -23.19
CA ASP G 796 62.35 -27.90 -22.17
C ASP G 796 63.65 -27.19 -21.83
N PHE G 797 63.76 -26.67 -20.61
CA PHE G 797 64.89 -25.82 -20.21
C PHE G 797 65.65 -26.47 -19.08
N GLY G 798 66.82 -27.05 -19.38
CA GLY G 798 67.59 -27.66 -18.32
C GLY G 798 66.92 -28.87 -17.72
N GLY G 799 66.08 -29.56 -18.48
CA GLY G 799 65.34 -30.68 -17.95
C GLY G 799 63.95 -30.35 -17.46
N PHE G 800 63.61 -29.06 -17.35
CA PHE G 800 62.30 -28.65 -16.87
C PHE G 800 61.34 -28.55 -18.05
N ASN G 801 60.33 -29.40 -18.04
CA ASN G 801 59.37 -29.54 -19.13
C ASN G 801 58.16 -28.62 -18.92
N PHE G 802 58.00 -27.62 -19.79
CA PHE G 802 56.91 -26.66 -19.72
C PHE G 802 55.87 -26.88 -20.81
N SER G 803 55.89 -28.01 -21.49
CA SER G 803 54.96 -28.21 -22.60
C SER G 803 53.50 -28.21 -22.16
N GLN G 804 53.22 -28.52 -20.89
CA GLN G 804 51.85 -28.49 -20.40
C GLN G 804 51.46 -27.14 -19.81
N ILE G 805 52.40 -26.21 -19.72
CA ILE G 805 52.18 -24.90 -19.12
C ILE G 805 52.05 -23.83 -20.19
N LEU G 806 52.94 -23.84 -21.17
CA LEU G 806 52.96 -22.87 -22.23
C LEU G 806 51.86 -23.16 -23.25
N PRO G 807 51.36 -22.14 -23.95
CA PRO G 807 50.27 -22.38 -24.89
C PRO G 807 50.68 -23.26 -26.05
N ASP G 808 49.71 -24.04 -26.52
CA ASP G 808 49.90 -24.90 -27.68
C ASP G 808 49.50 -24.10 -28.93
N PRO G 809 50.43 -23.71 -29.79
CA PRO G 809 50.08 -22.84 -30.92
C PRO G 809 49.22 -23.51 -31.97
N SER G 810 49.08 -24.84 -31.94
CA SER G 810 48.33 -25.57 -32.95
C SER G 810 46.84 -25.61 -32.71
N LYS G 811 46.35 -25.15 -31.52
CA LYS G 811 44.93 -25.23 -31.22
C LYS G 811 44.27 -23.88 -31.52
N PRO G 812 43.00 -23.85 -31.97
CA PRO G 812 42.31 -22.55 -32.15
C PRO G 812 42.39 -21.65 -30.93
N SER G 813 42.31 -22.24 -29.75
CA SER G 813 42.40 -21.53 -28.49
C SER G 813 43.84 -21.65 -28.02
N LYS G 814 44.52 -20.51 -27.86
CA LYS G 814 45.93 -20.53 -27.51
C LYS G 814 46.04 -20.76 -26.00
N ARG G 815 45.70 -21.98 -25.60
CA ARG G 815 45.63 -22.39 -24.22
C ARG G 815 46.53 -23.61 -24.02
N SER G 816 47.04 -23.78 -22.81
CA SER G 816 47.80 -24.97 -22.51
C SER G 816 46.81 -26.12 -22.29
N PRO G 817 47.27 -27.37 -22.37
CA PRO G 817 46.37 -28.49 -22.00
C PRO G 817 45.73 -28.31 -20.64
N ILE G 818 46.48 -27.77 -19.68
CA ILE G 818 45.90 -27.54 -18.35
C ILE G 818 44.87 -26.44 -18.42
N GLU G 819 45.18 -25.35 -19.14
CA GLU G 819 44.21 -24.28 -19.27
C GLU G 819 42.96 -24.78 -19.99
N ASP G 820 43.16 -25.63 -20.99
CA ASP G 820 42.04 -26.17 -21.73
C ASP G 820 41.16 -27.00 -20.81
N LEU G 821 41.79 -27.77 -19.92
CA LEU G 821 41.01 -28.53 -18.96
C LEU G 821 40.25 -27.60 -18.03
N LEU G 822 40.88 -26.49 -17.64
CA LEU G 822 40.20 -25.56 -16.73
C LEU G 822 38.94 -25.03 -17.39
N PHE G 823 39.04 -24.70 -18.67
CA PHE G 823 37.89 -24.18 -19.41
C PHE G 823 36.84 -25.25 -19.66
N ASN G 824 37.22 -26.52 -19.67
CA ASN G 824 36.27 -27.61 -19.89
C ASN G 824 35.60 -28.12 -18.62
N LYS G 825 35.84 -27.50 -17.47
CA LYS G 825 35.18 -27.90 -16.22
C LYS G 825 34.08 -26.93 -15.80
N VAL G 826 34.24 -25.64 -16.04
CA VAL G 826 33.22 -24.67 -15.65
C VAL G 826 32.19 -24.62 -16.77
N THR G 827 30.91 -24.78 -16.40
CA THR G 827 29.80 -24.78 -17.35
C THR G 827 29.14 -23.41 -17.35
N LEU G 828 29.06 -22.80 -18.54
CA LEU G 828 28.46 -21.49 -18.73
C LEU G 828 27.21 -21.67 -19.58
N ALA G 829 26.06 -21.21 -19.06
CA ALA G 829 24.81 -21.35 -19.78
C ALA G 829 24.76 -20.48 -21.04
N ASP G 830 25.42 -19.33 -21.03
CA ASP G 830 25.34 -18.38 -22.14
C ASP G 830 26.41 -18.70 -23.18
N ALA G 831 25.97 -19.16 -24.35
CA ALA G 831 26.87 -19.56 -25.44
C ALA G 831 27.24 -18.29 -26.20
N GLY G 832 28.01 -17.46 -25.53
CA GLY G 832 28.41 -16.16 -26.04
C GLY G 832 27.40 -15.11 -25.63
N PHE G 833 27.56 -13.91 -26.21
CA PHE G 833 26.78 -12.75 -25.80
C PHE G 833 25.80 -12.24 -26.85
N ILE G 834 25.85 -12.73 -28.09
CA ILE G 834 24.93 -12.30 -29.15
C ILE G 834 23.95 -13.44 -29.36
N LYS G 835 22.68 -13.14 -29.15
CA LYS G 835 21.60 -14.10 -29.31
C LYS G 835 20.75 -13.79 -30.53
N GLN G 836 20.65 -12.50 -30.89
CA GLN G 836 19.85 -11.99 -31.99
C GLN G 836 18.37 -12.11 -31.65
N TYR G 837 17.51 -11.67 -32.56
CA TYR G 837 16.08 -11.74 -32.35
C TYR G 837 15.51 -13.06 -32.87
N GLY G 838 16.20 -13.71 -33.80
CA GLY G 838 15.73 -14.96 -34.33
C GLY G 838 15.95 -16.03 -33.29
N ASP G 839 15.50 -17.25 -33.61
CA ASP G 839 15.51 -18.38 -32.69
C ASP G 839 14.54 -18.11 -31.55
N CYS G 840 14.81 -17.08 -30.75
CA CYS G 840 13.94 -16.71 -29.64
C CYS G 840 12.56 -16.23 -30.13
N LEU G 841 12.41 -15.95 -31.43
CA LEU G 841 11.12 -15.54 -31.96
C LEU G 841 10.10 -16.65 -31.85
N GLY G 842 10.51 -17.90 -32.08
CA GLY G 842 9.60 -19.02 -32.03
C GLY G 842 9.61 -19.63 -30.65
N ASP G 843 8.89 -20.74 -30.51
CA ASP G 843 8.88 -21.43 -29.23
C ASP G 843 10.13 -22.28 -29.08
N ILE G 844 10.80 -22.11 -27.95
CA ILE G 844 11.99 -22.89 -27.63
C ILE G 844 11.50 -24.05 -26.77
N ALA G 845 11.67 -25.27 -27.28
CA ALA G 845 11.17 -26.43 -26.54
C ALA G 845 11.84 -26.55 -25.18
N ALA G 846 13.11 -26.15 -25.10
CA ALA G 846 13.84 -26.20 -23.84
C ALA G 846 13.58 -24.98 -22.96
N ARG G 847 12.79 -24.01 -23.43
CA ARG G 847 12.54 -22.77 -22.70
C ARG G 847 13.86 -22.12 -22.26
N ASP G 848 14.75 -21.94 -23.24
CA ASP G 848 16.09 -21.41 -23.01
C ASP G 848 15.97 -20.12 -22.20
N LEU G 849 16.57 -20.14 -21.02
CA LEU G 849 16.42 -19.04 -20.07
C LEU G 849 16.93 -17.71 -20.59
N ILE G 850 17.97 -17.70 -21.43
CA ILE G 850 18.48 -16.42 -21.90
C ILE G 850 17.42 -15.66 -22.70
N CYS G 851 16.53 -16.36 -23.40
CA CYS G 851 15.51 -15.65 -24.17
C CYS G 851 14.55 -14.95 -23.22
N ALA G 852 14.08 -15.70 -22.21
CA ALA G 852 13.12 -15.13 -21.26
C ALA G 852 13.74 -13.98 -20.50
N GLN G 853 15.01 -14.12 -20.13
CA GLN G 853 15.67 -13.09 -19.34
C GLN G 853 15.83 -11.83 -20.17
N LYS G 854 16.20 -11.97 -21.45
CA LYS G 854 16.35 -10.78 -22.28
C LYS G 854 15.00 -10.12 -22.55
N PHE G 855 13.94 -10.93 -22.68
CA PHE G 855 12.63 -10.35 -22.95
C PHE G 855 12.13 -9.51 -21.78
N ASN G 856 12.57 -9.82 -20.57
CA ASN G 856 12.17 -9.08 -19.38
C ASN G 856 13.14 -7.95 -19.04
N GLY G 857 14.07 -7.63 -19.93
CA GLY G 857 14.99 -6.54 -19.69
C GLY G 857 16.28 -6.88 -18.97
N LEU G 858 16.64 -8.17 -18.86
CA LEU G 858 17.87 -8.58 -18.20
C LEU G 858 18.90 -8.84 -19.28
N THR G 859 19.93 -8.01 -19.33
CA THR G 859 20.94 -8.04 -20.38
C THR G 859 22.26 -8.50 -19.79
N VAL G 860 22.84 -9.51 -20.42
CA VAL G 860 24.16 -10.04 -20.07
C VAL G 860 25.16 -9.28 -20.92
N LEU G 861 26.18 -8.62 -20.26
CA LEU G 861 27.11 -7.81 -21.04
C LEU G 861 28.40 -8.59 -21.31
N PRO G 862 29.06 -8.35 -22.44
CA PRO G 862 30.34 -9.02 -22.69
C PRO G 862 31.44 -8.44 -21.81
N PRO G 863 32.47 -9.23 -21.50
CA PRO G 863 33.62 -8.67 -20.79
C PRO G 863 34.42 -7.78 -21.73
N LEU G 864 35.17 -6.86 -21.15
CA LEU G 864 36.05 -6.04 -21.98
C LEU G 864 37.21 -6.84 -22.54
N LEU G 865 37.79 -7.74 -21.77
CA LEU G 865 38.90 -8.54 -22.25
C LEU G 865 38.37 -9.90 -22.66
N THR G 866 38.81 -10.37 -23.83
CA THR G 866 38.36 -11.64 -24.37
C THR G 866 39.20 -12.76 -23.79
N ASP G 867 38.77 -13.99 -24.02
CA ASP G 867 39.56 -15.12 -23.56
C ASP G 867 40.92 -15.16 -24.25
N GLU G 868 40.96 -14.79 -25.53
CA GLU G 868 42.24 -14.82 -26.23
C GLU G 868 43.19 -13.79 -25.64
N MET G 869 42.67 -12.62 -25.31
CA MET G 869 43.52 -11.58 -24.71
C MET G 869 44.06 -12.02 -23.36
N ILE G 870 43.23 -12.68 -22.55
CA ILE G 870 43.71 -13.10 -21.24
C ILE G 870 44.75 -14.20 -21.40
N ALA G 871 44.49 -15.17 -22.29
CA ALA G 871 45.47 -16.23 -22.48
C ALA G 871 46.78 -15.67 -23.00
N GLN G 872 46.71 -14.69 -23.89
CA GLN G 872 47.91 -14.08 -24.44
C GLN G 872 48.69 -13.35 -23.35
N TYR G 873 47.98 -12.59 -22.51
CA TYR G 873 48.64 -11.89 -21.42
C TYR G 873 49.33 -12.89 -20.49
N THR G 874 48.61 -13.94 -20.09
CA THR G 874 49.18 -14.90 -19.15
C THR G 874 50.39 -15.58 -19.78
N SER G 875 50.29 -15.92 -21.06
CA SER G 875 51.41 -16.53 -21.75
C SER G 875 52.61 -15.61 -21.70
N ALA G 876 52.37 -14.32 -21.92
CA ALA G 876 53.45 -13.35 -21.84
C ALA G 876 54.08 -13.37 -20.46
N LEU G 877 53.27 -13.52 -19.40
CA LEU G 877 53.86 -13.56 -18.07
C LEU G 877 54.71 -14.81 -17.88
N LEU G 878 54.26 -15.93 -18.43
CA LEU G 878 55.03 -17.16 -18.28
C LEU G 878 56.35 -17.05 -19.02
N ALA G 879 56.32 -16.47 -20.21
CA ALA G 879 57.56 -16.31 -20.97
C ALA G 879 58.48 -15.36 -20.22
N GLY G 880 57.89 -14.32 -19.61
CA GLY G 880 58.68 -13.36 -18.87
C GLY G 880 59.42 -14.02 -17.73
N THR G 881 58.71 -14.75 -16.88
CA THR G 881 59.37 -15.38 -15.74
C THR G 881 60.38 -16.43 -16.20
N ILE G 882 60.02 -17.25 -17.18
CA ILE G 882 60.92 -18.31 -17.60
C ILE G 882 62.22 -17.74 -18.19
N CYS G 883 62.11 -16.69 -19.01
CA CYS G 883 63.31 -16.13 -19.62
C CYS G 883 64.12 -15.24 -18.68
N SER G 884 63.46 -14.47 -17.80
CA SER G 884 64.17 -13.47 -16.98
C SER G 884 63.93 -13.57 -15.49
N GLY G 885 63.29 -14.61 -14.99
CA GLY G 885 63.05 -14.71 -13.56
C GLY G 885 62.16 -13.58 -13.08
N TRP G 886 62.55 -12.90 -12.00
CA TRP G 886 61.75 -11.81 -11.47
C TRP G 886 62.18 -10.44 -11.97
N THR G 887 63.22 -10.36 -12.81
CA THR G 887 63.73 -9.04 -13.19
C THR G 887 62.73 -8.27 -14.03
N PHE G 888 61.90 -8.96 -14.83
CA PHE G 888 60.94 -8.25 -15.66
C PHE G 888 59.84 -7.61 -14.85
N GLY G 889 59.61 -8.09 -13.62
CA GLY G 889 58.59 -7.47 -12.80
C GLY G 889 59.06 -6.12 -12.32
N ALA G 890 60.25 -6.07 -11.74
CA ALA G 890 60.81 -4.83 -11.24
C ALA G 890 61.03 -3.82 -12.36
N GLY G 891 61.39 -4.29 -13.56
CA GLY G 891 61.67 -3.41 -14.66
C GLY G 891 62.09 -4.15 -15.92
N PRO G 892 63.27 -3.85 -16.49
CA PRO G 892 63.70 -4.60 -17.68
C PRO G 892 63.87 -6.08 -17.39
N ALA G 893 63.57 -6.88 -18.39
CA ALA G 893 63.71 -8.34 -18.33
C ALA G 893 65.13 -8.72 -18.70
N LEU G 894 65.87 -9.26 -17.74
CA LEU G 894 67.26 -9.65 -17.94
C LEU G 894 67.31 -11.15 -18.10
N GLN G 895 67.87 -11.64 -19.21
CA GLN G 895 67.89 -13.08 -19.42
C GLN G 895 68.79 -13.74 -18.39
N ILE G 896 68.34 -14.87 -17.85
CA ILE G 896 69.13 -15.66 -16.92
C ILE G 896 68.90 -17.13 -17.26
N PRO G 897 69.93 -17.97 -17.40
CA PRO G 897 69.66 -19.40 -17.61
C PRO G 897 68.76 -19.91 -16.51
N PHE G 898 67.79 -20.74 -16.86
CA PHE G 898 66.81 -21.21 -15.89
C PHE G 898 67.43 -21.86 -14.66
N PRO G 899 68.43 -22.75 -14.77
CA PRO G 899 69.02 -23.34 -13.55
C PRO G 899 69.60 -22.29 -12.62
N MET G 900 69.96 -21.12 -13.12
CA MET G 900 70.49 -20.12 -12.21
C MET G 900 69.34 -19.41 -11.52
N GLN G 901 68.18 -19.32 -12.18
CA GLN G 901 67.05 -18.72 -11.50
C GLN G 901 66.66 -19.63 -10.35
N MET G 902 66.70 -20.93 -10.61
CA MET G 902 66.37 -21.86 -9.54
C MET G 902 67.42 -21.79 -8.44
N ALA G 903 68.69 -21.62 -8.81
CA ALA G 903 69.73 -21.52 -7.80
C ALA G 903 69.49 -20.32 -6.91
N TYR G 904 69.04 -19.21 -7.49
CA TYR G 904 68.81 -18.02 -6.69
C TYR G 904 67.62 -18.26 -5.79
N ARG G 905 66.61 -18.95 -6.31
CA ARG G 905 65.42 -19.24 -5.51
C ARG G 905 65.78 -20.13 -4.34
N PHE G 906 66.66 -21.12 -4.57
CA PHE G 906 67.10 -21.98 -3.48
C PHE G 906 67.85 -21.16 -2.44
N ASN G 907 68.69 -20.22 -2.90
CA ASN G 907 69.41 -19.38 -1.96
C ASN G 907 68.40 -18.59 -1.13
N GLY G 908 67.30 -18.19 -1.77
CA GLY G 908 66.24 -17.51 -1.05
C GLY G 908 65.60 -18.40 0.00
N ILE G 909 65.49 -19.70 -0.29
CA ILE G 909 64.91 -20.63 0.68
C ILE G 909 65.81 -20.72 1.89
N GLY G 910 67.12 -20.77 1.65
CA GLY G 910 68.14 -20.92 2.67
C GLY G 910 68.88 -22.22 2.45
N VAL G 911 69.03 -22.61 1.19
CA VAL G 911 69.74 -23.81 0.79
C VAL G 911 70.79 -23.41 -0.25
N THR G 912 72.00 -23.91 -0.07
CA THR G 912 73.10 -23.61 -0.97
C THR G 912 72.81 -24.00 -2.40
N GLN G 913 73.42 -23.26 -3.33
CA GLN G 913 73.27 -23.54 -4.76
C GLN G 913 73.75 -24.95 -5.09
N ASN G 914 74.66 -25.48 -4.27
CA ASN G 914 75.19 -26.82 -4.50
C ASN G 914 74.11 -27.87 -4.52
N VAL G 915 73.04 -27.71 -3.73
CA VAL G 915 72.05 -28.76 -3.71
C VAL G 915 71.37 -28.85 -5.08
N LEU G 916 71.04 -27.69 -5.65
CA LEU G 916 70.40 -27.67 -6.96
C LEU G 916 71.32 -28.20 -8.04
N TYR G 917 72.58 -27.79 -8.02
CA TYR G 917 73.47 -28.23 -9.10
C TYR G 917 73.84 -29.69 -8.96
N GLU G 918 73.93 -30.18 -7.73
CA GLU G 918 74.32 -31.57 -7.51
C GLU G 918 73.20 -32.52 -7.93
N ASN G 919 71.95 -32.13 -7.68
CA ASN G 919 70.77 -32.96 -7.95
C ASN G 919 69.86 -32.37 -9.02
N GLN G 920 70.40 -31.57 -9.95
CA GLN G 920 69.57 -30.91 -10.96
C GLN G 920 68.66 -31.86 -11.72
N LYS G 921 69.16 -33.03 -12.10
CA LYS G 921 68.33 -33.93 -12.90
C LYS G 921 67.19 -34.49 -12.06
N LEU G 922 67.46 -34.83 -10.81
CA LEU G 922 66.42 -35.36 -9.93
C LEU G 922 65.35 -34.31 -9.72
N ILE G 923 65.76 -33.06 -9.52
CA ILE G 923 64.81 -31.98 -9.28
C ILE G 923 63.94 -31.78 -10.50
N ALA G 924 64.55 -31.77 -11.68
CA ALA G 924 63.78 -31.61 -12.90
C ALA G 924 62.79 -32.75 -13.07
N ASN G 925 63.19 -33.98 -12.71
CA ASN G 925 62.28 -35.10 -12.87
C ASN G 925 61.11 -34.98 -11.92
N GLN G 926 61.37 -34.55 -10.68
CA GLN G 926 60.27 -34.39 -9.74
C GLN G 926 59.33 -33.29 -10.19
N PHE G 927 59.90 -32.21 -10.73
CA PHE G 927 59.07 -31.11 -11.22
C PHE G 927 58.14 -31.61 -12.32
N ASN G 928 58.70 -32.32 -13.30
CA ASN G 928 57.90 -32.78 -14.43
C ASN G 928 56.82 -33.76 -13.97
N SER G 929 57.16 -34.62 -13.00
CA SER G 929 56.16 -35.55 -12.50
C SER G 929 55.06 -34.80 -11.74
N ALA G 930 55.44 -33.80 -10.96
CA ALA G 930 54.44 -33.03 -10.22
C ALA G 930 53.48 -32.35 -11.18
N ILE G 931 53.99 -31.85 -12.31
CA ILE G 931 53.10 -31.20 -13.26
C ILE G 931 52.15 -32.22 -13.85
N GLY G 932 52.67 -33.40 -14.21
CA GLY G 932 51.79 -34.43 -14.74
C GLY G 932 50.70 -34.78 -13.73
N LYS G 933 51.07 -34.80 -12.44
CA LYS G 933 50.09 -35.06 -11.40
C LYS G 933 49.04 -33.97 -11.35
N ILE G 934 49.44 -32.72 -11.59
CA ILE G 934 48.46 -31.64 -11.58
C ILE G 934 47.48 -31.84 -12.71
N GLN G 935 47.98 -32.19 -13.90
CA GLN G 935 47.08 -32.39 -15.04
C GLN G 935 46.11 -33.53 -14.76
N ASP G 936 46.58 -34.61 -14.15
CA ASP G 936 45.67 -35.72 -13.87
C ASP G 936 44.68 -35.34 -12.76
N SER G 937 45.15 -34.61 -11.75
CA SER G 937 44.28 -34.22 -10.65
C SER G 937 43.16 -33.33 -11.15
N LEU G 938 43.49 -32.36 -12.00
CA LEU G 938 42.47 -31.47 -12.52
C LEU G 938 41.50 -32.21 -13.45
N SER G 939 42.02 -33.05 -14.34
CA SER G 939 41.15 -33.78 -15.25
C SER G 939 40.22 -34.74 -14.51
N SER G 940 40.76 -35.45 -13.52
CA SER G 940 39.99 -36.45 -12.77
C SER G 940 38.87 -35.87 -11.90
N THR G 941 39.12 -34.77 -11.19
CA THR G 941 38.15 -34.28 -10.20
C THR G 941 37.14 -33.30 -10.79
N PRO G 942 35.84 -33.65 -10.87
CA PRO G 942 34.85 -32.71 -11.44
C PRO G 942 34.64 -31.44 -10.61
N SER G 943 35.02 -31.44 -9.34
CA SER G 943 34.80 -30.33 -8.41
C SER G 943 36.04 -29.46 -8.20
N ALA G 944 37.10 -29.69 -8.98
CA ALA G 944 38.36 -28.98 -8.78
C ALA G 944 38.18 -27.47 -8.82
N LEU G 945 37.26 -26.97 -9.65
CA LEU G 945 36.99 -25.54 -9.79
C LEU G 945 35.64 -25.14 -9.22
N GLY G 946 35.18 -25.84 -8.18
CA GLY G 946 33.87 -25.57 -7.61
C GLY G 946 33.59 -24.13 -7.23
N LYS G 947 34.61 -23.38 -6.78
CA LYS G 947 34.37 -21.99 -6.40
C LYS G 947 33.86 -21.15 -7.58
N LEU G 948 34.36 -21.44 -8.79
CA LEU G 948 33.97 -20.63 -9.92
C LEU G 948 32.59 -21.04 -10.38
N GLN G 949 32.28 -22.32 -10.25
CA GLN G 949 30.96 -22.78 -10.63
C GLN G 949 29.95 -22.18 -9.68
N ASP G 950 30.34 -22.05 -8.40
CA ASP G 950 29.43 -21.47 -7.42
C ASP G 950 29.15 -20.02 -7.75
N VAL G 951 30.16 -19.26 -8.21
CA VAL G 951 29.89 -17.87 -8.57
C VAL G 951 28.90 -17.81 -9.73
N VAL G 952 29.12 -18.66 -10.74
CA VAL G 952 28.23 -18.66 -11.89
C VAL G 952 26.82 -19.06 -11.45
N ASN G 953 26.71 -20.08 -10.60
CA ASN G 953 25.41 -20.55 -10.17
C ASN G 953 24.69 -19.49 -9.35
N GLN G 954 25.43 -18.73 -8.53
CA GLN G 954 24.74 -17.72 -7.74
C GLN G 954 24.15 -16.65 -8.64
N ASN G 955 24.88 -16.25 -9.69
CA ASN G 955 24.28 -15.22 -10.54
C ASN G 955 23.13 -15.79 -11.37
N ALA G 956 23.25 -17.05 -11.81
CA ALA G 956 22.15 -17.64 -12.56
C ALA G 956 20.91 -17.75 -11.70
N GLN G 957 21.08 -18.14 -10.43
CA GLN G 957 19.92 -18.26 -9.56
C GLN G 957 19.31 -16.90 -9.29
N ALA G 958 20.14 -15.87 -9.14
CA ALA G 958 19.57 -14.54 -8.88
C ALA G 958 18.72 -14.09 -10.06
N LEU G 959 19.15 -14.39 -11.28
CA LEU G 959 18.34 -13.94 -12.41
C LEU G 959 17.11 -14.81 -12.59
N ASN G 960 17.19 -16.11 -12.28
CA ASN G 960 16.00 -16.92 -12.40
C ASN G 960 15.02 -16.53 -11.30
N THR G 961 15.55 -16.08 -10.16
CA THR G 961 14.71 -15.59 -9.09
C THR G 961 13.94 -14.36 -9.54
N LEU G 962 14.61 -13.42 -10.22
CA LEU G 962 13.85 -12.27 -10.71
C LEU G 962 12.77 -12.69 -11.70
N VAL G 963 13.09 -13.66 -12.57
CA VAL G 963 12.08 -14.09 -13.54
C VAL G 963 10.90 -14.72 -12.84
N LYS G 964 11.16 -15.55 -11.83
CA LYS G 964 10.06 -16.19 -11.11
C LYS G 964 9.27 -15.18 -10.27
N GLN G 965 9.97 -14.22 -9.66
CA GLN G 965 9.29 -13.22 -8.85
C GLN G 965 8.37 -12.34 -9.70
N LEU G 966 8.70 -12.19 -10.98
CA LEU G 966 7.82 -11.42 -11.86
C LEU G 966 6.39 -11.95 -11.84
N SER G 967 6.23 -13.26 -11.66
CA SER G 967 4.93 -13.91 -11.69
C SER G 967 4.10 -13.76 -10.43
N SER G 968 4.66 -13.23 -9.33
CA SER G 968 3.89 -13.12 -8.11
C SER G 968 2.75 -12.12 -8.26
N ASN G 969 1.69 -12.35 -7.47
CA ASN G 969 0.53 -11.47 -7.50
C ASN G 969 0.74 -10.20 -6.69
N PHE G 970 1.52 -10.28 -5.62
CA PHE G 970 1.80 -9.14 -4.74
C PHE G 970 0.53 -8.53 -4.15
N GLY G 971 -0.55 -9.29 -4.05
CA GLY G 971 -1.79 -8.79 -3.49
C GLY G 971 -2.76 -8.32 -4.54
N ALA G 972 -2.34 -8.25 -5.79
CA ALA G 972 -3.19 -7.81 -6.89
C ALA G 972 -4.12 -8.94 -7.31
N ILE G 973 -5.19 -8.57 -8.00
CA ILE G 973 -6.12 -9.56 -8.52
C ILE G 973 -5.48 -10.46 -9.58
N SER G 974 -4.42 -10.01 -10.23
CA SER G 974 -3.77 -10.86 -11.23
C SER G 974 -2.31 -10.43 -11.39
N SER G 975 -1.47 -11.43 -11.62
CA SER G 975 -0.06 -11.21 -11.90
C SER G 975 0.20 -10.64 -13.29
N VAL G 976 -0.77 -10.68 -14.20
CA VAL G 976 -0.59 -10.23 -15.57
C VAL G 976 -1.20 -8.85 -15.74
N LEU G 977 -0.36 -7.91 -16.15
CA LEU G 977 -0.73 -6.52 -16.33
C LEU G 977 -1.85 -6.35 -17.36
N ASN G 978 -1.83 -7.15 -18.42
CA ASN G 978 -2.86 -7.01 -19.45
C ASN G 978 -4.23 -7.45 -18.96
N ASP G 979 -4.31 -8.33 -17.97
CA ASP G 979 -5.63 -8.72 -17.49
C ASP G 979 -6.23 -7.58 -16.70
N ILE G 980 -5.39 -6.90 -15.93
CA ILE G 980 -5.86 -5.78 -15.12
C ILE G 980 -6.33 -4.66 -16.03
N LEU G 981 -5.54 -4.35 -17.06
CA LEU G 981 -5.96 -3.28 -17.98
C LEU G 981 -7.21 -3.66 -18.77
N SER G 982 -7.32 -4.93 -19.16
CA SER G 982 -8.48 -5.35 -19.94
C SER G 982 -9.78 -5.34 -19.14
N ARG G 983 -9.76 -5.86 -17.91
CA ARG G 983 -11.01 -5.96 -17.16
C ARG G 983 -11.37 -4.75 -16.30
N LEU G 984 -10.40 -3.95 -15.86
CA LEU G 984 -10.69 -2.83 -14.98
C LEU G 984 -10.61 -1.49 -15.70
N ASP G 985 -11.36 -0.53 -15.16
CA ASP G 985 -11.38 0.83 -15.66
C ASP G 985 -10.13 1.56 -15.18
N PRO G 986 -9.89 2.79 -15.62
CA PRO G 986 -8.67 3.51 -15.22
C PRO G 986 -8.40 3.51 -13.72
N PRO G 987 -9.27 4.09 -12.86
CA PRO G 987 -8.85 4.18 -11.44
C PRO G 987 -8.65 2.83 -10.74
N GLU G 988 -9.35 1.79 -11.16
CA GLU G 988 -9.15 0.50 -10.50
C GLU G 988 -7.91 -0.15 -11.07
N ALA G 989 -7.67 0.06 -12.36
CA ALA G 989 -6.47 -0.49 -12.95
C ALA G 989 -5.28 0.18 -12.30
N GLU G 990 -5.37 1.49 -12.06
CA GLU G 990 -4.25 2.20 -11.46
C GLU G 990 -3.96 1.67 -10.06
N VAL G 991 -4.99 1.32 -9.30
CA VAL G 991 -4.73 0.76 -7.97
C VAL G 991 -4.01 -0.59 -8.09
N GLN G 992 -4.50 -1.46 -8.97
CA GLN G 992 -3.87 -2.77 -9.06
C GLN G 992 -2.48 -2.68 -9.67
N ILE G 993 -2.30 -1.74 -10.60
CA ILE G 993 -1.00 -1.54 -11.23
C ILE G 993 -0.03 -1.00 -10.21
N ASP G 994 -0.46 -0.06 -9.37
CA ASP G 994 0.43 0.48 -8.37
C ASP G 994 0.90 -0.64 -7.44
N ARG G 995 -0.01 -1.57 -7.11
CA ARG G 995 0.42 -2.70 -6.29
C ARG G 995 1.48 -3.53 -7.00
N LEU G 996 1.30 -3.75 -8.30
CA LEU G 996 2.30 -4.53 -9.03
C LEU G 996 3.60 -3.76 -9.18
N ILE G 997 3.54 -2.45 -9.36
CA ILE G 997 4.77 -1.68 -9.50
C ILE G 997 5.55 -1.74 -8.21
N THR G 998 4.87 -1.62 -7.07
CA THR G 998 5.57 -1.71 -5.80
C THR G 998 6.23 -3.08 -5.69
N GLY G 999 5.50 -4.13 -6.06
CA GLY G 999 6.05 -5.47 -5.99
C GLY G 999 7.32 -5.64 -6.82
N ARG G 1000 7.24 -5.25 -8.10
CA ARG G 1000 8.40 -5.42 -8.98
C ARG G 1000 9.56 -4.52 -8.58
N LEU G 1001 9.27 -3.29 -8.14
CA LEU G 1001 10.37 -2.41 -7.77
C LEU G 1001 11.08 -2.96 -6.54
N GLN G 1002 10.32 -3.49 -5.58
CA GLN G 1002 10.96 -4.07 -4.41
C GLN G 1002 11.80 -5.27 -4.81
N SER G 1003 11.32 -6.06 -5.77
CA SER G 1003 12.07 -7.20 -6.25
C SER G 1003 13.40 -6.77 -6.86
N LEU G 1004 13.37 -5.73 -7.69
CA LEU G 1004 14.61 -5.27 -8.31
C LEU G 1004 15.56 -4.69 -7.29
N GLN G 1005 15.05 -3.96 -6.30
CA GLN G 1005 15.97 -3.41 -5.31
C GLN G 1005 16.65 -4.52 -4.54
N THR G 1006 15.90 -5.58 -4.21
CA THR G 1006 16.51 -6.68 -3.47
C THR G 1006 17.62 -7.31 -4.31
N TYR G 1007 17.32 -7.54 -5.59
CA TYR G 1007 18.33 -8.10 -6.49
C TYR G 1007 19.57 -7.23 -6.55
N VAL G 1008 19.40 -5.93 -6.73
CA VAL G 1008 20.56 -5.05 -6.87
C VAL G 1008 21.39 -5.06 -5.59
N THR G 1009 20.74 -5.02 -4.42
CA THR G 1009 21.52 -5.04 -3.18
C THR G 1009 22.32 -6.33 -3.07
N GLN G 1010 21.70 -7.47 -3.40
CA GLN G 1010 22.45 -8.71 -3.26
C GLN G 1010 23.56 -8.79 -4.30
N GLN G 1011 23.32 -8.25 -5.50
CA GLN G 1011 24.33 -8.29 -6.53
C GLN G 1011 25.51 -7.41 -6.15
N LEU G 1012 25.22 -6.27 -5.51
CA LEU G 1012 26.29 -5.37 -5.09
C LEU G 1012 27.13 -5.99 -3.99
N ILE G 1013 26.50 -6.69 -3.04
CA ILE G 1013 27.30 -7.33 -2.00
C ILE G 1013 28.17 -8.41 -2.60
N ARG G 1014 27.62 -9.22 -3.52
CA ARG G 1014 28.48 -10.22 -4.15
C ARG G 1014 29.61 -9.53 -4.90
N ALA G 1015 29.33 -8.38 -5.52
CA ALA G 1015 30.39 -7.64 -6.20
C ALA G 1015 31.48 -7.26 -5.22
N ALA G 1016 31.09 -6.91 -3.99
CA ALA G 1016 32.09 -6.56 -2.98
C ALA G 1016 32.97 -7.76 -2.67
N GLU G 1017 32.37 -8.94 -2.64
CA GLU G 1017 33.17 -10.13 -2.37
C GLU G 1017 34.12 -10.40 -3.52
N ILE G 1018 33.65 -10.16 -4.74
CA ILE G 1018 34.52 -10.36 -5.90
C ILE G 1018 35.66 -9.35 -5.86
N ARG G 1019 35.38 -8.10 -5.48
CA ARG G 1019 36.46 -7.12 -5.40
C ARG G 1019 37.52 -7.57 -4.39
N ALA G 1020 37.08 -8.09 -3.25
CA ALA G 1020 38.07 -8.54 -2.26
C ALA G 1020 38.89 -9.69 -2.84
N SER G 1021 38.22 -10.59 -3.56
CA SER G 1021 38.93 -11.72 -4.14
C SER G 1021 39.91 -11.25 -5.22
N ALA G 1022 39.48 -10.31 -6.06
CA ALA G 1022 40.36 -9.80 -7.11
C ALA G 1022 41.57 -9.11 -6.52
N ASN G 1023 41.38 -8.40 -5.41
CA ASN G 1023 42.53 -7.73 -4.81
C ASN G 1023 43.51 -8.76 -4.27
N LEU G 1024 42.98 -9.84 -3.71
CA LEU G 1024 43.87 -10.88 -3.23
C LEU G 1024 44.58 -11.54 -4.40
N ALA G 1025 43.86 -11.78 -5.49
CA ALA G 1025 44.49 -12.40 -6.66
C ALA G 1025 45.59 -11.51 -7.23
N ALA G 1026 45.36 -10.20 -7.28
CA ALA G 1026 46.38 -9.31 -7.82
C ALA G 1026 47.59 -9.29 -6.90
N THR G 1027 47.35 -9.34 -5.59
CA THR G 1027 48.47 -9.38 -4.65
C THR G 1027 49.25 -10.65 -4.87
N LYS G 1028 48.56 -11.78 -5.05
CA LYS G 1028 49.27 -13.04 -5.26
C LYS G 1028 50.03 -12.99 -6.57
N MET G 1029 49.46 -12.34 -7.59
CA MET G 1029 50.17 -12.25 -8.86
C MET G 1029 51.49 -11.51 -8.70
N SER G 1030 51.44 -10.33 -8.11
CA SER G 1030 52.68 -9.57 -7.97
C SER G 1030 53.66 -10.22 -7.00
N GLU G 1031 53.16 -10.71 -5.88
CA GLU G 1031 54.01 -11.24 -4.81
C GLU G 1031 54.52 -12.67 -5.02
N CYS G 1032 53.75 -13.55 -5.66
CA CYS G 1032 54.12 -14.94 -5.84
C CYS G 1032 54.69 -15.25 -7.23
N VAL G 1033 54.25 -14.55 -8.27
CA VAL G 1033 54.67 -14.84 -9.64
C VAL G 1033 55.85 -13.97 -10.04
N LEU G 1034 55.84 -12.69 -9.67
CA LEU G 1034 56.89 -11.78 -10.07
C LEU G 1034 57.98 -11.66 -9.01
N GLY G 1035 58.01 -12.60 -8.07
CA GLY G 1035 59.00 -12.56 -7.03
C GLY G 1035 58.94 -13.82 -6.20
N GLN G 1036 59.56 -13.75 -5.02
CA GLN G 1036 59.61 -14.85 -4.08
C GLN G 1036 59.31 -14.29 -2.70
N SER G 1037 58.22 -14.74 -2.10
CA SER G 1037 57.76 -14.25 -0.82
C SER G 1037 58.17 -15.18 0.31
N LYS G 1038 58.45 -14.58 1.47
CA LYS G 1038 58.82 -15.32 2.66
C LYS G 1038 57.64 -15.69 3.54
N ARG G 1039 56.43 -15.24 3.20
CA ARG G 1039 55.30 -15.45 4.08
C ARG G 1039 54.86 -16.91 4.05
N VAL G 1040 54.69 -17.48 5.24
CA VAL G 1040 54.36 -18.90 5.37
C VAL G 1040 52.95 -19.14 4.83
N ASP G 1041 52.83 -20.13 3.95
CA ASP G 1041 51.60 -20.56 3.29
C ASP G 1041 51.00 -19.52 2.34
N PHE G 1042 51.62 -18.35 2.19
CA PHE G 1042 51.00 -17.30 1.38
C PHE G 1042 50.89 -17.76 -0.07
N CYS G 1043 51.97 -18.36 -0.58
CA CYS G 1043 52.08 -18.83 -1.96
C CYS G 1043 52.01 -20.35 -2.01
N GLY G 1044 51.24 -20.96 -1.12
CA GLY G 1044 51.11 -22.40 -1.05
C GLY G 1044 51.85 -22.98 0.14
N LYS G 1045 51.51 -24.21 0.49
CA LYS G 1045 52.14 -24.84 1.64
C LYS G 1045 53.57 -25.25 1.28
N GLY G 1046 54.47 -25.03 2.23
CA GLY G 1046 55.87 -25.34 2.06
C GLY G 1046 56.62 -24.02 1.88
N TYR G 1047 57.89 -24.11 1.50
CA TYR G 1047 58.69 -22.91 1.33
C TYR G 1047 58.51 -22.51 -0.13
N HIS G 1048 58.22 -21.25 -0.37
CA HIS G 1048 57.95 -20.84 -1.75
C HIS G 1048 59.19 -20.78 -2.61
N LEU G 1049 59.11 -21.39 -3.79
CA LEU G 1049 60.14 -21.33 -4.81
C LEU G 1049 59.69 -20.44 -5.96
N MET G 1050 58.54 -20.74 -6.56
CA MET G 1050 58.10 -20.00 -7.74
C MET G 1050 56.65 -20.34 -7.99
N SER G 1051 56.03 -19.60 -8.90
CA SER G 1051 54.66 -19.90 -9.28
C SER G 1051 54.42 -19.55 -10.74
N PHE G 1052 53.39 -20.19 -11.30
CA PHE G 1052 52.99 -20.03 -12.70
C PHE G 1052 51.48 -19.78 -12.78
N PRO G 1053 51.04 -18.56 -13.06
CA PRO G 1053 49.59 -18.32 -13.13
C PRO G 1053 49.03 -18.90 -14.42
N GLN G 1054 47.76 -19.30 -14.37
CA GLN G 1054 47.03 -19.73 -15.54
C GLN G 1054 45.64 -19.09 -15.51
N SER G 1055 45.10 -18.84 -16.70
CA SER G 1055 43.78 -18.26 -16.82
C SER G 1055 42.72 -19.32 -16.55
N ALA G 1056 41.52 -18.86 -16.20
CA ALA G 1056 40.41 -19.78 -15.95
C ALA G 1056 39.12 -19.01 -16.16
N PRO G 1057 38.01 -19.72 -16.43
CA PRO G 1057 36.72 -19.03 -16.58
C PRO G 1057 36.42 -18.20 -15.34
N HIS G 1058 36.17 -16.91 -15.58
CA HIS G 1058 35.87 -15.95 -14.52
C HIS G 1058 36.88 -15.99 -13.38
N GLY G 1059 38.14 -16.33 -13.65
CA GLY G 1059 39.06 -16.42 -12.54
C GLY G 1059 40.48 -16.79 -12.95
N VAL G 1060 41.30 -17.02 -11.93
CA VAL G 1060 42.70 -17.35 -12.10
C VAL G 1060 43.05 -18.56 -11.24
N VAL G 1061 43.91 -19.42 -11.77
CA VAL G 1061 44.43 -20.56 -11.04
C VAL G 1061 45.94 -20.41 -11.00
N PHE G 1062 46.52 -20.48 -9.81
CA PHE G 1062 47.96 -20.36 -9.64
C PHE G 1062 48.52 -21.75 -9.39
N LEU G 1063 49.63 -22.06 -10.06
CA LEU G 1063 50.38 -23.27 -9.79
C LEU G 1063 51.60 -22.87 -8.97
N HIS G 1064 51.68 -23.32 -7.74
CA HIS G 1064 52.79 -22.96 -6.87
C HIS G 1064 53.74 -24.12 -6.77
N VAL G 1065 55.03 -23.83 -6.89
CA VAL G 1065 56.11 -24.80 -6.81
C VAL G 1065 56.87 -24.46 -5.53
N THR G 1066 56.93 -25.43 -4.62
CA THR G 1066 57.58 -25.27 -3.33
C THR G 1066 58.59 -26.39 -3.05
N TYR G 1067 59.50 -26.05 -2.14
CA TYR G 1067 60.53 -26.95 -1.63
C TYR G 1067 60.01 -27.54 -0.33
N VAL G 1068 59.96 -28.88 -0.22
CA VAL G 1068 59.45 -29.55 0.95
C VAL G 1068 60.47 -30.52 1.53
N PRO G 1069 60.86 -30.40 2.81
CA PRO G 1069 61.76 -31.40 3.40
C PRO G 1069 61.15 -32.79 3.33
N ALA G 1070 62.00 -33.79 3.14
CA ALA G 1070 61.57 -35.19 3.00
C ALA G 1070 62.24 -36.07 4.05
N GLN G 1071 63.06 -37.05 3.65
CA GLN G 1071 63.73 -37.88 4.64
C GLN G 1071 64.56 -37.02 5.57
N GLU G 1072 64.59 -37.41 6.84
CA GLU G 1072 65.28 -36.68 7.89
C GLU G 1072 65.93 -37.66 8.84
N LYS G 1073 66.93 -37.18 9.57
CA LYS G 1073 67.55 -38.00 10.60
C LYS G 1073 67.70 -37.25 11.92
N ASN G 1074 67.77 -38.05 12.99
CA ASN G 1074 67.98 -37.59 14.36
C ASN G 1074 69.46 -37.44 14.66
N PHE G 1075 69.88 -36.24 15.04
CA PHE G 1075 71.27 -35.97 15.37
C PHE G 1075 71.38 -35.26 16.72
N THR G 1076 72.53 -35.44 17.36
CA THR G 1076 72.79 -34.76 18.62
C THR G 1076 73.29 -33.37 18.28
N THR G 1077 72.98 -32.39 19.13
CA THR G 1077 73.45 -31.02 18.93
C THR G 1077 74.06 -30.44 20.19
N ALA G 1078 74.58 -29.22 20.04
CA ALA G 1078 75.13 -28.42 21.12
C ALA G 1078 75.12 -26.97 20.66
N PRO G 1079 74.92 -26.01 21.56
CA PRO G 1079 74.97 -24.60 21.14
C PRO G 1079 76.36 -24.04 20.84
N ALA G 1080 77.45 -24.66 21.30
CA ALA G 1080 78.76 -24.03 21.09
C ALA G 1080 79.88 -25.03 21.24
N ILE G 1081 81.05 -24.66 20.72
CA ILE G 1081 82.27 -25.44 20.81
C ILE G 1081 83.26 -24.70 21.69
N CYS G 1082 83.94 -25.44 22.58
CA CYS G 1082 84.99 -24.89 23.45
C CYS G 1082 86.34 -25.45 23.01
N HIS G 1083 86.99 -24.78 22.06
CA HIS G 1083 88.27 -25.24 21.55
C HIS G 1083 89.45 -24.98 22.47
N ASP G 1084 89.61 -23.73 22.89
CA ASP G 1084 90.76 -23.28 23.68
C ASP G 1084 90.35 -22.41 24.85
N GLY G 1085 89.10 -22.49 25.28
CA GLY G 1085 88.56 -21.68 26.34
C GLY G 1085 87.71 -20.54 25.84
N LYS G 1086 87.75 -20.24 24.55
CA LYS G 1086 86.91 -19.22 23.97
C LYS G 1086 85.63 -19.90 23.49
N ALA G 1087 84.57 -19.12 23.34
CA ALA G 1087 83.30 -19.65 22.86
C ALA G 1087 83.19 -19.47 21.35
N HIS G 1088 83.07 -20.58 20.64
CA HIS G 1088 82.99 -20.63 19.18
C HIS G 1088 81.55 -20.90 18.73
N PHE G 1089 80.95 -19.95 17.96
CA PHE G 1089 79.58 -20.04 17.49
C PHE G 1089 79.58 -20.18 15.97
N PRO G 1090 78.59 -20.85 15.37
CA PRO G 1090 78.62 -21.00 13.92
C PRO G 1090 78.30 -19.68 13.23
N ARG G 1091 78.93 -19.46 12.07
CA ARG G 1091 78.57 -18.28 11.30
C ARG G 1091 77.23 -18.51 10.65
N GLU G 1092 76.96 -19.74 10.24
CA GLU G 1092 75.73 -20.12 9.61
C GLU G 1092 75.51 -21.60 9.92
N GLY G 1093 74.26 -22.01 9.87
CA GLY G 1093 73.94 -23.40 10.09
C GLY G 1093 73.87 -23.75 11.57
N VAL G 1094 73.95 -25.04 11.83
CA VAL G 1094 73.81 -25.63 13.16
C VAL G 1094 74.92 -26.64 13.38
N PHE G 1095 75.35 -26.76 14.64
CA PHE G 1095 76.31 -27.78 15.02
C PHE G 1095 75.58 -29.09 15.21
N VAL G 1096 76.04 -30.11 14.50
CA VAL G 1096 75.41 -31.42 14.44
C VAL G 1096 76.49 -32.44 14.73
N SER G 1097 76.12 -33.53 15.38
CA SER G 1097 77.08 -34.59 15.66
C SER G 1097 76.50 -35.95 15.34
N ASN G 1098 77.33 -36.80 14.74
CA ASN G 1098 77.00 -38.20 14.60
C ASN G 1098 77.54 -38.84 15.88
N GLY G 1099 77.51 -40.17 15.95
CA GLY G 1099 77.95 -40.84 17.16
C GLY G 1099 79.35 -40.50 17.62
N THR G 1100 80.26 -40.16 16.68
CA THR G 1100 81.65 -39.87 17.00
C THR G 1100 82.22 -38.52 16.54
N HIS G 1101 81.63 -37.81 15.58
CA HIS G 1101 82.24 -36.56 15.08
C HIS G 1101 81.22 -35.44 14.94
N TRP G 1102 81.71 -34.23 15.18
CA TRP G 1102 80.99 -32.96 15.08
C TRP G 1102 81.21 -32.27 13.74
N PHE G 1103 80.13 -31.71 13.19
CA PHE G 1103 80.17 -31.02 11.90
C PHE G 1103 79.24 -29.81 11.96
N VAL G 1104 79.23 -29.05 10.88
CA VAL G 1104 78.35 -27.90 10.70
C VAL G 1104 77.47 -28.21 9.50
N THR G 1105 76.16 -28.08 9.66
CA THR G 1105 75.25 -28.32 8.55
C THR G 1105 74.28 -27.17 8.37
N GLN G 1106 73.65 -27.17 7.21
CA GLN G 1106 72.62 -26.22 6.84
C GLN G 1106 71.34 -26.72 7.51
N ARG G 1107 70.55 -25.79 8.02
CA ARG G 1107 69.34 -26.20 8.72
C ARG G 1107 68.38 -26.95 7.81
N ASN G 1108 68.34 -26.61 6.52
CA ASN G 1108 67.44 -27.26 5.58
C ASN G 1108 68.08 -28.38 4.76
N PHE G 1109 69.34 -28.73 4.98
CA PHE G 1109 69.94 -29.80 4.17
C PHE G 1109 71.24 -30.30 4.80
N TYR G 1110 71.33 -31.62 4.97
CA TYR G 1110 72.42 -32.33 5.64
C TYR G 1110 73.68 -32.55 4.79
N GLU G 1111 74.60 -31.56 4.80
CA GLU G 1111 75.91 -31.67 4.15
C GLU G 1111 77.01 -31.38 5.17
N PRO G 1112 77.36 -32.37 6.01
CA PRO G 1112 78.31 -32.11 7.10
C PRO G 1112 79.65 -31.57 6.60
N GLN G 1113 80.06 -30.46 7.20
CA GLN G 1113 81.33 -29.82 6.94
C GLN G 1113 82.21 -29.92 8.19
N ILE G 1114 83.51 -29.80 7.98
CA ILE G 1114 84.45 -29.76 9.10
C ILE G 1114 84.31 -28.42 9.80
N ILE G 1115 84.34 -28.43 11.12
CA ILE G 1115 84.24 -27.19 11.86
C ILE G 1115 85.58 -26.47 11.76
N THR G 1116 85.57 -25.27 11.21
CA THR G 1116 86.80 -24.52 10.99
C THR G 1116 86.58 -23.06 11.38
N THR G 1117 87.69 -22.31 11.38
CA THR G 1117 87.67 -20.89 11.69
C THR G 1117 87.05 -20.06 10.58
N ASP G 1118 86.80 -20.62 9.39
CA ASP G 1118 86.23 -19.86 8.28
C ASP G 1118 84.71 -19.91 8.23
N ASN G 1119 84.08 -20.69 9.09
CA ASN G 1119 82.63 -20.83 9.15
C ASN G 1119 82.14 -20.66 10.59
N THR G 1120 83.03 -20.24 11.48
CA THR G 1120 82.78 -20.08 12.90
C THR G 1120 83.36 -18.75 13.36
N PHE G 1121 82.66 -18.05 14.25
CA PHE G 1121 83.15 -16.80 14.81
C PHE G 1121 83.28 -16.99 16.31
N VAL G 1122 84.10 -16.15 16.95
CA VAL G 1122 84.37 -16.24 18.38
C VAL G 1122 83.88 -15.00 19.10
N SER G 1123 83.16 -15.23 20.20
CA SER G 1123 82.66 -14.16 21.05
C SER G 1123 82.50 -14.72 22.45
N GLY G 1124 83.08 -14.06 23.45
CA GLY G 1124 82.95 -14.55 24.81
C GLY G 1124 83.82 -15.76 25.09
N ASN G 1125 83.46 -16.52 26.13
CA ASN G 1125 84.27 -17.64 26.57
C ASN G 1125 83.37 -18.78 27.05
N CYS G 1126 84.01 -19.89 27.40
CA CYS G 1126 83.37 -21.17 27.71
C CYS G 1126 82.63 -21.22 29.07
N ASP G 1127 82.67 -20.19 29.90
CA ASP G 1127 82.01 -20.25 31.20
C ASP G 1127 80.57 -19.72 31.24
N VAL G 1128 80.00 -19.25 30.13
CA VAL G 1128 78.64 -18.70 30.12
C VAL G 1128 77.64 -19.61 29.43
N VAL G 1129 77.99 -20.13 28.25
CA VAL G 1129 77.01 -20.88 27.47
C VAL G 1129 76.81 -22.25 28.10
N ILE G 1130 75.55 -22.65 28.19
CA ILE G 1130 75.14 -23.92 28.80
C ILE G 1130 75.27 -25.03 27.77
N GLY G 1131 75.90 -26.14 28.17
CA GLY G 1131 76.01 -27.29 27.29
C GLY G 1131 77.07 -27.22 26.22
N ILE G 1132 78.18 -26.56 26.49
CA ILE G 1132 79.24 -26.42 25.50
C ILE G 1132 80.01 -27.74 25.43
N VAL G 1133 80.29 -28.20 24.23
CA VAL G 1133 81.07 -29.40 24.01
C VAL G 1133 82.48 -28.96 23.60
N ASN G 1134 83.51 -29.66 24.08
CA ASN G 1134 84.88 -29.28 23.74
C ASN G 1134 85.17 -29.48 22.25
N ASN G 1135 85.03 -30.72 21.79
CA ASN G 1135 85.31 -31.14 20.42
C ASN G 1135 86.66 -30.62 19.90
N THR G 1136 86.71 -29.89 18.79
CA THR G 1136 87.93 -29.34 18.21
C THR G 1136 87.55 -28.38 17.10
N VAL G 1137 88.39 -27.37 16.87
CA VAL G 1137 88.26 -26.45 15.75
C VAL G 1137 89.53 -26.50 14.90
N TYR G 1138 89.36 -26.79 13.62
CA TYR G 1138 90.45 -26.91 12.67
C TYR G 1138 90.79 -25.52 12.13
N ASP G 1139 92.08 -25.19 12.07
CA ASP G 1139 92.51 -23.91 11.53
C ASP G 1139 93.18 -24.13 10.19
N PRO G 1140 92.54 -23.81 9.05
CA PRO G 1140 93.17 -24.07 7.74
C PRO G 1140 94.51 -23.40 7.53
N LEU G 1141 94.87 -22.39 8.33
CA LEU G 1141 96.16 -21.74 8.14
C LEU G 1141 97.32 -22.58 8.63
N GLN G 1142 97.14 -23.34 9.70
CA GLN G 1142 98.27 -24.04 10.32
C GLN G 1142 99.04 -24.95 9.38
N PRO G 1143 98.41 -25.78 8.52
CA PRO G 1143 99.21 -26.65 7.63
C PRO G 1143 100.10 -25.88 6.67
N GLU G 1144 99.82 -24.61 6.42
CA GLU G 1144 100.63 -23.81 5.50
C GLU G 1144 101.81 -23.18 6.23
N LEU G 1145 101.63 -22.80 7.49
CA LEU G 1145 102.72 -22.19 8.25
C LEU G 1145 103.86 -23.19 8.45
N ASP G 1146 103.53 -24.47 8.57
CA ASP G 1146 104.55 -25.50 8.74
C ASP G 1146 105.45 -25.65 7.52
N SER G 1147 105.01 -25.17 6.35
CA SER G 1147 105.80 -25.32 5.13
C SER G 1147 106.78 -24.17 4.98
N GLN H 1 -67.82 12.97 20.65
CA GLN H 1 -67.07 13.97 19.83
C GLN H 1 -66.28 14.91 20.72
N VAL H 2 -65.57 15.84 20.08
CA VAL H 2 -64.82 16.88 20.77
C VAL H 2 -65.79 17.98 21.17
N GLN H 3 -65.74 18.41 22.43
CA GLN H 3 -66.67 19.43 22.91
C GLN H 3 -65.92 20.45 23.76
N LEU H 4 -66.14 21.73 23.43
CA LEU H 4 -65.67 22.90 24.16
C LEU H 4 -66.86 23.75 24.60
N LEU H 5 -66.95 24.04 25.90
CA LEU H 5 -68.07 24.81 26.45
C LEU H 5 -67.56 26.09 27.08
N GLU H 6 -67.83 27.21 26.41
CA GLU H 6 -67.44 28.55 26.84
C GLU H 6 -68.29 29.07 27.99
N SER H 7 -67.64 29.77 28.92
CA SER H 7 -68.34 30.47 29.99
C SER H 7 -67.60 31.78 30.26
N GLY H 8 -68.13 32.52 31.24
CA GLY H 8 -67.63 33.83 31.60
C GLY H 8 -68.16 34.98 30.76
N GLY H 9 -69.33 34.82 30.15
CA GLY H 9 -69.92 35.87 29.33
C GLY H 9 -70.49 36.98 30.20
N GLY H 10 -70.89 38.11 29.56
CA GLY H 10 -71.44 39.22 30.35
C GLY H 10 -70.85 40.57 29.98
N LEU H 11 -70.94 41.51 30.93
CA LEU H 11 -70.46 42.87 30.70
C LEU H 11 -69.72 43.37 31.92
N VAL H 12 -68.61 44.09 31.68
CA VAL H 12 -67.81 44.67 32.76
C VAL H 12 -67.49 46.13 32.45
N GLN H 13 -67.45 46.96 33.48
CA GLN H 13 -67.16 48.37 33.31
C GLN H 13 -65.77 48.59 32.69
N PRO H 14 -65.57 49.70 31.96
CA PRO H 14 -64.22 50.02 31.46
C PRO H 14 -63.21 50.09 32.60
N GLY H 15 -62.02 49.51 32.37
CA GLY H 15 -60.97 49.49 33.35
C GLY H 15 -61.00 48.30 34.28
N GLY H 16 -62.04 47.48 34.23
CA GLY H 16 -62.18 46.32 35.09
C GLY H 16 -61.55 45.11 34.44
N SER H 17 -61.98 43.94 34.92
CA SER H 17 -61.44 42.69 34.40
C SER H 17 -62.52 41.62 34.41
N LEU H 18 -62.36 40.63 33.53
CA LEU H 18 -63.25 39.48 33.49
C LEU H 18 -62.44 38.25 33.14
N ARG H 19 -62.90 37.09 33.60
CA ARG H 19 -62.27 35.82 33.27
C ARG H 19 -63.23 34.93 32.50
N LEU H 20 -62.76 34.46 31.35
CA LEU H 20 -63.45 33.55 30.46
C LEU H 20 -62.85 32.18 30.69
N SER H 21 -63.64 31.14 30.43
CA SER H 21 -63.04 29.82 30.51
C SER H 21 -63.76 28.87 29.56
N CYS H 22 -63.04 27.83 29.16
CA CYS H 22 -63.60 26.76 28.36
C CYS H 22 -63.41 25.41 29.00
N ALA H 23 -64.52 24.72 29.20
CA ALA H 23 -64.53 23.34 29.64
C ALA H 23 -64.27 22.51 28.40
N ALA H 24 -63.70 21.33 28.58
CA ALA H 24 -63.45 20.48 27.42
C ALA H 24 -63.68 19.02 27.77
N SER H 25 -64.18 18.28 26.79
CA SER H 25 -64.37 16.84 26.94
C SER H 25 -64.28 16.19 25.57
N GLY H 26 -64.10 14.87 25.58
CA GLY H 26 -64.07 14.16 24.32
C GLY H 26 -62.80 14.39 23.54
N PHE H 27 -61.72 14.76 24.24
CA PHE H 27 -60.47 15.14 23.61
C PHE H 27 -59.36 14.92 24.63
N THR H 28 -58.13 14.72 24.15
CA THR H 28 -56.99 14.66 25.06
C THR H 28 -56.46 16.09 25.17
N PHE H 29 -56.80 16.72 26.30
CA PHE H 29 -56.51 18.13 26.52
C PHE H 29 -55.01 18.43 26.48
N SER H 30 -54.23 17.65 27.22
CA SER H 30 -52.80 17.87 27.36
C SER H 30 -51.97 17.53 26.12
N SER H 31 -52.55 16.90 25.10
CA SER H 31 -51.77 16.52 23.93
C SER H 31 -51.77 17.55 22.81
N TYR H 32 -52.62 18.57 22.86
CA TYR H 32 -52.74 19.54 21.78
C TYR H 32 -52.73 20.97 22.31
N ALA H 33 -52.25 21.87 21.45
CA ALA H 33 -52.29 23.29 21.75
C ALA H 33 -53.72 23.80 21.62
N MET H 34 -54.02 24.85 22.40
CA MET H 34 -55.32 25.49 22.35
C MET H 34 -55.13 27.00 22.31
N SER H 35 -56.08 27.67 21.67
CA SER H 35 -56.04 29.11 21.53
C SER H 35 -57.39 29.73 21.84
N TRP H 36 -57.34 31.02 22.18
CA TRP H 36 -58.51 31.87 22.29
C TRP H 36 -58.52 32.77 21.07
N VAL H 37 -59.70 32.92 20.50
CA VAL H 37 -59.98 33.77 19.35
C VAL H 37 -61.20 34.61 19.69
N ARG H 38 -61.38 35.68 18.92
CA ARG H 38 -62.56 36.52 19.13
C ARG H 38 -62.89 37.26 17.86
N GLN H 39 -64.14 37.72 17.81
CA GLN H 39 -64.58 38.62 16.75
C GLN H 39 -65.54 39.67 17.31
N ALA H 40 -65.26 40.94 17.02
CA ALA H 40 -66.13 42.00 17.45
C ALA H 40 -67.43 41.89 16.64
N PRO H 41 -68.58 42.30 17.20
CA PRO H 41 -69.81 42.24 16.40
C PRO H 41 -69.65 43.01 15.09
N GLY H 42 -70.04 42.36 13.99
CA GLY H 42 -69.95 42.98 12.69
C GLY H 42 -68.59 42.89 12.05
N LYS H 43 -67.61 42.32 12.74
CA LYS H 43 -66.23 42.21 12.29
C LYS H 43 -65.84 40.74 12.13
N GLY H 44 -64.74 40.53 11.43
CA GLY H 44 -64.22 39.19 11.25
C GLY H 44 -63.49 38.76 12.50
N LEU H 45 -62.88 37.59 12.42
CA LEU H 45 -62.25 36.97 13.58
C LEU H 45 -60.73 37.12 13.58
N GLU H 46 -60.20 37.32 14.79
CA GLU H 46 -58.77 37.46 15.03
C GLU H 46 -58.35 36.56 16.19
N TRP H 47 -57.07 36.26 16.24
CA TRP H 47 -56.50 35.41 17.28
C TRP H 47 -56.14 36.26 18.48
N ALA H 48 -56.38 35.72 19.68
CA ALA H 48 -56.04 36.41 20.91
C ALA H 48 -54.89 35.80 21.69
N SER H 49 -54.85 34.47 21.85
CA SER H 49 -53.79 33.90 22.67
C SER H 49 -53.69 32.40 22.44
N ALA H 50 -52.57 31.80 22.86
CA ALA H 50 -52.43 30.35 22.73
C ALA H 50 -51.44 29.76 23.72
N ILE H 51 -51.67 28.50 24.09
CA ILE H 51 -50.75 27.73 24.93
C ILE H 51 -50.63 26.32 24.35
N SER H 52 -49.44 25.75 24.45
CA SER H 52 -49.19 24.37 24.06
C SER H 52 -49.85 23.42 25.04
N GLY H 53 -49.96 22.15 24.64
CA GLY H 53 -50.64 21.16 25.46
C GLY H 53 -50.09 21.03 26.86
N SER H 54 -48.79 21.24 27.03
CA SER H 54 -48.17 21.11 28.35
C SER H 54 -48.56 22.20 29.33
N GLY H 55 -49.11 23.31 28.86
CA GLY H 55 -49.43 24.41 29.75
C GLY H 55 -48.26 25.34 30.00
N GLY H 56 -47.15 25.18 29.29
CA GLY H 56 -45.96 25.99 29.48
C GLY H 56 -45.90 27.19 28.57
N SER H 57 -45.23 27.04 27.43
CA SER H 57 -44.99 28.13 26.48
C SER H 57 -46.31 28.79 26.09
N THR H 58 -46.33 30.12 26.12
CA THR H 58 -47.53 30.89 25.81
C THR H 58 -47.25 31.88 24.69
N TYR H 59 -48.34 32.36 24.09
CA TYR H 59 -48.32 33.36 23.05
C TYR H 59 -49.52 34.29 23.25
N TYR H 60 -49.30 35.58 23.00
CA TYR H 60 -50.37 36.56 22.99
C TYR H 60 -50.30 37.36 21.69
N ALA H 61 -51.46 37.74 21.17
CA ALA H 61 -51.47 38.67 20.06
C ALA H 61 -50.93 40.01 20.56
N ASP H 62 -50.19 40.71 19.71
CA ASP H 62 -49.57 41.95 20.15
C ASP H 62 -50.61 42.99 20.55
N SER H 63 -51.77 42.99 19.90
CA SER H 63 -52.80 43.98 20.22
C SER H 63 -53.37 43.83 21.62
N VAL H 64 -53.17 42.67 22.27
CA VAL H 64 -53.69 42.40 23.60
C VAL H 64 -52.60 42.00 24.60
N GLU H 65 -51.32 42.04 24.21
CA GLU H 65 -50.27 41.51 25.07
C GLU H 65 -50.16 42.36 26.33
N GLY H 66 -49.93 41.69 27.45
CA GLY H 66 -49.81 42.36 28.74
C GLY H 66 -51.17 42.50 29.38
N ARG H 67 -52.15 43.01 28.61
CA ARG H 67 -53.51 43.16 29.09
C ARG H 67 -54.18 41.81 29.34
N PHE H 68 -53.91 40.81 28.51
CA PHE H 68 -54.52 39.49 28.62
C PHE H 68 -53.55 38.50 29.27
N THR H 69 -54.10 37.58 30.06
CA THR H 69 -53.38 36.43 30.60
C THR H 69 -54.09 35.14 30.21
N ILE H 70 -53.36 34.19 29.61
CA ILE H 70 -53.89 32.89 29.20
C ILE H 70 -53.25 31.83 30.08
N SER H 71 -54.05 30.86 30.52
CA SER H 71 -53.54 29.77 31.35
C SER H 71 -54.34 28.50 31.09
N ARG H 72 -53.77 27.37 31.52
CA ARG H 72 -54.40 26.05 31.39
C ARG H 72 -54.25 25.30 32.69
N ASP H 73 -55.24 24.45 32.99
CA ASP H 73 -55.16 23.51 34.10
C ASP H 73 -55.53 22.13 33.56
N ASN H 74 -54.49 21.32 33.36
CA ASN H 74 -54.66 20.02 32.73
C ASN H 74 -55.45 19.07 33.61
N SER H 75 -55.42 19.27 34.93
CA SER H 75 -56.09 18.32 35.81
C SER H 75 -57.61 18.40 35.69
N LYS H 76 -58.13 19.51 35.16
CA LYS H 76 -59.56 19.70 34.97
C LYS H 76 -59.87 19.87 33.50
N ASN H 77 -58.87 19.70 32.62
CA ASN H 77 -59.03 19.91 31.19
C ASN H 77 -59.68 21.26 30.90
N THR H 78 -59.26 22.31 31.62
CA THR H 78 -59.89 23.62 31.49
C THR H 78 -58.93 24.70 31.06
N LEU H 79 -59.35 25.48 30.06
CA LEU H 79 -58.60 26.62 29.56
C LEU H 79 -59.17 27.90 30.17
N TYR H 80 -58.29 28.82 30.59
CA TYR H 80 -58.71 30.08 31.20
C TYR H 80 -58.08 31.25 30.45
N LEU H 81 -58.80 32.37 30.42
CA LEU H 81 -58.28 33.65 29.95
C LEU H 81 -58.81 34.75 30.85
N GLN H 82 -57.92 35.54 31.43
CA GLN H 82 -58.33 36.67 32.26
C GLN H 82 -57.87 37.93 31.54
N MET H 83 -58.83 38.81 31.26
CA MET H 83 -58.61 40.06 30.55
C MET H 83 -58.78 41.21 31.52
N ASN H 84 -57.71 41.98 31.72
CA ASN H 84 -57.72 43.10 32.66
C ASN H 84 -57.79 44.39 31.84
N SER H 85 -57.93 45.51 32.56
CA SER H 85 -57.93 46.86 31.98
C SER H 85 -58.80 46.93 30.73
N LEU H 86 -60.02 46.41 30.86
CA LEU H 86 -60.91 46.22 29.72
C LEU H 86 -61.19 47.54 28.99
N ARG H 87 -61.15 47.48 27.67
CA ARG H 87 -61.36 48.59 26.77
C ARG H 87 -62.63 48.37 25.95
N ALA H 88 -63.19 49.45 25.42
CA ALA H 88 -64.38 49.33 24.57
C ALA H 88 -64.12 48.42 23.38
N GLU H 89 -62.88 48.43 22.87
CA GLU H 89 -62.49 47.60 21.73
C GLU H 89 -62.53 46.11 22.03
N ASP H 90 -62.64 45.72 23.31
CA ASP H 90 -62.65 44.32 23.69
C ASP H 90 -64.03 43.68 23.63
N THR H 91 -65.08 44.40 23.23
CA THR H 91 -66.38 43.75 23.12
C THR H 91 -66.32 42.76 21.96
N ALA H 92 -66.60 41.50 22.24
CA ALA H 92 -66.50 40.50 21.18
C ALA H 92 -67.09 39.18 21.62
N VAL H 93 -67.37 38.35 20.62
CA VAL H 93 -67.69 36.94 20.87
C VAL H 93 -66.34 36.24 20.90
N TYR H 94 -66.07 35.52 21.98
CA TYR H 94 -64.86 34.75 22.19
C TYR H 94 -65.14 33.27 22.00
N TYR H 95 -64.15 32.58 21.45
CA TYR H 95 -64.21 31.13 21.25
C TYR H 95 -62.87 30.54 21.66
N CYS H 96 -62.91 29.29 22.05
CA CYS H 96 -61.74 28.45 22.20
C CYS H 96 -61.63 27.57 20.96
N ALA H 97 -60.39 27.25 20.57
CA ALA H 97 -60.20 26.36 19.45
C ALA H 97 -58.99 25.48 19.65
N LYS H 98 -59.05 24.31 19.03
CA LYS H 98 -58.01 23.29 19.08
C LYS H 98 -57.34 23.15 17.73
N ASP H 99 -56.01 23.31 17.78
CA ASP H 99 -55.10 23.25 16.64
C ASP H 99 -55.01 21.85 16.05
N THR H 100 -54.81 21.79 14.74
CA THR H 100 -54.61 20.50 14.10
C THR H 100 -53.28 19.87 14.47
N GLY H 101 -52.24 20.68 14.71
CA GLY H 101 -50.93 20.14 14.98
C GLY H 101 -50.84 19.45 16.34
N TYR H 102 -50.07 18.38 16.38
CA TYR H 102 -49.84 17.65 17.62
C TYR H 102 -48.80 18.48 18.36
N CYS H 103 -49.04 18.77 19.65
CA CYS H 103 -48.18 19.72 20.36
C CYS H 103 -48.18 19.39 21.86
N GLY H 104 -47.15 18.68 22.30
CA GLY H 104 -47.04 18.21 23.66
C GLY H 104 -45.96 18.83 24.50
N ASP H 105 -45.33 18.00 25.34
CA ASP H 105 -44.35 18.47 26.32
C ASP H 105 -43.18 19.21 25.70
N ASP H 106 -42.71 18.75 24.54
CA ASP H 106 -41.55 19.35 23.87
C ASP H 106 -41.94 20.36 22.80
N CYS H 107 -43.21 20.71 22.69
CA CYS H 107 -43.68 21.63 21.65
C CYS H 107 -43.69 23.07 22.13
N TYR H 108 -43.29 23.98 21.22
CA TYR H 108 -43.30 25.41 21.47
C TYR H 108 -44.29 26.10 20.53
N ILE H 109 -44.98 27.10 21.07
CA ILE H 109 -45.89 27.94 20.31
C ILE H 109 -45.08 28.89 19.44
N LYS H 110 -45.56 29.11 18.21
CA LYS H 110 -44.99 29.89 17.11
C LYS H 110 -44.23 28.99 16.15
N LEU H 111 -44.04 27.72 16.51
CA LEU H 111 -43.47 26.72 15.61
C LEU H 111 -44.55 25.85 14.99
N ILE H 112 -45.80 26.04 15.37
CA ILE H 112 -46.92 25.24 14.88
C ILE H 112 -47.33 25.77 13.51
N ARG H 113 -47.54 24.87 12.56
CA ARG H 113 -48.01 25.21 11.23
C ARG H 113 -49.29 24.41 10.97
N GLY H 114 -50.28 25.10 10.43
CA GLY H 114 -51.59 24.55 10.17
C GLY H 114 -52.64 25.32 10.97
N GLY H 115 -53.91 25.02 10.67
CA GLY H 115 -54.97 25.76 11.32
C GLY H 115 -55.75 24.98 12.36
N PRO H 116 -56.76 25.64 12.95
CA PRO H 116 -57.61 24.96 13.94
C PRO H 116 -58.54 23.92 13.33
N ASP H 117 -58.64 22.77 14.02
CA ASP H 117 -59.58 21.73 13.60
C ASP H 117 -60.90 21.83 14.33
N TYR H 118 -60.90 22.20 15.62
CA TYR H 118 -62.14 22.22 16.39
C TYR H 118 -62.40 23.61 16.95
N TRP H 119 -63.64 24.08 16.77
CA TRP H 119 -64.12 25.36 17.26
C TRP H 119 -65.25 25.16 18.25
N GLY H 120 -65.30 25.99 19.29
CA GLY H 120 -66.35 25.91 20.29
C GLY H 120 -67.64 26.63 19.90
N GLN H 121 -68.56 26.65 20.89
CA GLN H 121 -69.86 27.29 20.70
C GLN H 121 -69.78 28.82 20.71
N GLY H 122 -68.94 29.37 21.57
CA GLY H 122 -68.72 30.79 21.73
C GLY H 122 -69.54 31.41 22.84
N THR H 123 -69.03 32.53 23.36
CA THR H 123 -69.69 33.33 24.39
C THR H 123 -69.30 34.77 24.12
N LEU H 124 -70.15 35.74 24.51
CA LEU H 124 -69.84 37.15 24.30
C LEU H 124 -69.65 37.92 25.59
N VAL H 125 -68.65 38.81 25.55
CA VAL H 125 -68.42 39.77 26.61
C VAL H 125 -68.36 41.17 26.01
N THR H 126 -68.86 42.14 26.77
CA THR H 126 -68.81 43.55 26.38
C THR H 126 -68.26 44.40 27.51
N VAL H 127 -67.95 45.64 27.16
CA VAL H 127 -67.43 46.63 28.10
C VAL H 127 -68.39 47.82 28.11
N SER H 128 -68.99 48.06 29.27
CA SER H 128 -70.00 49.10 29.39
C SER H 128 -70.10 49.50 30.86
N SER H 129 -70.23 50.79 31.11
CA SER H 129 -70.35 51.30 32.48
C SER H 129 -71.63 50.79 33.14
N ASP I 1 -46.36 40.87 8.82
CA ASP I 1 -47.63 40.07 8.86
C ASP I 1 -48.12 39.76 7.46
N ILE I 2 -48.87 38.68 7.34
CA ILE I 2 -49.47 38.29 6.07
C ILE I 2 -50.75 39.10 5.87
N VAL I 3 -50.89 39.71 4.69
CA VAL I 3 -52.07 40.49 4.34
C VAL I 3 -52.75 39.74 3.20
N MET I 4 -54.01 39.40 3.40
CA MET I 4 -54.82 38.67 2.43
C MET I 4 -55.97 39.54 1.95
N THR I 5 -56.14 39.64 0.63
CA THR I 5 -57.23 40.37 0.02
C THR I 5 -58.13 39.34 -0.66
N GLN I 6 -59.40 39.31 -0.27
CA GLN I 6 -60.39 38.41 -0.83
C GLN I 6 -61.16 39.14 -1.91
N SER I 7 -61.62 38.39 -2.92
CA SER I 7 -62.39 38.98 -4.01
C SER I 7 -63.41 38.01 -4.60
N PRO I 8 -64.67 38.43 -4.83
CA PRO I 8 -65.30 39.75 -4.62
C PRO I 8 -65.57 39.97 -3.12
N LEU I 9 -65.94 41.17 -2.69
CA LEU I 9 -66.36 41.33 -1.30
C LEU I 9 -67.64 40.56 -1.03
N SER I 10 -68.52 40.48 -2.03
CA SER I 10 -69.77 39.74 -1.94
C SER I 10 -69.99 39.10 -3.30
N LEU I 11 -70.71 37.96 -3.31
CA LEU I 11 -70.93 37.21 -4.54
C LEU I 11 -72.39 36.87 -4.78
N PRO I 12 -73.17 37.78 -5.40
CA PRO I 12 -74.61 37.56 -5.68
C PRO I 12 -74.75 36.67 -6.92
N VAL I 13 -74.54 35.36 -6.75
CA VAL I 13 -74.44 34.42 -7.85
C VAL I 13 -75.67 33.51 -7.91
N THR I 14 -76.17 33.34 -9.13
CA THR I 14 -77.35 32.53 -9.43
C THR I 14 -77.23 31.09 -8.94
N LEU I 15 -78.30 30.60 -8.32
CA LEU I 15 -78.34 29.24 -7.79
C LEU I 15 -78.16 28.22 -8.90
N GLY I 16 -77.34 27.20 -8.63
CA GLY I 16 -77.12 26.14 -9.60
C GLY I 16 -76.00 26.35 -10.58
N GLN I 17 -75.33 27.51 -10.57
CA GLN I 17 -74.25 27.83 -11.49
C GLN I 17 -72.89 27.63 -10.83
N PRO I 18 -71.82 27.44 -11.62
CA PRO I 18 -70.48 27.44 -11.03
C PRO I 18 -70.15 28.80 -10.42
N ALA I 19 -69.27 28.79 -9.42
CA ALA I 19 -68.85 30.03 -8.76
C ALA I 19 -67.44 29.86 -8.24
N SER I 20 -66.77 30.98 -7.99
CA SER I 20 -65.45 30.91 -7.38
C SER I 20 -65.17 32.15 -6.53
N ILE I 21 -64.29 31.97 -5.55
CA ILE I 21 -63.83 33.05 -4.67
C ILE I 21 -62.30 33.10 -4.73
N SER I 22 -61.74 34.29 -4.94
CA SER I 22 -60.30 34.47 -4.99
C SER I 22 -59.76 34.96 -3.66
N CYS I 23 -58.56 34.49 -3.32
CA CYS I 23 -57.79 34.91 -2.14
C CYS I 23 -56.37 35.20 -2.59
N ARG I 24 -56.00 36.48 -2.61
CA ARG I 24 -54.70 36.95 -3.10
C ARG I 24 -53.89 37.43 -1.92
N SER I 25 -52.73 36.81 -1.70
CA SER I 25 -51.88 37.09 -0.56
C SER I 25 -50.79 38.09 -0.91
N SER I 26 -50.36 38.85 0.09
CA SER I 26 -49.22 39.75 -0.08
C SER I 26 -47.89 39.02 -0.17
N GLN I 27 -47.83 37.76 0.24
CA GLN I 27 -46.61 36.98 0.21
C GLN I 27 -46.98 35.53 -0.02
N SER I 28 -46.00 34.76 -0.52
CA SER I 28 -46.24 33.35 -0.79
C SER I 28 -46.68 32.59 0.46
N LEU I 29 -47.69 31.73 0.27
CA LEU I 29 -48.23 30.87 1.31
C LEU I 29 -47.75 29.42 1.16
N VAL I 30 -46.67 29.20 0.43
CA VAL I 30 -46.08 27.89 0.24
C VAL I 30 -44.84 27.80 1.13
N TYR I 31 -44.84 26.84 2.05
CA TYR I 31 -43.72 26.66 2.95
C TYR I 31 -42.59 25.94 2.22
N SER I 32 -41.36 26.17 2.69
CA SER I 32 -40.20 25.59 2.02
C SER I 32 -40.20 24.06 1.97
N ASP I 33 -41.02 23.39 2.78
CA ASP I 33 -41.11 21.95 2.75
C ASP I 33 -42.16 21.46 1.75
N GLY I 34 -42.82 22.37 1.05
CA GLY I 34 -43.85 22.03 0.08
C GLY I 34 -45.24 21.92 0.66
N ASN I 35 -45.38 22.13 1.97
CA ASN I 35 -46.67 22.05 2.64
C ASN I 35 -47.30 23.44 2.72
N THR I 36 -48.49 23.60 2.16
CA THR I 36 -49.18 24.88 2.21
C THR I 36 -50.03 24.89 3.47
N PHE I 37 -50.42 26.08 3.92
CA PHE I 37 -51.27 26.20 5.10
C PHE I 37 -52.38 27.22 4.91
N LEU I 38 -52.95 27.26 3.72
CA LEU I 38 -54.10 28.12 3.45
C LEU I 38 -55.37 27.34 3.76
N ASN I 39 -56.24 27.92 4.58
CA ASN I 39 -57.45 27.26 5.02
C ASN I 39 -58.70 28.07 4.73
N TRP I 40 -59.66 27.47 4.05
CA TRP I 40 -60.94 28.07 3.67
C TRP I 40 -61.96 27.65 4.71
N PHE I 41 -62.62 28.63 5.32
CA PHE I 41 -63.63 28.43 6.36
C PHE I 41 -64.95 29.05 5.91
N GLN I 42 -66.06 28.42 6.28
CA GLN I 42 -67.40 28.91 5.98
C GLN I 42 -68.12 29.22 7.28
N GLN I 43 -68.54 30.48 7.45
CA GLN I 43 -69.29 30.93 8.61
C GLN I 43 -70.71 31.29 8.17
N ARG I 44 -71.67 30.44 8.49
CA ARG I 44 -73.04 30.74 8.13
C ARG I 44 -73.60 31.67 9.21
N PRO I 45 -74.59 32.52 8.90
CA PRO I 45 -75.18 33.33 9.95
C PRO I 45 -75.72 32.46 11.07
N GLY I 46 -75.43 32.84 12.31
CA GLY I 46 -75.88 32.10 13.45
C GLY I 46 -75.03 30.91 13.83
N GLN I 47 -73.94 30.65 13.10
CA GLN I 47 -73.08 29.51 13.35
C GLN I 47 -71.63 29.94 13.54
N SER I 48 -70.92 29.16 14.34
CA SER I 48 -69.50 29.35 14.51
C SER I 48 -68.75 28.86 13.26
N PRO I 49 -67.67 29.53 12.85
CA PRO I 49 -66.95 29.12 11.63
C PRO I 49 -66.48 27.67 11.70
N ARG I 50 -66.58 27.00 10.55
CA ARG I 50 -66.12 25.62 10.38
C ARG I 50 -65.28 25.54 9.11
N ARG I 51 -64.17 24.81 9.19
CA ARG I 51 -63.26 24.73 8.06
C ARG I 51 -63.87 23.88 6.96
N LEU I 52 -63.70 24.35 5.72
CA LEU I 52 -64.16 23.64 4.53
C LEU I 52 -63.01 23.01 3.76
N ILE I 53 -61.98 23.78 3.42
CA ILE I 53 -60.84 23.30 2.64
C ILE I 53 -59.57 23.60 3.43
N TYR I 54 -58.64 22.66 3.47
CA TYR I 54 -57.38 22.85 4.18
C TYR I 54 -56.23 22.63 3.21
N GLN I 55 -55.11 23.29 3.51
CA GLN I 55 -53.88 23.25 2.72
C GLN I 55 -54.13 23.54 1.24
N VAL I 56 -54.82 24.65 0.99
CA VAL I 56 -55.16 25.20 -0.32
C VAL I 56 -56.24 24.40 -1.04
N SER I 57 -56.01 23.09 -1.26
CA SER I 57 -56.93 22.27 -2.04
C SER I 57 -57.53 21.06 -1.33
N ASN I 58 -57.06 20.66 -0.16
CA ASN I 58 -57.54 19.40 0.41
C ASN I 58 -58.91 19.57 1.05
N ARG I 59 -59.82 18.66 0.70
CA ARG I 59 -61.15 18.65 1.28
C ARG I 59 -61.10 18.13 2.71
N ASP I 60 -61.84 18.78 3.61
CA ASP I 60 -61.87 18.34 4.99
C ASP I 60 -62.89 17.21 5.15
N SER I 61 -63.02 16.70 6.37
CA SER I 61 -63.93 15.61 6.67
C SER I 61 -65.30 16.14 7.10
N GLY I 62 -66.36 15.50 6.60
CA GLY I 62 -67.69 15.88 7.01
C GLY I 62 -68.22 17.15 6.39
N VAL I 63 -67.78 17.50 5.20
CA VAL I 63 -68.18 18.74 4.53
C VAL I 63 -68.76 18.36 3.17
N PRO I 64 -69.53 19.27 2.55
CA PRO I 64 -70.07 18.97 1.23
C PRO I 64 -68.97 18.67 0.22
N ASP I 65 -69.25 17.72 -0.67
CA ASP I 65 -68.30 17.28 -1.68
C ASP I 65 -68.38 18.12 -2.96
N ARG I 66 -69.07 19.25 -2.91
CA ARG I 66 -69.21 20.17 -4.03
C ARG I 66 -68.12 21.24 -4.06
N PHE I 67 -67.21 21.27 -3.09
CA PHE I 67 -66.19 22.30 -3.02
C PHE I 67 -64.80 21.69 -3.11
N SER I 68 -63.90 22.42 -3.78
CA SER I 68 -62.49 22.10 -3.88
C SER I 68 -61.75 23.41 -4.04
N GLY I 69 -60.45 23.42 -3.72
CA GLY I 69 -59.63 24.59 -3.89
C GLY I 69 -58.60 24.43 -5.00
N SER I 70 -57.80 25.47 -5.16
CA SER I 70 -56.79 25.51 -6.22
C SER I 70 -55.85 26.68 -5.96
N GLY I 71 -54.77 26.72 -6.72
CA GLY I 71 -53.86 27.84 -6.73
C GLY I 71 -52.50 27.53 -6.14
N SER I 72 -51.65 28.55 -6.18
CA SER I 72 -50.27 28.47 -5.74
C SER I 72 -49.78 29.89 -5.49
N GLY I 73 -48.64 29.98 -4.82
CA GLY I 73 -47.97 31.27 -4.67
C GLY I 73 -48.79 32.30 -3.90
N THR I 74 -49.11 33.41 -4.56
CA THR I 74 -49.84 34.52 -3.95
C THR I 74 -51.29 34.65 -4.43
N ASP I 75 -51.81 33.72 -5.21
CA ASP I 75 -53.18 33.83 -5.72
C ASP I 75 -53.84 32.45 -5.74
N PHE I 76 -54.87 32.28 -4.91
CA PHE I 76 -55.56 31.00 -4.71
C PHE I 76 -57.04 31.19 -5.02
N THR I 77 -57.69 30.12 -5.47
CA THR I 77 -59.12 30.17 -5.77
C THR I 77 -59.88 28.98 -5.22
N LEU I 78 -60.99 29.26 -4.55
CA LEU I 78 -61.95 28.25 -4.13
C LEU I 78 -62.96 28.11 -5.25
N LYS I 79 -63.17 26.90 -5.74
CA LYS I 79 -64.12 26.65 -6.82
C LYS I 79 -65.35 25.92 -6.27
N ILE I 80 -66.52 26.41 -6.65
CA ILE I 80 -67.81 25.89 -6.22
C ILE I 80 -68.46 25.29 -7.47
N SER I 81 -68.67 23.97 -7.45
CA SER I 81 -69.19 23.30 -8.64
C SER I 81 -70.62 23.73 -8.91
N ARG I 82 -71.41 23.92 -7.85
CA ARG I 82 -72.80 24.35 -7.96
C ARG I 82 -73.12 25.16 -6.72
N VAL I 83 -73.87 26.24 -6.92
CA VAL I 83 -74.34 27.06 -5.80
C VAL I 83 -75.58 26.40 -5.21
N GLU I 84 -75.62 26.30 -3.88
CA GLU I 84 -76.75 25.72 -3.16
C GLU I 84 -77.20 26.70 -2.09
N ALA I 85 -78.47 26.56 -1.67
CA ALA I 85 -79.04 27.47 -0.69
C ALA I 85 -78.22 27.51 0.60
N GLU I 86 -77.61 26.39 0.97
CA GLU I 86 -76.81 26.30 2.18
C GLU I 86 -75.51 27.11 2.10
N ASP I 87 -75.15 27.59 0.91
CA ASP I 87 -73.90 28.29 0.70
C ASP I 87 -73.91 29.73 1.17
N VAL I 88 -75.08 30.30 1.48
CA VAL I 88 -75.15 31.70 1.88
C VAL I 88 -74.41 31.87 3.20
N GLY I 89 -73.52 32.85 3.25
CA GLY I 89 -72.72 33.08 4.44
C GLY I 89 -71.40 33.70 4.03
N VAL I 90 -70.48 33.83 4.98
CA VAL I 90 -69.20 34.49 4.70
C VAL I 90 -68.06 33.48 4.76
N TYR I 91 -67.24 33.50 3.72
CA TYR I 91 -66.09 32.62 3.54
C TYR I 91 -64.81 33.37 3.90
N TYR I 92 -63.91 32.74 4.66
CA TYR I 92 -62.65 33.36 5.04
C TYR I 92 -61.46 32.48 4.67
N CYS I 93 -60.37 33.14 4.27
CA CYS I 93 -59.07 32.52 4.05
C CYS I 93 -58.14 32.80 5.22
N MET I 94 -57.64 31.75 5.86
CA MET I 94 -56.69 31.85 6.96
C MET I 94 -55.33 31.44 6.41
N GLN I 95 -54.29 32.19 6.77
CA GLN I 95 -52.92 31.95 6.33
C GLN I 95 -52.07 31.43 7.50
N GLY I 96 -51.80 30.13 7.49
CA GLY I 96 -51.13 29.43 8.56
C GLY I 96 -49.63 29.25 8.41
N THR I 97 -48.99 29.92 7.43
CA THR I 97 -47.57 29.71 7.20
C THR I 97 -46.67 30.53 8.12
N HIS I 98 -47.13 31.66 8.65
CA HIS I 98 -46.30 32.51 9.51
C HIS I 98 -47.18 33.04 10.63
N TRP I 99 -46.51 33.44 11.71
CA TRP I 99 -47.15 34.11 12.82
C TRP I 99 -46.87 35.61 12.78
N PRO I 100 -47.81 36.48 13.21
CA PRO I 100 -49.15 36.20 13.77
C PRO I 100 -50.09 35.60 12.72
N ARG I 101 -51.07 34.81 13.16
CA ARG I 101 -52.04 34.24 12.23
C ARG I 101 -52.97 35.35 11.76
N THR I 102 -53.31 35.35 10.47
CA THR I 102 -54.17 36.37 9.90
C THR I 102 -55.33 35.76 9.12
N PHE I 103 -56.35 36.60 8.91
CA PHE I 103 -57.51 36.30 8.08
C PHE I 103 -57.73 37.41 7.07
N GLY I 104 -58.39 37.07 5.98
CA GLY I 104 -58.84 38.06 5.03
C GLY I 104 -60.10 38.73 5.55
N GLN I 105 -60.64 39.65 4.75
CA GLN I 105 -61.81 40.39 5.20
C GLN I 105 -63.09 39.58 5.08
N GLY I 106 -63.08 38.51 4.30
CA GLY I 106 -64.22 37.65 4.10
C GLY I 106 -65.01 38.01 2.85
N THR I 107 -65.57 36.98 2.21
CA THR I 107 -66.42 37.13 1.04
C THR I 107 -67.81 36.64 1.42
N LYS I 108 -68.81 37.51 1.29
CA LYS I 108 -70.18 37.16 1.67
C LYS I 108 -70.91 36.64 0.44
N LEU I 109 -71.23 35.34 0.42
CA LEU I 109 -71.92 34.74 -0.70
C LEU I 109 -73.42 34.82 -0.45
N GLU I 110 -74.14 35.21 -1.50
CA GLU I 110 -75.59 35.32 -1.55
C GLU I 110 -76.08 34.67 -2.84
N ILE I 111 -77.33 34.25 -2.83
CA ILE I 111 -77.91 33.62 -4.01
C ILE I 111 -78.29 34.72 -4.98
#